data_3GAW
#
_entry.id   3GAW
#
_cell.length_a   1
_cell.length_b   1
_cell.length_c   1
_cell.angle_alpha   90
_cell.angle_beta   90
_cell.angle_gamma   90
#
_symmetry.space_group_name_H-M   'P 1'
#
_entity_poly.entity_id   1
_entity_poly.type   'polypeptide(L)'
_entity_poly.pdbx_seq_one_letter_code
;EDCNELPPRRNTEILTGSWSDQTYPEGTQAIYKCRPGYRSLGNVIMVCRKGEWVALNPLRKCQKRPCGHPGDTPFGTFTL
TGGNVFEYGVKAVYTCNEGYQLLGEINYRECDTDGWTNDIPICEVVKCLPVTAPENGKIVSSAMEPDREYHFGQAVRFVC
NSGYKIEGDEEMHCSDDGFWSKEKPKCVEISCKSPDVINGSPISQKIIYKENERFQYKCNMGYEYSERGDAVCTESGWRP
LPSCEEKSCDNPYIPNGDYSPLRIKHRTGDEITYQCRNGFYPATRGNTAKCTSTGWIPAPRCTLKPCDYPDIKHGGLYHE
NMRRPYFPVAVGKYYSYYCDEHFETPSGSYWDHIHCTQDGWSPAVPCLRKCYFPYLENGYNQNHGRKFVQGKSIDVACHP
GYALPKAQTTVTCMENGWSPTPRCIRVKTCSKSSIDIENGFISESQYTYALKEKAKYQCKLGYVTADGETSGSITCGKDG
WSAQPTCIKSCDIPVFMNARTKNDFTWFKLNDTLDYECHDGYESNTGSTTGSIVCGYNGWSDLPICYERECELPKIDVHL
VPDRKKDQYKVGEVLKFSCKPGFTIVGPNSVQCYHFGLSPDLPICKEQVQSCGPPPELLNGNVKEKTKEEYGHSEVVEYY
CNPRFLMKGPNKIQCVDGEWTTLPVCIVEESTCGDIPELEHGWAQLSSPPYYYGDSVEFNCSESFTMIGHRSITCIHGVW
TQLPQCVAIDKLKKCKSSNLIILEEHLKNKKEFDHNSNIRYRCRGKEGWIHTVCINGRWDPEVNCSMAQIQLCPPPPQIP
NSHNMTTTLNYRDGEKVSVLCQENYLIQEGEEITCKDGRWQSIPLCVEKIPCSQPPQIEHGTINSSRSSQESYAHGTKLS
YTCEGGFRISEENETTCYMGKWSSPPQCEGLPCKSPPEISHGVVAHMSDSYQYGEEVTYKCFEGFGIDGPAIAKCLGEKW
SHPPSCIKTDCLSLPSFENAIPMGEKKDVYKAGEQVTYTCATYYKMDGASNVTCINSRWTGRPTCRDTSCVNPPTVQNAY
IVSRQMSKYPSGERVRYQCRSPYEMFGDEEVMCLNGNWTEPPQCKDSTGKCGPPPPIDNGDITSFPLSVYAPASSVEYQC
QNLYQLEGNKRITCRNGQWSEPPKCLHPCVISREIMENYNIALRWTAKQKLYSRTGESVEFVCKRGYRLSSRSHTLRTTC
WDGKLEYPTCAKR
;
_entity_poly.pdbx_strand_id   A
#
# COMPACT_ATOMS: atom_id res chain seq x y z
CA GLU A 1 -4.63 36.13 84.98
CA ASP A 2 -3.74 35.57 81.24
CA CYS A 3 -6.48 33.56 79.24
CA ASN A 4 -10.00 32.23 78.99
CA GLU A 5 -10.98 29.40 76.75
CA LEU A 6 -9.83 30.28 73.26
CA PRO A 7 -12.05 31.99 70.81
CA PRO A 8 -14.29 30.02 68.53
CA ARG A 9 -14.48 30.42 64.78
CA ARG A 10 -17.34 29.39 62.54
CA ASN A 11 -17.50 25.66 61.89
CA THR A 12 -14.00 25.36 63.22
CA GLU A 13 -12.64 24.66 66.67
CA ILE A 14 -9.44 24.78 68.70
CA LEU A 15 -7.49 21.55 68.79
CA THR A 16 -6.13 21.54 72.28
CA GLY A 17 -7.89 18.57 73.73
CA SER A 18 -11.32 20.05 74.09
CA TRP A 19 -12.42 20.82 77.58
CA SER A 20 -9.62 20.33 80.03
CA ASP A 21 -8.33 23.31 81.92
CA GLN A 22 -10.55 26.38 81.96
CA THR A 23 -7.80 28.93 81.76
CA TYR A 24 -4.38 29.05 80.19
CA PRO A 25 -1.29 30.98 80.99
CA GLU A 26 0.25 33.81 79.01
CA GLY A 27 2.61 32.76 76.27
CA THR A 28 0.45 29.79 75.45
CA GLN A 29 0.22 28.99 71.79
CA ALA A 30 -2.65 26.91 70.50
CA ILE A 31 -3.40 25.63 67.05
CA TYR A 32 -6.74 25.65 65.25
CA LYS A 33 -8.30 23.14 62.90
CA CYS A 34 -11.33 22.98 60.66
CA ARG A 35 -13.74 20.11 60.25
CA PRO A 36 -12.76 17.63 57.63
CA GLY A 37 -13.59 19.09 54.27
CA TYR A 38 -12.62 22.64 55.19
CA ARG A 39 -9.33 24.31 54.55
CA SER A 40 -7.73 26.52 57.12
CA LEU A 41 -6.58 29.70 55.53
CA GLY A 42 -5.01 32.08 57.96
CA ASN A 43 -3.29 31.94 61.30
CA VAL A 44 -3.47 28.28 62.06
CA ILE A 45 -2.14 29.20 65.44
CA MET A 46 -3.30 31.76 67.98
CA VAL A 47 -1.21 32.89 70.89
CA CYS A 48 -2.34 34.43 74.08
CA ARG A 49 -1.00 37.62 75.51
CA LYS A 50 -2.11 39.67 78.47
CA GLY A 51 -4.77 37.15 79.30
CA GLU A 52 -6.29 37.64 75.91
CA TRP A 53 -5.88 35.80 72.68
CA VAL A 54 -3.63 38.01 70.73
CA ALA A 55 -4.93 40.60 68.36
CA LEU A 56 -1.88 39.44 66.57
CA ASN A 57 -2.54 36.01 65.24
CA PRO A 58 -6.10 37.04 64.99
CA LEU A 59 -8.20 33.92 64.99
CA ARG A 60 -8.40 32.74 61.42
CA LYS A 61 -11.49 31.29 59.85
CA CYS A 62 -12.09 28.27 57.74
CA GLN A 63 -14.78 30.76 55.93
CA LYS A 64 -14.28 34.56 55.31
CA ARG A 65 -14.72 37.50 52.90
CA PRO A 66 -17.91 39.12 54.28
CA CYS A 67 -20.37 41.28 52.04
CA GLY A 68 -20.47 38.80 49.28
CA HIS A 69 -21.46 40.23 46.04
CA PRO A 70 -24.34 42.65 45.56
CA GLY A 71 -25.32 41.40 42.21
CA ASP A 72 -24.58 42.18 38.70
CA THR A 73 -26.75 43.67 36.15
CA PRO A 74 -27.10 42.29 32.57
CA PHE A 75 -28.38 45.70 31.68
CA GLY A 76 -25.25 47.40 32.61
CA THR A 77 -22.27 47.17 34.80
CA PHE A 78 -21.39 47.95 38.36
CA THR A 79 -18.29 49.30 39.92
CA LEU A 80 -16.95 49.11 43.41
CA THR A 81 -15.97 52.30 45.07
CA GLY A 82 -14.07 52.54 48.29
CA GLY A 83 -12.44 49.18 48.37
CA ASN A 84 -12.85 47.91 44.76
CA VAL A 85 -14.12 44.62 46.22
CA PHE A 86 -17.04 43.34 48.27
CA GLU A 87 -15.50 44.34 51.59
CA TYR A 88 -17.10 46.31 54.38
CA GLY A 89 -17.67 49.94 53.62
CA VAL A 90 -17.50 49.51 49.85
CA LYS A 91 -20.14 51.01 47.66
CA ALA A 92 -21.25 49.00 44.69
CA VAL A 93 -22.20 51.72 42.32
CA TYR A 94 -24.11 50.51 39.37
CA THR A 95 -23.78 52.12 36.01
CA CYS A 96 -25.79 51.30 32.95
CA ASN A 97 -24.35 50.47 29.55
CA GLU A 98 -24.68 52.05 26.19
CA GLY A 99 -28.30 51.58 25.63
CA TYR A 100 -29.50 51.55 29.18
CA GLN A 101 -30.24 54.16 31.75
CA LEU A 102 -30.76 54.13 35.40
CA LEU A 103 -34.21 54.19 36.75
CA GLY A 104 -34.63 55.70 40.14
CA GLU A 105 -32.26 57.71 42.29
CA ILE A 106 -30.52 54.78 43.90
CA ASN A 107 -27.54 53.67 41.84
CA TYR A 108 -25.39 52.11 44.47
CA ARG A 109 -25.37 49.62 47.29
CA GLU A 110 -23.24 50.28 50.28
CA CYS A 111 -21.87 47.55 52.41
CA ASP A 112 -22.43 48.28 56.01
CA THR A 113 -21.88 45.88 58.89
CA ASP A 114 -25.33 44.47 58.21
CA GLY A 115 -24.29 43.77 54.68
CA TRP A 116 -25.28 45.58 51.52
CA THR A 117 -27.67 48.37 52.51
CA ASN A 118 -29.66 48.98 49.34
CA ASP A 119 -30.68 46.55 46.67
CA ILE A 120 -29.79 46.27 43.00
CA PRO A 121 -31.03 49.53 41.43
CA ILE A 122 -33.24 49.59 38.43
CA CYS A 123 -31.59 49.98 35.14
CA GLU A 124 -30.64 47.30 32.85
CA VAL A 125 -30.52 43.45 32.64
CA VAL A 126 -28.48 40.99 30.48
CA LYS A 127 -29.01 41.12 26.57
CA CYS A 128 -29.91 37.45 25.20
CA LEU A 129 -27.86 34.49 24.09
CA PRO A 130 -27.27 34.02 20.39
CA VAL A 131 -29.90 31.54 19.29
CA THR A 132 -28.62 28.95 16.84
CA ALA A 133 -31.65 28.23 14.63
CA PRO A 134 -34.64 25.87 14.58
CA GLU A 135 -34.15 22.40 13.12
CA ASN A 136 -35.49 22.99 9.61
CA GLY A 137 -35.35 26.71 9.68
CA LYS A 138 -33.02 29.64 10.01
CA ILE A 139 -32.80 33.06 11.55
CA VAL A 140 -34.22 36.12 9.81
CA SER A 141 -32.64 38.61 12.21
CA SER A 142 -29.13 37.48 11.34
CA ALA A 143 -28.01 40.97 10.34
CA MET A 144 -28.67 44.47 11.78
CA GLU A 145 -25.18 45.38 12.87
CA PRO A 146 -21.71 44.01 12.02
CA ASP A 147 -21.39 43.58 15.78
CA ARG A 148 -24.82 42.11 16.35
CA GLU A 149 -25.28 41.20 19.94
CA TYR A 150 -28.80 40.38 20.79
CA HIS A 151 -29.75 43.30 22.98
CA PHE A 152 -33.09 43.92 24.70
CA GLY A 153 -35.76 44.95 22.23
CA GLN A 154 -34.37 42.87 19.42
CA ALA A 155 -36.72 40.54 17.73
CA VAL A 156 -35.21 37.43 16.38
CA ARG A 157 -37.44 36.28 13.70
CA PHE A 158 -37.11 32.89 12.10
CA VAL A 159 -37.98 31.36 8.80
CA CYS A 160 -38.54 27.80 7.82
CA ASN A 161 -36.87 26.23 4.84
CA SER A 162 -38.56 24.97 1.73
CA GLY A 163 -41.54 22.90 2.72
CA TYR A 164 -41.48 23.59 6.40
CA LYS A 165 -43.94 25.47 8.42
CA ILE A 166 -43.32 27.13 11.70
CA GLU A 167 -44.74 25.41 14.73
CA GLY A 168 -44.58 28.27 17.16
CA ASP A 169 -44.43 31.94 16.37
CA GLU A 170 -41.87 33.42 14.03
CA GLU A 171 -40.56 36.16 16.30
CA MET A 172 -38.76 36.11 19.60
CA HIS A 173 -37.86 39.20 21.58
CA CYS A 174 -35.09 39.74 24.04
CA SER A 175 -36.55 40.80 27.36
CA ASP A 176 -34.87 42.38 30.47
CA ASP A 177 -34.66 38.90 32.00
CA GLY A 178 -31.80 38.17 29.63
CA PHE A 179 -33.93 35.47 28.33
CA TRP A 180 -35.81 35.07 25.13
CA SER A 181 -39.45 36.08 25.23
CA LYS A 182 -40.62 33.54 22.69
CA GLU A 183 -39.67 29.92 22.73
CA LYS A 184 -37.57 28.59 19.91
CA PRO A 185 -40.17 27.61 17.35
CA LYS A 186 -39.91 24.54 15.23
CA CYS A 187 -40.04 24.10 11.55
CA VAL A 188 -41.97 21.10 10.58
CA GLU A 189 -43.14 20.26 6.93
CA ILE A 190 -45.46 17.26 5.77
CA SER A 191 -47.19 13.90 6.65
CA CYS A 192 -50.45 11.77 5.45
CA LYS A 193 -54.12 12.51 5.72
CA SER A 194 -56.84 10.12 6.62
CA PRO A 195 -56.07 6.95 4.85
CA ASP A 196 -58.61 6.15 2.21
CA VAL A 197 -60.90 3.19 2.16
CA ILE A 198 -59.53 -0.11 1.04
CA ASN A 199 -61.04 -2.58 -1.34
CA GLY A 200 -63.92 -4.36 0.31
CA SER A 201 -62.25 -3.68 3.58
CA PRO A 202 -62.56 -1.67 6.68
CA ILE A 203 -60.05 0.04 8.95
CA SER A 204 -60.03 -1.28 12.46
CA GLN A 205 -58.18 1.60 13.97
CA LYS A 206 -58.86 5.18 13.12
CA ILE A 207 -56.30 7.51 14.60
CA ILE A 208 -54.55 10.72 13.67
CA TYR A 209 -51.96 10.08 11.03
CA LYS A 210 -48.66 11.72 10.46
CA GLU A 211 -45.62 10.22 8.85
CA ASN A 212 -44.16 6.81 9.61
CA GLU A 213 -47.31 4.99 10.57
CA ARG A 214 -48.90 1.67 9.68
CA PHE A 215 -52.55 0.94 9.33
CA GLN A 216 -54.67 -2.12 9.45
CA TYR A 217 -56.37 -2.70 6.17
CA LYS A 218 -58.57 -5.63 7.00
CA CYS A 219 -61.09 -7.26 4.70
CA ASN A 220 -64.61 -8.06 5.69
CA MET A 221 -66.75 -11.15 5.44
CA GLY A 222 -67.59 -12.37 1.98
CA TYR A 223 -64.18 -11.55 0.61
CA GLU A 224 -61.21 -13.84 0.35
CA TYR A 225 -58.17 -12.33 1.95
CA SER A 226 -54.88 -12.75 0.16
CA GLU A 227 -51.68 -11.03 1.18
CA ARG A 228 -51.11 -9.07 4.33
CA GLY A 229 -53.69 -6.61 5.43
CA ASP A 230 -51.94 -3.49 6.47
CA ALA A 231 -50.77 -0.40 4.65
CA VAL A 232 -48.14 2.17 5.46
CA CYS A 233 -47.95 5.94 5.06
CA THR A 234 -45.67 7.27 2.39
CA GLU A 235 -46.21 10.88 3.39
CA SER A 236 -49.01 11.26 0.91
CA GLY A 237 -50.04 8.06 -0.71
CA TRP A 238 -50.33 4.79 1.13
CA ARG A 239 -48.37 1.60 0.71
CA PRO A 240 -49.78 -1.73 -0.41
CA LEU A 241 -53.43 -2.52 -0.42
CA PRO A 242 -54.51 -6.05 0.09
CA SER A 243 -56.08 -8.39 -2.37
CA CYS A 244 -59.59 -8.66 -1.16
CA GLU A 245 -59.36 -9.15 -4.76
CA GLU A 246 -59.37 -8.71 -8.62
CA LYS A 247 -59.00 -12.46 -10.00
CA SER A 248 -60.61 -13.47 -13.38
CA CYS A 249 -59.77 -16.59 -15.65
CA ASP A 250 -60.32 -18.95 -18.43
CA ASN A 251 -62.64 -21.83 -17.88
CA PRO A 252 -60.48 -24.92 -17.84
CA TYR A 253 -61.52 -27.99 -19.60
CA ILE A 254 -60.86 -31.15 -17.97
CA PRO A 255 -62.34 -34.04 -19.81
CA ASN A 256 -62.16 -36.52 -17.30
CA GLY A 257 -60.45 -34.94 -14.29
CA ASP A 258 -61.78 -33.38 -11.13
CA TYR A 259 -60.58 -30.15 -9.49
CA SER A 260 -61.25 -28.07 -6.37
CA PRO A 261 -62.65 -25.75 -5.39
CA LEU A 262 -65.53 -25.75 -7.85
CA ARG A 263 -66.97 -22.49 -8.95
CA ILE A 264 -68.86 -21.02 -11.71
CA LYS A 265 -67.19 -17.89 -12.46
CA HIS A 266 -63.50 -17.58 -11.89
CA ARG A 267 -61.49 -14.52 -10.94
CA THR A 268 -57.82 -13.69 -11.42
CA GLY A 269 -55.33 -15.57 -9.22
CA ASP A 270 -57.10 -18.84 -8.38
CA GLU A 271 -55.05 -22.01 -8.19
CA ILE A 272 -56.93 -25.33 -8.11
CA THR A 273 -55.78 -28.89 -7.57
CA TYR A 274 -56.81 -31.24 -10.35
CA GLN A 275 -56.64 -35.00 -10.07
CA CYS A 276 -57.46 -37.72 -12.56
CA ARG A 277 -58.60 -40.42 -10.38
CA ASN A 278 -61.20 -42.14 -12.16
CA GLY A 279 -60.06 -41.34 -15.62
CA PHE A 280 -56.39 -41.71 -16.43
CA TYR A 281 -53.18 -40.61 -14.75
CA PRO A 282 -52.46 -36.81 -14.43
CA ALA A 283 -50.45 -35.14 -17.21
CA THR A 284 -48.01 -33.05 -15.24
CA ARG A 285 -45.74 -33.89 -12.38
CA GLY A 286 -47.82 -31.82 -10.04
CA ASN A 287 -51.58 -31.72 -9.83
CA THR A 288 -52.66 -28.08 -10.25
CA ALA A 289 -53.40 -25.09 -12.44
CA LYS A 290 -53.55 -21.40 -11.51
CA CYS A 291 -56.14 -19.05 -12.79
CA THR A 292 -54.65 -16.01 -14.45
CA SER A 293 -56.78 -13.89 -16.82
CA THR A 294 -56.90 -15.94 -20.03
CA GLY A 295 -56.25 -19.50 -18.95
CA TRP A 296 -54.71 -21.78 -16.33
CA ILE A 297 -51.15 -22.84 -15.32
CA PRO A 298 -49.44 -25.12 -15.02
CA ALA A 299 -51.94 -27.62 -16.29
CA PRO A 300 -55.05 -29.66 -15.60
CA ARG A 301 -54.92 -32.61 -17.96
CA CYS A 302 -55.85 -36.20 -17.43
CA THR A 303 -56.39 -38.37 -20.46
CA LEU A 304 -57.37 -36.49 -23.69
CA LYS A 305 -57.96 -38.83 -26.68
CA PRO A 306 -60.40 -41.45 -28.46
CA CYS A 307 -58.72 -43.51 -31.32
CA ASP A 308 -58.27 -44.79 -34.95
CA TYR A 309 -56.03 -47.65 -36.23
CA PRO A 310 -52.45 -46.90 -35.26
CA ASP A 311 -50.40 -46.49 -38.42
CA ILE A 312 -47.18 -47.69 -36.79
CA LYS A 313 -44.12 -46.56 -38.73
CA HIS A 314 -41.37 -49.21 -38.70
CA GLY A 315 -43.61 -51.57 -36.74
CA GLY A 316 -47.04 -53.13 -36.50
CA LEU A 317 -49.80 -54.46 -34.27
CA TYR A 318 -49.86 -58.11 -33.22
CA HIS A 319 -53.06 -60.05 -34.03
CA GLU A 320 -53.72 -57.58 -36.85
CA ASN A 321 -56.59 -59.66 -38.27
CA MET A 322 -58.44 -59.88 -34.92
CA ARG A 323 -58.18 -56.23 -33.88
CA ARG A 324 -59.18 -54.85 -37.23
CA PRO A 325 -62.01 -53.66 -37.37
CA TYR A 326 -62.91 -52.90 -33.63
CA PHE A 327 -61.54 -49.41 -34.63
CA PRO A 328 -62.26 -46.61 -33.86
CA VAL A 329 -61.10 -47.81 -30.44
CA ALA A 330 -62.26 -46.36 -27.11
CA VAL A 331 -59.85 -44.52 -24.79
CA GLY A 332 -58.03 -46.75 -22.31
CA LYS A 333 -57.78 -49.61 -24.81
CA TYR A 334 -54.17 -50.61 -25.48
CA TYR A 335 -52.62 -53.07 -27.91
CA SER A 336 -49.41 -55.04 -28.08
CA TYR A 337 -47.24 -54.09 -31.04
CA TYR A 338 -43.83 -55.00 -32.44
CA CYS A 339 -41.01 -53.05 -34.15
CA ASP A 340 -39.26 -54.13 -37.34
CA GLU A 341 -35.61 -55.19 -37.59
CA HIS A 342 -33.24 -52.26 -36.86
CA PHE A 343 -35.92 -50.64 -34.70
CA GLU A 344 -36.87 -50.74 -31.01
CA THR A 345 -39.65 -49.70 -28.63
CA PRO A 346 -39.16 -46.85 -26.10
CA SER A 347 -38.63 -49.58 -23.42
CA GLY A 348 -35.71 -50.94 -25.47
CA SER A 349 -37.38 -54.17 -26.61
CA TYR A 350 -38.79 -55.44 -29.92
CA TRP A 351 -42.36 -55.28 -28.56
CA ASP A 352 -44.51 -53.17 -26.24
CA HIS A 353 -48.00 -51.71 -25.74
CA ILE A 354 -49.51 -48.67 -27.47
CA HIS A 355 -52.26 -46.84 -25.57
CA CYS A 356 -55.21 -44.84 -26.84
CA THR A 357 -54.93 -41.56 -24.94
CA GLN A 358 -57.32 -38.58 -25.00
CA ASP A 359 -54.59 -36.87 -27.06
CA GLY A 360 -54.07 -39.84 -29.43
CA TRP A 361 -51.84 -42.92 -29.39
CA SER A 362 -49.13 -43.25 -26.70
CA PRO A 363 -46.19 -43.57 -27.19
CA ALA A 364 -46.31 -41.06 -30.10
CA VAL A 365 -43.21 -42.70 -31.62
CA PRO A 366 -43.66 -46.43 -30.87
CA CYS A 367 -40.67 -47.60 -32.88
CA LEU A 368 -39.13 -47.37 -36.18
CA ARG A 369 -40.56 -47.87 -39.79
CA LYS A 370 -40.15 -47.02 -43.59
CA CYS A 371 -42.76 -45.99 -46.39
CA TYR A 372 -42.71 -47.81 -49.74
CA PHE A 373 -44.62 -46.16 -52.56
CA PRO A 374 -46.91 -48.72 -54.23
CA TYR A 375 -48.04 -49.08 -57.83
CA LEU A 376 -51.02 -46.89 -58.87
CA GLU A 377 -53.20 -48.77 -61.34
CA ASN A 378 -55.46 -45.73 -61.86
CA GLY A 379 -52.76 -43.03 -61.59
CA TYR A 380 -49.49 -41.74 -63.06
CA ASN A 381 -46.49 -43.65 -61.68
CA GLN A 382 -43.15 -41.99 -60.88
CA ASN A 383 -42.32 -43.26 -57.35
CA HIS A 384 -43.26 -46.98 -57.44
CA GLY A 385 -40.48 -48.57 -55.34
CA ARG A 386 -39.14 -45.41 -53.69
CA LYS A 387 -38.65 -45.29 -49.94
CA PHE A 388 -39.58 -42.30 -47.81
CA VAL A 389 -38.93 -41.51 -44.15
CA GLN A 390 -41.72 -40.62 -41.72
CA GLY A 391 -42.95 -37.02 -42.01
CA LYS A 392 -42.43 -36.94 -45.79
CA SER A 393 -45.19 -35.83 -48.17
CA ILE A 394 -45.36 -37.02 -51.77
CA ASP A 395 -47.45 -35.67 -54.66
CA VAL A 396 -49.94 -38.13 -56.18
CA ALA A 397 -51.19 -37.74 -59.74
CA CYS A 398 -54.32 -39.81 -60.40
CA HIS A 399 -55.79 -40.38 -63.85
CA PRO A 400 -58.55 -38.00 -64.98
CA GLY A 401 -61.76 -39.05 -63.17
CA TYR A 402 -59.90 -40.67 -60.25
CA ALA A 403 -58.80 -39.05 -57.00
CA LEU A 404 -57.23 -39.80 -53.65
CA PRO A 405 -59.69 -40.36 -50.82
CA LYS A 406 -60.91 -37.72 -50.40
CA ALA A 407 -59.43 -35.79 -51.93
CA GLN A 408 -55.90 -34.92 -50.88
CA THR A 409 -53.30 -34.35 -53.57
CA THR A 410 -50.49 -35.89 -51.48
CA VAL A 411 -49.85 -38.88 -49.19
CA THR A 412 -47.77 -38.43 -46.02
CA CYS A 413 -45.69 -41.11 -44.32
CA MET A 414 -46.85 -41.47 -40.73
CA GLU A 415 -45.61 -43.84 -38.01
CA ASN A 416 -48.52 -46.13 -38.99
CA GLY A 417 -47.89 -45.89 -42.76
CA TRP A 418 -49.10 -43.71 -45.63
CA SER A 419 -51.86 -41.21 -44.87
CA PRO A 420 -54.09 -41.58 -46.70
CA THR A 421 -53.47 -44.88 -48.51
CA PRO A 422 -51.85 -44.22 -51.95
CA ARG A 423 -54.65 -45.36 -54.27
CA CYS A 424 -56.83 -43.54 -56.80
CA ILE A 425 -57.62 -45.01 -59.99
CA ARG A 426 -55.32 -47.27 -61.95
CA VAL A 427 -55.91 -48.22 -65.86
CA LYS A 428 -54.90 -51.62 -67.58
CA THR A 429 -54.49 -53.00 -71.37
CA CYS A 430 -55.94 -55.65 -73.68
CA SER A 431 -55.34 -56.39 -77.34
CA LYS A 432 -57.98 -57.68 -79.74
CA SER A 433 -55.15 -59.66 -81.42
CA SER A 434 -54.85 -61.78 -78.26
CA ILE A 435 -58.56 -62.74 -78.38
CA ASP A 436 -59.53 -66.13 -79.81
CA ILE A 437 -63.04 -67.25 -80.78
CA GLU A 438 -64.26 -70.16 -82.90
CA ASN A 439 -67.76 -70.12 -84.44
CA GLY A 440 -68.15 -66.39 -83.87
CA PHE A 441 -66.31 -63.11 -84.37
CA ILE A 442 -65.47 -59.92 -82.49
CA SER A 443 -68.21 -57.51 -83.58
CA GLU A 444 -66.61 -54.25 -82.47
CA SER A 445 -64.05 -53.79 -83.91
CA GLN A 446 -61.24 -51.83 -82.18
CA TYR A 447 -57.65 -53.03 -81.72
CA THR A 448 -57.03 -51.77 -78.19
CA TYR A 449 -59.37 -51.95 -75.22
CA ALA A 450 -58.80 -50.01 -72.00
CA LEU A 451 -59.08 -51.67 -68.59
CA LYS A 452 -62.75 -52.47 -67.74
CA GLU A 453 -63.73 -51.88 -71.39
CA LYS A 454 -65.63 -54.78 -72.99
CA ALA A 455 -64.98 -56.61 -76.24
CA LYS A 456 -68.20 -57.55 -78.07
CA TYR A 457 -68.55 -60.85 -79.95
CA GLN A 458 -71.33 -62.47 -82.03
CA CYS A 459 -71.73 -66.20 -82.67
CA LYS A 460 -72.26 -67.79 -86.07
CA LEU A 461 -75.81 -68.69 -87.19
CA GLY A 462 -77.00 -71.54 -84.98
CA TYR A 463 -74.28 -71.16 -82.34
CA VAL A 464 -74.74 -69.83 -78.79
CA THR A 465 -72.63 -68.45 -75.94
CA ALA A 466 -72.35 -69.73 -72.35
CA ASP A 467 -75.47 -67.86 -71.16
CA GLY A 468 -76.73 -69.17 -73.61
CA GLU A 469 -77.36 -66.29 -75.95
CA THR A 470 -76.47 -65.66 -79.60
CA SER A 471 -73.97 -62.96 -78.59
CA GLY A 472 -71.95 -61.84 -75.57
CA SER A 473 -68.85 -59.96 -74.47
CA ILE A 474 -65.56 -60.23 -72.53
CA THR A 475 -63.91 -57.73 -70.17
CA CYS A 476 -60.41 -56.30 -70.16
CA GLY A 477 -58.70 -56.64 -66.79
CA LYS A 478 -55.29 -56.08 -65.18
CA ASP A 479 -54.55 -59.72 -65.99
CA GLY A 480 -55.91 -59.62 -69.55
CA TRP A 481 -59.28 -60.72 -70.90
CA SER A 482 -62.00 -61.96 -68.51
CA ALA A 483 -62.07 -65.18 -70.54
CA GLN A 484 -62.30 -66.67 -74.02
CA PRO A 485 -65.52 -66.20 -76.01
CA THR A 486 -67.43 -69.48 -76.32
CA CYS A 487 -69.74 -70.07 -79.29
CA ILE A 488 -71.46 -73.55 -79.90
CA LYS A 489 -73.46 -73.71 -83.08
CA SER A 490 -77.33 -74.68 -83.33
CA CYS A 491 -78.65 -75.53 -87.03
CA ASP A 492 -80.65 -77.49 -89.51
CA ILE A 493 -79.97 -81.14 -89.87
CA PRO A 494 -77.84 -81.78 -92.83
CA VAL A 495 -78.83 -84.50 -95.21
CA PHE A 496 -75.87 -86.23 -96.67
CA MET A 497 -76.85 -88.34 -99.61
CA ASN A 498 -73.85 -90.50 -99.37
CA ALA A 499 -71.30 -89.13 -97.04
CA ARG A 500 -70.16 -89.33 -93.49
CA THR A 501 -69.41 -86.43 -91.21
CA LYS A 502 -67.54 -86.11 -87.98
CA ASN A 503 -69.05 -84.93 -84.78
CA ASP A 504 -72.10 -87.11 -85.11
CA PHE A 505 -74.85 -85.73 -82.91
CA THR A 506 -78.53 -85.81 -82.37
CA TRP A 507 -79.17 -82.20 -81.50
CA PHE A 508 -77.51 -79.50 -83.46
CA LYS A 509 -76.62 -76.17 -81.98
CA LEU A 510 -75.24 -72.95 -83.41
CA ASN A 511 -71.80 -72.79 -85.00
CA ASP A 512 -70.89 -76.40 -85.12
CA THR A 513 -68.59 -77.17 -88.02
CA LEU A 514 -67.81 -80.73 -88.92
CA ASP A 515 -65.86 -82.42 -91.64
CA TYR A 516 -67.74 -84.42 -94.19
CA GLU A 517 -66.03 -86.89 -96.42
CA CYS A 518 -67.42 -88.95 -99.22
CA HIS A 519 -65.54 -92.11 -98.48
CA ASP A 520 -67.15 -94.85 -100.44
CA GLY A 521 -69.88 -93.29 -102.47
CA TYR A 522 -67.95 -94.12 -105.59
CA GLU A 523 -70.44 -92.18 -107.58
CA SER A 524 -70.24 -89.51 -104.94
CA ASN A 525 -67.40 -87.06 -104.94
CA THR A 526 -66.52 -84.57 -102.29
CA GLY A 527 -68.18 -81.82 -104.27
CA SER A 528 -66.18 -79.22 -102.44
CA THR A 529 -62.57 -78.23 -102.55
CA THR A 530 -62.47 -78.71 -98.82
CA GLY A 531 -65.05 -80.75 -97.06
CA SER A 532 -66.61 -79.25 -94.05
CA ILE A 533 -69.92 -77.68 -93.21
CA VAL A 534 -70.55 -75.29 -90.38
CA CYS A 535 -73.75 -75.15 -88.43
CA GLY A 536 -75.53 -71.85 -88.47
CA TYR A 537 -79.07 -70.92 -87.62
CA ASN A 538 -80.45 -72.53 -90.74
CA GLY A 539 -78.44 -75.03 -92.71
CA TRP A 540 -74.71 -75.52 -92.97
CA SER A 541 -71.94 -74.07 -95.10
CA ASP A 542 -70.02 -74.26 -97.18
CA LEU A 543 -71.43 -77.61 -98.06
CA PRO A 544 -72.20 -81.06 -96.96
CA ILE A 545 -72.95 -82.60 -100.30
CA CYS A 546 -71.32 -85.46 -102.13
CA TYR A 547 -73.47 -83.97 -104.96
CA GLU A 548 -73.43 -80.61 -106.64
CA ARG A 549 -73.54 -81.20 -110.60
CA GLU A 550 -72.54 -78.87 -113.73
CA CYS A 551 -75.32 -78.35 -116.51
CA GLU A 552 -76.10 -78.49 -120.20
CA LEU A 553 -79.07 -77.75 -122.36
CA PRO A 554 -82.15 -78.04 -120.27
CA LYS A 555 -84.01 -80.52 -122.43
CA ILE A 556 -87.78 -80.68 -122.71
CA ASP A 557 -90.04 -81.42 -119.78
CA VAL A 558 -93.24 -83.42 -119.81
CA HIS A 559 -95.74 -81.86 -122.19
CA LEU A 560 -93.98 -78.68 -121.30
CA VAL A 561 -91.91 -76.03 -122.95
CA PRO A 562 -89.33 -73.60 -121.81
CA ASP A 563 -90.34 -69.97 -121.79
CA ARG A 564 -86.85 -68.75 -122.02
CA LYS A 565 -84.42 -70.77 -124.01
CA LYS A 566 -80.95 -69.48 -123.38
CA ASP A 567 -77.64 -70.39 -124.97
CA GLN A 568 -75.56 -71.19 -121.95
CA TYR A 569 -76.47 -72.79 -118.66
CA LYS A 570 -73.58 -73.58 -116.37
CA VAL A 571 -75.05 -73.84 -112.85
CA GLY A 572 -77.04 -71.61 -110.55
CA GLU A 573 -79.63 -71.16 -113.19
CA VAL A 574 -83.36 -71.56 -113.07
CA LEU A 575 -85.76 -72.11 -115.91
CA LYS A 576 -89.48 -71.81 -116.53
CA PHE A 577 -90.85 -75.28 -116.95
CA SER A 578 -94.35 -74.57 -117.98
CA CYS A 579 -97.01 -76.93 -119.30
CA LYS A 580 -98.62 -76.83 -122.70
CA PRO A 581 -102.26 -76.15 -123.31
CA GLY A 582 -104.58 -79.06 -122.67
CA PHE A 583 -102.61 -80.45 -119.78
CA THR A 584 -103.33 -80.21 -116.07
CA ILE A 585 -100.46 -78.65 -114.22
CA VAL A 586 -99.74 -79.51 -110.63
CA GLY A 587 -96.83 -78.34 -108.58
CA PRO A 588 -94.57 -75.50 -109.37
CA ASN A 589 -93.61 -74.81 -112.97
CA SER A 590 -89.94 -74.03 -112.64
CA VAL A 591 -86.79 -76.05 -112.42
CA GLN A 592 -83.21 -75.57 -111.28
CA CYS A 593 -80.04 -77.04 -112.68
CA TYR A 594 -78.15 -79.38 -110.43
CA HIS A 595 -74.58 -79.17 -111.65
CA PHE A 596 -75.50 -81.38 -114.49
CA GLY A 597 -77.98 -82.06 -117.17
CA LEU A 598 -80.05 -83.30 -114.31
CA SER A 599 -82.57 -80.65 -113.39
CA PRO A 600 -84.41 -80.33 -110.20
CA ASP A 601 -88.13 -79.84 -109.69
CA LEU A 602 -89.74 -81.26 -112.81
CA PRO A 603 -93.41 -80.50 -112.92
CA ILE A 604 -96.30 -82.89 -113.23
CA CYS A 605 -98.28 -82.05 -116.29
CA LYS A 606 -97.44 -84.57 -118.82
CA GLU A 607 -95.24 -87.67 -117.94
CA GLN A 608 -93.21 -89.67 -120.80
CA VAL A 609 -93.18 -90.09 -124.76
CA GLN A 610 -92.01 -93.11 -127.00
CA SER A 611 -91.35 -94.06 -130.54
CA CYS A 612 -89.59 -97.11 -132.20
CA GLY A 613 -87.47 -98.31 -135.06
CA PRO A 614 -88.01 -101.32 -137.14
CA PRO A 615 -89.53 -103.98 -134.99
CA PRO A 616 -87.38 -106.83 -133.90
CA GLU A 617 -87.97 -110.39 -134.93
CA LEU A 618 -90.27 -112.53 -132.81
CA LEU A 619 -89.84 -115.99 -131.41
CA ASN A 620 -90.17 -118.58 -134.12
CA GLY A 621 -92.09 -116.08 -136.14
CA ASN A 622 -92.02 -113.30 -138.66
CA VAL A 623 -93.97 -110.20 -139.52
CA LYS A 624 -96.38 -110.71 -142.34
CA GLU A 625 -96.78 -107.10 -143.08
CA LYS A 626 -93.93 -104.71 -143.22
CA THR A 627 -96.73 -102.27 -142.88
CA LYS A 628 -94.58 -99.27 -142.81
CA GLU A 629 -91.00 -98.36 -143.43
CA GLU A 630 -90.66 -96.44 -140.23
CA TYR A 631 -92.50 -96.81 -136.98
CA GLY A 632 -92.57 -93.74 -134.84
CA HIS A 633 -95.15 -94.76 -132.30
CA SER A 634 -98.80 -95.59 -131.97
CA GLU A 635 -98.39 -98.52 -134.27
CA VAL A 636 -98.82 -102.24 -134.06
CA VAL A 637 -97.65 -105.02 -136.26
CA GLU A 638 -98.52 -108.61 -136.91
CA TYR A 639 -96.36 -111.02 -135.04
CA TYR A 640 -97.26 -114.38 -136.52
CA CYS A 641 -95.40 -117.55 -135.92
CA ASN A 642 -94.33 -120.09 -138.50
CA PRO A 643 -95.56 -123.52 -139.20
CA ARG A 644 -95.15 -126.37 -136.75
CA PHE A 645 -95.15 -123.94 -133.90
CA LEU A 646 -98.23 -123.78 -131.80
CA MET A 647 -99.43 -120.29 -131.17
CA LYS A 648 -100.74 -119.12 -127.85
CA GLY A 649 -102.04 -115.63 -127.26
CA PRO A 650 -102.60 -113.05 -129.88
CA ASN A 651 -100.20 -112.64 -132.77
CA LYS A 652 -99.65 -108.89 -132.60
CA ILE A 653 -97.17 -106.45 -131.08
CA GLN A 654 -97.44 -102.82 -130.04
CA CYS A 655 -94.89 -100.01 -130.02
CA VAL A 656 -93.95 -98.60 -126.68
CA ASP A 657 -91.31 -95.99 -127.30
CA GLY A 658 -88.13 -98.00 -127.67
CA GLU A 659 -89.57 -101.43 -126.85
CA TRP A 660 -92.37 -103.48 -128.30
CA THR A 661 -95.14 -105.06 -126.31
CA THR A 662 -97.08 -108.28 -126.39
CA LEU A 663 -94.65 -110.89 -127.63
CA PRO A 664 -96.46 -114.03 -128.63
CA VAL A 665 -96.00 -117.45 -127.19
CA CYS A 666 -95.10 -119.87 -129.91
CA ILE A 667 -93.82 -123.14 -131.44
CA VAL A 668 -92.49 -124.55 -134.97
CA GLU A 669 -93.96 -127.36 -137.18
CA GLU A 670 -91.22 -129.29 -139.39
CA SER A 671 -91.33 -129.78 -143.23
CA THR A 672 -88.05 -131.53 -144.41
CA CYS A 673 -87.42 -133.37 -147.93
CA GLY A 674 -85.28 -135.45 -150.22
CA ASP A 675 -83.66 -134.82 -153.55
CA ILE A 676 -84.54 -131.66 -155.41
CA PRO A 677 -86.29 -132.18 -158.69
CA GLU A 678 -85.02 -130.77 -161.96
CA LEU A 679 -86.07 -127.26 -162.80
CA GLU A 680 -87.58 -125.80 -165.91
CA HIS A 681 -84.98 -125.82 -168.63
CA GLY A 682 -82.30 -125.44 -166.03
CA TRP A 683 -80.01 -127.36 -163.76
CA ALA A 684 -78.56 -127.17 -160.29
CA GLN A 685 -75.01 -126.15 -159.59
CA LEU A 686 -74.80 -127.83 -156.24
CA SER A 687 -76.11 -131.30 -156.14
CA SER A 688 -75.75 -132.76 -152.70
CA PRO A 689 -77.13 -135.97 -151.50
CA PRO A 690 -78.56 -134.92 -148.18
CA TYR A 691 -81.33 -132.37 -147.73
CA TYR A 692 -83.24 -132.60 -144.52
CA TYR A 693 -84.66 -129.13 -144.01
CA GLY A 694 -83.69 -125.51 -143.97
CA ASP A 695 -81.72 -125.59 -147.15
CA SER A 696 -81.78 -123.81 -150.47
CA VAL A 697 -80.61 -124.81 -153.90
CA GLU A 698 -79.30 -123.03 -156.98
CA PHE A 699 -81.92 -123.14 -159.70
CA ASN A 700 -80.01 -121.83 -162.64
CA CYS A 701 -81.23 -121.74 -166.20
CA SER A 702 -79.37 -123.05 -169.23
CA GLU A 703 -78.06 -121.32 -172.30
CA SER A 704 -80.51 -119.95 -174.85
CA PHE A 705 -83.15 -119.62 -172.19
CA THR A 706 -83.98 -116.19 -170.88
CA MET A 707 -84.17 -116.03 -167.15
CA ILE A 708 -86.58 -113.95 -165.19
CA GLY A 709 -86.81 -113.93 -161.44
CA HIS A 710 -84.31 -115.28 -158.95
CA ARG A 711 -82.48 -118.49 -159.63
CA SER A 712 -82.89 -120.33 -156.34
CA ILE A 713 -85.31 -122.59 -154.49
CA THR A 714 -85.81 -123.63 -150.89
CA CYS A 715 -86.97 -126.78 -149.13
CA ILE A 716 -90.49 -126.75 -147.84
CA HIS A 717 -90.74 -130.06 -146.03
CA GLY A 718 -90.46 -132.11 -149.17
CA VAL A 719 -91.89 -129.67 -151.62
CA TRP A 720 -89.47 -127.20 -153.06
CA THR A 721 -90.38 -123.63 -153.55
CA GLN A 722 -89.67 -120.70 -155.82
CA LEU A 723 -89.14 -122.17 -159.26
CA PRO A 724 -87.65 -119.78 -161.75
CA GLN A 725 -89.10 -118.63 -165.00
CA CYS A 726 -86.86 -119.75 -167.79
CA VAL A 727 -85.70 -120.31 -171.25
CA ALA A 728 -85.72 -123.49 -173.35
CA ILE A 729 -83.74 -125.83 -175.80
CA ASP A 730 -84.84 -129.44 -177.28
CA LYS A 731 -82.37 -132.49 -178.33
CA LEU A 732 -82.63 -133.96 -181.99
CA LYS A 733 -80.31 -136.82 -183.35
CA LYS A 734 -77.30 -137.22 -185.60
CA CYS A 735 -75.56 -140.04 -188.17
CA LYS A 736 -74.40 -143.45 -187.13
CA SER A 737 -73.81 -146.65 -189.00
CA SER A 738 -76.65 -147.06 -191.42
CA ASN A 739 -79.36 -149.55 -190.65
CA LEU A 740 -79.89 -152.65 -192.68
CA ILE A 741 -82.05 -152.56 -195.75
CA ILE A 742 -84.78 -154.94 -196.62
CA LEU A 743 -83.62 -157.96 -198.54
CA GLU A 744 -80.22 -156.57 -199.08
CA GLU A 745 -76.96 -155.10 -197.90
CA HIS A 746 -74.74 -152.10 -198.29
CA LEU A 747 -71.88 -152.37 -200.72
CA LYS A 748 -69.55 -149.95 -199.14
CA ASN A 749 -69.59 -149.85 -195.43
CA LYS A 750 -67.73 -146.81 -194.27
CA LYS A 751 -66.44 -146.40 -190.77
CA GLU A 752 -67.47 -142.85 -190.19
CA PHE A 753 -70.72 -141.32 -191.32
CA ASP A 754 -71.36 -138.00 -189.67
CA HIS A 755 -73.76 -136.48 -192.13
CA ASN A 756 -74.19 -135.27 -195.68
CA SER A 757 -73.36 -138.71 -196.96
CA ASN A 758 -75.03 -141.31 -199.14
CA ILE A 759 -75.29 -145.07 -198.78
CA ARG A 760 -75.61 -147.66 -201.45
CA TYR A 761 -78.49 -149.83 -200.58
CA ARG A 762 -78.14 -152.65 -202.96
CA CYS A 763 -81.06 -154.98 -203.12
CA ARG A 764 -81.52 -158.69 -203.56
CA GLY A 765 -83.16 -157.79 -206.81
CA LYS A 766 -82.62 -154.33 -208.17
CA GLU A 767 -85.62 -152.09 -208.51
CA GLY A 768 -86.06 -148.41 -207.81
CA TRP A 769 -83.10 -146.36 -206.67
CA ILE A 770 -80.32 -148.18 -204.90
CA HIS A 771 -79.29 -145.71 -202.26
CA THR A 772 -80.16 -143.84 -199.10
CA VAL A 773 -79.10 -140.53 -197.63
CA CYS A 774 -78.40 -139.58 -194.09
CA ILE A 775 -80.73 -137.29 -192.25
CA ASN A 776 -79.15 -136.74 -188.85
CA GLY A 777 -79.34 -140.40 -188.06
CA ARG A 778 -82.45 -141.32 -189.90
CA TRP A 779 -81.84 -142.51 -193.40
CA ASP A 780 -83.69 -141.42 -196.47
CA PRO A 781 -84.58 -143.21 -199.71
CA GLU A 782 -84.92 -146.90 -198.50
CA VAL A 783 -85.18 -149.11 -201.64
CA ASN A 784 -88.19 -151.30 -202.12
CA CYS A 785 -87.15 -154.91 -202.41
CA SER A 786 -90.94 -156.21 -201.61
CA MET A 787 -93.88 -158.63 -202.82
CA ALA A 788 -97.54 -159.38 -201.19
CA GLN A 789 -98.82 -162.96 -199.95
CA ILE A 790 -101.29 -163.94 -197.03
CA GLN A 791 -101.80 -167.47 -195.73
CA LEU A 792 -105.46 -168.59 -195.01
CA CYS A 793 -106.29 -171.27 -191.93
CA PRO A 794 -103.57 -172.18 -189.55
CA PRO A 795 -103.73 -174.84 -186.94
CA PRO A 796 -106.39 -173.86 -184.54
CA PRO A 797 -105.51 -172.41 -181.27
CA GLN A 798 -106.45 -174.33 -178.23
CA ILE A 799 -109.77 -173.78 -176.58
CA PRO A 800 -109.94 -172.83 -173.00
CA ASN A 801 -110.44 -176.31 -171.73
CA SER A 802 -109.79 -178.41 -174.74
CA HIS A 803 -107.67 -179.76 -177.54
CA ASN A 804 -108.34 -179.74 -181.22
CA MET A 805 -108.21 -182.85 -183.34
CA THR A 806 -108.24 -183.20 -187.07
CA THR A 807 -107.25 -185.12 -190.17
CA THR A 808 -104.74 -182.43 -191.12
CA LEU A 809 -103.16 -179.57 -189.21
CA ASN A 810 -103.56 -176.63 -191.61
CA TYR A 811 -107.03 -176.99 -193.21
CA ARG A 812 -106.13 -174.55 -195.95
CA ASP A 813 -109.36 -172.79 -196.86
CA GLY A 814 -112.96 -173.15 -195.94
CA GLU A 815 -113.13 -176.31 -193.96
CA LYS A 816 -115.04 -177.88 -191.10
CA VAL A 817 -112.88 -178.19 -188.03
CA SER A 818 -114.00 -180.19 -185.06
CA VAL A 819 -112.54 -179.70 -181.61
CA LEU A 820 -112.51 -181.99 -178.61
CA CYS A 821 -112.35 -181.46 -174.88
CA GLN A 822 -110.94 -183.29 -171.90
CA GLU A 823 -112.91 -185.69 -169.80
CA ASN A 824 -115.72 -184.11 -167.84
CA TYR A 825 -116.29 -181.39 -170.39
CA LEU A 826 -118.74 -180.93 -173.22
CA ILE A 827 -118.38 -178.96 -176.42
CA GLN A 828 -121.07 -176.59 -177.54
CA GLU A 829 -120.90 -175.70 -181.19
CA GLY A 830 -122.87 -175.91 -184.36
CA GLU A 831 -120.95 -178.99 -185.40
CA GLU A 832 -117.65 -177.60 -186.46
CA ILE A 833 -115.75 -174.40 -186.82
CA THR A 834 -115.82 -172.77 -190.18
CA CYS A 835 -112.63 -171.02 -191.17
CA LYS A 836 -113.22 -168.85 -194.14
CA ASP A 837 -110.39 -166.55 -195.06
CA GLY A 838 -108.81 -166.51 -191.60
CA ARG A 839 -111.81 -166.28 -189.32
CA TRP A 840 -113.03 -168.97 -186.97
CA GLN A 841 -116.72 -168.48 -186.95
CA SER A 842 -117.92 -170.72 -184.15
CA ILE A 843 -116.03 -171.41 -181.01
CA PRO A 844 -116.55 -174.70 -179.36
CA LEU A 845 -116.64 -174.21 -175.64
CA CYS A 846 -115.86 -176.90 -173.18
CA VAL A 847 -115.67 -173.64 -170.52
CA GLU A 848 -114.27 -173.63 -166.73
CA LYS A 849 -113.67 -171.03 -163.85
CA ILE A 850 -110.32 -171.04 -161.69
CA PRO A 851 -109.77 -168.01 -159.08
CA CYS A 852 -106.35 -166.12 -159.39
CA SER A 853 -103.91 -166.05 -162.33
CA GLN A 854 -100.07 -166.15 -162.41
CA PRO A 855 -98.76 -164.71 -159.05
CA PRO A 856 -97.24 -161.17 -159.05
CA GLN A 857 -93.51 -160.45 -159.59
CA ILE A 858 -91.06 -158.70 -157.22
CA GLU A 859 -87.74 -157.25 -158.59
CA HIS A 860 -84.82 -159.79 -158.39
CA GLY A 861 -86.93 -162.53 -156.76
CA THR A 862 -89.79 -164.69 -158.05
CA ILE A 863 -92.39 -167.16 -156.75
CA ASN A 864 -91.19 -170.67 -155.73
CA SER A 865 -94.19 -172.86 -156.70
CA SER A 866 -92.56 -174.70 -159.67
CA ARG A 867 -92.72 -171.95 -162.34
CA SER A 868 -95.23 -173.42 -164.85
CA SER A 869 -97.61 -176.04 -163.50
CA GLN A 870 -100.94 -174.24 -163.87
CA GLU A 871 -101.97 -170.85 -165.28
CA SER A 872 -104.65 -170.07 -162.70
CA TYR A 873 -104.92 -171.01 -158.99
CA ALA A 874 -107.97 -171.11 -156.65
CA HIS A 875 -109.08 -168.72 -153.92
CA GLY A 876 -107.34 -169.38 -150.60
CA THR A 877 -104.07 -170.53 -152.23
CA LYS A 878 -100.94 -169.54 -150.24
CA LEU A 879 -97.68 -169.60 -152.25
CA SER A 880 -94.26 -168.67 -150.81
CA TYR A 881 -91.55 -166.45 -152.33
CA THR A 882 -87.78 -166.75 -152.99
CA CYS A 883 -84.93 -164.31 -153.78
CA GLU A 884 -81.59 -164.79 -155.60
CA GLY A 885 -78.59 -166.53 -153.99
CA GLY A 886 -77.46 -163.72 -151.66
CA PHE A 887 -80.60 -161.60 -151.05
CA ARG A 888 -82.60 -161.36 -147.80
CA ILE A 889 -86.42 -161.19 -147.93
CA SER A 890 -88.58 -159.05 -145.64
CA GLU A 891 -90.66 -160.78 -142.89
CA GLU A 892 -92.71 -163.92 -143.83
CA ASN A 893 -92.00 -164.81 -147.48
CA GLU A 894 -95.58 -165.68 -148.51
CA THR A 895 -98.39 -164.34 -150.72
CA THR A 896 -102.06 -165.34 -150.53
CA CYS A 897 -104.99 -165.07 -152.93
CA TYR A 898 -108.37 -163.46 -152.25
CA MET A 899 -111.07 -163.09 -154.97
CA GLY A 900 -108.72 -163.86 -157.90
CA LYS A 901 -106.15 -161.25 -156.73
CA TRP A 902 -102.97 -161.81 -154.65
CA SER A 903 -101.71 -159.89 -151.59
CA SER A 904 -98.91 -157.28 -151.33
CA PRO A 905 -95.97 -159.71 -151.95
CA PRO A 906 -92.74 -159.39 -149.85
CA GLN A 907 -89.65 -157.82 -151.45
CA CYS A 908 -85.97 -158.79 -151.66
CA GLU A 909 -83.88 -156.40 -149.69
CA GLY A 910 -81.27 -157.65 -146.90
CA LEU A 911 -78.37 -155.38 -145.35
CA PRO A 912 -77.94 -153.70 -141.63
CA CYS A 913 -76.05 -150.22 -141.53
CA LYS A 914 -76.33 -146.65 -140.25
CA SER A 915 -75.23 -143.40 -141.95
CA PRO A 916 -72.37 -144.14 -144.44
CA PRO A 917 -68.95 -142.65 -143.45
CA GLU A 918 -67.08 -140.03 -145.49
CA ILE A 919 -64.96 -141.13 -148.48
CA SER A 920 -61.44 -140.35 -149.79
CA HIS A 921 -61.35 -136.63 -150.77
CA GLY A 922 -65.02 -137.03 -151.72
CA VAL A 923 -68.58 -136.60 -150.54
CA VAL A 924 -72.00 -138.15 -150.97
CA ALA A 925 -74.72 -136.64 -153.18
CA HIS A 926 -77.58 -138.80 -151.86
CA MET A 927 -77.49 -138.10 -148.13
CA SER A 928 -80.55 -139.97 -146.83
CA ASP A 929 -81.75 -140.70 -143.26
CA SER A 930 -82.69 -144.40 -143.55
CA TYR A 931 -79.94 -146.88 -144.52
CA GLN A 932 -80.57 -150.52 -143.55
CA TYR A 933 -79.38 -153.41 -145.78
CA GLY A 934 -79.36 -153.79 -149.58
CA GLU A 935 -78.63 -150.13 -150.35
CA GLU A 936 -76.08 -148.26 -152.47
CA VAL A 937 -74.65 -144.72 -152.16
CA THR A 938 -72.94 -142.17 -154.42
CA TYR A 939 -69.27 -141.96 -153.38
CA LYS A 940 -68.27 -139.05 -155.65
CA CYS A 941 -64.89 -137.24 -155.51
CA PHE A 942 -64.37 -133.44 -155.35
CA GLU A 943 -63.06 -131.02 -157.99
CA GLY A 944 -59.25 -131.12 -158.07
CA PHE A 945 -59.09 -134.91 -157.53
CA GLY A 946 -58.89 -137.27 -160.51
CA ILE A 947 -61.25 -140.19 -160.14
CA ASP A 948 -60.37 -143.78 -160.89
CA GLY A 949 -62.82 -146.66 -160.35
CA PRO A 950 -66.60 -146.38 -159.94
CA ALA A 951 -68.10 -143.62 -157.72
CA ILE A 952 -70.45 -145.68 -155.49
CA ALA A 953 -70.46 -147.89 -152.41
CA LYS A 954 -72.78 -150.64 -151.05
CA CYS A 955 -74.05 -151.59 -147.55
CA LEU A 956 -72.47 -154.72 -146.05
CA GLY A 957 -74.25 -154.89 -142.71
CA GLU A 958 -72.08 -152.55 -140.63
CA LYS A 959 -69.34 -151.57 -143.09
CA TRP A 960 -69.65 -150.19 -146.61
CA SER A 961 -68.25 -151.72 -149.83
CA HIS A 962 -66.11 -150.32 -152.77
CA PRO A 963 -64.45 -147.08 -151.83
CA PRO A 964 -63.18 -145.03 -154.87
CA SER A 965 -59.70 -144.00 -155.85
CA CYS A 966 -59.70 -140.19 -155.92
CA ILE A 967 -57.34 -137.14 -156.27
CA LYS A 968 -57.67 -133.28 -154.93
CA THR A 969 -54.65 -130.59 -154.83
CA ASP A 970 -55.01 -126.78 -155.15
CA CYS A 971 -52.47 -124.75 -153.28
CA LEU A 972 -49.87 -122.07 -153.80
CA SER A 973 -47.26 -120.61 -151.54
CA LEU A 974 -49.01 -119.24 -148.50
CA PRO A 975 -49.07 -115.58 -147.84
CA SER A 976 -47.04 -114.38 -144.94
CA PHE A 977 -49.22 -113.25 -142.17
CA GLU A 978 -48.97 -110.17 -140.04
CA ASN A 979 -45.91 -110.44 -137.83
CA ALA A 980 -45.16 -113.94 -138.89
CA ILE A 981 -43.15 -116.00 -141.34
CA PRO A 982 -44.36 -118.96 -143.32
CA MET A 983 -42.38 -122.13 -143.14
CA GLY A 984 -42.48 -125.21 -145.28
CA GLU A 985 -40.52 -128.37 -144.80
CA LYS A 986 -40.52 -129.02 -148.47
CA LYS A 987 -41.47 -126.79 -151.31
CA ASP A 988 -43.89 -123.98 -150.98
CA VAL A 989 -46.35 -125.73 -153.16
CA TYR A 990 -48.21 -128.13 -150.97
CA LYS A 991 -50.13 -129.89 -153.66
CA ALA A 992 -53.49 -130.65 -152.14
CA GLY A 993 -54.98 -131.14 -148.75
CA GLU A 994 -51.83 -130.82 -146.72
CA GLN A 995 -50.99 -129.22 -143.42
CA VAL A 996 -49.02 -126.06 -143.56
CA THR A 997 -47.51 -124.70 -140.42
CA TYR A 998 -46.70 -121.03 -140.03
CA THR A 999 -44.06 -119.48 -137.88
CA CYS A 1000 -43.82 -116.38 -135.72
CA ALA A 1001 -41.08 -114.06 -134.59
CA THR A 1002 -39.13 -114.59 -131.38
CA TYR A 1003 -41.67 -113.09 -129.05
CA TYR A 1004 -44.95 -114.20 -130.63
CA LYS A 1005 -47.26 -117.20 -130.46
CA MET A 1006 -49.41 -118.86 -133.11
CA ASP A 1007 -53.12 -119.19 -132.54
CA GLY A 1008 -54.40 -122.05 -134.60
CA ALA A 1009 -55.48 -125.66 -134.70
CA SER A 1010 -52.08 -127.13 -135.35
CA ASN A 1011 -51.59 -126.48 -139.02
CA VAL A 1012 -53.51 -124.78 -141.76
CA THR A 1013 -55.43 -127.04 -144.04
CA CYS A 1014 -55.75 -126.02 -147.63
CA ILE A 1015 -58.19 -127.94 -149.71
CA ASN A 1016 -58.77 -126.70 -153.19
CA SER A 1017 -57.50 -123.15 -152.62
CA ARG A 1018 -59.07 -122.52 -149.26
CA TRP A 1019 -57.05 -122.06 -146.11
CA THR A 1020 -59.15 -123.10 -143.19
CA GLY A 1021 -57.48 -121.90 -140.04
CA ARG A 1022 -55.27 -118.88 -140.11
CA PRO A 1023 -52.58 -118.74 -137.56
CA THR A 1024 -52.18 -115.39 -135.91
CA CYS A 1025 -49.16 -114.20 -134.09
CA ARG A 1026 -47.30 -111.06 -133.87
CA ASP A 1027 -48.11 -107.38 -134.29
CA THR A 1028 -45.20 -105.12 -135.60
CA SER A 1029 -43.89 -101.93 -134.00
CA CYS A 1030 -41.18 -100.21 -136.37
CA VAL A 1031 -40.56 -97.53 -138.95
CA ASN A 1032 -37.85 -96.80 -141.45
CA PRO A 1033 -34.76 -96.10 -139.53
CA PRO A 1034 -33.14 -92.76 -139.35
CA THR A 1035 -29.76 -91.96 -140.78
CA VAL A 1036 -26.70 -92.51 -138.65
CA GLN A 1037 -23.75 -90.13 -138.26
CA ASN A 1038 -21.53 -91.06 -141.14
CA ALA A 1039 -23.67 -93.83 -142.55
CA TYR A 1040 -26.69 -94.95 -144.51
CA ILE A 1041 -29.38 -97.47 -143.75
CA VAL A 1042 -29.67 -100.59 -145.84
CA SER A 1043 -32.72 -102.75 -145.88
CA ARG A 1044 -34.32 -105.85 -147.24
CA GLN A 1045 -37.36 -105.95 -149.38
CA MET A 1046 -39.27 -104.10 -146.74
CA SER A 1047 -38.33 -100.60 -145.75
CA LYS A 1048 -40.45 -100.79 -142.68
CA TYR A 1049 -39.48 -103.64 -140.51
CA PRO A 1050 -42.26 -105.19 -138.51
CA SER A 1051 -41.62 -105.10 -134.79
CA GLY A 1052 -38.99 -107.39 -133.29
CA GLU A 1053 -36.63 -107.52 -136.23
CA ARG A 1054 -32.96 -107.12 -137.04
CA VAL A 1055 -32.00 -104.00 -138.88
CA ARG A 1056 -28.58 -103.64 -140.36
CA TYR A 1057 -27.00 -100.28 -141.08
CA GLN A 1058 -24.23 -99.43 -143.48
CA CYS A 1059 -21.39 -96.96 -143.66
CA ARG A 1060 -19.36 -95.27 -146.34
CA SER A 1061 -16.47 -97.14 -147.88
CA PRO A 1062 -14.04 -95.59 -145.44
CA TYR A 1063 -15.80 -96.62 -142.24
CA GLU A 1064 -16.72 -99.60 -140.11
CA MET A 1065 -19.89 -100.28 -138.16
CA PHE A 1066 -19.69 -101.14 -134.54
CA GLY A 1067 -22.67 -102.98 -133.22
CA ASP A 1068 -23.86 -106.28 -131.87
CA GLU A 1069 -25.01 -107.71 -135.16
CA GLU A 1070 -28.00 -105.60 -136.03
CA VAL A 1071 -30.29 -103.17 -134.34
CA MET A 1072 -33.27 -104.62 -132.57
CA CYS A 1073 -36.41 -102.61 -132.46
CA LEU A 1074 -38.96 -103.83 -129.96
CA ASN A 1075 -42.15 -101.82 -130.23
CA GLY A 1076 -40.50 -98.54 -131.10
CA ASN A 1077 -37.19 -98.86 -129.30
CA TRP A 1078 -33.95 -99.23 -131.20
CA THR A 1079 -31.50 -100.76 -128.83
CA GLU A 1080 -28.11 -100.92 -130.48
CA PRO A 1081 -26.87 -98.10 -132.55
CA PRO A 1082 -24.32 -98.90 -135.14
CA GLN A 1083 -21.66 -96.27 -135.24
CA CYS A 1084 -19.38 -95.65 -138.13
CA LYS A 1085 -16.35 -94.67 -135.78
CA ASP A 1086 -12.99 -95.17 -134.04
CA SER A 1087 -11.29 -94.34 -130.66
CA THR A 1088 -8.01 -95.75 -128.92
CA GLY A 1089 -7.52 -92.73 -126.35
CA LYS A 1090 -4.44 -93.25 -124.12
CA CYS A 1091 -1.81 -90.47 -123.90
CA GLY A 1092 2.02 -90.56 -123.72
CA PRO A 1093 4.15 -88.55 -121.33
CA PRO A 1094 3.02 -84.97 -120.70
CA PRO A 1095 4.76 -82.11 -122.52
CA PRO A 1096 7.48 -79.98 -120.93
CA ILE A 1097 6.70 -76.25 -120.64
CA ASP A 1098 9.18 -73.43 -120.28
CA ASN A 1099 9.89 -72.39 -116.70
CA GLY A 1100 7.45 -74.92 -115.22
CA ASP A 1101 7.31 -78.56 -114.24
CA ILE A 1102 4.68 -81.26 -113.65
CA THR A 1103 4.09 -82.09 -110.03
CA SER A 1104 4.16 -85.92 -110.39
CA PHE A 1105 6.58 -88.45 -111.84
CA PRO A 1106 5.96 -88.90 -115.58
CA LEU A 1107 4.55 -92.20 -116.79
CA SER A 1108 4.96 -93.87 -120.17
CA VAL A 1109 1.21 -94.10 -120.75
CA TYR A 1110 -1.91 -92.53 -119.31
CA ALA A 1111 -5.51 -93.69 -119.46
CA PRO A 1112 -8.15 -91.43 -120.86
CA ALA A 1113 -9.48 -89.02 -118.20
CA SER A 1114 -6.09 -89.02 -116.36
CA SER A 1115 -4.76 -85.64 -115.37
CA VAL A 1116 -1.47 -84.06 -114.29
CA GLU A 1117 -0.69 -80.58 -112.95
CA TYR A 1118 2.02 -78.02 -113.54
CA GLN A 1119 3.72 -75.55 -111.25
CA CYS A 1120 5.71 -72.56 -112.49
CA GLN A 1121 9.19 -71.80 -111.12
CA ASN A 1122 9.27 -69.41 -108.24
CA LEU A 1123 9.05 -65.88 -109.72
CA TYR A 1124 6.94 -67.04 -112.71
CA GLN A 1125 3.19 -66.65 -112.61
CA LEU A 1126 1.06 -69.55 -113.91
CA GLU A 1127 -1.51 -68.27 -116.40
CA GLY A 1128 -4.67 -70.33 -116.83
CA ASN A 1129 -5.57 -73.78 -115.61
CA LYS A 1130 -2.66 -75.72 -114.03
CA ARG A 1131 -4.26 -79.10 -114.92
CA ILE A 1132 -4.02 -80.99 -118.17
CA THR A 1133 -6.27 -83.94 -118.95
CA CYS A 1134 -5.84 -86.86 -121.34
CA ARG A 1135 -8.76 -87.31 -123.77
CA ASN A 1136 -9.03 -89.00 -127.13
CA GLY A 1137 -5.30 -89.63 -127.29
CA GLN A 1138 -4.22 -86.01 -126.62
CA TRP A 1139 -3.39 -83.86 -123.60
CA SER A 1140 -5.31 -80.62 -123.16
CA GLU A 1141 -3.45 -77.32 -123.41
CA PRO A 1142 -0.89 -76.66 -120.68
CA PRO A 1143 -0.77 -73.30 -118.80
CA LYS A 1144 1.90 -70.62 -119.56
CA CYS A 1145 4.49 -69.43 -117.03
CA LEU A 1146 5.90 -65.75 -116.29
CA HIS A 1147 9.65 -64.90 -115.18
CA PRO A 1148 10.72 -63.38 -111.64
CA CYS A 1149 12.81 -60.37 -113.08
CA VAL A 1150 16.08 -58.68 -112.04
CA ILE A 1151 16.44 -54.88 -112.30
CA SER A 1152 19.02 -53.78 -114.90
CA ARG A 1153 21.33 -50.92 -113.93
CA GLU A 1154 22.37 -50.34 -117.56
CA ILE A 1155 18.77 -50.20 -118.91
CA MET A 1156 17.69 -47.85 -116.10
CA GLU A 1157 20.72 -45.58 -116.71
CA ASN A 1158 19.98 -45.62 -120.51
CA TYR A 1159 16.25 -44.85 -120.01
CA ASN A 1160 16.85 -42.11 -117.33
CA ILE A 1161 14.77 -43.86 -114.64
CA ALA A 1162 15.27 -45.02 -111.04
CA LEU A 1163 13.22 -47.08 -108.63
CA ARG A 1164 10.55 -44.96 -106.96
CA TRP A 1165 10.80 -46.48 -103.48
CA THR A 1166 14.41 -46.46 -102.24
CA ALA A 1167 13.36 -48.19 -98.98
CA LYS A 1168 11.39 -50.86 -100.88
CA GLN A 1169 13.72 -52.06 -103.64
CA LYS A 1170 12.31 -55.04 -105.56
CA LEU A 1171 15.72 -55.93 -107.02
CA TYR A 1172 14.14 -59.29 -107.92
CA SER A 1173 10.45 -59.33 -108.68
CA ARG A 1174 8.17 -62.38 -108.94
CA THR A 1175 6.14 -63.03 -112.06
CA GLY A 1176 2.96 -60.98 -111.55
CA GLU A 1177 4.56 -58.44 -109.21
CA SER A 1178 4.89 -54.81 -110.28
CA VAL A 1179 7.88 -52.52 -110.03
CA GLU A 1180 7.45 -48.78 -109.94
CA PHE A 1181 9.94 -46.41 -111.49
CA VAL A 1182 10.31 -42.64 -111.60
CA CYS A 1183 11.97 -40.36 -114.10
CA LYS A 1184 15.35 -39.08 -112.98
CA ARG A 1185 15.68 -35.37 -112.08
CA GLY A 1186 15.32 -33.28 -115.23
CA TYR A 1187 13.47 -35.86 -117.32
CA ARG A 1188 9.89 -36.64 -118.32
CA LEU A 1189 8.02 -39.72 -119.52
CA SER A 1190 8.57 -40.05 -123.28
CA SER A 1191 5.62 -40.32 -125.69
CA ARG A 1192 4.67 -43.96 -126.39
CA SER A 1193 6.52 -44.96 -123.14
CA HIS A 1194 5.24 -47.82 -121.04
CA THR A 1195 3.69 -46.75 -117.75
CA LEU A 1196 6.11 -46.07 -114.87
CA ARG A 1197 4.47 -48.99 -113.03
CA THR A 1198 5.27 -52.20 -114.86
CA THR A 1199 4.72 -55.94 -114.30
CA CYS A 1200 7.21 -58.75 -114.27
CA TRP A 1201 6.37 -61.64 -116.56
CA ASP A 1202 8.60 -64.72 -116.60
CA GLY A 1203 11.88 -62.77 -116.51
CA LYS A 1204 10.78 -59.81 -118.65
CA LEU A 1205 10.08 -56.28 -117.45
CA GLU A 1206 9.00 -53.71 -120.07
CA TYR A 1207 10.74 -50.58 -118.83
CA PRO A 1208 9.44 -47.03 -119.23
CA THR A 1209 11.60 -44.46 -121.00
CA CYS A 1210 12.12 -40.81 -119.96
CA ALA A 1211 13.45 -37.99 -122.10
CA LYS A 1212 15.23 -34.77 -120.95
CA ARG A 1213 15.02 -33.06 -124.08
CA GLU A 1 -1.54 36.10 82.46
CA ASP A 2 -5.33 34.70 82.72
CA CYS A 3 -6.58 33.58 79.26
CA ASN A 4 -10.09 32.23 78.98
CA GLU A 5 -11.05 29.41 76.75
CA LEU A 6 -9.89 30.28 73.27
CA PRO A 7 -12.10 31.98 70.79
CA PRO A 8 -14.31 30.01 68.52
CA ARG A 9 -14.47 30.41 64.75
CA ARG A 10 -17.33 29.38 62.50
CA ASN A 11 -17.47 25.64 61.85
CA THR A 12 -13.98 25.35 63.21
CA GLU A 13 -12.65 24.66 66.66
CA ILE A 14 -9.45 24.79 68.71
CA LEU A 15 -7.50 21.56 68.82
CA THR A 16 -6.15 21.56 72.32
CA GLY A 17 -7.92 18.59 73.76
CA SER A 18 -11.35 20.07 74.09
CA TRP A 19 -12.47 20.83 77.58
CA SER A 20 -9.68 20.36 80.04
CA ASP A 21 -8.41 23.33 81.94
CA GLN A 22 -10.65 26.41 81.96
CA THR A 23 -7.91 28.96 81.77
CA TYR A 24 -4.48 29.08 80.23
CA PRO A 25 -1.39 31.02 81.03
CA GLU A 26 0.15 33.86 79.07
CA GLY A 27 2.53 32.81 76.35
CA THR A 28 0.38 29.83 75.52
CA GLN A 29 0.18 29.04 71.85
CA ALA A 30 -2.67 26.95 70.55
CA ILE A 31 -3.40 25.66 67.10
CA TYR A 32 -6.73 25.66 65.28
CA LYS A 33 -8.27 23.15 62.92
CA CYS A 34 -11.29 22.98 60.65
CA ARG A 35 -13.69 20.10 60.24
CA PRO A 36 -12.69 17.62 57.63
CA GLY A 37 -13.50 19.08 54.27
CA TYR A 38 -12.55 22.61 55.18
CA ARG A 39 -9.26 24.31 54.56
CA SER A 40 -7.68 26.53 57.14
CA LEU A 41 -6.52 29.71 55.55
CA GLY A 42 -4.98 32.09 57.98
CA ASN A 43 -3.28 31.96 61.33
CA VAL A 44 -3.46 28.29 62.10
CA ILE A 45 -2.14 29.22 65.49
CA MET A 46 -3.33 31.79 68.02
CA VAL A 47 -1.26 32.92 70.95
CA CYS A 48 -2.41 34.47 74.13
CA ARG A 49 -1.09 37.66 75.56
CA LYS A 50 -2.22 39.71 78.51
CA GLY A 51 -4.88 37.18 79.32
CA GLU A 52 -6.38 37.67 75.93
CA TRP A 53 -5.96 35.82 72.71
CA VAL A 54 -3.70 38.04 70.76
CA ALA A 55 -5.00 40.63 68.39
CA LEU A 56 -1.92 39.46 66.61
CA ASN A 57 -2.56 36.03 65.28
CA PRO A 58 -6.14 37.06 65.01
CA LEU A 59 -8.21 33.94 65.00
CA ARG A 60 -8.39 32.75 61.43
CA LYS A 61 -11.47 31.29 59.84
CA CYS A 62 -12.05 28.26 57.73
CA GLN A 63 -14.67 25.96 56.92
CA LYS A 64 -18.21 25.64 58.59
CA ARG A 65 -21.06 26.85 60.80
CA PRO A 66 -24.06 24.50 61.48
CA CYS A 67 -27.83 25.22 62.33
CA GLY A 68 -28.80 22.96 59.53
CA HIS A 69 -31.97 23.90 57.91
CA PRO A 70 -35.12 24.89 59.76
CA GLY A 71 -37.47 23.38 57.35
CA ASP A 72 -39.36 24.46 54.36
CA THR A 73 -42.96 24.92 53.95
CA PRO A 74 -44.96 23.57 50.94
CA PHE A 75 -47.54 26.13 51.86
CA GLY A 76 -45.26 28.99 51.32
CA THR A 77 -41.70 30.00 51.35
CA PHE A 78 -39.13 31.03 53.88
CA THR A 79 -36.39 33.53 53.75
CA LEU A 80 -33.20 33.88 55.71
CA THR A 81 -32.52 37.17 57.34
CA GLY A 82 -29.26 38.15 58.89
CA GLY A 83 -26.94 35.78 57.15
CA ASN A 84 -29.05 34.50 54.19
CA VAL A 85 -28.00 30.95 55.17
CA PHE A 86 -28.41 28.55 58.06
CA GLU A 87 -25.61 30.06 60.09
CA TYR A 88 -25.68 31.13 63.71
CA GLY A 89 -27.73 34.19 64.40
CA VAL A 90 -29.78 33.92 61.22
CA LYS A 91 -33.52 34.21 61.33
CA ALA A 92 -35.49 31.96 59.08
CA VAL A 93 -38.51 34.05 58.45
CA TYR A 94 -41.30 32.19 56.87
CA THR A 95 -43.65 33.84 54.46
CA CYS A 96 -46.71 32.29 52.93
CA ASN A 97 -47.50 32.19 49.23
CA GLU A 98 -50.31 33.53 47.19
CA GLY A 99 -53.10 31.59 48.62
CA TYR A 100 -51.78 31.01 52.08
CA GLN A 101 -51.58 33.03 55.21
CA LEU A 102 -49.70 32.74 58.37
CA LEU A 103 -51.36 31.33 61.36
CA GLY A 104 -50.08 32.47 64.67
CA GLU A 105 -47.71 35.26 65.60
CA ILE A 106 -44.51 33.32 65.13
CA ASN A 107 -43.27 33.60 61.55
CA TYR A 108 -39.61 33.04 62.02
CA ARG A 109 -37.05 30.75 63.57
CA GLU A 110 -33.90 32.21 64.93
CA CYS A 111 -30.73 30.27 65.12
CA ASP A 112 -29.14 30.66 68.46
CA THR A 113 -26.21 28.68 69.80
CA ASP A 114 -28.65 25.96 70.79
CA GLY A 115 -29.85 25.79 67.24
CA TRP A 116 -33.08 27.07 65.77
CA THR A 117 -35.10 28.59 68.63
CA ASN A 118 -38.68 28.34 67.39
CA ASP A 119 -40.26 25.74 65.19
CA ILE A 120 -41.80 25.92 61.73
CA PRO A 121 -44.69 28.37 62.06
CA ILE A 122 -48.15 27.55 60.93
CA CYS A 123 -49.12 28.63 57.52
CA GLU A 124 -48.91 26.38 54.63
CA VAL A 125 -47.57 22.77 55.21
CA VAL A 126 -45.00 20.50 53.13
CA LYS A 127 -42.39 18.29 55.32
CA CYS A 128 -41.31 15.01 53.26
CA LEU A 129 -38.45 12.65 53.89
CA PRO A 130 -35.03 13.58 52.58
CA VAL A 131 -34.72 11.74 49.30
CA THR A 132 -31.29 10.22 48.72
CA ALA A 133 -30.85 10.43 44.93
CA PRO A 134 -31.60 8.30 41.86
CA GLU A 135 -29.08 5.62 40.89
CA ASN A 136 -27.15 7.50 38.22
CA GLY A 137 -28.30 10.94 39.14
CA LYS A 138 -28.28 13.49 41.89
CA ILE A 139 -30.47 16.08 43.49
CA VAL A 140 -30.75 19.58 42.08
CA SER A 141 -32.66 20.98 45.07
CA SER A 142 -29.81 20.21 47.45
CA ALA A 143 -29.53 23.79 48.65
CA MET A 144 -32.11 26.52 49.48
CA GLU A 145 -31.49 26.89 53.17
CA PRO A 146 -28.61 25.87 55.48
CA ASP A 147 -31.32 24.07 57.43
CA ARG A 148 -33.07 22.55 54.45
CA GLU A 149 -35.90 20.37 55.54
CA TYR A 150 -38.12 19.36 52.74
CA HIS A 151 -41.28 21.26 53.56
CA PHE A 152 -44.55 21.27 51.62
CA GLY A 153 -44.25 23.18 48.37
CA GLN A 154 -40.64 22.28 47.82
CA ALA A 155 -39.75 20.79 44.54
CA VAL A 156 -36.94 18.38 44.56
CA ARG A 157 -35.58 18.35 41.16
CA PHE A 158 -33.05 15.79 40.00
CA VAL A 159 -30.38 15.62 37.40
CA CYS A 160 -28.78 12.69 35.74
CA ASN A 161 -25.04 12.32 35.46
CA SER A 162 -23.02 12.34 32.29
CA GLY A 163 -24.68 10.11 29.77
CA TYR A 164 -27.82 9.37 31.69
CA LYS A 165 -31.28 10.41 30.90
CA ILE A 166 -34.11 10.70 33.31
CA GLU A 167 -36.73 8.01 33.15
CA GLY A 168 -39.48 9.75 35.01
CA ASP A 169 -39.93 13.45 35.52
CA GLU A 170 -37.20 15.66 36.93
CA GLU A 171 -39.22 17.32 39.67
CA MET A 172 -40.93 16.01 42.75
CA HIS A 173 -43.00 18.13 45.08
CA CYS A 174 -43.74 17.66 48.73
CA SER A 175 -47.47 17.42 49.25
CA ASP A 176 -49.60 17.71 52.47
CA ASP A 177 -49.64 13.91 52.67
CA GLY A 178 -46.04 14.07 53.86
CA PHE A 179 -45.25 12.09 50.85
CA TRP A 180 -43.51 12.93 47.67
CA SER A 181 -45.77 13.89 44.79
CA LYS A 182 -43.54 12.51 42.07
CA GLU A 183 -41.97 9.13 42.17
CA LYS A 184 -38.20 8.90 42.38
CA PRO A 185 -37.18 8.99 38.76
CA LYS A 186 -34.39 6.93 37.36
CA CYS A 187 -31.37 7.90 35.43
CA VAL A 188 -30.66 5.07 32.77
CA GLU A 189 -29.79 5.16 28.79
CA ILE A 190 -29.63 2.48 25.98
CA SER A 191 -26.02 1.83 24.87
CA CYS A 192 -23.74 1.70 21.81
CA LYS A 193 -22.68 4.17 19.18
CA SER A 194 -23.86 4.36 15.65
CA PRO A 195 -24.02 0.87 14.42
CA ASP A 196 -21.50 0.18 11.73
CA VAL A 197 -22.25 -0.75 8.18
CA ILE A 198 -23.18 -4.31 7.42
CA ASN A 199 -21.93 -6.51 4.66
CA GLY A 200 -23.42 -5.43 1.38
CA SER A 201 -26.30 -4.07 3.32
CA PRO A 202 -27.93 -0.89 4.36
CA ILE A 203 -29.69 0.23 7.52
CA SER A 204 -33.28 1.16 6.98
CA GLN A 205 -33.71 3.02 10.20
CA LYS A 206 -31.16 5.37 11.58
CA ILE A 207 -31.99 6.48 15.08
CA ILE A 208 -30.15 7.34 18.27
CA TYR A 209 -28.86 4.23 19.91
CA LYS A 210 -28.46 3.41 23.53
CA GLU A 211 -28.57 0.02 25.13
CA ASN A 212 -31.17 -2.65 24.48
CA GLU A 213 -32.02 -1.84 20.91
CA ARG A 214 -32.40 -3.81 17.70
CA PHE A 215 -31.51 -2.68 14.25
CA GLN A 216 -32.49 -3.67 10.79
CA TYR A 217 -29.53 -4.96 8.87
CA LYS A 218 -31.05 -5.45 5.47
CA CYS A 219 -29.21 -6.53 2.35
CA ASN A 220 -29.52 -4.80 -0.96
CA MET A 221 -30.20 -6.01 -4.47
CA GLY A 222 -27.62 -8.25 -6.03
CA TYR A 223 -26.94 -10.10 -2.82
CA GLU A 224 -28.52 -13.30 -1.64
CA TYR A 225 -29.97 -12.92 1.81
CA SER A 226 -29.48 -15.78 4.20
CA GLU A 227 -30.37 -15.66 7.87
CA ARG A 228 -32.28 -12.93 9.61
CA GLY A 229 -31.42 -9.37 8.88
CA ASP A 230 -31.28 -7.55 12.13
CA ALA A 231 -28.62 -6.96 14.72
CA VAL A 232 -28.79 -6.06 18.38
CA CYS A 233 -26.74 -3.76 20.61
CA THR A 234 -24.44 -5.39 23.09
CA GLU A 235 -23.49 -2.10 24.71
CA SER A 236 -20.49 -1.76 22.45
CA GLY A 237 -20.33 -4.30 19.73
CA TRP A 238 -23.33 -5.45 17.78
CA ARG A 239 -24.96 -8.84 17.61
CA PRO A 240 -25.19 -11.03 14.52
CA LEU A 241 -24.62 -9.76 11.06
CA PRO A 242 -26.42 -11.39 8.23
CA SER A 243 -25.00 -13.52 5.49
CA CYS A 244 -25.26 -11.33 2.50
CA GLU A 245 -24.60 -14.36 1.49
CA GLU A 246 -21.61 -16.75 0.75
CA LYS A 247 -20.67 -19.65 1.16
CA SER A 248 -18.84 -23.05 2.01
CA CYS A 249 -15.39 -24.63 2.45
CA ASP A 250 -13.24 -26.66 0.25
CA ASN A 251 -13.06 -30.35 0.87
CA PRO A 252 -9.58 -31.01 2.18
CA TYR A 253 -7.63 -33.92 0.98
CA ILE A 254 -5.67 -35.71 3.43
CA PRO A 255 -4.10 -38.78 2.01
CA ASN A 256 -3.19 -40.45 4.98
CA GLY A 257 -4.13 -38.14 7.87
CA ASP A 258 -7.13 -38.00 10.15
CA TYR A 259 -9.04 -34.88 11.22
CA SER A 260 -11.93 -33.90 13.49
CA PRO A 261 -14.75 -33.25 13.52
CA LEU A 262 -15.81 -35.27 10.50
CA ARG A 263 -18.56 -33.96 8.34
CA ILE A 264 -19.84 -34.21 4.92
CA LYS A 265 -20.56 -30.81 3.89
CA HIS A 266 -18.51 -27.99 5.29
CA ARG A 267 -19.53 -24.42 5.96
CA THR A 268 -17.48 -21.24 6.23
CA GLY A 269 -15.32 -20.84 9.36
CA ASP A 270 -14.62 -24.41 10.48
CA GLU A 271 -11.21 -25.22 11.91
CA ILE A 272 -10.29 -28.91 12.30
CA THR A 273 -7.36 -30.62 13.93
CA TYR A 274 -5.52 -33.00 11.62
CA GLN A 275 -3.00 -35.54 12.81
CA CYS A 276 -0.89 -38.03 10.89
CA ARG A 277 -0.60 -40.77 13.29
CA ASN A 278 -0.58 -43.79 11.39
CA GLY A 279 0.84 -42.40 8.22
CA PHE A 280 3.80 -40.07 8.47
CA TYR A 281 4.61 -37.04 10.59
CA PRO A 282 2.47 -33.84 10.17
CA ALA A 283 3.64 -31.21 7.68
CA THR A 284 3.21 -28.03 9.64
CA ARG A 285 4.30 -27.05 13.09
CA GLY A 286 0.73 -27.06 14.27
CA ASN A 287 -1.90 -29.65 13.52
CA THR A 288 -4.89 -27.83 12.00
CA ALA A 289 -6.62 -26.20 9.06
CA LYS A 290 -9.48 -23.69 9.02
CA CYS A 291 -12.34 -23.84 6.62
CA THR A 292 -12.79 -20.62 4.71
CA SER A 293 -14.81 -20.60 1.46
CA THR A 294 -12.42 -22.11 -1.10
CA GLY A 295 -9.99 -24.18 0.91
CA TRP A 296 -8.36 -24.75 4.29
CA ILE A 297 -5.63 -23.00 6.38
CA PRO A 298 -3.07 -23.40 7.63
CA ALA A 299 -2.65 -26.93 6.39
CA PRO A 300 -3.60 -30.58 6.75
CA ARG A 301 -0.75 -32.56 5.26
CA CYS A 302 0.84 -35.77 6.36
CA THR A 303 4.34 -37.16 5.87
CA LEU A 304 7.48 -37.15 3.58
CA LYS A 305 9.57 -40.24 4.99
CA PRO A 306 13.44 -39.86 3.80
CA CYS A 307 15.76 -42.83 4.23
CA ASP A 308 16.30 -46.59 5.04
CA TYR A 309 16.15 -48.36 8.45
CA PRO A 310 18.66 -46.73 10.76
CA ASP A 311 21.25 -49.30 11.73
CA ILE A 312 21.96 -47.71 15.11
CA LYS A 313 25.34 -48.77 16.49
CA HIS A 314 25.25 -49.17 20.29
CA GLY A 315 21.53 -48.34 20.33
CA GLY A 316 18.16 -49.06 18.77
CA LEU A 317 14.76 -47.73 17.77
CA TYR A 318 11.83 -47.85 20.18
CA HIS A 319 8.69 -49.64 18.95
CA GLU A 320 10.88 -51.64 16.57
CA ASN A 321 8.04 -54.01 15.61
CA MET A 322 5.64 -51.16 14.69
CA ARG A 323 8.03 -49.03 12.62
CA ARG A 324 9.40 -51.91 10.64
CA PRO A 325 8.46 -52.08 7.72
CA TYR A 326 7.24 -48.44 6.92
CA PHE A 327 10.88 -48.14 5.59
CA PRO A 328 12.12 -46.66 3.32
CA VAL A 329 10.94 -43.63 5.31
CA ALA A 330 10.15 -40.21 3.83
CA VAL A 331 12.25 -37.14 4.67
CA GLY A 332 11.08 -35.23 7.75
CA LYS A 333 10.04 -38.42 9.54
CA TYR A 334 11.85 -38.86 12.84
CA TYR A 335 11.91 -41.70 15.36
CA SER A 336 12.64 -42.02 19.06
CA TYR A 337 15.64 -44.22 19.78
CA TYR A 338 17.64 -45.35 22.81
CA CYS A 339 21.34 -45.98 23.51
CA ASP A 340 22.73 -49.10 25.20
CA GLU A 341 24.41 -49.15 28.62
CA HIS A 342 27.74 -47.26 28.59
CA PHE A 343 26.48 -45.08 25.72
CA GLU A 344 24.63 -41.77 25.45
CA THR A 345 22.81 -39.58 22.91
CA PRO A 346 24.31 -36.26 21.69
CA SER A 347 21.90 -34.50 24.12
CA GLY A 348 23.48 -36.45 27.00
CA SER A 349 20.49 -38.72 27.73
CA TYR A 350 19.76 -42.43 27.15
CA TRP A 351 17.15 -41.58 24.48
CA ASP A 352 16.52 -39.04 21.72
CA HIS A 353 15.12 -38.61 18.19
CA ILE A 354 16.84 -39.53 14.90
CA HIS A 355 15.75 -37.55 11.84
CA CYS A 356 15.65 -38.54 8.19
CA THR A 357 17.53 -35.71 6.46
CA GLN A 358 18.09 -35.20 2.72
CA ASP A 359 21.69 -36.26 3.46
CA GLY A 360 20.70 -39.31 5.55
CA TRP A 361 19.98 -39.91 9.23
CA SER A 362 20.62 -37.11 11.76
CA PRO A 363 22.44 -37.27 14.13
CA ALA A 364 25.03 -39.26 12.13
CA VAL A 365 26.36 -40.77 15.39
CA PRO A 366 23.24 -41.25 17.55
CA CYS A 367 24.98 -43.10 20.35
CA LEU A 368 27.19 -45.88 21.00
CA ARG A 369 28.98 -48.65 19.18
CA LYS A 370 28.44 -51.70 16.78
CA CYS A 371 29.15 -55.20 15.53
CA TYR A 372 28.36 -55.10 11.80
CA PHE A 373 25.90 -57.71 10.55
CA PRO A 374 27.32 -59.46 7.47
CA TYR A 375 25.64 -60.88 4.40
CA LEU A 376 24.18 -64.42 4.79
CA GLU A 377 24.59 -66.34 1.53
CA ASN A 378 22.67 -69.34 2.92
CA GLY A 379 20.15 -67.40 5.04
CA TYR A 380 17.39 -64.78 4.96
CA ASN A 381 18.82 -61.24 5.03
CA GLN A 382 17.22 -58.36 6.92
CA ASN A 383 20.14 -56.81 8.89
CA HIS A 384 23.04 -56.78 6.39
CA GLY A 385 24.77 -53.46 7.17
CA ARG A 386 23.14 -52.77 10.55
CA LYS A 387 25.28 -51.87 13.54
CA PHE A 388 24.71 -53.27 17.02
CA VAL A 389 26.27 -52.40 20.37
CA GLN A 390 27.91 -55.01 22.61
CA GLY A 391 25.43 -57.12 24.59
CA LYS A 392 22.85 -57.11 21.78
CA SER A 393 21.30 -60.34 20.47
CA ILE A 394 19.93 -60.63 16.93
CA ASP A 395 17.71 -63.34 15.43
CA VAL A 396 19.22 -65.28 12.52
CA ALA A 397 17.04 -67.01 9.95
CA CYS A 398 18.98 -69.58 7.90
CA HIS A 399 17.61 -71.27 4.78
CA PRO A 400 15.93 -74.66 5.23
CA GLY A 401 18.70 -77.24 5.72
CA TYR A 402 21.20 -74.70 7.07
CA ALA A 403 21.78 -73.66 10.67
CA LEU A 404 24.01 -71.55 12.88
CA PRO A 405 26.87 -73.43 14.52
CA LYS A 406 25.55 -75.21 16.42
CA ALA A 407 22.77 -74.47 16.59
CA GLN A 408 21.85 -71.17 18.22
CA THR A 409 19.03 -69.15 16.69
CA THR A 410 20.70 -65.81 17.52
CA VAL A 411 24.14 -64.17 17.41
CA THR A 412 25.24 -61.90 20.29
CA CYS A 413 27.70 -59.01 20.02
CA MET A 414 30.54 -59.60 22.45
CA GLU A 415 33.64 -57.48 23.12
CA ASN A 416 35.48 -59.80 20.70
CA GLY A 417 32.77 -59.71 18.01
CA TRP A 418 29.70 -61.78 17.09
CA SER A 419 29.11 -64.96 19.10
CA PRO A 420 28.83 -67.23 17.29
CA THR A 421 29.93 -66.02 13.84
CA PRO A 422 26.84 -65.06 11.75
CA ARG A 423 26.96 -67.73 9.03
CA CYS A 424 24.64 -70.60 8.09
CA ILE A 425 27.33 -70.95 5.00
CA ARG A 426 30.86 -72.57 4.59
CA VAL A 427 34.54 -71.14 4.02
CA LYS A 428 37.66 -71.91 1.47
CA THR A 429 40.50 -74.53 2.10
CA CYS A 430 44.31 -74.45 0.83
CA SER A 431 46.07 -72.86 -2.11
CA LYS A 432 48.64 -74.63 -4.30
CA SER A 433 50.39 -71.22 -4.58
CA SER A 434 51.22 -71.40 -0.86
CA ILE A 435 52.95 -74.79 -1.26
CA ASP A 436 56.75 -74.89 -1.47
CA ILE A 437 58.88 -77.86 -2.55
CA GLU A 438 62.53 -78.08 -3.62
CA ASN A 439 63.78 -81.08 -5.65
CA GLY A 440 60.25 -82.13 -6.59
CA PHE A 441 57.01 -80.71 -7.94
CA ILE A 442 53.27 -80.81 -7.27
CA SER A 443 52.02 -83.53 -9.63
CA GLU A 444 48.32 -82.74 -9.58
CA SER A 445 47.80 -80.01 -10.60
CA GLN A 446 44.81 -78.00 -9.26
CA TYR A 447 44.96 -74.50 -7.76
CA THR A 448 42.49 -74.94 -4.92
CA TYR A 449 42.19 -77.89 -2.55
CA ALA A 450 39.22 -78.40 -0.24
CA LEU A 451 39.66 -79.27 3.44
CA LYS A 452 40.93 -82.88 3.86
CA GLU A 453 41.82 -83.01 0.14
CA LYS A 454 45.43 -84.03 -0.56
CA ALA A 455 48.06 -82.35 -2.72
CA LYS A 456 50.22 -84.86 -4.61
CA TYR A 457 53.96 -84.27 -5.15
CA GLN A 458 56.75 -86.19 -6.93
CA CYS A 459 60.48 -85.89 -6.19
CA LYS A 460 63.18 -85.33 -8.79
CA LEU A 461 65.16 -88.34 -10.10
CA GLY A 462 67.30 -89.61 -7.24
CA TYR A 463 65.48 -87.70 -4.49
CA VAL A 464 63.18 -89.19 -1.84
CA THR A 465 60.51 -88.07 0.62
CA ALA A 466 60.42 -88.49 4.42
CA ASP A 467 58.99 -92.04 4.25
CA GLY A 468 61.29 -92.46 2.30
CA GLU A 469 59.57 -92.91 -1.04
CA THR A 470 60.01 -91.26 -4.44
CA SER A 471 56.64 -89.49 -4.08
CA GLY A 472 54.16 -88.45 -1.39
CA SER A 473 51.39 -86.02 -0.55
CA ILE A 474 50.26 -83.30 1.90
CA THR A 475 46.83 -82.64 3.41
CA CYS A 476 44.73 -79.49 3.50
CA GLY A 477 43.54 -78.63 7.00
CA LYS A 478 41.73 -75.84 8.86
CA ASP A 479 45.18 -74.39 9.60
CA GLY A 480 46.57 -74.84 6.08
CA TRP A 481 48.79 -77.59 4.68
CA SER A 482 49.72 -80.60 6.83
CA ALA A 483 53.36 -79.72 6.17
CA GLN A 484 55.95 -78.88 3.52
CA PRO A 485 56.89 -81.55 0.96
CA THR A 486 60.43 -82.84 1.58
CA CYS A 487 62.46 -84.24 -1.33
CA ILE A 488 64.27 -82.73 -4.16
CA LYS A 489 61.81 -80.15 -6.03
CA SER A 490 63.47 -79.53 -9.55
CA CYS A 491 61.23 -77.60 -11.96
CA ASP A 492 62.19 -75.92 -15.16
CA ILE A 493 62.68 -72.22 -15.16
CA PRO A 494 59.68 -70.51 -16.52
CA VAL A 495 60.14 -67.84 -19.10
CA PHE A 496 57.63 -65.12 -18.76
CA MET A 497 57.59 -62.93 -21.80
CA ASN A 498 56.04 -60.06 -20.02
CA ALA A 499 54.78 -61.00 -16.66
CA ARG A 500 55.77 -61.09 -13.06
CA THR A 501 55.38 -63.96 -10.69
CA LYS A 502 55.46 -64.28 -6.95
CA ASN A 503 57.89 -66.34 -5.04
CA ASP A 504 60.87 -65.11 -7.00
CA PHE A 505 63.72 -67.57 -6.62
CA THR A 506 66.94 -68.64 -8.15
CA TRP A 507 66.70 -72.38 -7.69
CA PHE A 508 63.48 -74.12 -8.41
CA LYS A 509 62.43 -77.24 -6.61
CA LEU A 510 59.54 -79.65 -7.02
CA ASN A 511 55.94 -78.55 -6.50
CA ASP A 512 56.36 -74.86 -6.17
CA THR A 513 53.30 -73.00 -7.39
CA LEU A 514 53.39 -69.27 -7.79
CA ASP A 515 51.02 -66.66 -9.06
CA TYR A 516 51.86 -64.90 -12.25
CA GLU A 517 50.18 -61.72 -13.26
CA CYS A 518 50.53 -59.71 -16.40
CA HIS A 519 50.46 -56.30 -14.81
CA ASP A 520 51.63 -53.86 -17.38
CA GLY A 521 52.24 -55.77 -20.54
CA TYR A 522 49.39 -53.92 -22.13
CA GLU A 523 49.70 -56.15 -25.12
CA SER A 524 50.01 -59.04 -22.74
CA ASN A 525 46.94 -60.54 -21.17
CA THR A 526 46.78 -63.08 -18.42
CA GLY A 527 46.18 -65.81 -20.94
CA SER A 528 44.67 -68.00 -18.28
CA THR A 529 41.43 -67.87 -16.40
CA THR A 530 43.42 -68.00 -13.22
CA GLY A 531 47.05 -67.12 -13.16
CA SER A 532 49.33 -69.49 -11.44
CA ILE A 533 51.85 -72.04 -12.48
CA VAL A 534 53.02 -74.95 -10.41
CA CYS A 535 56.51 -76.33 -10.49
CA GLY A 536 56.81 -79.94 -11.42
CA TYR A 537 59.74 -81.98 -12.60
CA ASN A 538 59.76 -80.35 -16.00
CA GLY A 539 57.99 -77.08 -16.62
CA TRP A 540 55.06 -75.50 -14.83
CA SER A 541 51.30 -75.72 -15.11
CA ASP A 542 48.76 -74.64 -15.83
CA LEU A 543 50.54 -71.75 -17.40
CA PRO A 544 52.87 -68.90 -16.93
CA ILE A 545 52.25 -67.11 -20.17
CA CYS A 546 50.96 -63.64 -20.90
CA TYR A 547 48.43 -61.65 -22.63
CA GLU A 548 47.88 -57.88 -23.53
CA ARG A 549 46.08 -54.56 -23.01
CA GLU A 550 43.05 -53.60 -25.11
CA CYS A 551 39.43 -51.86 -25.08
CA GLU A 552 35.73 -52.47 -25.41
CA LEU A 553 32.73 -50.38 -26.30
CA PRO A 554 33.50 -46.83 -25.53
CA LYS A 555 30.55 -46.10 -23.29
CA ILE A 556 28.90 -42.71 -22.97
CA ASP A 557 30.69 -39.65 -21.70
CA VAL A 558 29.29 -36.89 -19.55
CA HIS A 559 26.36 -35.26 -21.28
CA LEU A 560 28.16 -36.26 -24.40
CA VAL A 561 27.69 -38.49 -27.38
CA PRO A 562 29.96 -40.24 -29.77
CA ASP A 563 30.01 -38.92 -33.29
CA ARG A 564 31.22 -42.12 -34.72
CA LYS A 565 30.03 -45.29 -33.14
CA LYS A 566 32.02 -48.16 -34.51
CA ASP A 567 31.65 -51.90 -34.01
CA GLN A 568 35.10 -52.84 -32.91
CA TYR A 569 37.64 -51.00 -30.82
CA LYS A 570 40.73 -52.95 -29.87
CA VAL A 571 43.41 -50.36 -29.03
CA GLY A 572 45.07 -47.48 -30.80
CA GLU A 573 41.73 -45.96 -31.48
CA VAL A 574 40.44 -42.48 -30.87
CA LEU A 575 36.88 -41.32 -30.59
CA LYS A 576 34.98 -38.05 -30.77
CA PHE A 577 33.72 -37.27 -27.32
CA SER A 578 31.56 -34.31 -27.99
CA CYS A 579 29.10 -32.55 -25.69
CA LYS A 580 25.39 -32.24 -26.19
CA PRO A 581 23.58 -29.00 -26.74
CA GLY A 582 23.00 -26.93 -23.64
CA PHE A 583 26.23 -27.88 -21.97
CA THR A 584 29.42 -25.86 -21.65
CA ILE A 585 32.36 -27.72 -23.08
CA VAL A 586 35.84 -27.20 -21.77
CA GLY A 587 38.93 -29.06 -22.79
CA PRO A 588 39.34 -31.15 -25.84
CA ASN A 589 36.44 -33.24 -27.07
CA SER A 590 38.16 -36.46 -28.01
CA VAL A 591 39.28 -39.53 -26.15
CA GLN A 592 41.70 -42.40 -26.66
CA CYS A 593 41.41 -46.00 -25.58
CA TYR A 594 43.91 -47.19 -23.04
CA HIS A 595 44.11 -50.93 -23.63
CA PHE A 596 40.89 -51.30 -21.79
CA GLY A 597 37.44 -50.01 -21.36
CA LEU A 598 39.20 -47.20 -19.62
CA SER A 599 39.42 -44.26 -21.98
CA PRO A 600 41.73 -41.38 -21.73
CA ASP A 601 40.90 -37.70 -21.95
CA LEU A 602 37.27 -37.44 -20.90
CA PRO A 603 35.91 -34.01 -21.46
CA ILE A 604 34.32 -31.67 -18.98
CA CYS A 605 30.85 -30.81 -20.14
CA LYS A 606 29.75 -30.06 -16.22
CA GLU A 607 29.60 -33.39 -14.02
CA GLN A 608 29.30 -34.05 -10.12
CA VAL A 609 28.63 -31.79 -6.83
CA GLN A 610 29.06 -33.27 -3.06
CA SER A 611 28.55 -31.79 0.54
CA CYS A 612 29.27 -33.00 4.25
CA GLY A 613 28.55 -35.01 7.34
CA PRO A 614 29.32 -34.08 10.85
CA PRO A 615 32.49 -32.12 10.87
CA PRO A 616 35.60 -33.77 12.09
CA GLU A 617 37.46 -32.68 15.16
CA LEU A 618 40.13 -30.02 14.82
CA LEU A 619 43.67 -29.88 16.08
CA ASN A 620 43.74 -29.25 19.80
CA GLY A 621 40.30 -27.80 19.51
CA ASN A 622 36.59 -28.37 19.57
CA VAL A 623 33.47 -26.94 18.03
CA LYS A 624 31.65 -24.57 20.30
CA GLU A 625 28.44 -24.76 18.44
CA LYS A 626 26.98 -27.94 17.18
CA THR A 627 25.03 -25.52 15.10
CA LYS A 628 23.15 -28.10 13.24
CA GLU A 629 22.56 -31.80 13.38
CA GLU A 630 23.31 -32.32 9.74
CA TYR A 631 25.49 -30.34 7.42
CA GLY A 632 24.63 -30.66 3.78
CA HIS A 633 26.71 -27.87 2.35
CA SER A 634 27.05 -24.12 2.39
CA GLU A 635 27.74 -24.17 6.07
CA VAL A 636 30.56 -23.17 8.33
CA VAL A 637 31.31 -23.98 11.90
CA GLU A 638 33.40 -22.60 14.68
CA TYR A 639 36.72 -24.31 15.04
CA TYR A 640 38.09 -22.96 18.29
CA CYS A 641 41.08 -24.30 20.08
CA ASN A 642 41.38 -25.06 23.76
CA PRO A 643 43.28 -23.35 26.46
CA ARG A 644 47.06 -23.23 26.53
CA PHE A 645 47.15 -23.52 22.79
CA LEU A 646 48.00 -20.41 20.88
CA MET A 647 45.69 -19.74 18.02
CA LYS A 648 46.85 -18.50 14.66
CA GLY A 649 44.49 -17.72 11.83
CA PRO A 650 40.78 -17.66 12.05
CA ASN A 651 38.89 -20.20 14.11
CA LYS A 652 36.31 -21.30 11.56
CA ILE A 653 35.86 -24.06 9.01
CA GLN A 654 33.84 -24.31 5.81
CA CYS A 655 32.12 -27.25 4.14
CA VAL A 656 33.43 -28.27 0.77
CA ASP A 657 31.46 -31.30 -0.28
CA GLY A 658 33.12 -34.15 1.56
CA GLU A 659 35.99 -32.19 3.11
CA TRP A 660 36.15 -29.16 5.33
CA THR A 661 38.27 -26.12 4.67
CA THR A 662 40.33 -23.72 6.71
CA LEU A 663 41.76 -25.75 9.54
CA PRO A 664 43.16 -23.53 12.22
CA VAL A 665 46.70 -23.42 13.43
CA CYS A 666 46.80 -24.03 17.13
CA ILE A 667 47.29 -27.71 18.49
CA VAL A 668 48.53 -31.33 17.62
CA GLU A 669 45.88 -34.28 17.59
CA GLU A 670 45.50 -37.64 19.35
CA SER A 671 44.74 -38.97 22.89
CA THR A 672 46.37 -42.15 24.83
CA CYS A 673 45.67 -45.68 26.62
CA GLY A 674 46.07 -47.63 29.81
CA ASP A 675 47.38 -51.06 30.61
CA ILE A 676 48.10 -53.41 27.76
CA PRO A 677 45.96 -56.50 27.68
CA GLU A 678 47.39 -60.00 27.64
CA LEU A 679 48.27 -61.42 24.27
CA GLU A 680 47.41 -64.70 22.66
CA HIS A 681 49.27 -67.44 24.46
CA GLY A 682 52.02 -65.02 25.24
CA TRP A 683 53.20 -62.52 27.77
CA ALA A 684 54.92 -59.17 27.93
CA GLN A 685 58.53 -58.75 28.92
CA LEU A 686 58.21 -55.16 29.98
CA SER A 687 55.28 -54.43 32.14
CA SER A 688 55.21 -50.79 33.08
CA PRO A 689 52.49 -49.00 34.83
CA PRO A 690 52.24 -45.89 32.74
CA TYR A 691 51.33 -45.83 29.06
CA TYR A 692 49.98 -42.57 27.78
CA TYR A 693 50.68 -42.64 24.07
CA GLY A 694 53.42 -43.27 21.59
CA ASP A 695 54.66 -46.44 23.15
CA SER A 696 55.15 -50.01 22.09
CA VAL A 697 55.21 -53.25 24.01
CA GLU A 698 56.88 -56.62 23.65
CA PHE A 699 54.30 -59.22 22.69
CA ASN A 700 56.26 -62.39 23.04
CA CYS A 701 54.86 -65.88 22.77
CA SER A 702 55.37 -68.67 25.27
CA GLU A 703 57.03 -72.03 24.96
CA SER A 704 55.40 -74.72 22.83
CA PHE A 705 53.67 -72.09 20.77
CA THR A 706 54.95 -71.39 17.30
CA MET A 707 55.31 -67.73 16.58
CA ILE A 708 54.61 -66.11 13.28
CA GLY A 709 54.87 -62.41 12.64
CA HIS A 710 56.56 -59.80 14.77
CA ARG A 711 56.31 -59.95 18.53
CA SER A 712 55.38 -56.38 19.38
CA ILE A 713 52.36 -54.10 19.70
CA THR A 714 51.82 -50.35 19.81
CA CYS A 715 49.39 -48.03 21.55
CA ILE A 716 46.60 -46.69 19.44
CA HIS A 717 44.85 -44.30 21.81
CA GLY A 718 43.62 -47.05 24.07
CA VAL A 719 43.43 -49.85 21.61
CA TRP A 720 46.60 -51.76 21.09
CA THR A 721 47.67 -52.84 17.68
CA GLN A 722 49.55 -55.61 15.95
CA LEU A 723 48.81 -58.75 17.91
CA PRO A 724 51.04 -61.67 17.07
CA GLN A 725 50.04 -65.02 15.77
CA CYS A 726 51.00 -67.65 18.29
CA VAL A 727 50.80 -71.10 17.16
CA ALA A 728 51.91 -74.78 18.04
CA ILE A 729 55.37 -76.23 16.91
CA ASP A 730 55.64 -79.40 14.35
CA LYS A 731 57.32 -82.97 15.13
CA LEU A 732 58.14 -86.25 13.12
CA LYS A 733 55.94 -89.58 13.18
CA LYS A 734 58.07 -93.10 12.79
CA CYS A 735 56.96 -96.08 10.61
CA LYS A 736 53.49 -97.35 9.92
CA SER A 737 51.93 -99.07 6.97
CA SER A 738 53.19 -97.35 3.89
CA ASN A 739 50.92 -94.99 2.05
CA LEU A 740 49.60 -95.72 -1.39
CA ILE A 741 51.61 -94.78 -4.41
CA ILE A 742 50.36 -92.95 -7.43
CA LEU A 743 48.90 -95.19 -10.08
CA GLU A 744 50.11 -98.29 -8.42
CA GLU A 745 50.40 -100.65 -5.50
CA HIS A 746 52.91 -102.33 -3.28
CA LEU A 747 53.89 -105.86 -4.15
CA LYS A 748 54.77 -107.07 -0.75
CA ASN A 749 52.73 -105.72 2.04
CA LYS A 750 54.40 -106.53 5.29
CA LYS A 751 52.61 -106.44 8.59
CA GLU A 752 55.26 -104.70 10.61
CA PHE A 753 57.39 -101.85 9.40
CA ASP A 754 59.20 -100.13 12.22
CA HIS A 755 62.02 -98.52 10.35
CA ASN A 756 65.07 -99.15 8.22
CA SER A 757 62.95 -100.94 5.68
CA ASN A 758 62.21 -100.59 1.99
CA ILE A 759 58.95 -100.84 0.06
CA ARG A 760 58.41 -101.91 -3.47
CA TYR A 761 56.35 -99.30 -5.13
CA ARG A 762 55.39 -100.92 -8.33
CA CYS A 763 53.80 -98.65 -10.86
CA ARG A 764 51.06 -99.00 -13.41
CA GLY A 765 53.79 -98.47 -15.93
CA LYS A 766 57.34 -98.87 -14.81
CA GLU A 767 59.59 -95.85 -14.95
CA GLY A 768 62.20 -94.60 -12.55
CA TRP A 769 63.00 -96.59 -9.46
CA ILE A 770 60.31 -98.84 -8.10
CA HIS A 771 60.72 -98.47 -4.38
CA THR A 772 60.49 -96.25 -1.33
CA VAL A 773 62.27 -96.17 1.99
CA CYS A 774 60.95 -95.44 5.42
CA ILE A 775 61.93 -92.27 7.17
CA ASN A 776 60.30 -92.45 10.57
CA GLY A 777 56.87 -92.61 9.05
CA ARG A 778 57.41 -90.52 6.01
CA TRP A 779 58.42 -92.50 2.98
CA ASP A 780 61.20 -91.68 0.62
CA PRO A 781 61.66 -92.28 -3.11
CA GLU A 782 57.99 -92.16 -4.39
CA VAL A 783 58.01 -93.37 -8.04
CA ASN A 784 56.73 -91.12 -10.76
CA CYS A 785 53.89 -92.78 -12.59
CA SER A 786 52.88 -89.10 -14.10
CA MET A 787 53.63 -88.98 -18.01
CA ALA A 788 50.93 -87.60 -20.30
CA GLN A 789 52.14 -85.54 -23.36
CA ILE A 790 52.91 -81.80 -24.18
CA GLN A 791 53.09 -80.13 -27.75
CA LEU A 792 52.91 -76.56 -29.58
CA CYS A 793 53.78 -74.72 -33.05
CA PRO A 794 57.26 -73.55 -33.69
CA PRO A 795 58.32 -71.17 -36.36
CA PRO A 796 57.54 -72.77 -39.63
CA PRO A 797 60.24 -74.30 -41.62
CA GLN A 798 60.97 -72.81 -44.95
CA ILE A 799 59.20 -74.04 -48.02
CA PRO A 800 61.14 -75.27 -50.93
CA ASN A 801 61.10 -72.04 -52.79
CA SER A 802 59.76 -69.63 -50.28
CA HIS A 803 59.82 -67.73 -47.05
CA ASN A 804 57.21 -67.58 -44.36
CA MET A 805 55.84 -64.33 -43.01
CA THR A 806 53.71 -63.70 -40.00
CA THR A 807 52.61 -61.41 -37.21
CA THR A 808 54.42 -63.56 -34.64
CA LEU A 809 57.06 -66.26 -34.92
CA ASN A 810 55.69 -69.02 -32.68
CA TYR A 811 51.89 -69.12 -33.29
CA ARG A 812 51.35 -71.16 -30.16
CA ASP A 813 48.35 -73.37 -30.86
CA GLY A 814 45.86 -73.70 -33.62
CA GLU A 815 46.51 -70.76 -35.86
CA LYS A 816 46.38 -69.77 -39.50
CA VAL A 817 49.83 -69.35 -40.92
CA SER A 818 50.37 -67.80 -44.29
CA VAL A 819 53.55 -68.30 -46.29
CA LEU A 820 55.02 -66.28 -49.11
CA CYS A 821 57.27 -67.05 -52.04
CA GLN A 822 59.91 -65.25 -54.03
CA GLU A 823 59.22 -63.39 -57.20
CA ASN A 824 58.14 -65.56 -60.09
CA TYR A 825 56.53 -68.13 -57.85
CA LEU A 826 52.97 -68.78 -56.76
CA ILE A 827 51.68 -70.41 -53.61
CA GLN A 828 49.07 -73.10 -53.76
CA GLU A 829 47.26 -73.66 -50.51
CA GLY A 830 43.85 -73.54 -48.98
CA GLU A 831 44.56 -70.12 -47.57
CA GLU A 832 46.83 -70.85 -44.70
CA ILE A 833 48.50 -73.64 -42.87
CA THR A 834 46.74 -74.99 -39.87
CA CYS A 835 48.99 -76.09 -37.05
CA LYS A 836 47.07 -78.10 -34.57
CA ASP A 837 49.10 -79.81 -31.94
CA GLY A 838 52.34 -79.86 -33.92
CA ARG A 839 51.15 -80.76 -37.40
CA TRP A 840 51.20 -78.50 -40.43
CA GLN A 841 48.21 -79.61 -42.35
CA SER A 842 48.55 -77.82 -45.67
CA ILE A 843 51.80 -77.08 -47.36
CA PRO A 844 51.97 -74.06 -49.51
CA LEU A 845 54.01 -74.84 -52.57
CA CYS A 846 55.76 -72.26 -54.61
CA VAL A 847 54.56 -73.37 -58.27
CA GLU A 848 55.32 -72.38 -61.92
CA LYS A 849 53.38 -73.95 -64.76
CA ILE A 850 53.59 -70.61 -66.97
CA PRO A 851 54.49 -71.16 -70.85
CA CYS A 852 53.90 -69.40 -74.32
CA SER A 853 52.14 -70.92 -77.36
CA GLN A 854 53.37 -71.42 -80.97
CA PRO A 855 56.10 -68.75 -81.71
CA PRO A 856 55.14 -65.76 -83.97
CA GLN A 857 55.60 -65.76 -87.77
CA ILE A 858 57.72 -63.36 -89.90
CA GLU A 859 57.05 -63.04 -93.71
CA HIS A 860 59.20 -65.47 -95.80
CA GLY A 861 61.00 -66.94 -92.78
CA THR A 862 59.85 -69.15 -89.90
CA ILE A 863 61.12 -70.48 -86.57
CA ASN A 864 63.80 -73.25 -86.61
CA SER A 865 62.90 -75.32 -83.53
CA SER A 866 61.63 -78.47 -85.36
CA ARG A 867 58.19 -77.24 -86.52
CA SER A 868 55.81 -79.44 -84.43
CA SER A 869 57.26 -80.91 -81.25
CA GLN A 870 55.12 -79.16 -78.63
CA GLU A 871 52.21 -76.70 -78.80
CA SER A 872 53.23 -74.58 -75.82
CA TYR A 873 56.69 -73.67 -74.43
CA ALA A 874 57.74 -72.40 -70.97
CA HIS A 875 58.74 -68.92 -69.80
CA GLY A 876 62.42 -68.16 -70.46
CA THR A 877 62.55 -70.24 -73.67
CA LYS A 878 64.86 -68.77 -76.35
CA LEU A 879 64.22 -70.06 -79.90
CA SER A 880 66.20 -68.92 -82.98
CA TYR A 881 64.88 -67.93 -86.43
CA THR A 882 65.66 -68.86 -90.07
CA CYS A 883 64.92 -67.35 -93.51
CA GLU A 884 64.65 -68.94 -96.99
CA GLY A 885 67.71 -70.03 -99.01
CA GLY A 886 68.94 -66.60 -100.14
CA PHE A 887 67.58 -64.13 -97.53
CA ARG A 888 69.59 -62.24 -94.90
CA ILE A 889 68.17 -61.77 -91.38
CA SER A 890 68.55 -58.62 -89.28
CA GLU A 891 70.93 -58.68 -86.25
CA GLU A 892 70.74 -61.68 -83.82
CA ASN A 893 68.21 -64.23 -85.19
CA GLU A 894 66.51 -65.10 -81.88
CA THR A 895 63.18 -64.65 -80.09
CA THR A 896 62.56 -65.09 -76.35
CA CYS A 897 59.43 -65.65 -74.25
CA TYR A 898 58.27 -63.58 -71.28
CA MET A 899 54.91 -64.23 -69.50
CA GLY A 900 53.49 -66.48 -72.26
CA LYS A 901 54.27 -63.90 -74.99
CA TRP A 902 57.30 -63.75 -77.34
CA SER A 903 59.56 -60.79 -78.21
CA SER A 904 59.62 -58.64 -81.39
CA PRO A 905 61.04 -61.36 -83.74
CA PRO A 906 63.75 -60.44 -86.33
CA GLN A 907 62.75 -60.08 -90.00
CA CYS A 908 64.16 -61.41 -93.29
CA GLU A 909 65.16 -60.08 -96.92
CA GLY A 910 67.04 -62.65 -99.37
CA LEU A 911 70.48 -63.52 -100.88
CA PRO A 912 74.17 -62.08 -101.90
CA CYS A 913 76.38 -63.69 -105.06
CA LYS A 914 78.29 -63.33 -108.32
CA SER A 915 78.43 -65.73 -111.30
CA PRO A 916 77.71 -69.33 -110.10
CA PRO A 917 80.71 -71.75 -110.33
CA GLU A 918 80.80 -74.86 -112.52
CA ILE A 919 79.18 -78.09 -111.29
CA SER A 920 80.18 -81.79 -111.15
CA HIS A 921 80.52 -83.05 -114.76
CA GLY A 922 77.74 -80.61 -115.64
CA VAL A 923 76.95 -77.14 -116.94
CA VAL A 924 74.39 -74.41 -116.59
CA ALA A 925 71.63 -73.74 -119.14
CA HIS A 926 70.58 -70.35 -117.78
CA MET A 927 73.83 -68.38 -117.88
CA SER A 928 72.75 -64.87 -116.86
CA ASP A 929 74.77 -61.74 -116.01
CA SER A 930 72.99 -60.53 -112.84
CA TYR A 931 72.92 -62.88 -109.82
CA GLN A 932 72.31 -61.19 -106.44
CA TYR A 933 70.30 -62.95 -103.68
CA GLY A 934 67.15 -65.10 -103.87
CA GLU A 935 67.97 -66.73 -107.21
CA GLU A 936 68.12 -70.31 -108.50
CA VAL A 937 70.15 -71.86 -111.36
CA THR A 938 69.96 -74.97 -113.58
CA TYR A 939 72.77 -77.33 -112.52
CA LYS A 940 72.29 -79.94 -115.29
CA CYS A 941 74.69 -82.86 -115.96
CA PHE A 942 76.19 -83.81 -119.35
CA GLU A 943 75.45 -86.80 -121.62
CA GLY A 944 77.35 -89.86 -120.39
CA PHE A 945 76.76 -89.05 -116.69
CA GLY A 946 73.78 -90.54 -114.84
CA ILE A 947 72.01 -87.94 -112.75
CA ASP A 948 70.80 -88.48 -109.21
CA GLY A 949 69.15 -85.73 -107.15
CA PRO A 950 67.59 -82.51 -108.51
CA ALA A 951 69.40 -80.51 -111.23
CA ILE A 952 69.36 -76.99 -109.67
CA ALA A 953 71.20 -74.82 -107.15
CA LYS A 954 70.28 -71.74 -105.07
CA CYS A 955 72.16 -68.53 -104.04
CA LEU A 956 73.28 -68.42 -100.40
CA GLY A 957 74.99 -65.04 -100.29
CA GLU A 958 78.49 -65.96 -101.54
CA LYS A 959 78.21 -69.73 -101.99
CA TRP A 960 75.62 -71.75 -103.89
CA SER A 961 73.30 -74.47 -102.49
CA HIS A 962 72.45 -78.12 -103.60
CA PRO A 963 75.02 -79.44 -106.02
CA PRO A 964 73.82 -82.56 -108.01
CA SER A 965 75.15 -86.06 -108.08
CA CYS A 966 76.20 -86.74 -111.67
CA ILE A 967 78.59 -87.94 -114.59
CA LYS A 968 79.34 -84.32 -116.31
CA THR A 969 82.89 -84.87 -117.86
CA ASP A 970 84.04 -86.22 -121.25
CA CYS A 971 87.76 -86.28 -123.08
CA LEU A 972 90.69 -88.60 -123.67
CA SER A 973 94.32 -87.98 -124.37
CA LEU A 974 94.53 -85.87 -127.48
CA PRO A 975 96.01 -87.25 -130.60
CA SER A 976 99.33 -85.86 -131.63
CA PHE A 977 98.99 -83.77 -134.68
CA GLU A 978 101.12 -83.67 -137.76
CA ASN A 979 104.52 -82.26 -136.88
CA ALA A 980 103.52 -81.42 -133.38
CA ILE A 981 103.52 -82.72 -129.83
CA PRO A 982 100.67 -82.58 -127.37
CA MET A 983 101.34 -81.11 -124.00
CA GLY A 984 99.32 -81.23 -120.84
CA GLU A 985 100.10 -79.51 -117.60
CA LYS A 986 98.38 -82.21 -115.67
CA LYS A 987 97.19 -85.57 -116.78
CA ASP A 988 96.24 -86.34 -120.29
CA VAL A 989 92.66 -86.78 -119.31
CA TYR A 990 91.15 -83.35 -119.24
CA LYS A 991 87.83 -84.30 -117.79
CA ALA A 992 85.35 -82.03 -119.47
CA GLY A 993 85.29 -78.68 -121.14
CA GLU A 994 88.90 -77.74 -120.61
CA GLN A 995 91.49 -76.01 -122.69
CA VAL A 996 94.20 -78.17 -124.11
CA THR A 997 97.21 -76.55 -125.61
CA TYR A 998 99.31 -78.33 -128.21
CA THR A 999 102.97 -77.84 -128.92
CA CYS A 1000 105.09 -77.74 -132.03
CA ALA A 1001 108.68 -78.53 -132.91
CA THR A 1002 111.45 -75.95 -132.75
CA TYR A 1003 110.76 -74.35 -136.09
CA TYR A 1004 106.96 -74.47 -136.26
CA LYS A 1005 104.05 -72.33 -135.16
CA MET A 1006 100.58 -73.25 -133.92
CA ASP A 1007 97.55 -71.92 -135.73
CA GLY A 1008 94.65 -71.88 -133.36
CA ALA A 1009 92.45 -69.86 -131.06
CA SER A 1010 94.56 -70.23 -127.98
CA ASN A 1011 93.71 -73.71 -126.81
CA VAL A 1012 91.56 -76.53 -128.03
CA THR A 1013 88.22 -76.87 -126.36
CA CYS A 1014 86.86 -80.33 -125.93
CA ILE A 1015 83.28 -80.58 -124.86
CA ASN A 1016 81.81 -84.02 -124.77
CA SER A 1017 84.33 -85.66 -127.10
CA ARG A 1018 84.58 -82.93 -129.67
CA TRP A 1019 87.73 -80.93 -130.23
CA THR A 1020 86.78 -77.59 -131.60
CA GLY A 1021 89.89 -75.90 -132.92
CA ARG A 1022 92.76 -77.97 -134.13
CA PRO A 1023 96.12 -76.43 -133.87
CA THR A 1024 98.29 -76.91 -136.91
CA CYS A 1025 102.00 -76.57 -137.03
CA ARG A 1026 101.20 -75.93 -140.85
CA ASP A 1027 104.29 -75.83 -143.27
CA THR A 1028 103.80 -74.79 -146.86
CA SER A 1029 105.49 -72.55 -149.46
CA CYS A 1030 108.70 -71.99 -151.24
CA VAL A 1031 111.14 -72.61 -154.02
CA ASN A 1032 114.43 -71.12 -155.08
CA PRO A 1033 113.76 -67.60 -156.04
CA PRO A 1034 113.99 -66.32 -159.53
CA THR A 1035 116.53 -63.82 -160.71
CA VAL A 1036 115.73 -60.14 -160.41
CA GLN A 1037 116.30 -57.46 -163.07
CA ASN A 1038 119.86 -56.43 -162.44
CA ALA A 1039 120.54 -58.69 -159.51
CA TYR A 1040 121.30 -62.13 -158.14
CA ILE A 1041 119.74 -64.11 -155.33
CA VAL A 1042 121.77 -64.89 -152.24
CA SER A 1043 120.80 -67.53 -149.79
CA ARG A 1044 121.65 -69.25 -146.59
CA GLN A 1045 122.52 -72.85 -146.21
CA MET A 1046 119.25 -73.79 -147.80
CA SER A 1047 118.48 -72.84 -151.35
CA LYS A 1048 114.85 -73.62 -150.88
CA TYR A 1049 113.36 -71.67 -148.09
CA PRO A 1050 110.58 -73.37 -146.21
CA SER A 1051 107.36 -71.37 -146.27
CA GLY A 1052 107.09 -68.18 -144.23
CA GLU A 1053 110.71 -67.10 -144.42
CA ARG A 1054 112.79 -64.05 -145.20
CA VAL A 1055 114.66 -64.13 -148.46
CA ARG A 1056 117.28 -61.56 -149.19
CA TYR A 1057 118.33 -60.67 -152.72
CA GLN A 1058 121.54 -59.08 -153.90
CA CYS A 1059 122.60 -56.74 -156.65
CA ARG A 1060 125.73 -56.02 -158.61
CA SER A 1061 128.36 -53.77 -157.09
CA PRO A 1062 126.90 -50.75 -158.81
CA TYR A 1063 123.35 -51.08 -157.53
CA GLU A 1064 121.21 -50.87 -154.42
CA MET A 1065 118.28 -53.01 -153.37
CA PHE A 1066 115.04 -51.39 -152.45
CA GLY A 1067 112.83 -53.49 -150.29
CA ASP A 1068 111.33 -53.79 -146.86
CA GLU A 1069 114.05 -55.96 -145.39
CA GLU A 1070 113.61 -59.23 -147.21
CA VAL A 1071 111.04 -60.92 -149.34
CA MET A 1072 108.39 -62.87 -147.56
CA CYS A 1073 106.98 -65.90 -149.24
CA LEU A 1074 103.81 -67.21 -147.70
CA ASN A 1075 102.75 -70.44 -149.37
CA GLY A 1076 103.97 -69.52 -152.83
CA ASN A 1077 103.54 -65.76 -152.81
CA TRP A 1078 106.53 -63.44 -152.81
CA THR A 1079 105.35 -60.17 -151.49
CA GLU A 1080 108.14 -57.65 -151.70
CA PRO A 1081 110.34 -57.53 -154.69
CA PRO A 1082 113.75 -56.08 -154.22
CA GLN A 1083 114.67 -53.89 -157.12
CA CYS A 1084 118.14 -52.92 -158.04
CA LYS A 1085 118.38 -53.01 -162.06
CA ASP A 1086 115.80 -52.53 -164.91
CA SER A 1087 116.74 -53.37 -168.76
CA THR A 1088 113.95 -53.31 -171.45
CA GLY A 1089 115.14 -51.41 -174.59
CA LYS A 1090 117.36 -48.69 -173.07
CA CYS A 1091 119.92 -46.90 -175.31
CA GLY A 1092 123.50 -45.68 -174.67
CA PRO A 1093 124.88 -42.31 -175.65
CA PRO A 1094 123.76 -40.96 -179.04
CA PRO A 1095 126.10 -41.27 -182.03
CA PRO A 1096 128.29 -38.40 -183.26
CA ILE A 1097 127.62 -37.24 -186.83
CA ASP A 1098 129.98 -35.36 -189.08
CA ASN A 1099 129.62 -31.59 -189.00
CA GLY A 1100 126.72 -31.68 -186.50
CA ASP A 1101 126.13 -31.94 -182.80
CA ILE A 1102 123.34 -32.95 -180.39
CA THR A 1103 121.63 -30.06 -178.68
CA SER A 1104 121.66 -31.55 -175.13
CA PHE A 1105 124.28 -32.95 -172.79
CA PRO A 1106 124.82 -36.66 -173.49
CA LEU A 1107 123.71 -39.16 -170.86
CA SER A 1108 125.07 -42.63 -170.15
CA VAL A 1109 121.67 -44.28 -170.59
CA TYR A 1110 118.32 -43.37 -172.10
CA ALA A 1111 114.90 -44.86 -171.51
CA PRO A 1112 112.91 -46.19 -174.39
CA ALA A 1113 110.93 -43.41 -176.13
CA SER A 1114 113.60 -40.78 -175.18
CA SER A 1115 114.71 -38.48 -177.94
CA VAL A 1116 117.56 -36.11 -178.71
CA GLU A 1117 118.04 -33.61 -181.56
CA TYR A 1118 120.90 -32.62 -183.80
CA GLN A 1119 121.94 -29.30 -185.30
CA CYS A 1120 124.33 -28.97 -188.22
CA GLN A 1121 127.25 -26.52 -188.12
CA ASN A 1122 126.56 -23.14 -189.58
CA LEU A 1123 126.95 -23.49 -193.39
CA TYR A 1124 125.80 -27.14 -193.38
CA GLN A 1125 122.23 -27.99 -194.22
CA LEU A 1126 120.47 -30.65 -192.10
CA GLU A 1127 118.85 -33.26 -194.34
CA GLY A 1128 115.89 -35.16 -192.91
CA ASN A 1129 114.51 -35.34 -189.42
CA LYS A 1130 116.71 -33.68 -186.74
CA ARG A 1131 115.32 -35.95 -183.98
CA ILE A 1132 116.46 -39.43 -183.05
CA THR A 1133 114.44 -41.65 -180.75
CA CYS A 1134 115.44 -44.60 -178.56
CA ARG A 1135 113.41 -47.76 -179.20
CA ASN A 1136 114.10 -51.42 -178.55
CA GLY A 1137 117.67 -50.71 -177.51
CA GLN A 1138 118.65 -48.70 -180.63
CA TRP A 1139 118.60 -45.07 -181.74
CA SER A 1140 116.78 -44.23 -184.94
CA GLU A 1141 118.76 -42.93 -187.91
CA PRO A 1142 120.39 -39.51 -187.45
CA PRO A 1143 120.08 -36.75 -190.12
CA LYS A 1144 122.95 -35.89 -192.53
CA CYS A 1145 124.70 -32.50 -192.62
CA LEU A 1146 125.80 -30.21 -195.54
CA HIS A 1147 127.66 -26.90 -194.31
CA PRO A 1148 126.04 -23.36 -194.31
CA CYS A 1149 128.06 -19.96 -193.48
CA VAL A 1150 128.66 -17.33 -190.77
CA ILE A 1151 130.47 -14.08 -191.63
CA SER A 1152 133.87 -13.74 -189.90
CA ARG A 1153 134.75 -10.33 -188.45
CA GLU A 1154 138.45 -11.24 -188.16
CA ILE A 1155 138.75 -12.50 -191.79
CA MET A 1156 136.91 -9.42 -193.12
CA GLU A 1157 139.15 -7.09 -191.05
CA ASN A 1158 142.28 -8.98 -192.28
CA TYR A 1159 141.18 -8.89 -195.95
CA ASN A 1160 140.04 -5.17 -195.84
CA ILE A 1161 136.45 -5.92 -196.89
CA ALA A 1162 132.95 -5.20 -195.55
CA LEU A 1163 129.47 -6.34 -196.52
CA ARG A 1164 128.15 -4.31 -199.44
CA TRP A 1165 124.54 -4.02 -198.26
CA THR A 1166 124.40 -2.68 -194.68
CA ALA A 1167 120.57 -2.93 -194.68
CA LYS A 1168 120.68 -6.52 -196.00
CA GLN A 1169 123.25 -8.30 -193.82
CA LYS A 1170 123.41 -12.05 -194.51
CA LEU A 1171 125.21 -12.76 -191.24
CA TYR A 1172 124.27 -16.41 -191.83
CA SER A 1173 123.97 -17.58 -195.40
CA ARG A 1174 122.41 -20.82 -196.65
CA THR A 1175 124.38 -23.23 -198.82
CA GLY A 1176 123.90 -21.89 -202.36
CA GLU A 1177 123.26 -18.29 -201.30
CA SER A 1178 125.72 -15.56 -202.24
CA VAL A 1179 127.19 -12.83 -200.10
CA GLU A 1180 128.46 -9.63 -201.61
CA PHE A 1181 131.41 -7.74 -200.22
CA VAL A 1182 133.09 -4.44 -201.04
CA CYS A 1183 136.63 -3.24 -200.51
CA LYS A 1184 137.02 -0.91 -197.56
CA ARG A 1185 137.77 2.78 -198.25
CA GLY A 1186 141.27 3.10 -199.68
CA TYR A 1187 141.63 -0.48 -200.93
CA ARG A 1188 141.26 -2.36 -204.20
CA LEU A 1189 140.62 -5.98 -205.19
CA SER A 1190 143.95 -7.84 -205.12
CA SER A 1191 145.20 -9.78 -208.14
CA ARG A 1192 144.15 -13.45 -208.03
CA SER A 1193 141.37 -12.46 -205.52
CA HIS A 1194 138.06 -14.27 -205.56
CA THR A 1195 135.18 -12.19 -206.88
CA LEU A 1196 133.53 -9.79 -204.41
CA ARG A 1197 130.34 -11.84 -204.79
CA THR A 1198 130.89 -15.29 -203.33
CA THR A 1199 128.77 -18.39 -202.63
CA CYS A 1200 128.28 -20.28 -199.42
CA TRP A 1201 128.96 -24.00 -199.66
CA ASP A 1202 128.35 -26.22 -196.62
CA GLY A 1203 129.90 -23.79 -194.11
CA LYS A 1204 132.66 -22.41 -196.35
CA LEU A 1205 132.81 -18.96 -197.92
CA GLU A 1206 135.86 -18.13 -200.09
CA TYR A 1207 136.45 -14.50 -199.22
CA PRO A 1208 137.85 -11.87 -201.60
CA THR A 1209 141.00 -9.99 -200.59
CA CYS A 1210 141.64 -6.24 -201.07
CA ALA A 1211 144.99 -4.47 -200.97
CA LYS A 1212 145.71 -0.79 -200.12
CA ARG A 1213 144.90 1.54 -202.71
CA GLU A 1 -3.57 34.26 85.28
CA ASP A 2 -4.46 36.05 81.76
CA CYS A 3 -6.51 33.63 79.20
CA ASN A 4 -10.02 32.29 78.94
CA GLU A 5 -11.00 29.46 76.73
CA LEU A 6 -9.84 30.32 73.24
CA PRO A 7 -12.06 32.01 70.77
CA PRO A 8 -14.29 30.04 68.50
CA ARG A 9 -14.47 30.41 64.74
CA ARG A 10 -17.34 29.38 62.51
CA ASN A 11 -17.49 25.65 61.87
CA THR A 12 -13.99 25.35 63.22
CA GLU A 13 -12.65 24.67 66.66
CA ILE A 14 -9.45 24.81 68.70
CA LEU A 15 -7.50 21.57 68.82
CA THR A 16 -6.14 21.58 72.31
CA GLY A 17 -7.91 18.61 73.77
CA SER A 18 -11.33 20.12 74.11
CA TRP A 19 -12.45 20.89 77.60
CA SER A 20 -9.65 20.43 80.05
CA ASP A 21 -8.36 23.40 81.93
CA GLN A 22 -10.59 26.48 81.96
CA THR A 23 -7.83 29.02 81.75
CA TYR A 24 -4.41 29.13 80.18
CA PRO A 25 -1.32 31.06 80.97
CA GLU A 26 0.22 33.89 78.98
CA GLY A 27 2.59 32.82 76.26
CA THR A 28 0.42 29.85 75.45
CA GLN A 29 0.21 29.03 71.79
CA ALA A 30 -2.65 26.95 70.52
CA ILE A 31 -3.40 25.65 67.07
CA TYR A 32 -6.74 25.65 65.25
CA LYS A 33 -8.29 23.14 62.93
CA CYS A 34 -11.32 22.96 60.66
CA ARG A 35 -13.73 20.09 60.27
CA PRO A 36 -12.74 17.60 57.68
CA GLY A 37 -13.57 19.05 54.30
CA TYR A 38 -12.59 22.58 55.20
CA ARG A 39 -9.31 24.26 54.55
CA SER A 40 -7.72 26.48 57.12
CA LEU A 41 -6.56 29.66 55.51
CA GLY A 42 -5.00 32.05 57.93
CA ASN A 43 -3.28 31.92 61.28
CA VAL A 44 -3.47 28.26 62.06
CA ILE A 45 -2.13 29.20 65.43
CA MET A 46 -3.31 31.78 67.95
CA VAL A 47 -1.22 32.92 70.87
CA CYS A 48 -2.36 34.49 74.05
CA ARG A 49 -1.01 37.68 75.47
CA LYS A 50 -2.14 39.75 78.42
CA GLY A 51 -4.80 37.23 79.25
CA GLU A 52 -6.31 37.70 75.85
CA TRP A 53 -5.90 35.85 72.64
CA VAL A 54 -3.64 38.04 70.68
CA ALA A 55 -4.94 40.62 68.30
CA LEU A 56 -1.89 39.45 66.51
CA ASN A 57 -2.54 36.01 65.20
CA PRO A 58 -6.10 37.05 64.93
CA LEU A 59 -8.19 33.92 64.95
CA ARG A 60 -8.39 32.73 61.39
CA LYS A 61 -11.48 31.28 59.82
CA CYS A 62 -12.07 28.22 57.72
CA GLN A 63 -13.77 30.55 55.21
CA LYS A 64 -16.45 30.42 52.09
CA ARG A 65 -16.79 33.76 50.02
CA PRO A 66 -20.45 33.96 48.34
CA CYS A 67 -20.57 37.48 46.59
CA GLY A 68 -20.61 35.08 43.75
CA HIS A 69 -18.30 35.95 41.04
CA PRO A 70 -17.87 39.44 39.62
CA GLY A 71 -17.22 38.35 36.14
CA ASP A 72 -14.30 37.55 34.05
CA THR A 73 -12.93 39.41 31.20
CA PRO A 74 -11.91 37.74 27.87
CA PHE A 75 -9.83 40.82 27.31
CA GLY A 76 -7.71 40.22 30.27
CA THR A 77 -7.67 38.67 33.63
CA PHE A 78 -8.81 39.54 37.10
CA THR A 79 -7.31 38.88 40.44
CA LEU A 80 -8.80 38.73 43.88
CA THR A 81 -7.21 40.80 46.55
CA GLY A 82 -7.98 40.54 50.21
CA GLY A 83 -9.41 37.08 50.35
CA ASN A 84 -8.33 35.55 46.98
CA VAL A 85 -11.94 34.37 46.54
CA PHE A 86 -15.39 35.85 46.12
CA GLU A 87 -15.92 36.40 49.83
CA TYR A 88 -17.06 39.55 51.57
CA GLY A 89 -14.55 42.32 51.59
CA VAL A 90 -12.55 40.98 48.66
CA LYS A 91 -11.60 43.23 45.81
CA ALA A 92 -11.72 41.77 42.36
CA VAL A 93 -9.06 43.75 40.67
CA TYR A 94 -9.07 43.39 36.97
CA THR A 95 -5.91 43.50 34.97
CA CYS A 96 -5.66 43.46 31.22
CA ASN A 97 -3.51 41.09 29.20
CA GLU A 98 -0.70 41.60 26.81
CA GLY A 99 -2.46 43.49 24.17
CA TYR A 100 -5.13 45.12 26.22
CA GLN A 101 -5.30 48.11 28.45
CA LEU A 102 -7.69 49.33 30.98
CA LEU A 103 -10.15 51.96 30.05
CA GLY A 104 -11.35 54.16 32.81
CA GLU A 105 -10.12 54.60 36.36
CA ILE A 106 -12.10 51.76 37.88
CA ASN A 107 -10.15 48.51 37.72
CA TYR A 108 -11.63 46.64 40.59
CA ARG A 109 -14.87 45.54 42.16
CA GLU A 110 -15.13 45.37 45.87
CA CYS A 111 -17.46 43.04 47.60
CA ASP A 112 -19.36 44.82 50.28
CA THR A 113 -22.31 43.47 52.21
CA ASP A 114 -24.53 44.53 49.33
CA GLY A 115 -22.42 42.47 47.00
CA TRP A 116 -19.90 43.62 44.44
CA THR A 117 -19.85 47.43 44.54
CA ASN A 118 -18.60 48.38 41.09
CA ASP A 119 -19.11 46.62 37.82
CA ILE A 120 -16.73 44.95 35.41
CA PRO A 121 -14.31 47.70 34.32
CA ILE A 122 -13.62 48.44 30.74
CA CYS A 123 -10.64 46.84 29.24
CA GLU A 124 -11.30 48.50 25.62
CA VAL A 125 -8.09 49.89 23.80
CA VAL A 126 -7.37 51.00 20.28
CA LYS A 127 -3.93 50.70 18.63
CA CYS A 128 -1.69 51.81 17.11
CA LEU A 129 1.97 51.99 16.29
CA PRO A 130 3.90 48.73 16.02
CA VAL A 131 5.53 48.30 19.39
CA THR A 132 9.09 47.01 19.19
CA ALA A 133 9.45 44.89 22.35
CA PRO A 134 10.50 45.34 25.99
CA GLU A 135 14.21 45.21 26.81
CA ASN A 136 14.46 41.59 27.96
CA GLY A 137 11.24 40.40 26.49
CA LYS A 138 9.39 39.95 23.25
CA ILE A 139 5.95 40.24 21.78
CA VAL A 140 3.41 37.43 22.06
CA SER A 141 0.94 39.00 19.63
CA SER A 142 3.44 38.92 16.78
CA ALA A 143 1.14 36.91 14.52
CA MET A 144 -2.63 36.99 13.84
CA GLU A 145 -2.61 38.06 10.23
CA PRO A 146 0.09 38.08 7.50
CA ASP A 147 -0.76 41.77 7.24
CA ARG A 148 -0.86 42.45 10.96
CA GLU A 149 -1.51 46.08 11.61
CA TYR A 150 -2.30 46.80 15.15
CA HIS A 151 -5.95 47.76 14.93
CA PHE A 152 -8.24 48.82 17.76
CA GLY A 153 -9.18 45.89 19.97
CA GLN A 154 -5.91 44.11 19.49
CA ALA A 155 -4.09 43.08 22.58
CA VAL A 156 -0.40 43.03 22.33
CA ARG A 157 0.78 40.70 24.90
CA PHE A 158 4.42 40.38 25.85
CA VAL A 159 6.61 37.72 27.31
CA CYS A 160 9.85 37.97 29.13
CA ASN A 161 12.85 35.88 28.23
CA SER A 162 14.46 33.23 30.34
CA GLY A 163 14.88 34.56 33.84
CA TYR A 164 13.00 37.78 33.43
CA LYS A 165 9.81 38.77 34.99
CA ILE A 166 7.43 41.35 33.72
CA GLU A 167 7.35 44.62 35.57
CA GLY A 168 4.06 45.93 34.33
CA ASP A 169 1.20 43.97 32.90
CA GLU A 170 1.62 41.52 30.04
CA GLU A 171 -1.11 42.85 27.77
CA MET A 172 -1.61 46.14 26.01
CA HIS A 173 -4.68 47.03 24.01
CA CYS A 174 -5.06 49.43 21.15
CA SER A 175 -7.66 52.03 22.04
CA ASP A 176 -9.55 54.57 19.82
CA ASP A 177 -7.00 57.21 20.82
CA GLY A 178 -4.54 55.52 18.49
CA PHE A 179 -2.47 55.00 21.49
CA TRP A 180 -1.63 51.96 23.47
CA SER A 181 -3.80 51.35 26.50
CA LYS A 182 -1.11 49.71 28.58
CA GLU A 183 2.35 51.08 28.98
CA LYS A 184 5.24 49.10 27.59
CA PRO A 185 6.09 46.78 30.44
CA LYS A 186 9.60 45.87 31.37
CA CYS A 187 11.24 42.56 31.75
CA VAL A 188 13.56 42.16 34.78
CA GLU A 189 14.98 38.82 36.52
CA ILE A 190 18.64 38.46 37.88
CA SER A 191 18.66 36.97 41.74
CA CYS A 192 21.89 35.55 43.04
CA LYS A 193 23.41 33.43 45.74
CA SER A 194 26.79 33.77 47.26
CA PRO A 195 29.12 34.52 44.47
CA ASP A 196 31.56 31.75 43.88
CA VAL A 197 35.29 31.95 44.25
CA ILE A 198 37.28 33.53 41.50
CA ASN A 199 40.44 32.30 39.91
CA GLY A 200 43.34 32.79 42.27
CA SER A 201 41.41 35.58 43.80
CA PRO A 202 39.58 36.59 46.88
CA ILE A 203 36.46 38.63 47.52
CA SER A 204 37.08 41.71 49.58
CA GLN A 205 33.50 42.33 50.48
CA LYS A 206 31.13 39.62 51.49
CA ILE A 207 27.58 40.84 51.74
CA ILE A 208 24.10 39.57 51.08
CA TYR A 209 23.44 39.43 47.39
CA LYS A 210 20.26 39.98 45.50
CA GLU A 211 19.90 41.22 41.97
CA ASN A 212 21.71 44.21 40.48
CA GLU A 213 24.89 44.08 42.49
CA ARG A 214 28.58 44.25 41.73
CA PHE A 215 31.33 42.44 43.48
CA GLN A 216 35.02 42.90 43.84
CA TYR A 217 36.88 40.02 42.36
CA LYS A 218 40.41 40.87 43.33
CA CYS A 219 43.47 38.74 42.69
CA ASN A 220 46.05 37.95 45.30
CA MET A 221 49.80 38.17 45.40
CA GLY A 222 51.70 35.93 43.04
CA TYR A 223 49.23 36.40 40.24
CA GLU A 224 49.37 38.91 37.45
CA TYR A 225 46.19 40.90 37.23
CA SER A 226 44.83 41.62 33.80
CA GLU A 227 41.47 43.17 33.12
CA ARG A 228 39.16 44.68 35.67
CA GLY A 229 38.56 42.86 38.87
CA ASP A 230 34.90 42.96 39.57
CA ALA A 231 31.96 40.82 38.59
CA VAL A 232 28.26 41.52 38.42
CA CYS A 233 25.17 39.48 39.27
CA THR A 234 23.12 38.20 36.41
CA GLU A 235 20.40 36.82 38.67
CA SER A 236 22.04 33.44 38.75
CA GLY A 237 25.42 33.34 37.16
CA TRP A 238 27.98 36.07 37.55
CA ARG A 239 29.45 38.40 34.98
CA PRO A 240 33.09 38.51 33.93
CA LEU A 241 35.84 36.95 35.91
CA PRO A 242 39.25 38.46 35.76
CA SER A 243 42.35 37.07 34.18
CA CYS A 244 44.46 36.19 37.12
CA GLU A 245 46.82 36.76 34.90
CA GLU A 246 50.11 36.18 32.66
CA LYS A 247 53.86 36.06 33.85
CA SER A 248 56.57 36.21 30.98
CA CYS A 249 59.15 33.59 29.83
CA ASP A 250 62.41 32.14 30.77
CA ASN A 251 65.31 32.69 28.47
CA PRO A 252 66.10 29.32 26.97
CA TYR A 253 69.59 28.16 26.62
CA ILE A 254 70.45 26.38 23.59
CA PRO A 255 74.09 25.65 23.37
CA ASN A 256 74.34 24.82 19.94
CA GLY A 257 70.82 24.96 18.51
CA ASP A 258 68.94 27.62 16.61
CA TYR A 259 65.33 28.71 17.16
CA SER A 260 62.76 31.09 15.67
CA PRO A 261 61.53 33.67 16.00
CA LEU A 262 64.40 35.44 17.71
CA ARG A 263 63.65 38.05 20.27
CA ILE A 264 65.15 39.69 23.16
CA LYS A 265 62.55 39.77 25.70
CA HIS A 266 59.97 37.04 25.78
CA ARG A 267 56.38 37.20 26.90
CA THR A 268 54.01 34.51 28.14
CA GLY A 269 52.72 32.02 25.56
CA ASP A 270 55.41 31.98 22.86
CA GLU A 271 56.25 28.69 21.18
CA ILE A 272 59.43 28.54 19.07
CA THR A 273 60.83 25.89 16.79
CA TYR A 274 64.36 24.85 17.67
CA GLN A 275 66.58 22.81 15.39
CA CYS A 276 70.08 21.48 15.86
CA ARG A 277 71.37 21.54 12.44
CA ASN A 278 74.85 22.35 12.68
CA GLY A 279 75.46 21.00 16.11
CA PHE A 280 74.05 17.60 16.96
CA TYR A 281 70.67 15.96 16.53
CA PRO A 282 67.63 17.40 18.43
CA ALA A 283 66.81 15.95 21.87
CA THR A 284 63.09 15.50 21.65
CA ARG A 285 60.90 13.89 19.07
CA GLY A 286 59.53 17.23 18.06
CA ASN A 287 61.47 20.42 17.53
CA THR A 288 59.92 23.10 19.78
CA ALA A 289 59.48 24.71 23.16
CA LYS A 290 56.69 26.99 24.42
CA CYS A 291 57.26 30.03 26.50
CA THR A 292 55.29 29.97 29.71
CA SER A 293 56.31 32.26 32.61
CA THR A 294 59.34 30.51 34.12
CA GLY A 295 60.76 28.39 31.33
CA TRP A 296 60.04 26.58 28.06
CA ILE A 297 58.22 23.35 27.03
CA PRO A 298 58.59 20.83 25.71
CA ALA A 299 62.28 21.29 25.11
CA PRO A 300 65.01 22.95 23.07
CA ARG A 301 68.06 20.75 23.41
CA CYS A 302 70.66 19.77 20.90
CA THR A 303 73.63 18.05 22.67
CA LEU A 304 76.51 19.56 24.73
CA LYS A 305 80.08 20.62 25.47
CA PRO A 306 80.97 20.89 29.32
CA CYS A 307 82.32 22.26 32.65
CA ASP A 308 82.02 19.94 35.74
CA TYR A 309 81.22 20.89 39.38
CA PRO A 310 83.82 23.38 40.57
CA ASP A 311 85.74 21.85 43.43
CA ILE A 312 86.48 25.20 45.07
CA LYS A 313 89.45 24.98 47.45
CA HIS A 314 88.96 27.21 50.51
CA GLY A 315 85.51 28.21 49.29
CA GLY A 316 82.20 26.98 47.92
CA LEU A 317 79.23 27.65 45.65
CA TYR A 318 76.15 29.46 46.97
CA HIS A 319 72.82 27.61 46.57
CA GLU A 320 74.74 24.34 46.50
CA ASN A 321 71.57 22.23 46.72
CA MET A 322 69.88 23.97 43.77
CA ARG A 323 72.83 23.96 41.33
CA ARG A 324 73.74 20.36 41.96
CA PRO A 325 73.03 18.41 39.69
CA TYR A 326 72.64 20.72 36.55
CA PHE A 327 76.36 19.70 36.08
CA PRO A 328 78.07 19.17 33.68
CA VAL A 329 77.37 22.85 33.01
CA ALA A 330 77.41 24.49 29.57
CA VAL A 331 80.02 27.14 28.67
CA GLY A 332 79.01 30.70 29.51
CA LYS A 333 77.19 29.61 32.67
CA TYR A 334 78.60 31.29 35.78
CA TYR A 335 77.88 30.84 39.47
CA SER A 336 78.22 32.97 42.57
CA TYR A 337 80.64 31.50 45.10
CA TYR A 338 82.10 32.46 48.48
CA CYS A 339 85.53 32.09 50.13
CA ASP A 340 86.11 30.76 53.64
CA GLU A 341 87.46 32.80 56.56
CA HIS A 342 91.10 33.86 55.98
CA PHE A 343 90.54 33.72 52.21
CA GLU A 344 89.43 36.18 49.53
CA THR A 345 88.31 36.32 45.89
CA PRO A 346 90.56 37.83 43.16
CA SER A 347 88.36 40.98 43.38
CA GLY A 348 89.27 41.28 47.08
CA SER A 349 85.84 40.36 48.49
CA TYR A 350 84.42 37.30 50.26
CA TRP A 351 82.26 36.43 47.23
CA ASP A 352 82.38 36.56 43.43
CA HIS A 353 81.40 34.69 40.25
CA ILE A 354 83.16 31.66 38.71
CA HIS A 355 82.76 31.22 34.95
CA CYS A 356 82.76 28.07 32.85
CA THR A 357 85.31 28.86 30.13
CA GLN A 358 86.27 26.72 27.11
CA ASP A 359 89.51 26.06 29.04
CA GLY A 360 87.74 25.26 32.35
CA TRP A 361 86.62 27.32 35.34
CA SER A 362 87.60 31.01 35.57
CA PRO A 363 89.15 32.27 37.80
CA ALA A 364 91.44 29.22 38.08
CA VAL A 365 92.17 30.11 41.73
CA PRO A 366 88.83 31.48 43.03
CA CYS A 367 89.92 31.79 46.64
CA LEU A 368 93.41 33.25 47.66
CA ARG A 369 96.29 32.50 50.15
CA LYS A 370 98.41 35.35 51.64
CA CYS A 371 101.96 34.92 52.90
CA TYR A 372 104.57 36.87 54.89
CA PHE A 373 108.14 36.57 53.69
CA PRO A 374 110.44 35.74 56.62
CA TYR A 375 114.03 36.69 57.34
CA LEU A 376 116.70 34.52 55.64
CA GLU A 377 119.69 34.12 57.96
CA ASN A 378 121.65 32.20 55.29
CA GLY A 379 120.36 34.11 52.23
CA TYR A 380 120.10 37.52 50.58
CA ASN A 381 117.17 39.53 51.97
CA GLN A 382 114.98 41.79 49.82
CA ASN A 383 111.39 40.77 50.76
CA HIS A 384 111.50 40.35 54.57
CA GLY A 385 108.12 41.76 55.64
CA ARG A 386 106.41 41.75 52.23
CA LYS A 387 102.97 40.20 51.84
CA PHE A 388 101.98 38.01 48.89
CA VAL A 389 98.64 36.59 47.83
CA GLN A 390 98.09 32.88 47.20
CA GLY A 391 99.40 31.66 43.83
CA LYS A 392 102.38 34.07 43.88
CA SER A 393 105.94 32.86 43.31
CA ILE A 394 108.96 34.72 44.70
CA ASP A 395 112.64 34.31 43.82
CA VAL A 396 114.90 33.23 46.69
CA ALA A 397 118.62 33.99 46.67
CA CYS A 398 120.54 31.86 49.20
CA HIS A 399 124.16 32.47 50.15
CA PRO A 400 126.82 30.50 48.26
CA GLY A 401 126.79 26.94 49.64
CA TYR A 402 123.17 27.14 50.81
CA ALA A 403 120.03 26.22 48.88
CA LEU A 404 116.28 25.87 49.22
CA PRO A 405 115.06 22.35 49.96
CA LYS A 406 115.65 20.87 47.51
CA ALA A 407 116.43 22.75 45.47
CA GLN A 408 113.82 25.11 44.05
CA THR A 409 114.86 28.68 43.28
CA THR A 410 111.46 30.10 44.28
CA VAL A 411 108.83 29.72 47.02
CA THR A 412 105.11 29.79 46.11
CA CYS A 413 102.29 30.91 48.38
CA MET A 414 99.79 28.08 48.70
CA GLU A 415 96.55 27.93 50.71
CA ASN A 416 98.59 26.18 53.45
CA GLY A 417 101.50 28.66 53.33
CA TRP A 418 104.83 28.94 51.51
CA SER A 419 105.90 25.97 49.37
CA PRO A 420 108.55 25.07 50.15
CA THR A 421 109.37 26.84 53.43
CA PRO A 422 111.55 29.95 52.74
CA ARG A 423 114.82 28.90 54.39
CA CYS A 424 118.31 28.20 53.04
CA ILE A 425 119.33 24.78 54.62
CA ARG A 426 119.55 21.29 52.86
CA VAL A 427 120.29 18.08 54.76
CA LYS A 428 119.28 14.34 53.54
CA THR A 429 120.95 10.87 54.51
CA CYS A 430 119.53 7.42 53.54
CA SER A 431 118.41 4.43 55.59
CA LYS A 432 117.60 1.01 54.15
CA SER A 433 114.89 0.77 56.87
CA SER A 434 112.99 3.59 55.14
CA ILE A 435 112.93 1.71 51.81
CA ASP A 436 109.76 -0.17 50.83
CA ILE A 437 109.42 -2.72 48.03
CA GLU A 438 106.73 -5.31 47.29
CA ASN A 439 107.47 -8.31 45.03
CA GLY A 440 111.22 -7.81 45.32
CA PHE A 441 113.93 -7.23 47.91
CA ILE A 442 116.97 -5.02 48.52
CA SER A 443 119.87 -7.15 47.25
CA GLU A 444 122.74 -5.28 48.88
CA SER A 445 122.49 -5.32 51.84
CA GLN A 446 123.86 -2.39 53.90
CA TYR A 447 121.90 -0.35 56.45
CA THR A 448 123.22 3.10 55.64
CA TYR A 449 123.81 4.62 52.22
CA ALA A 450 125.78 7.82 51.68
CA LEU A 451 124.49 10.63 49.45
CA LYS A 452 124.63 9.61 45.74
CA GLU A 453 125.16 5.96 46.74
CA LYS A 454 122.68 3.52 45.17
CA ALA A 455 120.51 0.87 46.80
CA LYS A 456 120.23 -2.30 44.69
CA TYR A 457 116.96 -4.28 44.48
CA GLN A 458 115.89 -7.49 42.70
CA CYS A 459 112.32 -8.42 41.75
CA LYS A 460 110.65 -11.74 42.51
CA LEU A 461 110.54 -14.43 39.79
CA GLY A 462 108.20 -13.18 37.06
CA TYR A 463 108.13 -9.56 38.24
CA VAL A 464 109.78 -6.58 36.52
CA THR A 465 110.83 -3.01 37.31
CA ALA A 466 109.78 0.22 35.58
CA ASP A 467 112.42 -0.10 32.81
CA GLY A 468 111.25 -2.91 32.57
CA GLU A 469 114.04 -5.14 33.81
CA THR A 470 114.18 -7.91 36.41
CA SER A 471 116.29 -5.71 38.72
CA GLY A 472 117.12 -2.05 39.30
CA SER A 473 118.29 0.45 41.88
CA ILE A 474 117.41 3.70 43.71
CA THR A 475 119.62 6.67 44.62
CA CYS A 476 120.19 8.39 47.94
CA GLY A 477 119.71 12.16 47.75
CA LYS A 478 119.58 15.20 50.03
CA ASP A 479 115.81 14.65 50.17
CA GLY A 480 115.96 10.89 50.70
CA TRP A 481 115.58 8.06 48.19
CA SER A 482 115.19 8.83 44.47
CA ALA A 483 111.94 6.85 44.58
CA GLN A 484 110.30 3.61 45.64
CA PRO A 485 111.35 0.36 43.94
CA THR A 486 108.60 -0.96 41.67
CA CYS A 487 108.35 -4.69 40.95
CA ILE A 488 105.15 -4.54 38.95
CA LYS A 489 104.89 -2.69 35.55
CA SER A 490 105.00 -2.68 31.96
CA CYS A 491 101.62 -1.33 30.21
CA ASP A 492 101.62 1.89 28.32
CA ILE A 493 102.60 5.02 30.10
CA PRO A 494 99.61 6.96 31.10
CA VAL A 495 99.51 10.62 30.38
CA PHE A 496 97.70 12.51 33.03
CA MET A 497 96.91 16.00 31.88
CA ASN A 498 96.52 17.31 35.34
CA ALA A 499 96.41 14.59 37.87
CA ARG A 500 98.58 12.64 40.20
CA THR A 501 98.64 8.91 40.61
CA LYS A 502 99.99 6.62 43.26
CA ASN A 503 102.63 4.05 42.70
CA ASP A 504 104.86 6.37 40.75
CA PHE A 505 107.26 4.33 38.67
CA THR A 506 109.55 4.51 35.74
CA TRP A 507 108.94 1.13 34.19
CA PHE A 508 105.46 -0.18 33.91
CA LYS A 509 104.67 -3.84 34.02
CA LEU A 510 101.50 -5.85 33.51
CA ASN A 511 98.52 -5.51 35.84
CA ASP A 512 99.56 -2.57 37.89
CA THR A 513 96.58 -0.59 39.10
CA LEU A 514 97.06 2.75 40.74
CA ASP A 515 94.80 5.43 42.04
CA TYR A 516 94.71 8.72 40.24
CA GLU A 517 93.25 11.79 41.80
CA CYS A 518 92.77 15.20 40.35
CA HIS A 519 93.75 17.18 43.38
CA ASP A 520 94.29 20.71 42.29
CA GLY A 521 93.45 20.87 38.65
CA TYR A 522 90.52 23.07 39.49
CA GLU A 523 89.43 22.87 35.93
CA SER A 524 90.13 19.18 36.07
CA ASN A 525 87.64 16.83 37.63
CA THR A 526 88.10 13.20 38.44
CA GLY A 527 86.25 12.24 35.30
CA SER A 528 85.48 8.86 36.71
CA THR A 529 83.17 7.68 39.42
CA THR A 530 86.12 6.00 41.02
CA GLY A 531 89.61 6.98 40.18
CA SER A 532 91.98 4.25 39.37
CA ILE A 533 93.58 2.88 36.28
CA VAL A 534 94.96 -0.59 35.87
CA CYS A 535 97.96 -1.43 33.78
CA GLY A 536 97.38 -3.91 31.04
CA TYR A 537 99.37 -4.75 27.96
CA ASN A 538 98.43 -1.53 26.23
CA GLY A 539 97.05 1.41 28.16
CA TRP A 540 95.21 1.52 31.46
CA SER A 541 91.60 1.20 32.54
CA ASP A 542 89.16 2.29 33.51
CA LEU A 543 90.67 5.69 33.20
CA PRO A 544 93.39 8.00 34.19
CA ILE A 545 91.94 11.21 32.91
CA CYS A 546 91.00 14.40 34.68
CA TYR A 547 88.97 15.32 31.25
CA GLU A 548 88.25 13.98 27.66
CA ARG A 549 88.90 16.33 24.76
CA GLU A 550 87.16 17.03 21.41
CA CYS A 551 89.25 18.43 18.55
CA GLU A 552 89.13 21.63 16.56
CA LEU A 553 91.51 23.52 14.34
CA PRO A 554 94.99 22.58 15.29
CA LYS A 555 96.32 26.07 15.91
CA ILE A 556 99.92 27.10 15.35
CA ASP A 557 102.81 25.60 17.24
CA VAL A 558 105.93 27.35 18.43
CA HIS A 559 107.77 28.87 15.49
CA LEU A 560 106.24 26.04 13.58
CA VAL A 561 103.82 25.47 10.78
CA PRO A 562 101.55 22.70 9.76
CA ASP A 563 102.51 20.84 6.62
CA ARG A 564 99.05 19.66 5.98
CA LYS A 565 96.24 21.95 6.91
CA LYS A 566 93.01 20.06 6.68
CA ASP A 567 89.41 21.22 7.04
CA GLN A 568 88.12 18.84 9.63
CA TYR A 569 89.80 17.27 12.61
CA LYS A 570 87.55 15.31 14.93
CA VAL A 571 89.81 12.91 16.85
CA GLY A 572 92.27 10.18 15.98
CA GLU A 573 94.15 12.55 13.79
CA VAL A 574 97.80 13.38 13.66
CA LEU A 575 99.47 16.42 12.24
CA LYS A 576 102.93 17.47 11.12
CA PHE A 577 104.21 20.01 13.58
CA SER A 578 107.35 21.12 11.94
CA CYS A 579 109.64 24.01 12.79
CA LYS A 580 110.40 27.00 10.64
CA PRO A 581 113.80 27.80 9.23
CA GLY A 582 116.23 29.37 11.66
CA PHE A 583 115.00 27.44 14.66
CA THR A 584 116.59 24.46 16.37
CA ILE A 585 114.21 21.54 16.50
CA VAL A 586 114.38 19.00 19.25
CA GLY A 587 112.02 16.14 19.81
CA PRO A 588 109.62 14.75 17.35
CA ASN A 589 107.83 17.08 14.97
CA SER A 590 104.33 15.68 15.01
CA VAL A 591 101.33 16.04 17.25
CA GLN A 592 98.12 14.16 17.98
CA CYS A 593 94.73 15.51 18.89
CA TYR A 594 93.45 14.66 22.32
CA HIS A 595 89.68 14.83 21.98
CA PHE A 596 89.94 18.55 22.14
CA GLY A 597 91.72 21.54 20.88
CA LEU A 598 94.42 20.33 23.18
CA SER A 599 97.05 18.59 21.12
CA PRO A 600 99.60 16.20 22.33
CA ASP A 601 103.33 16.22 21.67
CA LEU A 602 104.17 19.84 20.93
CA PRO A 603 107.69 20.20 19.72
CA ILE A 604 110.45 22.34 21.13
CA CYS A 605 111.65 24.70 18.49
CA LYS A 606 115.09 25.79 19.77
CA GLU A 607 118.08 23.13 20.17
CA GLN A 608 120.48 23.52 23.21
CA VAL A 609 124.17 24.83 23.93
CA GLN A 610 125.64 23.72 27.50
CA SER A 611 128.87 24.79 29.42
CA CYS A 612 130.48 22.97 32.37
CA GLY A 613 131.29 22.96 36.03
CA PRO A 614 133.73 20.76 37.77
CA PRO A 615 133.75 17.44 36.06
CA PRO A 616 132.06 14.56 37.75
CA GLU A 617 133.88 11.51 38.95
CA LEU A 618 134.36 8.62 36.55
CA LEU A 619 133.74 4.94 36.95
CA ASN A 620 136.39 3.37 39.12
CA GLY A 621 138.63 6.23 38.28
CA ASN A 622 139.84 9.70 39.12
CA VAL A 623 141.17 12.74 37.37
CA LYS A 624 144.91 13.01 37.50
CA GLU A 625 145.01 16.63 36.67
CA LYS A 626 142.71 19.13 38.18
CA THR A 627 143.89 21.11 35.23
CA LYS A 628 141.80 24.07 35.93
CA GLU A 629 139.64 25.41 38.68
CA GLU A 630 136.77 26.18 36.39
CA TYR A 631 135.79 24.61 33.14
CA GLY A 632 133.71 26.79 30.89
CA HIS A 633 133.87 24.79 27.70
CA SER A 634 136.27 23.61 25.06
CA GLU A 635 138.19 21.66 27.62
CA VAL A 636 139.06 18.06 28.20
CA VAL A 637 140.36 16.26 31.21
CA GLU A 638 142.10 13.03 31.97
CA TYR A 639 139.78 10.29 33.06
CA TYR A 640 142.08 7.57 34.27
CA CYS A 641 141.03 4.53 36.14
CA ASN A 642 142.61 3.08 39.24
CA PRO A 643 144.60 -0.02 39.73
CA ARG A 644 143.15 -3.47 39.30
CA PHE A 645 140.64 -2.12 36.85
CA LEU A 646 141.22 -2.90 33.23
CA MET A 647 140.92 0.07 31.00
CA LYS A 648 139.22 -0.02 27.64
CA GLY A 649 139.01 2.96 25.35
CA PRO A 650 140.75 6.21 25.86
CA ASN A 651 141.08 7.74 29.30
CA LYS A 652 139.87 11.26 28.55
CA ILE A 653 136.63 13.23 28.73
CA GLN A 654 135.38 16.29 26.87
CA CYS A 655 133.10 19.13 27.94
CA VAL A 656 129.82 19.42 26.15
CA ASP A 657 127.96 22.27 27.74
CA GLY A 658 126.45 20.75 30.86
CA GLU A 659 127.51 17.15 30.25
CA TRP A 660 130.84 15.49 29.68
CA THR A 661 131.60 13.13 26.86
CA THR A 662 133.61 9.98 26.39
CA LEU A 663 133.35 8.11 29.66
CA PRO A 664 135.89 5.35 29.83
CA VAL A 665 135.21 1.69 30.24
CA CYS A 666 137.00 0.38 33.25
CA ILE A 667 136.93 -3.33 34.87
CA VAL A 668 139.11 -5.45 37.51
CA GLU A 669 139.46 -9.31 36.97
CA GLU A 670 140.39 -12.48 39.30
CA SER A 671 138.31 -14.31 40.77
CA THR A 672 138.77 -17.33 43.25
CA CYS A 673 140.30 -18.40 46.57
CA GLY A 674 143.71 -19.77 47.39
CA ASP A 675 145.19 -21.41 50.43
CA ILE A 676 143.18 -21.41 53.62
CA PRO A 677 144.70 -19.49 56.46
CA GLU A 678 145.41 -21.01 59.85
CA LEU A 679 142.58 -20.99 62.32
CA GLU A 680 142.43 -19.86 65.90
CA HIS A 681 144.43 -22.27 68.00
CA GLY A 682 143.59 -25.02 65.59
CA TRP A 683 144.75 -26.74 62.45
CA ALA A 684 143.32 -28.28 59.32
CA GLN A 685 143.07 -31.99 58.78
CA LEU A 686 142.95 -31.81 55.03
CA SER A 687 145.48 -29.57 53.50
CA SER A 688 145.16 -29.59 49.75
CA PRO A 689 146.92 -27.39 47.36
CA PRO A 690 144.08 -26.42 45.09
CA TYR A 691 141.00 -24.52 46.18
CA TYR A 692 139.14 -22.72 43.45
CA TYR A 693 135.62 -22.36 44.76
CA GLY A 694 132.82 -24.33 46.30
CA ASP A 695 134.93 -26.11 48.84
CA SER A 696 134.99 -26.46 52.59
CA VAL A 697 137.78 -27.19 55.02
CA GLU A 698 138.08 -28.86 58.41
CA PHE A 699 138.77 -26.24 61.04
CA ASN A 700 139.56 -28.36 64.02
CA CYS A 701 140.85 -27.10 67.34
CA SER A 702 143.88 -28.42 69.18
CA GLU A 703 144.24 -30.09 72.54
CA SER A 704 143.65 -28.05 75.69
CA PHE A 705 141.40 -25.70 73.80
CA THR A 706 137.68 -25.93 74.32
CA MET A 707 135.73 -25.90 71.12
CA ILE A 708 132.41 -24.25 70.63
CA GLY A 709 130.55 -24.14 67.36
CA HIS A 710 131.18 -26.24 64.28
CA ARG A 711 134.68 -27.05 63.19
CA SER A 712 134.55 -26.22 59.49
CA ILE A 713 134.92 -23.31 57.08
CA THR A 714 133.96 -22.64 53.49
CA CYS A 715 135.47 -20.68 50.62
CA ILE A 716 133.88 -17.35 49.89
CA HIS A 717 135.74 -16.23 46.79
CA GLY A 718 139.02 -15.80 48.58
CA VAL A 719 137.75 -15.06 52.02
CA TRP A 720 137.01 -18.05 54.16
CA THR A 721 134.00 -18.19 56.33
CA GLN A 722 132.81 -19.64 59.61
CA LEU A 723 135.81 -19.62 61.90
CA PRO A 724 135.38 -21.66 65.02
CA GLN A 725 135.57 -20.49 68.57
CA CYS A 726 138.45 -22.24 70.27
CA VAL A 727 142.08 -22.48 71.74
CA ALA A 728 145.48 -20.94 71.04
CA ILE A 729 148.71 -21.42 73.18
CA ASP A 730 151.18 -18.69 74.63
CA LYS A 731 153.97 -18.62 77.40
CA LEU A 732 156.92 -16.26 78.14
CA LYS A 733 159.68 -17.19 80.73
CA LYS A 734 162.57 -14.61 81.36
CA CYS A 735 165.87 -15.31 83.80
CA LYS A 736 166.78 -17.31 86.85
CA SER A 737 170.04 -18.53 88.24
CA SER A 738 172.08 -19.79 85.36
CA ASN A 739 172.41 -23.50 84.84
CA LEU A 740 175.67 -25.31 85.27
CA ILE A 741 178.08 -25.56 82.39
CA ILE A 742 179.78 -28.66 81.18
CA LEU A 743 183.04 -29.38 82.93
CA GLU A 744 183.12 -26.08 84.62
CA GLU A 745 181.65 -23.39 86.82
CA HIS A 746 180.68 -19.76 86.83
CA LEU A 747 183.17 -17.33 88.25
CA LYS A 748 180.80 -14.70 89.40
CA ASN A 749 177.55 -15.91 90.72
CA LYS A 750 175.19 -13.01 91.02
CA LYS A 751 172.09 -13.10 93.12
CA GLU A 752 169.72 -11.47 90.72
CA PHE A 753 169.65 -12.07 87.00
CA ASP A 754 166.51 -10.73 85.42
CA HIS A 755 167.66 -10.34 81.87
CA ASN A 756 170.08 -8.59 79.56
CA SER A 757 172.97 -10.02 81.49
CA ASN A 758 176.01 -12.15 80.74
CA ILE A 759 177.54 -15.05 82.60
CA ARG A 760 181.12 -16.14 82.69
CA TYR A 761 181.19 -19.78 81.91
CA ARG A 762 184.68 -20.72 82.75
CA CYS A 763 185.73 -24.14 81.62
CA ARG A 764 187.92 -26.86 83.03
CA GLY A 765 190.13 -26.16 80.07
CA LYS A 766 189.62 -22.95 78.19
CA GLU A 767 188.53 -23.18 74.60
CA GLY A 768 186.06 -21.13 72.63
CA TRP A 769 184.31 -18.22 74.28
CA ILE A 770 183.93 -18.32 78.02
CA HIS A 771 180.51 -16.85 78.55
CA THR A 772 176.78 -17.17 78.10
CA VAL A 773 173.96 -14.69 77.77
CA CYS A 774 170.49 -14.78 79.15
CA ILE A 775 167.55 -15.28 76.87
CA ASN A 776 164.50 -15.05 79.08
CA GLY A 777 165.62 -17.99 81.12
CA ARG A 778 167.39 -19.98 78.51
CA TRP A 779 171.06 -19.23 78.27
CA ASP A 780 172.99 -18.60 75.13
CA PRO A 781 176.61 -19.32 74.15
CA GLU A 782 177.38 -22.51 76.25
CA VAL A 783 181.16 -23.16 75.99
CA ASN A 784 182.40 -26.43 74.63
CA CYS A 785 184.55 -28.17 77.17
CA SER A 786 185.13 -31.28 74.80
CA MET A 787 188.88 -31.24 74.02
CA ALA A 788 190.72 -31.73 70.56
CA GLN A 789 194.64 -31.40 69.98
CA ILE A 790 197.44 -34.09 68.67
CA GLN A 791 201.19 -34.58 67.61
CA LEU A 792 202.64 -37.92 66.01
CA CYS A 793 204.28 -40.24 63.10
CA PRO A 794 202.75 -40.17 59.70
CA PRO A 795 203.41 -42.60 56.94
CA PRO A 796 207.00 -42.31 56.06
CA PRO A 797 208.03 -40.48 53.03
CA GLN A 798 209.72 -42.40 50.34
CA ILE A 799 213.45 -42.76 50.32
CA PRO A 800 215.41 -41.69 47.35
CA ASN A 801 215.57 -45.08 45.78
CA SER A 802 213.18 -47.06 47.84
CA HIS A 803 209.79 -47.90 49.24
CA ASN A 804 208.75 -48.30 52.81
CA MET A 805 206.95 -51.34 54.10
CA THR A 806 205.25 -51.90 57.38
CA THR A 807 202.58 -53.63 59.42
CA THR A 808 200.63 -50.39 59.73
CA LEU A 809 200.78 -47.08 57.90
CA ASN A 810 200.77 -44.53 60.73
CA TYR A 811 202.98 -45.99 63.51
CA ARG A 812 201.59 -43.57 66.05
CA ASP A 813 204.39 -42.88 68.49
CA GLY A 814 207.83 -44.22 69.07
CA GLU A 815 208.09 -47.18 66.79
CA LYS A 816 210.63 -49.06 64.72
CA VAL A 817 210.04 -48.54 61.04
CA SER A 818 211.84 -50.61 58.47
CA VAL A 819 212.22 -49.51 54.88
CA LEU A 820 212.97 -51.51 51.77
CA CYS A 821 214.60 -50.74 48.45
CA GLN A 822 214.27 -51.89 44.88
CA GLU A 823 216.32 -54.64 43.36
CA ASN A 824 219.99 -53.85 43.05
CA TYR A 825 220.00 -51.56 46.06
CA LEU A 826 220.99 -52.01 49.66
CA ILE A 827 219.74 -50.22 52.74
CA GLN A 828 222.14 -48.82 55.26
CA GLU A 829 220.60 -48.13 58.62
CA GLY A 830 220.85 -49.09 62.24
CA GLU A 831 217.99 -51.53 61.82
CA GLU A 832 215.00 -49.29 61.68
CA ILE A 833 213.97 -45.70 61.81
CA THR A 834 212.93 -44.37 65.14
CA CYS A 835 210.15 -41.82 65.04
CA LYS A 836 209.88 -40.10 68.34
CA ASP A 837 207.57 -37.13 68.43
CA GLY A 838 207.74 -36.42 64.69
CA ARG A 839 211.40 -36.95 63.91
CA TRP A 840 212.85 -39.74 61.82
CA GLN A 841 216.16 -40.35 63.39
CA SER A 842 217.90 -42.68 60.96
CA ILE A 843 217.48 -42.59 57.25
CA PRO A 844 217.87 -45.78 55.39
CA LEU A 845 219.72 -45.13 52.19
CA CYS A 846 219.48 -47.32 49.19
CA VAL A 847 222.98 -48.03 47.98
CA GLU A 848 225.03 -50.22 45.29
CA LYS A 849 228.74 -50.07 44.21
CA ILE A 850 230.47 -51.29 40.95
CA PRO A 851 234.25 -50.25 41.16
CA CYS A 852 237.08 -50.08 38.47
CA SER A 853 238.44 -49.35 34.97
CA GLN A 854 240.89 -51.33 32.77
CA PRO A 855 243.18 -53.43 35.10
CA PRO A 856 246.82 -52.24 35.62
CA GLN A 857 249.75 -53.41 33.45
CA ILE A 858 252.94 -55.26 34.55
CA GLU A 859 256.06 -55.27 32.26
CA HIS A 860 256.14 -58.29 29.85
CA GLY A 861 252.88 -59.79 31.17
CA THR A 862 249.25 -58.66 30.96
CA ILE A 863 245.83 -59.55 32.41
CA ASN A 864 244.13 -62.78 31.17
CA SER A 865 240.42 -61.81 31.27
CA SER A 866 239.80 -61.72 27.46
CA ARG A 867 241.46 -58.36 26.60
CA SER A 868 238.45 -56.23 25.54
CA SER A 869 235.06 -57.34 26.86
CA GLN A 870 234.15 -54.39 29.09
CA GLU A 871 235.84 -51.07 29.89
CA SER A 872 234.91 -50.97 33.56
CA TYR A 873 234.44 -53.78 36.13
CA ALA A 874 232.61 -53.82 39.50
CA HIS A 875 233.93 -53.72 43.05
CA GLY A 876 234.94 -57.16 44.33
CA THR A 877 236.08 -58.40 40.89
CA LYS A 878 239.10 -60.76 41.04
CA LEU A 879 241.01 -61.14 37.73
CA SER A 880 244.11 -63.33 37.29
CA TYR A 881 247.39 -62.50 35.51
CA THR A 882 249.60 -64.17 32.85
CA CYS A 883 253.20 -63.76 31.62
CA GLU A 884 254.86 -64.53 28.25
CA GLY A 885 255.73 -68.09 27.16
CA GLY A 886 258.81 -68.66 29.35
CA PHE A 887 258.37 -66.28 32.33
CA ARG A 888 257.57 -67.25 35.93
CA ILE A 889 255.16 -65.11 38.00
CA SER A 890 255.55 -64.33 41.70
CA GLU A 891 253.19 -66.03 44.22
CA GLU A 892 249.42 -66.09 43.45
CA ASN A 893 248.82 -64.55 39.99
CA GLU A 894 245.71 -62.51 40.86
CA THR A 895 244.61 -58.88 41.26
CA THR A 896 241.45 -57.68 43.03
CA CYS A 897 239.45 -54.44 42.95
CA TYR A 898 238.48 -52.28 45.92
CA MET A 899 236.67 -48.89 45.49
CA GLY A 900 237.36 -48.59 41.73
CA LYS A 901 241.11 -49.25 42.20
CA TRP A 902 243.02 -52.56 41.79
CA SER A 903 245.61 -54.16 44.11
CA SER A 904 249.42 -54.32 43.77
CA PRO A 905 249.51 -56.76 40.78
CA PRO A 906 252.10 -59.63 40.69
CA GLN A 907 255.14 -59.28 38.42
CA CYS A 908 256.83 -61.57 35.87
CA GLU A 909 260.09 -61.56 37.90
CA GLY A 910 260.79 -63.39 41.22
CA LEU A 911 263.60 -65.32 43.13
CA PRO A 912 262.65 -68.48 45.49
CA CYS A 913 266.40 -69.71 45.91
CA LYS A 914 269.68 -70.16 44.04
CA SER A 915 272.40 -72.80 44.57
CA PRO A 916 272.27 -74.08 48.21
CA PRO A 917 275.33 -73.13 50.37
CA GLU A 918 277.74 -75.65 51.91
CA ILE A 919 276.84 -77.38 55.18
CA SER A 920 278.63 -78.12 58.49
CA HIS A 921 281.53 -80.54 57.72
CA GLY A 922 279.30 -81.98 54.99
CA VAL A 923 278.45 -81.87 51.31
CA VAL A 924 275.52 -82.30 48.98
CA ALA A 925 274.93 -85.46 46.90
CA HIS A 926 272.26 -83.98 44.62
CA MET A 927 274.04 -80.97 43.13
CA SER A 928 271.50 -79.67 40.58
CA ASP A 929 271.43 -76.47 38.47
CA SER A 930 267.81 -75.35 38.94
CA TYR A 931 266.62 -74.58 42.51
CA GLN A 932 263.55 -72.31 42.76
CA TYR A 933 260.95 -72.80 45.55
CA GLY A 934 259.49 -75.99 47.07
CA GLU A 935 262.67 -78.07 46.80
CA GLU A 936 264.72 -80.19 49.20
CA VAL A 937 268.44 -81.11 49.21
CA THR A 938 270.67 -83.84 50.69
CA TYR A 939 272.76 -82.24 53.45
CA LYS A 940 274.97 -85.27 54.21
CA CYS A 941 278.03 -85.21 56.54
CA PHE A 942 281.52 -86.57 55.71
CA GLU A 943 283.34 -89.64 57.04
CA GLY A 944 284.90 -88.87 60.43
CA PHE A 945 281.92 -86.75 61.60
CA GLY A 946 279.11 -88.34 63.61
CA ILE A 947 275.71 -87.27 62.35
CA ASP A 948 272.83 -86.24 64.55
CA GLY A 949 269.49 -85.04 63.14
CA PRO A 950 268.19 -85.60 59.59
CA ALA A 951 270.55 -85.12 56.60
CA ILE A 952 268.45 -82.78 54.39
CA ALA A 953 267.51 -79.13 53.98
CA LYS A 954 264.58 -77.26 52.35
CA CYS A 955 264.29 -74.02 50.26
CA LEU A 956 262.78 -71.05 52.11
CA GLY A 957 262.87 -68.41 49.40
CA GLU A 958 266.43 -67.10 49.79
CA LYS A 959 267.71 -69.12 52.76
CA TRP A 960 267.68 -72.87 53.32
CA SER A 961 266.01 -74.76 56.22
CA HIS A 962 267.24 -77.51 58.70
CA PRO A 963 271.00 -77.71 58.77
CA PRO A 964 272.37 -81.00 60.32
CA SER A 965 274.48 -81.56 63.38
CA CYS A 966 277.67 -83.23 62.18
CA ILE A 967 280.65 -81.42 61.13
CA LYS A 968 281.73 -77.71 62.26
CA THR A 969 283.04 -74.67 60.20
CA ASP A 970 286.80 -73.37 60.68
CA CYS A 971 286.59 -69.56 59.50
CA LEU A 972 288.70 -66.51 58.74
CA SER A 973 288.81 -63.08 60.22
CA LEU A 974 285.36 -61.57 59.88
CA PRO A 975 284.79 -58.67 57.64
CA SER A 976 284.05 -55.40 59.31
CA PHE A 977 280.51 -54.42 58.78
CA GLU A 978 279.08 -51.08 57.85
CA ASN A 979 279.56 -48.67 60.73
CA ALA A 980 280.91 -51.30 63.01
CA ILE A 981 284.10 -52.90 64.27
CA PRO A 982 284.76 -56.57 64.69
CA MET A 983 286.03 -57.75 68.00
CA GLY A 984 287.57 -61.01 69.01
CA GLU A 985 288.61 -62.06 72.46
CA LYS A 986 291.30 -64.24 71.07
CA LYS A 987 292.69 -64.44 67.61
CA ASP A 988 290.75 -63.50 64.58
CA VAL A 989 290.70 -67.06 63.42
CA TYR A 990 287.86 -68.72 65.21
CA LYS A 991 288.54 -72.22 64.09
CA ALA A 992 285.15 -73.78 63.64
CA GLY A 993 281.67 -73.33 64.90
CA GLU A 994 282.33 -70.53 67.33
CA GLN A 995 280.47 -67.42 68.32
CA VAL A 996 281.87 -64.19 67.08
CA THR A 997 280.58 -60.98 68.48
CA TYR A 998 280.80 -57.74 66.55
CA THR A 999 281.00 -54.26 67.94
CA CYS A 1000 279.54 -50.90 66.99
CA ALA A 1001 280.55 -47.28 67.38
CA THR A 1002 279.55 -45.18 70.35
CA TYR A 1003 276.09 -44.32 69.16
CA TYR A 1004 275.01 -47.54 67.44
CA LYS A 1005 273.36 -50.79 68.40
CA MET A 1006 273.86 -54.33 67.11
CA ASP A 1007 270.91 -56.23 65.71
CA GLY A 1008 271.59 -59.90 65.99
CA ALA A 1009 270.98 -63.10 67.88
CA SER A 1010 273.80 -62.71 70.34
CA ASN A 1011 276.81 -63.70 68.31
CA VAL A 1012 277.47 -64.74 64.76
CA THR A 1013 277.84 -68.43 64.18
CA CYS A 1014 280.24 -69.52 61.52
CA ILE A 1015 280.11 -73.12 60.55
CA ASN A 1016 282.24 -74.14 57.64
CA SER A 1017 282.64 -70.66 56.12
CA ARG A 1018 279.10 -69.46 56.56
CA TRP A 1019 278.18 -66.62 58.85
CA THR A 1020 274.64 -67.09 59.96
CA GLY A 1021 273.45 -63.90 61.57
CA ARG A 1022 274.96 -60.63 60.59
CA PRO A 1023 274.94 -57.96 63.15
CA THR A 1024 273.96 -54.57 61.87
CA CYS A 1025 274.67 -51.30 63.53
CA ARG A 1026 272.69 -48.02 63.70
CA ASP A 1027 270.88 -45.60 65.83
CA THR A 1028 270.76 -42.08 63.94
CA SER A 1029 267.46 -40.44 62.63
CA CYS A 1030 265.47 -36.82 62.38
CA VAL A 1031 264.19 -33.47 63.47
CA ASN A 1032 261.02 -31.50 62.95
CA PRO A 1033 260.80 -30.75 59.32
CA PRO A 1034 261.15 -27.33 57.90
CA THR A 1035 258.38 -25.46 56.17
CA VAL A 1036 257.91 -25.94 52.47
CA GLN A 1037 257.27 -23.21 49.88
CA ASN A 1038 253.54 -22.80 50.00
CA ALA A 1039 252.83 -25.44 52.59
CA TYR A 1040 252.82 -26.57 56.19
CA ILE A 1041 254.08 -29.71 57.83
CA VAL A 1042 251.65 -32.11 59.43
CA SER A 1043 252.67 -34.76 61.85
CA ARG A 1044 251.55 -37.60 64.00
CA GLN A 1045 251.78 -37.73 67.72
CA MET A 1046 255.48 -37.15 67.51
CA SER A 1047 256.86 -33.95 66.09
CA LYS A 1048 260.28 -35.44 65.80
CA TYR A 1049 260.27 -38.52 63.72
CA PRO A 1050 262.82 -41.12 64.65
CA SER A 1051 265.17 -41.95 61.79
CA GLY A 1052 263.87 -43.96 58.84
CA GLU A 1053 260.29 -42.75 58.88
CA ARG A 1054 257.67 -41.40 56.53
CA VAL A 1055 256.86 -37.75 56.89
CA ARG A 1056 253.88 -36.28 55.17
CA TYR A 1057 253.61 -32.59 54.35
CA GLN A 1058 250.52 -30.54 53.71
CA CYS A 1059 249.56 -27.58 51.56
CA ARG A 1060 247.02 -24.81 51.67
CA SER A 1061 243.52 -25.51 50.43
CA PRO A 1062 244.39 -24.25 46.97
CA TYR A 1063 247.39 -26.49 46.34
CA GLU A 1064 248.42 -30.08 45.75
CA MET A 1065 251.48 -31.92 47.00
CA PHE A 1066 253.68 -33.71 44.56
CA GLY A 1067 255.76 -36.43 46.09
CA ASP A 1068 256.28 -40.14 46.20
CA GLU A 1069 254.09 -40.80 49.19
CA GLU A 1070 255.97 -39.20 52.02
CA VAL A 1071 259.42 -37.90 52.70
CA MET A 1072 261.96 -40.37 53.91
CA CYS A 1073 264.62 -39.18 56.25
CA LEU A 1074 267.51 -41.56 56.66
CA ASN A 1075 269.92 -40.28 59.29
CA GLY A 1076 269.47 -36.61 58.49
CA ASN A 1077 268.69 -36.73 54.80
CA TRP A 1078 265.25 -35.86 53.48
CA THR A 1079 264.97 -37.43 50.12
CA GLU A 1080 261.69 -36.42 48.53
CA PRO A 1081 260.47 -32.93 48.83
CA PRO A 1082 256.78 -32.42 48.50
CA GLN A 1083 256.05 -29.36 46.47
CA CYS A 1084 252.83 -27.49 46.50
CA LYS A 1085 251.24 -26.08 43.23
CA ASP A 1086 247.43 -24.64 43.56
CA SER A 1087 246.10 -21.19 42.58
CA THR A 1088 242.92 -18.90 43.08
CA GLY A 1089 240.75 -16.59 45.41
CA LYS A 1090 241.01 -12.79 44.99
CA CYS A 1091 237.87 -10.63 45.47
CA GLY A 1092 236.58 -7.52 43.64
CA PRO A 1093 235.22 -4.41 45.29
CA PRO A 1094 233.05 -4.95 48.37
CA PRO A 1095 229.25 -4.78 48.04
CA PRO A 1096 227.22 -1.69 48.96
CA ILE A 1097 224.65 -2.19 51.72
CA ASP A 1098 221.59 -0.07 52.39
CA ASN A 1099 222.10 2.71 54.93
CA GLY A 1100 225.75 1.76 55.59
CA ASP A 1101 229.17 2.32 54.13
CA ILE A 1102 232.62 0.68 54.22
CA THR A 1103 235.16 2.50 56.32
CA SER A 1104 238.06 2.38 53.79
CA PHE A 1105 238.53 3.42 50.18
CA PRO A 1106 237.43 0.60 47.84
CA LEU A 1107 240.08 -1.20 45.81
CA SER A 1108 239.74 -2.97 42.47
CA VAL A 1109 241.07 -6.25 43.83
CA TYR A 1110 241.65 -7.82 47.22
CA ALA A 1111 243.89 -10.70 48.23
CA PRO A 1112 242.43 -13.67 49.98
CA ALA A 1113 242.19 -13.10 53.76
CA SER A 1114 241.74 -9.29 53.25
CA SER A 1115 238.96 -7.69 55.22
CA VAL A 1116 236.93 -4.48 55.20
CA GLU A 1117 234.43 -3.09 57.73
CA TYR A 1118 231.07 -1.39 57.53
CA GLN A 1119 229.46 1.34 59.59
CA CYS A 1120 225.75 2.07 59.58
CA GLN A 1121 224.42 5.63 59.18
CA ASN A 1122 223.78 7.45 62.38
CA LEU A 1123 220.34 6.29 63.63
CA TYR A 1124 220.72 2.80 62.10
CA GLN A 1125 221.88 -0.07 64.26
CA LEU A 1126 224.44 -2.50 62.77
CA GLU A 1127 223.25 -6.09 63.22
CA GLY A 1128 225.91 -8.79 63.29
CA ASN A 1129 229.59 -8.68 62.47
CA LYS A 1130 230.77 -5.38 60.88
CA ARG A 1131 233.70 -7.12 59.12
CA ILE A 1132 233.65 -8.95 55.81
CA THR A 1133 236.54 -11.12 54.69
CA CYS A 1134 237.65 -12.25 51.23
CA ARG A 1135 238.02 -16.03 50.87
CA ASN A 1136 237.96 -18.32 47.86
CA GLY A 1137 236.97 -15.49 45.54
CA GLN A 1138 233.95 -14.29 47.56
CA TRP A 1139 233.28 -11.80 50.35
CA SER A 1140 231.59 -13.07 53.49
CA GLU A 1141 228.11 -11.83 54.37
CA PRO A 1142 227.84 -8.13 55.23
CA PRO A 1143 225.93 -6.92 58.34
CA LYS A 1144 222.41 -5.35 58.12
CA CYS A 1145 221.61 -1.77 59.14
CA LEU A 1146 218.34 -0.75 61.15
CA HIS A 1147 217.54 2.05 63.51
CA PRO A 1148 213.84 3.12 62.77
CA CYS A 1149 212.08 6.48 63.48
CA VAL A 1150 209.85 7.17 66.50
CA ILE A 1151 206.88 9.54 66.19
CA SER A 1152 207.27 12.73 68.28
CA ARG A 1153 204.20 13.96 70.16
CA GLU A 1154 205.72 17.42 70.71
CA ILE A 1155 206.67 17.93 67.01
CA MET A 1156 203.24 16.76 65.86
CA GLU A 1157 201.49 19.07 68.38
CA ASN A 1158 203.76 21.99 67.26
CA TYR A 1159 203.15 21.35 63.54
CA ASN A 1160 199.33 20.79 63.94
CA ILE A 1161 199.37 17.27 62.47
CA ALA A 1162 198.21 13.80 63.51
CA LEU A 1163 198.67 10.31 62.10
CA ARG A 1164 196.19 9.66 59.30
CA TRP A 1165 195.42 6.03 60.16
CA THR A 1166 194.41 5.69 63.83
CA ALA A 1167 194.02 1.89 63.42
CA LYS A 1168 197.45 1.61 61.74
CA GLN A 1169 199.81 3.59 63.94
CA LYS A 1170 203.46 3.25 62.87
CA LEU A 1171 204.76 4.54 66.20
CA TYR A 1172 208.13 3.13 65.13
CA SER A 1173 208.90 3.05 61.44
CA ARG A 1174 211.71 1.17 59.69
CA THR A 1175 214.19 2.98 57.48
CA GLY A 1176 212.48 3.12 54.08
CA GLU A 1177 208.94 2.93 55.46
CA SER A 1178 206.57 5.87 55.07
CA VAL A 1179 204.33 7.49 57.64
CA GLU A 1180 201.25 9.39 56.61
CA PHE A 1181 200.02 12.43 58.48
CA VAL A 1182 196.98 14.68 58.20
CA CYS A 1183 196.43 18.27 59.19
CA LYS A 1184 194.47 18.68 62.40
CA ARG A 1185 190.92 20.06 62.21
CA GLY A 1186 191.06 23.71 61.16
CA TYR A 1187 194.50 23.65 59.57
CA ARG A 1188 195.99 23.37 56.09
CA LEU A 1189 199.34 22.30 54.66
CA SER A 1190 201.73 25.28 54.85
CA SER A 1191 203.57 26.55 51.77
CA ARG A 1192 206.99 24.93 51.37
CA SER A 1193 205.80 22.08 53.69
CA HIS A 1194 207.03 18.55 53.12
CA THR A 1195 204.40 16.20 51.77
CA LEU A 1196 201.99 14.67 54.31
CA ARG A 1197 203.44 11.26 53.40
CA THR A 1198 207.05 11.11 54.53
CA THR A 1199 209.82 8.47 54.67
CA CYS A 1200 211.89 7.34 57.59
CA TRP A 1201 215.63 7.45 57.02
CA ASP A 1202 217.98 6.16 59.71
CA GLY A 1203 216.09 7.78 62.61
CA LYS A 1204 214.98 10.95 60.83
CA LEU A 1205 211.49 11.81 59.66
CA GLU A 1206 210.97 15.17 57.91
CA TYR A 1207 207.58 16.21 59.22
CA PRO A 1208 205.01 18.27 57.29
CA THR A 1209 203.77 21.53 58.81
CA CYS A 1210 200.16 22.80 58.81
CA ALA A 1211 198.97 26.34 59.43
CA LYS A 1212 195.56 27.52 60.74
CA ARG A 1213 192.79 26.98 59.64
CA GLU A 1 -4.23 39.44 82.00
CA ASP A 2 -4.88 35.56 82.39
CA CYS A 3 -6.43 33.38 79.32
CA ASN A 4 -9.96 32.06 79.06
CA GLU A 5 -10.95 29.26 76.80
CA LEU A 6 -9.81 30.17 73.32
CA PRO A 7 -12.03 31.91 70.88
CA PRO A 8 -14.27 29.98 68.60
CA ARG A 9 -14.47 30.41 64.85
CA ARG A 10 -17.35 29.42 62.60
CA ASN A 11 -17.51 25.70 61.91
CA THR A 12 -14.00 25.37 63.23
CA GLU A 13 -12.64 24.63 66.66
CA ILE A 14 -9.43 24.74 68.68
CA LEU A 15 -7.50 21.50 68.73
CA THR A 16 -6.11 21.44 72.23
CA GLY A 17 -7.88 18.45 73.64
CA SER A 18 -11.30 19.95 74.02
CA TRP A 19 -12.40 20.67 77.52
CA SER A 20 -9.59 20.16 79.96
CA ASP A 21 -8.28 23.10 81.88
CA GLN A 22 -10.51 26.19 81.97
CA THR A 23 -7.75 28.73 81.79
CA TYR A 24 -4.34 28.86 80.22
CA PRO A 25 -1.25 30.78 81.02
CA GLU A 26 0.29 33.63 79.07
CA GLY A 27 2.65 32.61 76.32
CA THR A 28 0.47 29.65 75.48
CA GLN A 29 0.24 28.91 71.81
CA ALA A 30 -2.63 26.84 70.49
CA ILE A 31 -3.40 25.60 67.04
CA TYR A 32 -6.73 25.63 65.24
CA LYS A 33 -8.31 23.16 62.87
CA CYS A 34 -11.35 23.03 60.63
CA ARG A 35 -13.76 20.16 60.20
CA PRO A 36 -12.78 17.71 57.55
CA GLY A 37 -13.62 19.21 54.20
CA TYR A 38 -12.65 22.74 55.15
CA ARG A 39 -9.36 24.43 54.52
CA SER A 40 -7.75 26.60 57.13
CA LEU A 41 -6.60 29.80 55.56
CA GLY A 42 -5.03 32.15 58.02
CA ASN A 43 -3.30 31.97 61.35
CA VAL A 44 -3.48 28.30 62.07
CA ILE A 45 -2.13 29.18 65.46
CA MET A 46 -3.29 31.72 68.03
CA VAL A 47 -1.19 32.80 70.96
CA CYS A 48 -2.32 34.32 74.16
CA ARG A 49 -0.96 37.48 75.63
CA LYS A 50 -2.07 39.50 78.61
CA GLY A 51 -4.72 36.97 79.41
CA GLU A 52 -6.26 37.50 76.03
CA TRP A 53 -5.86 35.70 72.79
CA VAL A 54 -3.61 37.93 70.85
CA ALA A 55 -4.92 40.56 68.52
CA LEU A 56 -1.86 39.41 66.70
CA ASN A 57 -2.53 35.99 65.34
CA PRO A 58 -6.11 37.03 65.11
CA LEU A 59 -8.19 33.91 65.09
CA ARG A 60 -8.40 32.78 61.49
CA LYS A 61 -11.50 31.35 59.92
CA CYS A 62 -12.10 28.34 57.77
CA GLN A 63 -15.96 29.42 57.86
CA LYS A 64 -17.31 32.91 59.18
CA ARG A 65 -20.76 33.28 57.06
CA PRO A 66 -22.41 37.05 56.64
CA CYS A 67 -23.86 39.10 54.05
CA GLY A 68 -26.30 40.99 56.12
CA HIS A 69 -28.97 42.60 54.16
CA PRO A 70 -28.41 44.53 50.95
CA GLY A 71 -31.07 47.02 51.55
CA ASP A 72 -34.64 47.42 50.71
CA THR A 73 -36.22 49.78 48.41
CA PRO A 74 -39.36 51.85 49.30
CA PHE A 75 -39.81 52.23 45.59
CA GLY A 76 -40.20 48.60 45.01
CA THR A 77 -39.29 45.27 46.33
CA PHE A 78 -36.35 42.93 46.18
CA THR A 79 -36.13 39.24 45.99
CA LEU A 80 -33.40 36.82 46.89
CA THR A 81 -32.34 34.35 44.31
CA GLY A 82 -30.10 31.41 44.94
CA GLY A 83 -30.53 31.03 48.64
CA ASN A 84 -33.66 33.13 49.39
CA VAL A 85 -31.73 34.74 52.26
CA PHE A 86 -28.68 36.92 52.77
CA GLU A 87 -26.22 34.04 52.58
CA TYR A 88 -23.10 33.80 50.48
CA GLY A 89 -23.70 33.43 46.81
CA VAL A 90 -27.25 34.80 46.92
CA LYS A 91 -28.33 37.45 44.49
CA ALA A 92 -30.59 40.14 45.79
CA VAL A 93 -32.51 41.00 42.73
CA TYR A 94 -34.48 44.13 43.02
CA THR A 95 -37.76 44.57 41.28
CA CYS A 96 -39.81 47.72 41.18
CA ASN A 97 -43.47 47.99 42.10
CA GLU A 98 -46.50 49.01 40.20
CA GLY A 99 -45.63 52.52 39.49
CA TYR A 100 -41.90 52.28 39.47
CA GLN A 101 -39.33 51.15 37.01
CA LEU A 102 -35.76 50.26 37.20
CA LEU A 103 -33.20 52.76 36.22
CA GLY A 104 -29.96 51.41 34.97
CA GLU A 105 -28.92 47.91 33.97
CA ILE A 106 -28.00 46.72 37.42
CA ASN A 107 -31.00 45.22 39.20
CA TYR A 108 -29.33 42.87 41.57
CA ARG A 109 -26.64 42.58 44.19
CA GLU A 110 -24.71 39.42 44.48
CA CYS A 111 -23.17 38.30 47.68
CA ASP A 112 -19.65 37.22 47.15
CA THR A 113 -17.10 36.44 49.85
CA ASP A 114 -16.38 40.15 50.06
CA GLY A 115 -20.03 40.77 50.74
CA TRP A 116 -22.63 42.23 48.43
CA THR A 117 -20.90 43.07 45.15
CA ASN A 118 -23.10 45.79 43.68
CA ASP A 119 -25.12 48.43 45.44
CA ILE A 120 -28.83 49.10 45.63
CA PRO A 121 -29.92 49.72 42.03
CA ILE A 122 -31.85 52.75 41.02
CA CYS A 123 -35.54 52.40 40.86
CA GLU A 124 -35.46 56.29 40.06
CA VAL A 125 -37.93 59.29 40.17
CA VAL A 126 -35.83 62.59 40.62
CA LYS A 127 -38.21 64.28 37.86
CA CYS A 128 -39.38 67.97 37.12
CA LEU A 129 -41.82 70.03 35.12
CA PRO A 130 -40.47 73.02 33.22
CA VAL A 131 -41.12 75.97 35.47
CA THR A 132 -42.34 79.04 33.62
CA ALA A 133 -40.88 81.94 35.66
CA PRO A 134 -41.87 84.11 38.62
CA GLU A 135 -44.07 87.15 37.97
CA ASN A 136 -41.40 89.84 37.82
CA GLY A 137 -38.47 87.58 37.34
CA LYS A 138 -36.97 85.02 35.02
CA ILE A 139 -35.07 81.79 35.06
CA VAL A 140 -31.29 81.72 35.40
CA SER A 141 -30.99 78.00 34.62
CA SER A 142 -32.49 78.44 31.16
CA ALA A 143 -29.50 76.89 29.41
CA MET A 144 -27.22 73.91 30.21
CA GLU A 145 -28.08 71.65 27.31
CA PRO A 146 -29.79 72.23 23.93
CA ASP A 147 -32.15 69.50 25.11
CA ARG A 148 -32.61 70.79 28.62
CA GLU A 149 -35.04 68.66 30.50
CA TYR A 150 -35.08 69.38 34.14
CA HIS A 151 -33.58 66.22 35.55
CA PHE A 152 -32.96 65.39 39.21
CA GLY A 153 -30.07 67.37 40.63
CA GLN A 154 -30.72 70.40 38.50
CA ALA A 155 -31.03 73.66 40.26
CA VAL A 156 -33.30 76.13 38.67
CA ARG A 157 -32.19 79.43 39.83
CA PHE A 158 -34.20 82.56 39.26
CA VAL A 159 -33.49 86.22 38.97
CA CYS A 160 -35.68 89.19 39.46
CA ASN A 161 -35.93 91.99 36.96
CA SER A 162 -34.84 95.55 37.47
CA GLY A 163 -36.13 96.74 40.79
CA TYR A 164 -37.48 93.48 42.05
CA LYS A 165 -36.26 91.46 44.89
CA ILE A 166 -36.80 87.80 45.39
CA GLU A 167 -39.30 86.82 48.02
CA GLY A 168 -38.29 83.24 48.51
CA ASP A 169 -34.97 81.67 47.71
CA GLU A 170 -33.33 81.96 44.31
CA GLU A 171 -32.69 78.29 43.69
CA MET A 172 -34.95 75.30 43.29
CA HIS A 173 -33.75 71.76 42.89
CA CYS A 174 -35.40 68.84 41.22
CA SER A 175 -35.81 66.03 43.72
CA ASP A 176 -36.63 62.28 43.18
CA ASP A 177 -40.28 63.07 43.92
CA GLY A 178 -40.51 64.61 40.46
CA PHE A 179 -41.37 67.73 42.21
CA TRP A 180 -39.50 70.91 42.76
CA SER A 181 -37.66 71.16 46.06
CA LYS A 182 -38.05 74.90 46.43
CA GLU A 183 -41.27 76.73 45.93
CA LYS A 184 -41.52 79.16 43.06
CA PRO A 185 -40.23 82.37 44.58
CA LYS A 186 -41.71 85.72 43.86
CA CYS A 187 -40.13 88.86 42.63
CA VAL A 188 -41.40 92.44 43.61
CA GLU A 189 -40.84 93.93 39.98
CA ILE A 190 -40.22 97.99 39.83
CA SER A 191 -38.79 101.13 37.83
CA CYS A 192 -39.29 104.95 38.06
CA LYS A 193 -37.28 107.84 39.34
CA SER A 194 -38.17 111.46 39.17
CA PRO A 195 -39.61 112.03 35.81
CA ASP A 196 -37.44 114.23 33.68
CA VAL A 197 -38.36 117.60 32.34
CA ILE A 198 -40.54 117.80 29.30
CA ASN A 199 -40.13 119.93 26.24
CA GLY A 200 -40.97 123.51 27.06
CA SER A 201 -43.17 122.20 29.76
CA PRO A 202 -43.51 121.97 33.45
CA ILE A 203 -44.82 119.30 35.80
CA SER A 204 -47.78 120.41 37.85
CA GLN A 205 -47.57 117.68 40.38
CA LYS A 206 -44.36 116.48 41.88
CA ILE A 207 -44.83 113.36 43.94
CA ILE A 208 -42.94 110.19 44.74
CA TYR A 209 -43.00 107.86 41.81
CA LYS A 210 -43.07 104.13 41.71
CA GLU A 211 -44.52 101.95 39.02
CA ASN A 212 -47.92 102.39 37.41
CA GLU A 213 -48.26 106.13 37.68
CA ARG A 214 -49.24 108.93 35.34
CA PHE A 215 -47.87 112.40 35.30
CA GLN A 216 -49.02 115.71 34.01
CA TYR A 217 -46.72 116.99 31.35
CA LYS A 218 -48.17 120.40 30.72
CA CYS A 219 -46.76 123.02 28.39
CA ASN A 220 -46.28 126.61 29.34
CA MET A 221 -47.23 129.88 27.75
CA GLY A 222 -45.65 130.70 24.43
CA TYR A 223 -45.85 127.14 23.21
CA GLU A 224 -48.59 125.58 21.15
CA TYR A 225 -49.90 122.45 22.77
CA SER A 226 -50.63 119.53 20.52
CA GLU A 227 -51.53 116.08 21.74
CA ARG A 228 -52.32 115.11 25.29
CA GLY A 229 -50.13 116.38 28.04
CA ASP A 230 -49.45 113.53 30.35
CA ALA A 231 -46.84 110.81 30.48
CA VAL A 232 -46.80 107.43 32.14
CA CYS A 233 -44.12 105.44 33.95
CA THR A 234 -42.70 102.45 32.18
CA GLU A 235 -40.62 101.37 35.15
CA SER A 236 -37.64 103.28 33.88
CA GLY A 237 -38.36 105.45 30.93
CA TRP A 238 -41.50 107.49 30.57
CA ARG A 239 -44.30 107.21 28.05
CA PRO A 240 -45.24 109.84 25.49
CA LEU A 241 -44.09 113.39 25.67
CA PRO A 242 -46.26 116.06 24.24
CA SER A 243 -45.67 118.16 21.20
CA CYS A 244 -44.96 121.53 22.64
CA GLU A 245 -42.29 123.64 23.91
CA GLU A 246 -39.35 121.70 25.63
CA LYS A 247 -37.59 124.67 27.64
CA SER A 248 -36.36 125.36 31.28
CA CYS A 249 -32.52 126.40 31.71
CA ASP A 250 -29.74 126.96 34.06
CA ASN A 251 -28.74 130.50 34.79
CA PRO A 252 -25.34 130.96 33.20
CA TYR A 253 -22.64 132.74 34.99
CA ILE A 254 -20.54 134.94 33.03
CA PRO A 255 -18.14 136.86 35.14
CA ASN A 256 -17.15 139.35 32.83
CA GLY A 257 -18.90 138.57 29.55
CA ASP A 258 -22.04 139.89 27.95
CA TYR A 259 -24.74 137.86 26.19
CA SER A 260 -27.99 138.39 24.27
CA PRO A 261 -30.86 138.34 24.53
CA LEU A 262 -31.12 139.19 28.20
CA ARG A 263 -33.88 137.69 30.22
CA ILE A 264 -34.74 136.84 33.66
CA LYS A 265 -36.16 133.50 33.53
CA HIS A 266 -34.98 131.11 30.87
CA ARG A 267 -36.90 128.34 29.17
CA THR A 268 -35.72 125.19 27.41
CA GLY A 269 -34.04 125.64 24.01
CA ASP A 270 -32.60 129.17 24.14
CA GLU A 271 -29.24 129.81 22.51
CA ILE A 272 -27.49 133.11 23.30
CA THR A 273 -24.40 134.74 21.89
CA TYR A 274 -21.84 135.65 24.52
CA GLN A 275 -18.90 137.93 23.89
CA CYS A 276 -16.07 139.03 26.14
CA ARG A 277 -15.38 142.38 24.87
CA ASN A 278 -14.42 144.37 27.70
CA GLY A 279 -13.10 141.62 29.85
CA PHE A 280 -10.82 139.05 28.26
CA TYR A 281 -10.98 137.00 25.08
CA PRO A 282 -13.77 134.35 24.71
CA ALA A 283 -13.04 130.78 25.85
CA THR A 284 -14.42 128.77 22.99
CA ARG A 285 -13.93 129.01 19.28
CA GLY A 286 -17.49 130.16 18.84
CA ASN A 287 -19.34 132.69 20.92
CA THR A 288 -22.52 131.02 22.21
CA ALA A 289 -24.29 128.73 24.63
CA LYS A 290 -27.67 126.99 24.29
CA CYS A 291 -30.16 126.72 27.06
CA THR A 292 -31.19 123.17 27.74
CA SER A 293 -32.84 122.26 31.07
CA THR A 294 -29.92 122.18 33.53
CA GLY A 295 -27.27 124.37 31.99
CA TRP A 296 -25.88 125.89 28.80
CA ILE A 297 -23.87 124.61 25.77
CA PRO A 298 -21.42 124.98 24.32
CA ALA A 299 -20.04 127.61 26.63
CA PRO A 300 -20.10 131.21 27.77
CA ARG A 301 -16.73 131.88 29.33
CA CYS A 302 -14.53 134.91 29.18
CA THR A 303 -12.69 132.27 31.85
CA LEU A 304 -11.11 128.76 32.62
CA LYS A 305 -9.59 127.27 35.90
CA PRO A 306 -8.17 123.58 36.07
CA CYS A 307 -5.61 120.65 35.28
CA ASP A 308 -1.97 120.20 34.05
CA TYR A 309 -0.70 118.40 30.89
CA PRO A 310 -1.88 114.81 31.03
CA ASP A 311 1.14 112.54 31.16
CA ILE A 312 -0.60 109.66 29.39
CA LYS A 313 1.14 106.35 30.06
CA HIS A 314 1.05 104.07 26.99
CA GLY A 315 -0.69 106.78 24.98
CA GLY A 316 -0.70 110.44 24.01
CA LEU A 317 -2.74 113.49 23.10
CA TYR A 318 -3.64 114.22 19.47
CA HIS A 319 -2.59 117.64 18.12
CA GLU A 320 0.17 117.71 20.74
CA ASN A 321 1.81 120.81 19.20
CA MET A 322 -1.43 122.86 19.20
CA ARG A 323 -2.63 122.06 22.73
CA ARG A 324 0.72 122.63 24.35
CA PRO A 325 0.96 125.22 25.99
CA TYR A 326 -2.75 126.18 26.79
CA PHE A 327 -1.94 124.20 30.03
CA PRO A 328 -2.79 124.49 32.88
CA VAL A 329 -6.22 123.75 31.42
CA ALA A 330 -9.53 124.85 32.94
CA VAL A 331 -12.03 122.31 34.30
CA GLY A 332 -14.52 121.01 31.73
CA LYS A 333 -11.94 121.10 28.94
CA TYR A 334 -11.42 117.68 27.36
CA TYR A 335 -8.98 116.41 24.76
CA SER A 336 -8.91 113.56 22.28
CA TYR A 337 -6.10 111.09 22.95
CA TYR A 338 -4.84 107.81 21.52
CA CYS A 339 -3.36 104.61 23.02
CA ASP A 340 -0.23 102.88 21.76
CA GLU A 341 -0.13 99.44 20.11
CA HIS A 342 -1.09 96.68 22.58
CA PHE A 343 -3.17 99.17 24.58
CA GLU A 344 -6.80 100.34 24.53
CA THR A 345 -9.08 103.04 25.94
CA PRO A 346 -11.73 102.24 28.60
CA SER A 347 -14.33 102.32 25.74
CA GLY A 348 -12.38 99.54 23.98
CA SER A 349 -11.04 101.66 21.10
CA TYR A 350 -7.61 103.06 20.19
CA TRP A 351 -8.79 106.63 20.89
CA ASP A 352 -11.07 108.53 23.27
CA HIS A 353 -11.45 111.77 25.26
CA ILE A 354 -9.75 112.65 28.57
CA HIS A 355 -11.56 115.17 30.77
CA CYS A 356 -10.21 117.67 33.27
CA THR A 357 -12.26 116.96 36.40
CA GLN A 358 -12.18 118.82 39.73
CA ASP A 359 -10.32 115.74 41.03
CA GLY A 360 -7.87 115.58 38.08
CA TRP A 361 -7.92 113.88 34.68
CA SER A 362 -10.73 111.44 33.82
CA PRO A 363 -10.38 108.56 33.03
CA ALA A 364 -7.58 108.09 35.60
CA VAL A 365 -6.16 105.22 33.52
CA PRO A 366 -6.74 106.33 29.89
CA CYS A 367 -4.85 103.45 28.31
CA LEU A 368 -1.39 102.89 28.81
CA ARG A 369 0.76 101.90 32.00
CA LYS A 370 4.54 101.21 32.75
CA CYS A 371 7.34 100.39 35.29
CA TYR A 372 8.11 103.64 37.12
CA PHE A 373 11.74 104.71 37.18
CA PRO A 374 12.78 105.58 40.75
CA TYR A 375 15.23 108.12 42.09
CA LEU A 376 18.92 107.06 42.10
CA GLU A 377 20.67 108.49 45.16
CA ASN A 378 24.05 107.13 44.01
CA GLY A 379 23.56 107.62 40.24
CA TYR A 380 22.86 110.18 37.51
CA ASN A 381 19.13 110.91 37.20
CA GLN A 382 17.38 111.51 33.87
CA ASN A 383 14.28 109.22 34.04
CA HIS A 384 12.98 109.67 37.61
CA GLY A 385 9.19 109.63 37.11
CA ARG A 386 9.11 108.19 33.59
CA LYS A 387 6.87 105.24 32.78
CA PHE A 388 7.95 102.30 30.63
CA VAL A 389 6.01 99.37 29.22
CA GLN A 390 7.05 95.75 29.80
CA GLY A 391 9.92 94.59 27.58
CA LYS A 392 11.62 98.02 27.65
CA SER A 393 15.30 98.41 28.58
CA ILE A 394 16.68 101.63 30.04
CA ASP A 395 20.31 102.73 30.46
CA VAL A 396 21.44 103.34 34.03
CA ALA A 397 24.36 105.64 34.82
CA CYS A 398 25.68 105.14 38.38
CA HIS A 399 28.17 107.44 40.05
CA PRO A 400 31.86 106.50 39.81
CA GLY A 401 32.47 103.65 42.28
CA TYR A 402 28.84 102.47 42.22
CA ALA A 403 27.26 99.89 39.91
CA LEU A 404 24.05 98.01 39.25
CA PRO A 405 23.89 94.54 40.79
CA LYS A 406 25.88 93.01 39.29
CA ALA A 407 26.74 94.59 37.04
CA GLN A 408 24.30 95.23 34.21
CA THR A 409 24.30 98.65 32.57
CA THR A 410 20.52 98.61 32.00
CA VAL A 411 17.31 97.68 33.82
CA THR A 412 14.49 95.92 31.92
CA CYS A 413 10.79 96.11 32.74
CA MET A 414 9.48 92.61 33.29
CA GLU A 415 5.96 91.45 34.22
CA ASN A 416 7.18 91.37 37.84
CA GLY A 417 8.86 94.80 37.72
CA TRP A 418 12.35 96.14 36.95
CA SER A 419 15.11 93.57 36.38
CA PRO A 420 17.35 94.11 38.15
CA THR A 421 16.14 96.68 40.70
CA PRO A 422 17.23 100.21 39.62
CA ARG A 423 19.71 101.06 42.39
CA CYS A 424 23.45 101.70 42.44
CA ILE A 425 25.35 104.13 44.39
CA ARG A 426 24.89 107.97 45.13
CA VAL A 427 28.05 110.21 46.01
CA LYS A 428 27.81 113.62 48.14
CA THR A 429 30.10 116.02 50.05
CA CYS A 430 28.79 119.79 50.66
CA SER A 431 25.95 120.94 52.90
CA LYS A 432 23.00 123.04 51.72
CA SER A 433 23.11 124.70 55.18
CA SER A 434 26.47 126.23 54.27
CA ILE A 435 25.05 127.86 51.11
CA ASP A 436 24.10 131.54 51.21
CA ILE A 437 22.03 133.42 48.63
CA GLU A 438 20.25 136.78 48.78
CA ASN A 439 17.43 137.60 46.32
CA GLY A 440 16.99 133.97 45.34
CA PHE A 441 16.62 130.52 46.88
CA ILE A 442 17.95 126.99 46.48
CA SER A 443 15.36 125.30 44.26
CA GLU A 444 16.29 121.69 44.88
CA SER A 445 15.98 120.98 47.74
CA GLN A 446 18.25 118.31 49.30
CA TYR A 447 20.41 118.75 52.41
CA THR A 448 23.51 116.88 51.28
CA TYR A 449 25.22 117.05 47.90
CA ALA A 450 27.89 114.59 46.81
CA LEU A 451 31.15 115.74 45.21
CA LYS A 452 30.55 117.07 41.66
CA GLU A 453 26.78 117.22 42.33
CA LYS A 454 25.21 120.62 41.62
CA ALA A 455 22.99 122.77 43.82
CA LYS A 456 20.23 124.53 41.85
CA TYR A 457 19.12 128.09 42.71
CA GLN A 458 16.48 130.47 41.30
CA CYS A 459 16.54 134.27 41.60
CA LYS A 460 13.65 136.42 42.78
CA LEU A 461 11.38 138.09 40.21
CA GLY A 462 13.45 140.77 38.46
CA TYR A 463 16.83 139.51 39.68
CA VAL A 464 19.51 137.78 37.58
CA THR A 465 22.60 135.63 38.06
CA ALA A 466 26.17 136.30 36.86
CA ASP A 467 25.54 134.85 33.36
CA GLY A 468 23.13 136.73 33.44
CA GLU A 469 20.18 134.39 33.63
CA THR A 470 17.18 134.15 35.96
CA SER A 471 18.54 130.91 37.48
CA GLY A 472 21.81 129.02 37.83
CA SER A 473 23.67 126.46 39.92
CA ILE A 474 26.79 125.83 42.03
CA THR A 475 29.03 122.76 42.22
CA CYS A 476 30.19 120.72 45.20
CA GLY A 477 33.96 120.24 45.26
CA LYS A 478 36.67 118.83 47.54
CA ASP A 479 37.03 122.36 48.93
CA GLY A 480 33.30 123.05 49.28
CA TRP A 481 30.94 124.92 46.98
CA SER A 482 32.20 126.28 43.62
CA ALA A 483 31.05 129.71 44.77
CA GLN A 484 28.20 131.72 46.24
CA PRO A 485 24.99 132.15 44.21
CA THR A 486 24.63 135.74 42.97
CA CYS A 487 21.17 137.17 42.28
CA ILE A 488 22.65 140.79 43.62
CA LYS A 489 22.98 144.25 41.82
CA SER A 490 23.44 147.07 44.80
CA CYS A 491 21.40 150.22 43.64
CA ASP A 492 18.03 151.51 44.60
CA ILE A 493 15.05 150.31 42.72
CA PRO A 494 13.99 152.82 40.19
CA VAL A 495 10.38 153.75 39.98
CA PHE A 496 9.34 154.48 36.47
CA MET A 497 6.00 156.17 36.39
CA ASN A 498 5.31 155.20 32.87
CA ALA A 499 8.32 153.81 31.19
CA ARG A 500 10.04 150.58 30.43
CA THR A 501 13.67 149.80 30.91
CA LYS A 502 15.94 147.13 29.62
CA ASN A 503 17.75 144.66 31.74
CA ASP A 504 14.74 143.86 33.84
CA PHE A 505 15.87 142.34 37.11
CA THR A 506 14.75 141.61 40.60
CA TRP A 507 17.95 142.34 42.49
CA PHE A 508 19.96 145.36 41.63
CA LYS A 509 23.68 145.48 42.04
CA LEU A 510 26.26 148.24 41.67
CA ASN A 511 26.92 149.92 38.33
CA ASP A 512 24.15 148.52 36.26
CA THR A 513 23.08 150.92 33.56
CA LEU A 514 19.99 150.26 31.55
CA ASP A 515 18.09 152.10 28.87
CA TYR A 516 14.70 153.43 29.72
CA GLU A 517 12.27 154.49 27.06
CA CYS A 518 8.90 156.05 27.39
CA HIS A 519 7.19 154.13 24.65
CA ASP A 520 3.53 154.64 25.03
CA GLY A 521 3.03 157.00 27.92
CA TYR A 522 1.70 159.55 25.50
CA GLU A 523 1.63 162.05 28.27
CA SER A 524 5.05 160.82 29.24
CA ASN A 525 8.10 162.03 27.40
CA THR A 526 11.60 160.74 27.67
CA GLY A 527 12.50 163.62 29.94
CA SER A 528 16.14 163.20 29.13
CA THR A 529 18.17 163.89 26.05
CA THR A 530 19.36 160.33 26.19
CA GLY A 531 17.50 157.74 28.12
CA SER A 532 19.50 155.58 30.39
CA ILE A 533 20.02 155.33 34.09
CA VAL A 534 22.99 153.77 35.78
CA CYS A 535 22.83 151.90 39.03
CA GLY A 536 24.97 153.26 41.79
CA TYR A 537 24.88 152.71 45.50
CA ASN A 538 21.76 154.76 45.94
CA GLY A 539 19.51 155.56 43.02
CA TRP A 540 20.29 155.78 39.33
CA SER A 541 21.56 158.48 37.00
CA ASP A 542 21.19 160.37 34.91
CA LEU A 543 17.53 159.65 35.04
CA PRO A 544 14.82 157.14 34.72
CA ILE A 545 11.88 159.45 34.56
CA CYS A 546 9.27 159.97 31.91
CA TYR A 547 8.02 162.95 34.06
CA GLU A 548 9.85 166.20 35.16
CA ARG A 549 8.70 167.58 38.70
CA GLU A 550 7.60 171.42 38.41
CA CYS A 551 7.63 174.00 41.62
CA GLU A 552 4.63 175.16 43.59
CA LEU A 553 3.71 178.26 45.50
CA PRO A 554 6.84 179.96 46.59
CA LYS A 555 6.09 180.15 50.29
CA ILE A 556 7.33 182.90 52.57
CA ASP A 557 10.99 183.55 53.21
CA VAL A 558 12.59 184.64 56.44
CA HIS A 559 11.13 187.93 57.58
CA LEU A 560 10.64 188.52 53.92
CA VAL A 561 7.85 189.00 51.47
CA PRO A 562 7.41 188.44 47.81
CA ASP A 563 7.15 191.52 45.67
CA ARG A 564 5.36 189.76 42.93
CA LYS A 565 2.98 187.03 43.90
CA LYS A 566 1.96 185.17 40.81
CA ASP A 567 -0.60 182.42 40.29
CA GLN A 568 1.46 179.80 38.57
CA TYR A 569 5.07 178.83 38.96
CA LYS A 570 6.18 175.75 37.07
CA VAL A 571 9.96 176.02 36.70
CA GLY A 572 12.39 178.49 35.24
CA GLU A 573 10.94 181.21 37.35
CA VAL A 574 12.58 183.69 39.62
CA LEU A 575 11.06 185.65 42.45
CA LYS A 576 11.89 188.71 44.50
CA PHE A 577 12.71 187.58 47.99
CA SER A 578 13.01 190.82 49.78
CA CYS A 579 13.30 191.52 53.49
CA LYS A 580 10.84 193.42 55.62
CA PRO A 581 11.60 196.67 57.35
CA GLY A 582 13.62 196.39 60.52
CA PHE A 583 15.72 193.49 59.34
CA THR A 584 19.29 193.50 58.11
CA ILE A 585 19.55 192.02 54.66
CA VAL A 586 22.66 190.27 53.50
CA GLY A 587 23.16 188.48 50.25
CA PRO A 588 21.02 188.79 47.21
CA ASN A 589 17.29 189.18 47.59
CA SER A 590 16.00 186.92 44.87
CA VAL A 591 15.35 183.22 44.57
CA GLN A 592 14.88 180.66 41.81
CA CYS A 593 12.67 177.62 41.72
CA TYR A 594 14.41 174.30 41.56
CA HIS A 595 11.87 172.01 39.91
CA PHE A 596 10.08 171.80 43.18
CA GLY A 597 8.77 173.71 46.07
CA LEU A 598 12.39 173.89 47.01
CA SER A 599 13.69 177.31 46.05
CA PRO A 600 17.23 178.28 45.58
CA ASP A 601 19.04 181.28 47.05
CA LEU A 602 17.13 182.13 50.19
CA PRO A 603 18.32 185.35 51.68
CA ILE A 604 19.62 186.02 55.14
CA CYS A 605 17.47 188.61 56.81
CA LYS A 606 19.46 188.83 60.20
CA GLU A 607 21.22 191.96 61.88
CA GLN A 608 24.64 192.99 63.57
CA VAL A 609 25.09 194.91 67.13
CA GLN A 610 27.52 198.02 67.82
CA SER A 611 31.29 198.50 66.72
CA CYS A 612 32.90 200.55 69.79
CA GLY A 613 35.94 200.09 71.95
CA PRO A 614 36.09 200.29 75.64
CA PRO A 615 33.62 202.85 76.80
CA PRO A 616 34.90 206.16 77.96
CA GLU A 617 34.53 207.40 81.48
CA LEU A 618 31.40 209.32 82.41
CA LEU A 619 30.95 212.58 84.23
CA ASN A 620 31.60 212.16 87.91
CA GLY A 621 30.91 208.51 87.52
CA ASN A 622 32.24 205.07 86.77
CA VAL A 623 31.07 201.84 85.25
CA LYS A 624 30.05 199.30 87.79
CA GLU A 625 30.28 196.41 85.47
CA LYS A 626 33.08 195.91 83.08
CA THR A 627 30.58 193.61 81.53
CA LYS A 628 32.72 192.62 78.69
CA GLU A 629 36.28 192.98 77.60
CA GLU A 630 35.38 194.15 74.15
CA TYR A 631 32.32 195.95 72.94
CA GLY A 632 31.57 195.52 69.29
CA HIS A 633 28.09 196.94 69.15
CA SER A 634 24.59 196.32 70.38
CA GLU A 635 25.73 196.67 73.93
CA VAL A 636 24.97 198.93 76.82
CA VAL A 637 26.75 199.55 80.05
CA GLU A 638 25.98 200.98 83.42
CA TYR A 639 26.96 204.57 83.79
CA TYR A 640 26.52 205.25 87.47
CA CYS A 641 27.72 208.31 89.24
CA ASN A 642 29.59 208.49 92.51
CA PRO A 643 28.52 209.64 95.87
CA ARG A 644 27.64 213.24 96.61
CA PHE A 645 26.62 213.73 93.03
CA LEU A 646 22.95 213.92 92.33
CA MET A 647 21.86 211.78 89.47
CA LYS A 648 19.36 212.88 86.89
CA GLY A 649 18.19 210.65 84.08
CA PRO A 650 19.00 207.04 83.68
CA ASN A 651 22.42 205.70 84.54
CA LYS A 652 23.11 203.71 81.37
CA ILE A 653 24.88 204.21 78.06
CA GLN A 654 24.47 202.60 74.66
CA CYS A 655 26.97 201.84 71.90
CA VAL A 656 26.51 203.65 68.65
CA ASP A 657 29.34 202.62 66.42
CA GLY A 658 32.23 204.79 67.55
CA GLU A 659 30.34 206.92 70.08
CA TRP A 660 28.27 206.12 73.11
CA THR A 661 24.82 207.43 73.77
CA THR A 662 22.85 208.62 76.75
CA LEU A 663 25.37 210.27 79.02
CA PRO A 664 23.93 210.82 82.45
CA VAL A 665 23.49 214.10 84.20
CA CYS A 666 25.27 214.03 87.51
CA ILE A 667 27.87 217.06 86.73
CA VAL A 668 27.01 220.38 88.62
CA GLU A 669 27.23 223.69 86.74
CA GLU A 670 27.40 227.04 88.80
CA SER A 671 29.37 230.35 87.87
CA THR A 672 30.11 234.02 88.82
CA CYS A 673 27.88 237.15 88.13
CA GLY A 674 27.80 240.91 88.03
CA ASP A 675 25.67 243.51 89.71
CA ILE A 676 22.62 242.38 91.60
CA PRO A 677 19.35 243.58 90.20
CA GLU A 678 16.81 245.51 92.23
CA LEU A 679 14.36 243.50 94.23
CA GLU A 680 10.61 243.66 94.48
CA HIS A 681 9.68 246.84 96.27
CA GLY A 682 12.89 246.66 98.20
CA TRP A 683 16.50 247.71 98.16
CA ALA A 684 19.90 246.39 99.11
CA GLN A 685 21.77 247.51 102.17
CA LEU A 686 25.16 246.55 100.88
CA SER A 687 25.89 247.61 97.41
CA SER A 688 29.35 246.56 96.40
CA PRO A 689 30.84 246.78 93.02
CA PRO A 690 32.43 243.37 92.74
CA TYR A 691 30.55 240.09 92.85
CA TYR A 692 32.31 237.17 91.29
CA TYR A 693 30.78 234.14 92.96
CA GLY A 694 29.95 232.72 96.33
CA ASP A 695 28.35 235.83 97.69
CA SER A 696 25.02 236.81 99.13
CA VAL A 697 23.18 240.10 99.28
CA GLU A 698 20.69 241.72 101.61
CA PHE A 699 17.30 241.86 99.93
CA ASN A 700 15.38 244.04 102.29
CA CYS A 701 11.90 245.38 101.71
CA SER A 702 10.84 248.99 102.06
CA GLU A 703 8.37 250.67 104.35
CA SER A 704 4.66 249.99 103.90
CA PHE A 705 5.43 246.66 102.30
CA THR A 706 4.83 243.54 104.30
CA MET A 707 7.68 241.11 104.14
CA ILE A 708 7.34 237.39 104.06
CA GLY A 709 10.25 235.00 103.76
CA HIS A 710 13.91 235.73 104.29
CA ARG A 711 15.40 238.97 103.08
CA SER A 712 18.51 237.76 101.29
CA ILE A 713 19.67 236.45 97.92
CA THR A 714 22.71 234.58 96.65
CA CYS A 715 24.71 234.55 93.44
CA ILE A 716 24.07 231.68 91.12
CA HIS A 717 26.62 232.25 88.38
CA GLY A 718 24.97 235.40 87.14
CA VAL A 719 21.45 234.69 88.15
CA TRP A 720 20.54 235.65 91.65
CA THR A 721 18.42 233.45 93.78
CA GLN A 722 15.86 233.64 96.56
CA LEU A 723 13.90 236.80 95.94
CA PRO A 724 11.73 237.87 98.82
CA GLN A 725 8.02 238.32 98.86
CA CYS A 726 7.24 241.93 99.60
CA VAL A 727 6.61 244.01 96.18
CA ALA A 728 4.02 243.57 93.18
CA ILE A 729 3.51 241.53 89.94
CA ASP A 730 3.96 241.17 85.99
CA LYS A 731 2.93 238.86 83.02
CA LEU A 732 4.16 239.73 79.23
CA LYS A 733 2.63 238.70 75.75
CA LYS A 734 4.67 238.31 72.37
CA CYS A 735 5.44 240.69 69.24
CA LYS A 736 3.81 241.94 66.10
CA SER A 737 4.82 244.46 63.52
CA SER A 738 6.28 247.40 65.34
CA ASN A 739 4.24 250.53 65.69
CA LEU A 740 5.15 253.75 63.99
CA ILE A 741 7.54 256.14 65.65
CA ILE A 742 7.04 259.81 66.08
CA LEU A 743 8.27 261.87 63.16
CA GLU A 744 9.97 258.98 61.57
CA GLU A 745 10.05 255.50 60.14
CA HIS A 746 11.75 252.17 60.50
CA LEU A 747 14.64 251.46 58.18
CA LYS A 748 14.38 247.75 58.07
CA ASN A 749 10.94 246.36 58.20
CA LYS A 750 11.13 242.68 58.86
CA LYS A 751 8.29 240.33 58.20
CA GLU A 752 8.49 238.30 61.34
CA PHE A 753 9.18 239.69 64.77
CA ASP A 754 8.40 237.20 67.49
CA HIS A 755 10.54 238.54 70.26
CA ASN A 756 14.07 239.27 71.37
CA SER A 757 14.52 241.59 68.44
CA ASN A 758 15.44 245.21 67.93
CA ILE A 759 14.02 247.84 65.61
CA ARG A 760 15.71 250.80 64.09
CA TYR A 761 13.63 253.78 64.80
CA ARG A 762 15.15 256.38 62.62
CA CYS A 763 13.97 259.88 63.23
CA ARG A 764 13.25 262.88 61.09
CA GLY A 765 16.14 264.47 62.90
CA LYS A 766 18.47 262.23 64.79
CA GLU A 767 18.70 262.68 68.52
CA GLY A 768 18.94 260.17 71.31
CA TRP A 769 19.15 256.49 70.49
CA ILE A 770 17.67 255.36 67.22
CA HIS A 771 16.13 252.05 68.12
CA THR A 772 13.48 250.16 70.05
CA VAL A 773 13.28 246.68 71.49
CA CYS A 774 10.39 244.29 71.62
CA ILE A 775 8.76 243.50 74.91
CA ASN A 776 6.12 240.91 74.12
CA GLY A 777 4.34 243.26 71.80
CA ARG A 778 5.05 246.51 73.50
CA TRP A 779 8.14 248.23 72.23
CA ASP A 780 10.86 249.74 74.31
CA PRO A 781 13.17 252.71 73.74
CA GLU A 782 10.96 255.03 71.53
CA VAL A 783 13.20 257.87 70.24
CA ASN A 784 12.34 261.43 71.00
CA CYS A 785 11.88 263.38 67.81
CA SER A 786 11.75 267.32 68.37
CA MET A 787 13.21 270.24 66.25
CA ALA A 788 12.01 273.95 65.65
CA GLN A 789 13.83 276.40 63.22
CA ILE A 790 13.39 280.31 63.44
CA GLN A 791 11.58 281.75 60.14
CA LEU A 792 12.48 285.63 60.54
CA CYS A 793 11.69 288.41 57.95
CA PRO A 794 8.22 289.61 57.30
CA PRO A 795 7.27 292.81 55.62
CA PRO A 796 8.53 295.58 57.75
CA PRO A 797 6.22 297.45 59.91
CA GLN A 798 5.74 301.07 59.21
CA ILE A 799 7.94 303.63 60.83
CA PRO A 800 6.43 306.39 62.81
CA ASN A 801 6.42 308.88 60.03
CA SER A 802 7.28 306.81 57.05
CA HIS A 803 6.71 304.07 54.55
CA ASN A 804 8.97 301.23 53.59
CA MET A 805 9.92 300.47 50.03
CA THR A 806 11.64 297.48 48.59
CA THR A 807 12.23 295.14 45.70
CA THR A 808 10.33 292.37 47.46
CA LEU A 809 7.97 292.32 50.41
CA ASN A 810 9.31 289.44 52.52
CA TYR A 811 13.13 289.65 52.36
CA ARG A 812 13.49 286.12 53.65
CA ASP A 813 16.71 286.08 55.63
CA GLY A 814 19.52 288.46 56.26
CA GLU A 815 18.89 291.31 53.91
CA LYS A 816 19.34 295.05 53.66
CA VAL A 817 16.04 296.84 53.88
CA SER A 818 15.76 300.50 53.10
CA VAL A 819 12.89 302.62 54.31
CA LEU A 820 11.57 305.94 53.06
CA CYS A 821 9.73 308.82 54.63
CA GLN A 822 7.19 311.38 53.54
CA GLU A 823 8.07 314.80 52.30
CA ASN A 824 9.64 317.07 54.88
CA TYR A 825 11.20 314.19 56.77
CA LEU A 826 14.65 312.67 56.81
CA ILE A 827 15.72 309.15 57.65
CA GLN A 828 18.53 308.49 60.04
CA GLU A 829 20.00 305.04 59.75
CA GLY A 830 23.20 303.25 58.98
CA GLU A 831 22.07 302.67 55.42
CA GLU A 832 19.56 299.93 55.80
CA ILE A 833 17.92 297.72 58.32
CA THR A 834 19.44 294.35 58.85
CA CYS A 835 16.99 291.59 59.61
CA LYS A 836 18.79 288.58 60.86
CA ASP A 837 16.60 285.83 62.22
CA GLY A 838 13.64 288.07 62.99
CA ARG A 839 15.26 291.14 64.44
CA TRP A 840 15.38 294.56 62.86
CA GLN A 841 18.64 295.93 64.01
CA SER A 842 18.52 299.57 62.96
CA ILE A 843 15.43 301.68 62.91
CA PRO A 844 15.26 304.43 60.41
CA LEU A 845 13.65 307.42 62.00
CA CYS A 846 11.93 310.10 60.07
CA VAL A 847 13.96 312.58 62.21
CA GLU A 848 13.30 315.91 64.26
CA LYS A 849 16.19 318.52 63.73
CA ILE A 850 16.01 322.39 62.48
CA PRO A 851 19.12 324.81 62.06
CA CYS A 852 20.45 327.78 64.58
CA SER A 853 19.93 331.43 65.56
CA GLN A 854 21.99 334.58 64.69
CA PRO A 855 25.65 333.46 64.02
CA PRO A 856 28.30 334.20 66.73
CA GLN A 857 30.41 337.41 66.81
CA ILE A 858 34.23 337.75 66.64
CA GLU A 859 35.93 341.01 67.84
CA HIS A 860 36.43 343.57 64.98
CA GLY A 861 34.90 341.29 62.31
CA THR A 862 31.35 340.05 61.69
CA ILE A 863 29.49 337.55 59.50
CA ASN A 864 29.05 338.38 55.77
CA SER A 865 25.63 336.84 55.01
CA SER A 866 23.66 340.13 54.53
CA ARG A 867 23.23 341.19 58.19
CA SER A 868 19.43 340.85 58.67
CA SER A 869 17.63 338.50 56.29
CA GLN A 870 16.43 335.82 58.69
CA GLU A 871 16.67 335.36 62.47
CA SER A 872 17.23 331.61 62.45
CA TYR A 873 19.03 329.34 59.92
CA ALA A 874 18.79 325.56 59.35
CA HIS A 875 21.16 322.74 60.30
CA GLY A 876 23.98 322.29 57.78
CA THR A 877 24.17 326.01 56.90
CA LYS A 878 27.72 327.21 56.14
CA LEU A 879 28.21 331.01 56.37
CA SER A 880 31.55 332.78 55.75
CA TYR A 881 33.21 335.55 57.80
CA THR A 882 34.75 338.98 57.08
CA CYS A 883 37.07 341.40 58.94
CA GLU A 884 37.51 345.20 58.71
CA GLY A 885 39.37 346.88 55.83
CA GLY A 886 42.96 346.04 56.84
CA PHE A 887 42.66 342.89 59.02
CA ARG A 888 43.77 339.37 58.08
CA ILE A 889 41.64 336.35 59.09
CA SER A 890 43.00 333.01 60.27
CA GLU A 891 42.75 329.96 57.89
CA GLU A 892 39.40 329.30 56.11
CA ASN A 893 36.94 332.13 56.96
CA GLU A 894 33.83 329.98 57.47
CA THR A 895 31.50 328.85 60.26
CA THR A 896 29.03 325.92 60.07
CA CYS A 897 25.95 324.94 62.09
CA TYR A 898 25.32 321.63 63.83
CA MET A 899 22.20 321.01 66.02
CA GLY A 900 21.24 324.71 66.28
CA LYS A 901 24.77 325.73 67.39
CA TRP A 902 27.63 327.14 65.26
CA SER A 903 31.31 326.10 65.15
CA SER A 904 34.37 327.84 66.66
CA PRO A 905 34.40 330.88 64.28
CA PRO A 906 37.74 332.19 62.85
CA GLN A 907 39.24 335.38 64.32
CA CYS A 908 40.66 338.57 62.83
CA GLU A 909 44.13 338.01 64.03
CA GLY A 910 47.74 339.37 64.12
CA LEU A 911 50.62 337.87 66.10
CA PRO A 912 54.46 338.33 64.89
CA CYS A 913 57.20 336.38 62.66
CA LYS A 914 60.58 335.20 63.91
CA SER A 915 63.41 333.49 61.97
CA PRO A 916 61.92 331.63 58.92
CA PRO A 917 62.18 327.77 59.11
CA GLU A 918 64.16 325.63 56.66
CA ILE A 919 62.62 324.69 53.30
CA SER A 920 62.29 321.47 51.23
CA HIS A 921 65.84 320.38 50.20
CA GLY A 922 66.71 324.08 50.09
CA VAL A 923 68.19 326.98 52.01
CA VAL A 924 67.85 330.71 52.37
CA ALA A 925 70.29 333.21 50.80
CA HIS A 926 69.10 336.26 52.75
CA MET A 927 69.51 335.14 56.36
CA SER A 928 68.66 338.29 58.34
CA ASP A 929 68.14 338.88 62.08
CA SER A 930 64.96 341.01 62.06
CA TYR A 931 61.79 339.51 60.55
CA GLN A 932 58.50 341.08 61.69
CA TYR A 933 55.52 341.41 59.29
CA GLY A 934 55.38 342.32 55.59
CA GLU A 935 58.64 340.62 54.62
CA GLU A 936 59.70 338.11 51.96
CA VAL A 937 62.57 335.56 51.91
CA THR A 938 64.57 333.62 49.28
CA TYR A 939 63.52 329.97 49.48
CA LYS A 940 66.08 328.58 46.99
CA CYS A 941 66.69 324.85 46.37
CA PHE A 942 70.11 323.08 46.35
CA GLU A 943 72.12 321.65 43.45
CA GLY A 944 70.79 318.19 42.53
CA PHE A 945 67.14 319.17 43.08
CA GLY A 946 65.02 320.39 40.16
CA ILE A 947 62.99 323.45 41.10
CA ASP A 948 59.37 323.98 40.20
CA GLY A 949 57.40 327.05 41.33
CA PRO A 950 58.87 330.36 42.56
CA ALA A 951 61.82 330.35 45.01
CA ILE A 952 60.50 332.73 47.73
CA ALA A 953 58.24 332.80 50.77
CA LYS A 954 56.31 335.55 52.64
CA CYS A 955 55.62 336.29 56.37
CA LEU A 956 52.06 335.54 57.51
CA GLY A 957 52.28 336.51 61.17
CA GLU A 958 53.67 333.30 62.70
CA LYS A 959 53.86 330.99 59.67
CA TRP A 960 55.47 331.57 56.28
CA SER A 961 53.75 331.47 52.86
CA HIS A 962 54.56 329.68 49.49
CA PRO A 963 57.04 326.88 49.99
CA PRO A 964 58.74 325.68 46.71
CA SER A 965 58.65 322.35 44.99
CA CYS A 966 62.25 321.12 44.86
CA ILE A 967 61.18 317.85 43.31
CA LYS A 968 62.19 314.54 42.09
CA THR A 969 60.49 311.02 43.35
CA ASP A 970 58.81 307.78 42.24
CA CYS A 971 58.77 304.59 44.63
CA LEU A 972 60.08 301.11 45.27
CA SER A 973 58.38 297.92 46.29
CA LEU A 974 56.61 298.56 49.55
CA PRO A 975 57.71 296.87 52.67
CA SER A 976 55.42 294.25 54.04
CA PHE A 977 53.81 295.40 57.19
CA GLU A 978 53.31 293.58 60.42
CA ASN A 979 50.82 290.78 59.89
CA ALA A 980 50.05 291.81 56.39
CA ILE A 981 50.96 291.21 52.76
CA PRO A 982 51.52 293.82 50.12
CA MET A 983 49.62 293.51 46.91
CA GLY A 984 50.11 295.20 43.60
CA GLU A 985 47.96 294.86 40.55
CA LYS A 986 50.89 295.51 38.33
CA LYS A 987 54.54 295.59 39.11
CA ASP A 988 55.88 296.42 42.50
CA VAL A 989 57.34 299.61 41.22
CA TYR A 990 54.59 302.16 41.25
CA LYS A 991 56.42 304.90 39.49
CA ALA A 992 55.22 308.08 41.13
CA GLY A 993 52.23 309.30 43.01
CA GLU A 994 50.15 306.17 42.81
CA GLN A 995 47.86 304.39 45.19
CA VAL A 996 49.14 301.21 46.67
CA THR A 997 46.80 298.96 48.50
CA TYR A 998 48.03 296.53 51.12
CA THR A 999 46.46 293.28 52.15
CA CYS A 1000 45.96 291.45 55.41
CA ALA A 1001 45.62 287.85 56.49
CA THR A 1002 42.29 286.07 56.73
CA TYR A 1003 41.30 287.42 60.10
CA TYR A 1004 42.64 290.98 59.98
CA LYS A 1005 41.45 294.36 58.81
CA MET A 1006 43.32 297.27 57.25
CA ASP A 1007 43.20 300.65 58.90
CA GLY A 1008 43.88 303.29 56.33
CA ALA A 1009 42.48 305.91 54.01
CA SER A 1010 41.88 303.63 51.07
CA ASN A 1011 45.34 303.25 49.62
CA VAL A 1012 48.79 304.42 50.48
CA THR A 1013 50.04 307.39 48.54
CA CYS A 1014 53.70 307.53 47.77
CA ILE A 1015 54.98 310.77 46.42
CA ASN A 1016 58.70 311.04 46.00
CA SER A 1017 59.64 308.23 48.40
CA ARG A 1018 57.20 309.02 51.16
CA TRP A 1019 54.37 306.72 52.09
CA THR A 1020 51.62 308.78 53.60
CA GLY A 1021 49.17 306.46 55.26
CA ARG A 1022 50.30 303.14 56.55
CA PRO A 1023 47.74 300.45 56.65
CA THR A 1024 47.77 298.41 59.80
CA CYS A 1025 46.27 295.01 60.22
CA ARG A 1026 47.18 291.98 61.43
CA ASP A 1027 50.71 291.30 59.99
CA THR A 1028 52.73 287.89 59.54
CA SER A 1029 56.53 287.10 59.23
CA CYS A 1030 57.01 283.27 59.56
CA VAL A 1031 57.99 279.89 58.24
CA ASN A 1032 56.37 276.50 58.08
CA PRO A 1033 55.96 275.35 61.60
CA PRO A 1034 57.86 272.51 63.06
CA THR A 1035 56.30 269.26 64.17
CA VAL A 1036 54.99 269.00 67.70
CA GLN A 1037 55.51 266.08 70.11
CA ASN A 1038 52.70 263.76 69.20
CA ALA A 1039 51.13 265.87 66.51
CA TYR A 1040 51.15 267.22 62.99
CA ILE A 1041 50.76 270.72 61.63
CA VAL A 1042 47.74 271.61 59.56
CA SER A 1043 47.56 274.63 57.40
CA ARG A 1044 45.47 276.67 55.05
CA GLN A 1045 46.24 277.32 51.47
CA MET A 1046 49.55 278.78 52.45
CA SER A 1047 52.17 276.68 54.14
CA LYS A 1048 54.12 279.72 55.13
CA TYR A 1049 52.06 282.06 57.15
CA PRO A 1050 52.90 285.71 56.77
CA SER A 1051 53.86 287.34 60.05
CA GLY A 1052 51.17 288.01 62.66
CA GLU A 1053 48.90 285.08 61.89
CA ARG A 1054 47.09 282.27 63.63
CA VAL A 1055 48.49 278.83 63.12
CA ARG A 1056 46.54 275.81 64.18
CA TYR A 1057 48.18 272.49 64.93
CA GLN A 1058 46.65 269.05 64.93
CA CYS A 1059 47.11 265.81 66.83
CA ARG A 1060 46.55 262.15 66.20
CA SER A 1061 43.09 260.73 66.68
CA PRO A 1062 43.87 259.75 70.24
CA TYR A 1063 45.00 263.15 71.47
CA GLU A 1064 43.77 266.65 72.26
CA MET A 1065 45.49 269.97 71.67
CA PHE A 1066 45.90 272.37 74.51
CA GLY A 1067 46.39 275.92 73.45
CA ASP A 1068 44.80 279.33 73.45
CA GLU A 1069 43.17 279.04 70.05
CA GLU A 1070 46.10 279.04 67.68
CA VAL A 1071 49.75 279.85 67.75
CA MET A 1072 50.69 283.41 67.09
CA CYS A 1073 53.94 284.11 65.38
CA LEU A 1074 55.08 287.68 65.56
CA ASN A 1075 58.22 288.19 63.51
CA GLY A 1076 59.71 284.79 64.20
CA ASN A 1077 58.35 284.05 67.66
CA TRP A 1078 55.78 281.34 68.22
CA THR A 1079 54.09 282.14 71.44
CA GLU A 1080 51.68 279.36 72.31
CA PRO A 1081 52.62 275.82 71.76
CA PRO A 1082 49.84 273.39 71.32
CA GLN A 1083 50.54 270.20 73.17
CA CYS A 1084 48.94 266.92 72.46
CA LYS A 1085 47.67 264.01 74.82
CA ASP A 1086 45.12 261.08 73.57
CA SER A 1087 43.83 257.78 71.60
CA THR A 1088 41.28 255.19 73.13
CA GLY A 1089 37.49 255.51 74.30
CA LYS A 1090 35.35 255.65 71.12
CA CYS A 1091 31.86 254.04 71.14
CA GLY A 1092 29.94 252.04 68.51
CA PRO A 1093 26.32 252.56 67.55
CA PRO A 1094 23.93 253.35 70.42
CA PRO A 1095 21.74 250.57 71.84
CA PRO A 1096 18.09 250.11 70.87
CA ILE A 1097 15.58 250.39 73.74
CA ASP A 1098 12.08 248.99 73.84
CA ASN A 1099 9.36 251.39 72.73
CA GLY A 1100 11.82 254.26 72.12
CA ASP A 1101 14.16 255.52 69.47
CA ILE A 1102 17.23 257.77 69.18
CA THR A 1103 16.54 261.15 67.67
CA SER A 1104 19.52 261.21 65.24
CA PHE A 1105 20.83 258.93 62.52
CA PRO A 1106 23.13 256.27 64.01
CA LEU A 1107 26.83 256.43 63.21
CA SER A 1108 29.36 253.62 63.09
CA VAL A 1109 31.66 255.29 65.61
CA TYR A 1110 31.42 258.07 68.15
CA ALA A 1111 34.14 260.11 69.80
CA PRO A 1112 34.41 260.22 73.54
CA ALA A 1113 32.10 262.89 75.01
CA SER A 1114 29.58 262.48 72.12
CA SER A 1115 25.96 262.18 73.10
CA VAL A 1116 22.67 261.03 71.59
CA GLU A 1117 19.10 261.32 72.88
CA TYR A 1118 16.10 259.04 73.02
CA GLN A 1119 12.39 259.68 72.68
CA CYS A 1120 9.73 257.22 73.80
CA GLN A 1121 6.81 256.29 71.53
CA ASN A 1122 3.72 258.35 71.98
CA LEU A 1123 1.85 256.89 75.00
CA TYR A 1124 5.08 255.77 76.72
CA GLN A 1125 6.63 257.94 79.40
CA LEU A 1126 10.43 258.39 79.36
CA GLU A 1127 11.86 257.67 82.81
CA GLY A 1128 15.17 259.32 83.69
CA ASN A 1129 17.65 261.20 81.54
CA LYS A 1130 16.94 261.04 77.77
CA ARG A 1131 20.64 261.58 76.93
CA ILE A 1132 23.38 258.98 76.74
CA THR A 1133 27.04 259.93 76.52
CA CYS A 1134 30.07 258.05 75.22
CA ARG A 1135 32.93 257.76 77.72
CA ASN A 1136 35.80 255.34 78.03
CA GLY A 1137 34.48 253.16 75.24
CA GLN A 1138 30.96 252.72 76.67
CA TRP A 1139 27.60 254.49 76.43
CA SER A 1140 25.96 255.59 79.65
CA GLU A 1141 22.68 254.00 80.70
CA PRO A 1142 19.69 254.71 78.46
CA PRO A 1143 16.30 255.82 79.89
CA LYS A 1144 13.30 253.41 80.20
CA CYS A 1145 10.01 253.87 78.34
CA LEU A 1146 8.09 251.30 76.59
CA HIS A 1147 9.80 249.78 73.31
CA PRO A 1148 7.91 248.89 69.93
CA CYS A 1149 9.98 246.54 67.81
CA VAL A 1150 8.44 246.69 64.33
CA ILE A 1151 8.16 243.52 62.21
CA SER A 1152 10.33 243.61 59.05
CA ARG A 1153 8.79 242.27 55.84
CA GLU A 1154 12.19 242.01 54.13
CA ILE A 1155 13.85 240.09 57.02
CA MET A 1156 10.88 237.71 57.28
CA GLU A 1157 10.91 237.11 53.49
CA ASN A 1158 14.72 236.54 53.61
CA TYR A 1159 14.50 234.12 56.57
CA ASN A 1160 11.43 232.19 55.17
CA ILE A 1161 9.22 232.90 58.20
CA ALA A 1162 5.76 234.41 58.81
CA LEU A 1163 3.84 235.40 61.93
CA ARG A 1164 2.18 232.37 63.51
CA TRP A 1165 -1.09 234.07 64.51
CA THR A 1166 -2.65 235.86 61.52
CA ALA A 1167 -5.55 237.09 63.72
CA LYS A 1168 -3.14 238.36 66.41
CA GLN A 1169 -0.49 240.32 64.52
CA LYS A 1170 1.93 242.14 66.86
CA LEU A 1171 3.15 244.46 64.10
CA TYR A 1172 4.62 246.58 66.90
CA SER A 1173 5.74 244.80 70.03
CA ARG A 1174 6.61 246.36 73.40
CA THR A 1175 9.97 245.75 75.01
CA GLY A 1176 9.50 242.47 76.92
CA GLU A 1177 6.71 241.16 74.67
CA SER A 1178 7.27 238.08 72.55
CA VAL A 1179 6.44 237.51 68.91
CA GLU A 1180 5.90 234.04 67.55
CA PHE A 1181 6.90 233.05 64.05
CA VAL A 1182 6.48 229.91 61.97
CA CYS A 1183 8.50 228.54 59.09
CA LYS A 1184 6.90 229.11 55.70
CA ARG A 1185 5.50 226.09 53.82
CA GLY A 1186 8.38 223.86 52.72
CA TYR A 1187 10.95 225.10 55.22
CA ARG A 1188 12.37 224.00 58.56
CA LEU A 1189 14.14 225.73 61.45
CA SER A 1190 17.85 226.03 60.57
CA SER A 1191 20.54 224.69 62.93
CA ARG A 1192 21.80 227.37 65.34
CA SER A 1193 18.54 229.36 64.66
CA HIS A 1194 16.96 231.39 67.42
CA THR A 1195 13.73 229.94 68.75
CA LEU A 1196 10.56 230.69 66.75
CA ARG A 1197 9.28 232.59 69.80
CA THR A 1198 11.42 235.66 70.33
CA THR A 1199 11.40 238.71 72.64
CA CYS A 1200 11.49 242.36 71.78
CA TRP A 1201 14.21 244.34 73.51
CA ASP A 1202 14.43 248.11 73.00
CA GLY A 1203 13.78 247.96 69.23
CA LYS A 1204 15.60 244.71 68.50
CA LEU A 1205 14.04 241.37 67.65
CA GLU A 1206 16.40 238.41 67.01
CA TYR A 1207 14.60 236.60 64.21
CA PRO A 1208 14.66 232.82 63.65
CA THR A 1209 15.88 231.49 60.31
CA CYS A 1210 14.32 228.61 58.32
CA ALA A 1211 15.93 226.63 55.52
CA LYS A 1212 14.22 224.74 52.65
CA ARG A 1213 11.97 222.52 52.75
CA GLU A 1 -2.77 34.01 84.99
CA ASP A 2 -6.06 34.40 82.81
CA CYS A 3 -6.47 33.71 79.17
CA ASN A 4 -10.00 32.38 78.92
CA GLU A 5 -10.97 29.53 76.72
CA LEU A 6 -9.82 30.37 73.22
CA PRO A 7 -12.05 32.07 70.74
CA PRO A 8 -14.29 30.07 68.50
CA ARG A 9 -14.46 30.43 64.74
CA ARG A 10 -17.33 29.39 62.50
CA ASN A 11 -17.48 25.65 61.89
CA THR A 12 -13.98 25.36 63.23
CA GLU A 13 -12.64 24.70 66.68
CA ILE A 14 -9.43 24.84 68.71
CA LEU A 15 -7.49 21.60 68.84
CA THR A 16 -6.12 21.63 72.33
CA GLY A 17 -7.89 18.67 73.82
CA SER A 18 -11.32 20.17 74.15
CA TRP A 19 -12.43 20.97 77.63
CA SER A 20 -9.62 20.51 80.09
CA ASP A 21 -8.33 23.50 81.95
CA GLN A 22 -10.56 26.58 81.96
CA THR A 23 -7.81 29.12 81.73
CA TYR A 24 -4.39 29.22 80.16
CA PRO A 25 -1.29 31.16 80.95
CA GLU A 26 0.25 33.97 78.94
CA GLY A 27 2.61 32.89 76.21
CA THR A 28 0.44 29.91 75.43
CA GLN A 29 0.23 29.08 71.78
CA ALA A 30 -2.64 26.99 70.50
CA ILE A 31 -3.39 25.67 67.07
CA TYR A 32 -6.72 25.66 65.26
CA LYS A 33 -8.28 23.14 62.94
CA CYS A 34 -11.32 22.96 60.70
CA ARG A 35 -13.73 20.08 60.31
CA PRO A 36 -12.74 17.57 57.72
CA GLY A 37 -13.57 19.01 54.34
CA TYR A 38 -12.60 22.55 55.22
CA ARG A 39 -9.31 24.22 54.57
CA SER A 40 -7.72 26.45 57.12
CA LEU A 41 -6.56 29.62 55.50
CA GLY A 42 -4.99 32.02 57.90
CA ASN A 43 -3.28 31.92 61.24
CA VAL A 44 -3.46 28.26 62.05
CA ILE A 45 -2.12 29.21 65.42
CA MET A 46 -3.30 31.81 67.93
CA VAL A 47 -1.20 32.96 70.83
CA CYS A 48 -2.34 34.54 74.01
CA ARG A 49 -0.99 37.75 75.41
CA LYS A 50 -2.11 39.82 78.35
CA GLY A 51 -4.77 37.31 79.19
CA GLU A 52 -6.28 37.76 75.80
CA TRP A 53 -5.88 35.89 72.59
CA VAL A 54 -3.62 38.08 70.61
CA ALA A 55 -4.93 40.65 68.22
CA LEU A 56 -1.87 39.47 66.45
CA ASN A 57 -2.53 36.03 65.15
CA PRO A 58 -6.10 37.06 64.88
CA LEU A 59 -8.18 33.94 64.91
CA ARG A 60 -8.38 32.72 61.36
CA LYS A 61 -11.47 31.26 59.80
CA CYS A 62 -12.08 28.20 57.72
CA GLN A 63 -14.46 25.84 56.26
CA LYS A 64 -17.91 24.85 57.90
CA ARG A 65 -18.54 21.20 59.43
CA PRO A 66 -20.49 18.68 57.02
CA CYS A 67 -23.21 16.58 58.71
CA GLY A 68 -25.92 16.97 56.19
CA HIS A 69 -29.30 16.56 57.57
CA PRO A 70 -30.32 13.82 59.99
CA GLY A 71 -33.76 13.44 58.68
CA ASP A 72 -37.10 14.80 59.40
CA THR A 73 -40.01 13.11 60.85
CA PRO A 74 -43.59 13.40 59.40
CA PHE A 75 -44.74 12.30 62.81
CA GLY A 76 -43.30 15.23 64.53
CA THR A 77 -40.61 17.77 64.33
CA PHE A 78 -36.96 18.01 65.16
CA THR A 79 -34.91 20.78 66.53
CA LEU A 80 -31.22 21.50 66.40
CA THR A 81 -29.47 22.17 69.62
CA GLY A 82 -25.97 23.49 69.91
CA GLY A 83 -25.55 25.06 66.55
CA ASN A 84 -29.16 25.28 65.22
CA VAL A 85 -27.90 23.76 61.96
CA PHE A 86 -26.37 20.53 60.72
CA GLU A 87 -22.85 21.45 61.77
CA TYR A 88 -20.41 19.40 63.77
CA GLY A 89 -21.32 18.98 67.38
CA VAL A 90 -24.99 19.82 66.91
CA LYS A 91 -27.65 17.61 68.37
CA ALA A 92 -30.73 17.03 66.31
CA VAL A 93 -33.27 16.53 68.99
CA TYR A 94 -36.48 15.16 67.74
CA THR A 95 -39.76 16.08 69.30
CA CYS A 96 -43.12 14.65 68.42
CA ASN A 97 -46.20 16.66 67.54
CA GLU A 98 -49.58 16.93 69.07
CA GLY A 99 -50.77 13.47 68.59
CA TYR A 100 -47.50 11.66 68.61
CA GLN A 101 -45.13 10.48 71.26
CA LEU A 102 -41.62 9.33 71.30
CA LEU A 103 -40.91 5.71 71.39
CA GLY A 104 -37.67 4.68 72.94
CA GLU A 105 -35.17 6.64 74.99
CA ILE A 106 -33.22 8.07 72.09
CA ASN A 107 -34.70 11.36 70.94
CA TYR A 108 -31.73 13.01 69.43
CA ARG A 109 -28.90 12.52 66.97
CA GLU A 110 -25.59 14.10 67.68
CA CYS A 111 -23.22 15.05 64.98
CA ASP A 112 -19.77 13.88 65.77
CA THR A 113 -16.81 13.89 63.42
CA ASP A 114 -18.06 10.61 62.01
CA GLY A 115 -21.35 12.26 61.24
CA TRP A 116 -24.66 11.85 63.00
CA THR A 117 -24.16 9.32 65.81
CA ASN A 118 -27.63 7.93 66.37
CA ASP A 119 -30.41 7.41 63.89
CA ILE A 120 -33.86 8.91 63.56
CA PRO A 121 -35.67 7.99 66.80
CA ILE A 122 -39.01 6.34 66.82
CA CYS A 123 -41.96 8.55 67.15
CA GLU A 124 -44.46 9.80 64.74
CA VAL A 125 -42.91 9.32 61.11
CA VAL A 126 -44.50 7.80 57.65
CA LYS A 127 -44.63 8.74 53.82
CA CYS A 128 -46.79 9.43 51.03
CA LEU A 129 -45.19 11.86 48.65
CA PRO A 130 -44.69 15.43 49.81
CA VAL A 131 -47.65 17.33 48.45
CA THR A 132 -46.76 20.74 47.08
CA ALA A 133 -49.88 22.84 47.83
CA PRO A 134 -53.18 23.72 46.14
CA GLU A 135 -53.20 26.60 43.66
CA ASN A 136 -54.44 29.38 45.93
CA GLY A 137 -53.76 27.68 49.18
CA LYS A 138 -51.03 26.25 51.31
CA ILE A 139 -50.32 23.38 53.63
CA VAL A 140 -51.28 23.50 57.30
CA SER A 141 -49.36 20.34 58.23
CA SER A 142 -46.04 21.86 57.17
CA ALA A 143 -44.44 21.28 60.56
CA MET A 144 -44.58 18.41 63.10
CA GLU A 145 -40.99 17.26 62.97
CA PRO A 146 -37.75 18.86 61.68
CA ASP A 147 -37.49 15.71 59.59
CA ARG A 148 -41.10 15.63 58.47
CA GLU A 149 -41.68 12.78 56.12
CA TYR A 150 -45.27 12.15 55.46
CA HIS A 151 -45.78 8.83 57.19
CA PHE A 152 -48.99 6.80 57.39
CA GLY A 153 -51.49 8.37 59.75
CA GLN A 154 -50.43 11.89 59.00
CA ALA A 155 -53.09 14.28 57.99
CA VAL A 156 -52.06 16.97 55.65
CA ARG A 157 -54.44 19.72 56.11
CA PHE A 158 -54.61 22.68 53.79
CA VAL A 159 -55.70 26.25 54.02
CA CYS A 160 -56.77 28.65 51.38
CA ASN A 161 -55.35 32.13 51.11
CA SER A 162 -57.22 35.35 51.60
CA GLY A 163 -60.46 35.18 49.72
CA TYR A 164 -60.29 31.59 48.67
CA LYS A 165 -62.45 28.79 49.75
CA ILE A 166 -61.59 25.16 49.66
CA GLU A 167 -63.23 23.11 46.98
CA GLY A 168 -62.65 19.69 48.39
CA ASP A 169 -61.98 18.78 51.97
CA GLU A 170 -59.23 20.39 54.01
CA GLU A 171 -57.54 17.24 55.24
CA MET A 172 -55.76 14.42 53.49
CA HIS A 173 -54.41 11.35 55.22
CA CYS A 174 -51.58 9.10 54.24
CA SER A 175 -52.86 5.56 53.88
CA ASP A 176 -50.96 2.19 53.67
CA ASP A 177 -51.25 2.37 49.88
CA GLY A 178 -48.54 5.02 49.93
CA PHE A 179 -51.04 7.23 48.40
CA TRP A 180 -52.97 10.15 49.72
CA SER A 181 -56.42 9.36 51.03
CA LYS A 182 -57.95 12.68 50.07
CA GLU A 183 -57.54 14.30 46.74
CA LYS A 184 -55.67 17.57 46.55
CA PRO A 185 -58.38 20.11 47.16
CA LYS A 186 -58.58 23.37 45.35
CA CYS A 187 -58.78 26.86 46.63
CA VAL A 188 -56.34 29.21 45.28
CA GLU A 189 -55.87 29.68 41.29
CA ILE A 190 -53.61 32.70 40.34
CA SER A 191 -52.79 33.68 36.67
CA CYS A 192 -49.45 34.98 35.38
CA LYS A 193 -49.36 37.69 32.77
CA SER A 194 -47.27 37.79 29.68
CA PRO A 195 -43.92 36.54 30.65
CA ASP A 196 -41.29 39.20 30.44
CA VAL A 197 -38.32 39.20 28.15
CA ILE A 198 -35.33 37.14 29.10
CA ASN A 199 -31.71 38.09 29.02
CA GLY A 200 -30.49 38.23 25.47
CA SER A 201 -33.15 35.75 24.62
CA PRO A 202 -36.37 35.38 22.81
CA ILE A 203 -39.54 33.42 23.49
CA SER A 204 -40.33 30.87 20.84
CA GLN A 205 -43.90 30.36 21.81
CA LYS A 206 -46.22 33.14 22.75
CA ILE A 207 -49.48 31.87 24.13
CA ILE A 208 -52.01 32.86 26.74
CA TYR A 209 -50.68 32.18 30.17
CA LYS A 210 -52.46 31.13 33.28
CA GLU A 211 -51.07 29.14 36.15
CA ASN A 212 -49.02 25.98 35.86
CA GLU A 213 -47.32 26.64 32.57
CA ARG A 214 -43.78 26.42 31.26
CA PHE A 215 -42.18 28.67 28.74
CA GLN A 216 -39.25 28.42 26.44
CA TYR A 217 -36.65 30.97 27.28
CA LYS A 218 -34.21 30.46 24.48
CA CYS A 219 -31.09 32.51 23.85
CA ASN A 220 -30.15 33.93 20.51
CA MET A 221 -27.01 33.86 18.43
CA GLY A 222 -23.99 35.60 19.86
CA TYR A 223 -24.71 34.46 23.38
CA GLU A 224 -23.37 31.41 25.12
CA TYR A 225 -26.14 29.32 26.55
CA SER A 226 -25.60 27.84 29.96
CA GLU A 227 -28.27 26.07 31.96
CA ARG A 228 -31.68 25.06 30.72
CA GLY A 229 -33.68 27.51 28.75
CA ASP A 230 -37.18 27.43 30.03
CA ALA A 231 -39.00 29.22 32.79
CA VAL A 232 -42.13 28.38 34.73
CA CYS A 233 -45.05 30.45 36.02
CA THR A 234 -45.23 31.02 39.72
CA GLU A 235 -48.59 32.75 39.53
CA SER A 236 -46.94 36.13 39.29
CA GLY A 237 -43.24 35.99 38.89
CA TRP A 238 -41.47 33.50 36.69
CA ARG A 239 -39.09 30.72 37.60
CA PRO A 240 -35.46 30.51 36.56
CA LEU A 241 -33.98 32.54 33.80
CA PRO A 242 -31.12 31.15 31.86
CA SER A 243 -27.55 32.26 31.85
CA CYS A 244 -27.17 33.84 28.49
CA GLU A 245 -23.53 34.92 27.13
CA GLU A 246 -22.31 35.60 23.41
CA LYS A 247 -18.77 34.85 21.77
CA SER A 248 -17.27 38.29 20.87
CA CYS A 249 -13.48 39.71 20.85
CA ASP A 250 -11.37 42.18 22.58
CA ASN A 251 -11.28 45.68 21.25
CA PRO A 252 -7.82 46.14 19.82
CA TYR A 253 -5.93 49.27 20.40
CA ILE A 254 -4.01 50.59 17.63
CA PRO A 255 -2.51 53.91 18.41
CA ASN A 256 -1.65 54.96 15.15
CA GLY A 257 -2.54 52.11 12.79
CA ASP A 258 -5.53 51.46 10.60
CA TYR A 259 -7.37 48.14 10.18
CA SER A 260 -10.25 46.66 8.16
CA PRO A 261 -13.03 45.96 8.29
CA LEU A 262 -14.15 48.51 10.86
CA ARG A 263 -16.86 47.60 13.25
CA ILE A 264 -18.15 48.49 16.54
CA LYS A 265 -18.79 45.35 18.24
CA HIS A 266 -16.67 42.36 17.41
CA ARG A 267 -17.60 38.70 17.48
CA THR A 268 -15.48 35.58 17.83
CA GLY A 269 -13.33 34.61 14.83
CA ASP A 270 -12.71 37.90 13.02
CA GLU A 271 -9.31 38.50 11.44
CA ILE A 272 -8.48 42.05 10.33
CA THR A 273 -5.59 43.47 8.36
CA TYR A 274 -3.82 46.30 10.15
CA GLN A 275 -1.35 48.61 8.47
CA CYS A 276 0.71 51.47 9.84
CA ARG A 277 0.92 53.68 6.94
CA ASN A 278 0.89 57.03 8.20
CA GLY A 279 2.34 56.32 11.58
CA PHE A 280 5.35 54.06 11.77
CA TYR A 281 6.23 50.70 10.30
CA PRO A 282 4.16 47.59 11.36
CA ALA A 283 5.41 45.54 14.32
CA THR A 284 5.04 42.02 13.04
CA ARG A 285 6.14 40.40 9.84
CA GLY A 286 2.58 40.09 8.69
CA ASN A 287 -0.12 42.72 8.93
CA THR A 288 -3.06 41.17 10.80
CA ALA A 289 -4.75 40.12 14.01
CA LYS A 290 -7.56 37.61 14.57
CA CYS A 291 -10.41 38.17 16.91
CA THR A 292 -10.79 35.39 19.41
CA SER A 293 -12.80 35.96 22.63
CA THR A 294 -10.44 38.01 24.82
CA GLY A 295 -8.06 39.69 22.43
CA TRP A 296 -6.45 39.61 18.98
CA ILE A 297 -3.68 37.54 17.27
CA PRO A 298 -1.14 37.75 15.97
CA ALA A 299 -0.79 41.47 16.47
CA PRO A 300 -1.83 44.94 15.40
CA ARG A 301 0.98 47.24 16.44
CA CYS A 302 2.49 50.20 14.71
CA THR A 303 4.23 52.20 17.44
CA LEU A 304 3.88 51.16 21.10
CA LYS A 305 6.05 53.98 22.72
CA PRO A 306 8.44 53.16 25.62
CA CYS A 307 8.88 52.97 29.52
CA ASP A 308 10.57 54.89 32.43
CA TYR A 309 11.58 53.57 35.91
CA PRO A 310 8.48 52.21 37.60
CA ASP A 311 7.82 54.25 40.73
CA ILE A 312 6.17 51.37 42.58
CA LYS A 313 3.98 52.61 45.42
CA HIS A 314 4.12 50.24 48.43
CA GLY A 315 6.66 48.06 46.65
CA GLY A 316 9.89 47.99 44.67
CA LEU A 317 11.93 46.34 41.95
CA TYR A 318 14.28 43.46 42.75
CA HIS A 319 17.93 43.92 41.70
CA GLU A 320 17.42 47.68 41.87
CA ASN A 321 21.14 48.41 41.46
CA MET A 322 21.49 46.27 38.30
CA ARG A 323 18.39 47.48 36.43
CA ARG A 324 19.03 51.14 37.09
CA PRO A 325 20.01 52.76 34.67
CA TYR A 326 18.93 50.60 31.59
CA PHE A 327 15.86 52.96 31.75
CA PRO A 328 14.09 54.18 29.68
CA VAL A 329 13.22 50.54 29.02
CA ALA A 330 11.94 49.16 25.70
CA VAL A 331 8.41 47.74 25.36
CA GLY A 332 8.13 44.03 26.13
CA LYS A 333 10.75 44.23 28.88
CA TYR A 334 9.38 43.10 32.24
CA TYR A 335 10.86 43.10 35.73
CA SER A 336 10.29 41.15 38.91
CA TYR A 337 9.10 43.32 41.78
CA TYR A 338 8.00 42.87 45.39
CA CYS A 339 5.32 44.45 47.60
CA ASP A 340 5.92 45.77 51.12
CA GLU A 341 4.43 44.28 54.29
CA HIS A 342 0.62 44.70 54.41
CA PHE A 343 0.52 44.76 50.59
CA GLU A 344 0.13 42.16 47.84
CA THR A 345 0.44 41.74 44.07
CA PRO A 346 -2.65 41.30 41.83
CA SER A 347 -1.81 37.53 41.77
CA GLY A 348 -2.08 37.47 45.58
CA SER A 349 1.62 36.97 46.32
CA TYR A 350 4.38 39.20 47.72
CA TRP A 351 6.14 39.30 44.33
CA ASP A 352 5.30 39.38 40.60
CA HIS A 353 6.34 40.85 37.24
CA ILE A 354 5.62 44.37 35.94
CA HIS A 355 5.49 44.77 32.16
CA CYS A 356 6.31 47.75 29.99
CA THR A 357 3.21 48.09 27.79
CA GLN A 358 2.62 50.55 24.92
CA ASP A 359 0.28 52.31 27.37
CA GLY A 360 2.76 52.26 30.29
CA TRP A 361 3.53 49.81 33.09
CA SER A 362 1.28 46.78 33.62
CA PRO A 363 -0.22 46.11 36.13
CA ALA A 364 -1.09 49.78 36.71
CA VAL A 365 -1.44 49.11 40.46
CA PRO A 366 1.30 46.52 41.19
CA CYS A 367 0.82 46.52 44.94
CA LEU A 368 -2.96 46.47 46.16
CA ARG A 369 -5.59 44.46 48.24
CA LYS A 370 -9.25 43.83 46.58
CA CYS A 371 -12.44 41.69 47.41
CA TYR A 372 -13.79 38.57 45.69
CA PHE A 373 -17.41 37.71 46.41
CA PRO A 374 -17.69 34.04 47.39
CA TYR A 375 -20.44 31.50 46.81
CA LEU A 376 -23.35 31.60 49.31
CA GLU A 377 -24.62 28.06 49.97
CA ASN A 378 -27.47 29.36 52.16
CA GLY A 379 -28.21 32.57 50.22
CA TYR A 380 -29.22 34.00 46.85
CA ASN A 381 -26.23 34.31 44.49
CA GLN A 382 -25.77 37.21 42.08
CA ASN A 383 -22.14 38.35 42.68
CA HIS A 384 -20.17 35.07 42.99
CA GLY A 385 -16.91 35.90 41.19
CA ARG A 386 -17.26 39.70 41.12
CA LYS A 387 -14.41 41.89 42.30
CA PHE A 388 -14.90 44.98 44.46
CA VAL A 389 -12.50 47.70 45.54
CA GLN A 390 -11.97 48.65 49.20
CA GLY A 391 -14.73 50.84 50.64
CA LYS A 392 -17.46 49.16 48.57
CA SER A 393 -20.64 47.79 50.18
CA ILE A 394 -22.63 44.96 48.61
CA ASP A 395 -26.16 43.77 49.43
CA VAL A 396 -26.43 40.18 50.67
CA ALA A 397 -29.66 38.21 50.31
CA CYS A 398 -29.72 35.13 52.56
CA HIS A 399 -32.32 32.38 52.31
CA PRO A 400 -35.35 32.64 54.62
CA GLY A 401 -34.21 31.60 58.11
CA TYR A 402 -30.56 32.51 57.49
CA ALA A 403 -28.85 35.84 58.12
CA LEU A 404 -25.47 37.54 58.05
CA PRO A 405 -23.68 37.68 61.39
CA LYS A 406 -25.31 39.48 63.00
CA ALA A 407 -27.25 40.75 61.28
CA GLN A 408 -26.05 43.25 58.70
CA THR A 409 -27.71 43.24 55.29
CA THR A 410 -24.47 44.15 53.47
CA VAL A 411 -20.77 43.22 53.49
CA THR A 412 -18.13 45.95 53.05
CA CYS A 413 -14.66 45.49 51.56
CA MET A 414 -12.09 46.63 54.10
CA GLU A 415 -8.28 46.62 53.84
CA ASN A 416 -8.37 43.29 55.71
CA GLY A 417 -11.15 41.77 53.56
CA TRP A 418 -14.95 41.55 53.70
CA SER A 419 -16.65 42.90 56.84
CA PRO A 420 -18.38 40.86 57.99
CA THR A 421 -17.53 37.58 56.23
CA PRO A 422 -20.06 36.92 53.39
CA ARG A 423 -21.84 33.83 54.74
CA CYS A 424 -25.41 33.15 55.84
CA ILE A 425 -25.99 31.35 59.42
CA ARG A 426 -28.72 31.50 62.32
CA VAL A 427 -28.12 28.96 65.29
CA LYS A 428 -30.77 27.99 68.26
CA THR A 429 -29.96 26.54 71.91
CA CYS A 430 -32.25 23.30 72.98
CA SER A 431 -35.54 23.87 74.77
CA LYS A 432 -36.90 21.67 77.55
CA SER A 433 -40.39 22.40 76.11
CA SER A 434 -39.44 20.42 72.98
CA ILE A 435 -38.52 17.32 75.04
CA ASP A 436 -41.06 14.48 75.30
CA ILE A 437 -40.93 11.57 77.74
CA GLU A 438 -43.59 9.07 78.80
CA ASN A 439 -43.23 7.10 82.07
CA GLY A 440 -40.56 9.46 83.38
CA PHE A 441 -39.84 13.15 83.82
CA ILE A 442 -37.04 15.67 83.26
CA SER A 443 -35.33 15.85 86.65
CA GLU A 444 -33.36 19.06 86.18
CA SER A 445 -35.19 21.35 85.69
CA GLN A 446 -34.02 24.28 83.52
CA TYR A 447 -35.84 25.67 80.46
CA THR A 448 -32.85 26.30 78.21
CA TYR A 449 -29.85 24.05 77.63
CA ALA A 450 -26.71 25.22 75.87
CA LEU A 451 -25.07 23.16 73.12
CA LYS A 452 -23.40 20.00 74.56
CA GLU A 453 -25.29 20.50 77.85
CA LYS A 454 -27.27 17.45 79.00
CA ALA A 455 -30.90 17.18 80.05
CA LYS A 456 -31.41 14.76 82.96
CA TYR A 457 -34.47 12.48 83.16
CA GLN A 458 -35.71 9.89 85.69
CA CYS A 459 -38.11 7.01 84.91
CA LYS A 460 -41.22 6.18 86.91
CA LEU A 461 -41.06 3.43 89.56
CA GLY A 462 -40.59 0.12 87.73
CA TYR A 463 -39.60 1.66 84.39
CA VAL A 464 -36.12 1.64 82.81
CA THR A 465 -34.17 3.46 80.11
CA ALA A 466 -32.45 2.01 77.03
CA ASP A 467 -29.25 1.11 78.94
CA GLY A 468 -31.22 -0.20 80.86
CA GLU A 469 -31.01 1.95 83.97
CA THR A 470 -33.64 3.72 86.09
CA SER A 471 -32.43 7.13 84.86
CA GLY A 472 -30.48 8.67 82.00
CA SER A 473 -29.91 11.85 80.03
CA ILE A 474 -30.03 13.42 76.54
CA THR A 475 -27.62 15.87 74.88
CA CYS A 476 -28.26 19.21 73.21
CA GLY A 477 -26.73 19.42 69.74
CA LYS A 478 -26.67 21.75 66.72
CA ASP A 479 -29.61 19.72 65.38
CA GLY A 480 -31.54 19.61 68.66
CA TRP A 481 -31.73 16.85 71.27
CA SER A 482 -29.60 13.71 70.92
CA ALA A 483 -32.83 11.71 71.08
CA GLN A 484 -36.06 11.14 72.97
CA PRO A 485 -35.91 9.78 76.52
CA THR A 486 -37.18 6.19 76.67
CA CYS A 487 -38.68 4.82 79.90
CA ILE A 488 -40.46 1.72 81.35
CA LYS A 489 -42.96 2.25 84.17
CA SER A 490 -45.41 -0.78 85.30
CA CYS A 491 -47.58 0.32 88.24
CA ASP A 492 -47.70 0.69 91.96
CA ILE A 493 -49.47 -1.91 93.96
CA PRO A 494 -52.87 -0.75 94.90
CA VAL A 495 -53.98 -1.15 98.45
CA PHE A 496 -57.61 -1.87 98.70
CA MET A 497 -58.83 -1.44 102.21
CA ASN A 498 -61.82 -3.60 101.70
CA ALA A 499 -62.39 -4.38 98.12
CA ARG A 500 -61.64 -6.96 95.52
CA THR A 501 -60.34 -6.34 92.06
CA LYS A 502 -60.20 -8.40 88.94
CA ASN A 503 -57.06 -9.41 87.19
CA ASP A 504 -55.32 -10.47 90.36
CA PHE A 505 -51.59 -10.49 89.77
CA THR A 506 -48.30 -10.45 91.53
CA TRP A 507 -46.33 -8.21 89.23
CA PHE A 508 -47.89 -5.11 87.87
CA LYS A 509 -46.97 -3.68 84.53
CA LEU A 510 -47.89 -0.50 82.71
CA ASN A 511 -51.46 0.23 81.64
CA ASP A 512 -53.29 -2.53 83.35
CA THR A 513 -56.82 -1.53 84.23
CA LEU A 514 -58.92 -3.71 86.45
CA ASP A 515 -62.34 -3.49 87.97
CA TYR A 516 -62.60 -3.12 91.69
CA GLU A 517 -65.80 -3.74 93.52
CA CYS A 518 -66.61 -3.32 97.15
CA HIS A 519 -68.69 -6.41 97.56
CA ASP A 520 -69.11 -7.01 101.20
CA GLY A 521 -67.39 -4.18 102.99
CA TYR A 522 -70.75 -3.04 104.24
CA GLU A 523 -69.12 0.01 105.64
CA SER A 524 -67.24 0.30 102.39
CA ASN A 525 -68.89 1.79 99.37
CA THR A 526 -67.61 1.85 95.85
CA GLY A 527 -66.43 5.40 96.30
CA SER A 528 -66.45 5.95 92.59
CA THR A 529 -69.20 6.31 90.07
CA THR A 530 -67.59 3.53 88.12
CA GLY A 531 -65.18 1.18 89.72
CA SER A 532 -61.99 0.56 87.92
CA ILE A 533 -58.42 1.60 88.31
CA VAL A 534 -55.84 1.67 85.60
CA CYS A 535 -52.20 0.91 86.12
CA GLY A 536 -49.82 3.64 85.18
CA TYR A 537 -46.21 4.23 86.09
CA ASN A 538 -47.05 5.20 89.63
CA GLY A 539 -50.39 4.33 91.16
CA TRP A 540 -53.73 3.67 89.54
CA SER A 541 -56.64 5.80 88.41
CA ASP A 542 -59.31 6.76 88.68
CA LEU A 543 -59.51 4.98 91.96
CA PRO A 544 -59.32 1.76 93.78
CA ILE A 545 -60.78 2.84 97.07
CA CYS A 546 -63.82 1.68 98.94
CA TYR A 547 -63.40 4.80 101.45
CA GLU A 548 -61.68 8.25 101.08
CA ARG A 549 -59.93 9.83 104.11
CA GLU A 550 -59.12 13.54 104.99
CA CYS A 551 -55.54 14.08 106.62
CA GLU A 552 -54.29 13.53 110.13
CA LEU A 553 -50.94 13.59 111.83
CA PRO A 554 -48.31 12.91 109.27
CA LYS A 555 -46.64 9.98 111.00
CA ILE A 556 -42.96 9.15 110.67
CA ASP A 557 -41.34 8.24 107.41
CA VAL A 558 -38.59 5.71 106.84
CA HIS A 559 -35.54 6.62 108.86
CA LEU A 560 -36.78 10.12 108.41
CA VAL A 561 -38.06 12.97 110.48
CA PRO A 562 -40.29 15.90 109.88
CA ASP A 563 -38.63 19.28 109.86
CA ARG A 564 -41.76 21.09 110.68
CA LYS A 565 -44.21 19.38 112.94
CA LYS A 566 -47.44 21.30 112.91
CA ASP A 567 -50.59 20.87 114.97
CA GLN A 568 -53.20 20.67 112.29
CA TYR A 569 -53.09 19.19 108.82
CA LYS A 570 -56.38 19.08 106.97
CA VAL A 571 -55.51 18.83 103.27
CA GLY A 572 -53.50 20.83 100.78
CA GLU A 573 -50.51 20.63 103.01
CA VAL A 574 -46.99 19.59 102.28
CA LEU A 575 -44.34 18.43 104.67
CA LYS A 576 -40.59 18.01 104.73
CA PHE A 577 -39.83 14.33 104.75
CA SER A 578 -36.14 14.34 105.26
CA CYS A 579 -33.80 11.46 106.04
CA LYS A 580 -31.72 11.03 109.14
CA PRO A 581 -27.97 11.00 109.20
CA GLY A 582 -26.35 7.79 108.08
CA PHE A 583 -28.95 6.98 105.47
CA THR A 584 -28.73 7.36 101.72
CA ILE A 585 -31.52 9.53 100.41
CA VAL A 586 -32.89 9.08 96.94
CA GLY A 587 -35.80 10.89 95.42
CA PRO A 588 -37.36 14.02 96.69
CA ASN A 589 -37.63 14.59 100.42
CA SER A 590 -41.09 16.04 100.71
CA VAL A 591 -44.58 14.62 100.90
CA GLN A 592 -48.14 15.80 100.35
CA CYS A 593 -51.28 14.82 102.16
CA TYR A 594 -53.88 13.01 100.13
CA HIS A 595 -57.14 13.77 101.90
CA PHE A 596 -56.23 11.22 104.46
CA GLY A 597 -53.55 9.93 106.68
CA LEU A 598 -52.20 8.55 103.47
CA SER A 599 -49.39 10.78 102.30
CA PRO A 600 -48.01 11.00 98.88
CA ASP A 601 -44.37 10.87 97.82
CA LEU A 602 -42.61 8.97 100.58
CA PRO A 603 -38.89 9.05 100.15
CA ILE A 604 -36.49 6.17 99.89
CA CYS A 605 -33.95 6.43 102.64
CA LYS A 606 -30.47 4.86 102.59
CA GLU A 607 -27.92 3.46 105.26
CA GLN A 608 -25.23 0.87 106.36
CA VAL A 609 -25.20 -3.07 107.39
CA GLN A 610 -22.60 -5.89 107.90
CA SER A 611 -21.91 -9.45 109.44
CA CYS A 612 -19.10 -9.19 112.34
CA GLY A 613 -16.18 -10.90 113.97
CA PRO A 614 -15.84 -11.83 117.54
CA PRO A 615 -17.58 -9.24 119.60
CA PRO A 616 -15.50 -6.76 121.47
CA GLU A 617 -15.43 -6.53 125.22
CA LEU A 618 -17.97 -4.33 126.95
CA LEU A 619 -17.55 -1.71 129.63
CA ASN A 620 -16.88 -3.29 132.97
CA GLY A 621 -18.45 -6.44 131.67
CA ASN A 622 -18.02 -9.72 129.90
CA VAL A 623 -19.98 -12.03 127.68
CA LYS A 624 -21.50 -14.92 129.52
CA GLU A 625 -22.06 -16.99 126.50
CA LYS A 626 -19.54 -17.37 123.78
CA THR A 627 -22.58 -18.53 121.94
CA LYS A 628 -20.85 -19.10 118.73
CA GLU A 629 -17.35 -19.24 117.42
CA GLU A 630 -18.08 -16.96 114.53
CA TYR A 631 -20.65 -14.26 114.17
CA GLY A 632 -21.61 -13.44 110.64
CA HIS A 633 -24.66 -11.30 111.25
CA SER A 634 -28.16 -11.48 112.62
CA GLU A 635 -26.84 -12.42 116.00
CA VAL A 636 -26.92 -10.98 119.46
CA VAL A 637 -24.91 -11.73 122.53
CA GLU A 638 -25.20 -11.20 126.23
CA TYR A 639 -23.37 -8.17 127.45
CA TYR A 640 -23.49 -8.50 131.20
CA CYS A 641 -21.52 -6.42 133.60
CA ASN A 642 -19.55 -7.61 136.58
CA PRO A 643 -20.18 -7.26 140.23
CA ARG A 644 -20.14 -3.93 141.99
CA PHE A 645 -21.14 -2.22 138.81
CA LEU A 646 -24.68 -1.02 138.57
CA MET A 647 -26.36 -1.95 135.37
CA LYS A 648 -28.63 0.36 133.46
CA GLY A 649 -30.39 -0.65 130.28
CA PRO A 650 -30.49 -4.07 128.84
CA ASN A 651 -27.47 -6.33 128.94
CA LYS A 652 -27.40 -7.43 125.30
CA ILE A 653 -25.68 -6.40 122.08
CA GLN A 654 -26.59 -6.83 118.44
CA CYS A 655 -24.45 -7.28 115.33
CA VAL A 656 -24.60 -4.57 112.76
CA ASP A 657 -22.17 -5.51 110.05
CA GLY A 658 -18.81 -4.45 111.42
CA GLU A 659 -20.04 -2.77 114.60
CA TRP A 660 -22.12 -3.94 117.51
CA THR A 661 -25.14 -2.15 118.85
CA THR A 662 -26.64 -1.47 122.24
CA LEU A 663 -23.71 -1.14 124.60
CA PRO A 664 -24.85 -1.29 128.17
CA VAL A 665 -24.42 1.36 130.79
CA CYS A 666 -22.59 -0.04 133.75
CA ILE A 667 -19.98 -1.30 135.84
CA VAL A 668 -18.49 -4.75 135.22
CA GLU A 669 -15.38 -6.12 137.10
CA GLU A 670 -13.99 -9.57 138.38
CA SER A 671 -13.16 -9.92 142.28
CA THR A 672 -9.55 -11.41 142.41
CA CYS A 673 -7.94 -14.29 144.93
CA GLY A 674 -6.36 -17.60 145.74
CA ASP A 675 -7.30 -20.45 148.01
CA ILE A 676 -10.17 -19.97 150.39
CA PRO A 677 -9.25 -20.10 154.03
CA GLU A 678 -10.88 -22.48 156.48
CA LEU A 679 -14.06 -21.30 158.11
CA GLU A 680 -15.13 -21.18 161.70
CA HIS A 681 -15.65 -24.72 162.90
CA GLY A 682 -16.64 -25.72 159.42
CA TRP A 683 -15.29 -27.00 156.16
CA ALA A 684 -15.83 -26.56 152.46
CA GLN A 685 -17.62 -29.09 150.32
CA LEU A 686 -16.05 -28.02 147.08
CA SER A 687 -12.38 -27.50 147.21
CA SER A 688 -11.06 -26.46 143.85
CA PRO A 689 -7.63 -25.32 143.06
CA PRO A 690 -8.38 -22.32 140.91
CA TYR A 691 -10.26 -19.25 142.08
CA TYR A 692 -9.65 -16.12 140.09
CA TYR A 693 -12.71 -14.00 140.68
CA GLY A 694 -16.46 -14.13 140.61
CA ASP A 695 -16.79 -17.35 142.50
CA SER A 696 -18.48 -18.52 145.65
CA VAL A 697 -17.73 -21.34 148.03
CA GLU A 698 -19.74 -23.57 150.34
CA PHE A 699 -19.02 -22.63 153.93
CA ASN A 700 -20.70 -25.41 155.79
CA CYS A 701 -20.48 -26.02 159.50
CA SER A 702 -19.60 -29.31 161.16
CA GLU A 703 -21.54 -31.55 163.47
CA SER A 704 -22.32 -30.39 166.99
CA PHE A 705 -22.08 -26.79 165.90
CA THR A 706 -25.25 -24.81 165.50
CA MET A 707 -25.39 -22.85 162.31
CA ILE A 708 -26.90 -19.46 161.93
CA GLY A 709 -26.90 -17.48 158.72
CA HIS A 710 -26.18 -18.72 155.24
CA ARG A 711 -23.44 -21.23 154.65
CA SER A 712 -21.58 -19.68 151.73
CA ILE A 713 -18.86 -17.14 150.96
CA THR A 714 -17.76 -15.21 147.89
CA CYS A 715 -14.46 -13.98 146.52
CA ILE A 716 -13.72 -10.34 147.01
CA HIS A 717 -10.46 -9.90 145.14
CA GLY A 718 -8.49 -12.01 147.57
CA VAL A 719 -10.53 -11.47 150.65
CA TRP A 720 -13.46 -13.77 151.08
CA THR A 721 -16.74 -12.53 152.32
CA GLN A 722 -19.72 -13.66 154.33
CA LEU A 723 -18.38 -16.02 156.95
CA PRO A 724 -21.03 -18.02 158.73
CA GLN A 725 -21.80 -18.08 162.39
CA CYS A 726 -21.16 -21.56 163.71
CA VAL A 727 -21.36 -23.76 166.67
CA ALA A 728 -19.47 -26.77 167.91
CA ILE A 729 -20.82 -28.64 171.13
CA ASP A 730 -18.96 -30.26 174.10
CA LYS A 731 -19.91 -34.23 174.62
CA LEU A 732 -19.04 -35.84 178.20
CA LYS A 733 -18.75 -39.66 179.09
CA LYS A 734 -21.41 -42.02 180.57
CA CYS A 735 -22.82 -44.53 183.45
CA LYS A 736 -22.07 -48.10 184.35
CA SER A 737 -23.82 -50.63 186.48
CA SER A 738 -25.01 -48.87 189.57
CA ASN A 739 -23.15 -49.38 192.80
CA LEU A 740 -24.65 -51.17 195.73
CA ILE A 741 -26.72 -49.29 198.23
CA ILE A 742 -26.38 -49.40 201.95
CA LEU A 743 -28.40 -52.15 203.56
CA GLU A 744 -30.24 -52.94 200.44
CA GLU A 745 -30.42 -53.89 196.80
CA HIS A 746 -31.77 -52.75 193.49
CA LEU A 747 -35.06 -54.20 192.38
CA LYS A 748 -34.60 -53.93 188.71
CA ASN A 749 -31.14 -54.48 187.46
CA LYS A 750 -30.93 -53.37 183.89
CA LYS A 751 -28.18 -54.44 181.57
CA GLU A 752 -27.49 -51.12 179.96
CA PHE A 753 -27.44 -47.81 181.75
CA ASP A 754 -25.88 -45.10 179.66
CA HIS A 755 -27.38 -42.06 181.27
CA ASN A 756 -30.59 -40.22 182.01
CA SER A 757 -31.88 -43.20 183.92
CA ASN A 758 -33.13 -43.90 187.41
CA ILE A 759 -32.47 -46.77 189.77
CA ARG A 760 -34.67 -48.16 192.44
CA TYR A 761 -32.67 -48.35 195.56
CA ARG A 762 -34.84 -50.37 197.80
CA CYS A 763 -33.78 -50.46 201.39
CA ARG A 764 -33.78 -53.05 204.12
CA GLY A 765 -36.26 -50.80 205.82
CA LYS A 766 -37.93 -48.15 203.77
CA GLU A 767 -37.29 -44.55 204.68
CA GLY A 768 -36.71 -41.52 202.54
CA TRP A 769 -36.86 -41.82 198.78
CA ILE A 770 -36.13 -45.20 197.29
CA HIS A 771 -34.20 -44.33 194.19
CA THR A 772 -31.06 -42.90 192.65
CA VAL A 773 -30.29 -41.16 189.39
CA CYS A 774 -27.30 -41.45 187.15
CA ILE A 775 -24.89 -38.59 186.85
CA ASN A 776 -22.35 -39.70 184.27
CA GLY A 777 -21.32 -42.62 186.38
CA ARG A 778 -21.83 -41.19 189.79
CA TRP A 779 -25.24 -41.87 191.21
CA ASP A 780 -27.48 -39.39 192.88
CA PRO A 781 -30.04 -39.71 195.67
CA GLU A 782 -28.57 -42.64 197.76
CA VAL A 783 -31.25 -43.67 200.32
CA ASN A 784 -30.46 -43.57 203.99
CA CYS A 785 -30.89 -46.97 205.52
CA SER A 786 -27.99 -46.74 208.48
CA MET A 787 -27.54 -43.33 208.86
CA ALA A 788 -25.42 -40.17 209.32
CA GLN A 789 -21.77 -38.83 210.06
CA ILE A 790 -19.35 -36.04 211.25
CA GLN A 791 -16.58 -33.63 209.61
CA LEU A 792 -12.75 -32.34 210.52
CA CYS A 793 -11.20 -28.90 211.72
CA PRO A 794 -9.14 -27.02 209.24
CA PRO A 795 -6.11 -24.97 209.99
CA PRO A 796 -7.21 -22.19 212.20
CA PRO A 797 -7.63 -18.79 210.83
CA GLN A 798 -5.42 -16.11 212.11
CA ILE A 799 -6.42 -14.08 215.10
CA PRO A 800 -6.58 -10.37 214.85
CA ASN A 801 -3.15 -9.76 216.21
CA SER A 802 -1.67 -13.19 216.27
CA HIS A 803 -0.45 -16.37 214.71
CA ASN A 804 -1.43 -19.90 215.51
CA MET A 805 1.08 -22.60 216.30
CA THR A 806 0.61 -26.30 216.58
CA THR A 807 2.00 -29.79 216.27
CA THR A 808 -0.10 -30.44 213.18
CA LEU A 809 -2.00 -28.18 210.82
CA ASN A 810 -5.38 -29.90 210.51
CA TYR A 811 -6.27 -31.19 214.01
CA ARG A 812 -8.93 -33.48 212.62
CA ASP A 813 -11.60 -33.70 215.29
CA GLY A 814 -11.99 -32.53 218.81
CA GLU A 815 -8.61 -31.20 219.74
CA LYS A 816 -7.00 -28.52 221.86
CA VAL A 817 -5.51 -25.80 219.75
CA SER A 818 -3.27 -23.19 221.23
CA VAL A 819 -2.62 -19.86 219.56
CA LEU A 820 0.19 -17.39 220.00
CA CYS A 821 0.55 -13.66 219.56
CA GLN A 822 3.26 -11.25 218.57
CA GLU A 823 5.47 -9.48 221.01
CA ASN A 824 3.70 -6.99 223.21
CA TYR A 825 0.44 -8.89 223.14
CA LEU A 826 -1.22 -11.32 225.49
CA ILE A 827 -3.68 -14.09 224.76
CA GLN A 828 -6.83 -14.46 226.77
CA GLU A 829 -8.41 -17.86 226.52
CA GLY A 830 -9.40 -20.81 228.60
CA GLU A 831 -6.23 -22.61 227.62
CA GLU A 832 -6.94 -23.69 224.12
CA ILE A 833 -9.54 -23.60 221.45
CA THR A 834 -11.82 -26.56 221.22
CA CYS A 835 -12.88 -27.49 217.72
CA LYS A 836 -15.72 -29.91 217.84
CA ASP A 837 -17.36 -30.62 214.54
CA GLY A 838 -16.26 -27.39 212.86
CA ARG A 839 -16.74 -24.84 215.59
CA TRP A 840 -14.01 -22.95 217.38
CA GLN A 841 -15.41 -22.48 220.81
CA SER A 842 -12.99 -20.07 222.44
CA ILE A 843 -11.19 -17.32 220.67
CA PRO A 844 -7.86 -16.30 221.98
CA LEU A 845 -7.55 -12.57 221.78
CA CYS A 846 -4.29 -10.78 221.65
CA VAL A 847 -2.92 -7.58 220.42
CA GLU A 848 -1.01 -6.61 217.12
CA LYS A 849 1.60 -7.97 214.46
CA ILE A 850 5.23 -6.92 214.91
CA PRO A 851 8.44 -5.76 212.81
CA CYS A 852 11.56 -6.60 211.36
CA SER A 853 11.51 -4.96 207.90
CA GLN A 854 12.21 -6.45 204.42
CA PRO A 855 14.57 -9.49 204.85
CA PRO A 856 18.27 -9.07 203.85
CA GLN A 857 19.63 -9.87 200.34
CA ILE A 858 22.34 -12.42 199.36
CA GLU A 859 24.11 -12.12 195.94
CA HIS A 860 22.36 -14.16 193.17
CA GLY A 861 19.65 -15.53 195.49
CA THR A 862 16.71 -13.89 197.27
CA ILE A 863 14.08 -14.70 199.91
CA ASN A 864 11.20 -17.06 198.94
CA SER A 865 8.28 -15.66 200.97
CA SER A 866 6.22 -14.23 198.05
CA ARG A 867 8.24 -11.06 197.29
CA SER A 868 5.78 -8.29 198.30
CA SER A 869 3.06 -9.27 200.76
CA GLN A 870 3.99 -7.12 203.75
CA GLU A 871 6.71 -4.53 204.39
CA SER A 872 7.43 -5.50 207.99
CA TYR A 873 7.29 -8.90 209.76
CA ALA A 874 7.05 -9.78 213.49
CA HIS A 875 9.68 -11.04 215.93
CA GLY A 876 10.13 -14.82 215.74
CA THR A 877 9.37 -15.02 211.99
CA LYS A 878 11.41 -17.70 210.16
CA LEU A 879 11.61 -17.24 206.37
CA SER A 880 13.52 -19.59 204.03
CA TYR A 881 15.88 -18.70 201.16
CA THR A 882 16.26 -19.70 197.47
CA CYS A 883 19.01 -19.43 194.82
CA GLU A 884 18.87 -19.29 190.99
CA GLY A 885 18.20 -22.37 188.84
CA GLY A 886 21.61 -24.07 189.13
CA PHE A 887 23.10 -22.76 192.42
CA ARG A 888 23.60 -24.73 195.64
CA ILE A 889 22.94 -23.07 199.02
CA SER A 890 25.00 -23.61 202.16
CA GLU A 891 23.51 -25.69 205.05
CA GLU A 892 19.89 -24.95 206.15
CA ASN A 893 18.39 -22.28 203.83
CA GLU A 894 16.59 -20.22 206.50
CA THR A 895 16.80 -16.81 208.18
CA THR A 896 15.10 -15.81 211.46
CA CYS A 897 14.24 -12.47 213.06
CA TYR A 898 15.20 -11.29 216.54
CA MET A 899 14.39 -7.73 217.80
CA GLY A 900 13.54 -6.32 214.34
CA LYS A 901 16.81 -7.62 212.82
CA TRP A 902 17.40 -10.85 210.83
CA SER A 903 20.15 -13.48 211.22
CA SER A 904 23.28 -14.06 209.09
CA PRO A 905 21.46 -15.38 205.95
CA PRO A 906 22.89 -18.40 204.01
CA GLN A 907 24.71 -17.77 200.72
CA CYS A 908 24.50 -19.30 197.23
CA GLU A 909 28.07 -20.99 196.71
CA GLY A 910 28.38 -24.73 197.72
CA LEU A 911 29.92 -25.88 201.08
CA PRO A 912 32.33 -28.84 201.93
CA CYS A 913 33.75 -31.29 204.72
CA LYS A 914 36.32 -30.07 207.24
CA SER A 915 39.70 -31.62 208.16
CA PRO A 916 39.61 -35.43 207.45
CA PRO A 917 39.78 -37.66 210.59
CA GLU A 918 42.60 -40.10 211.35
CA ILE A 919 42.58 -43.57 209.73
CA SER A 920 43.14 -47.17 210.93
CA HIS A 921 46.80 -47.45 212.10
CA GLY A 922 47.63 -44.90 209.40
CA VAL A 923 48.17 -41.23 208.66
CA VAL A 924 47.71 -38.71 205.90
CA ALA A 925 50.57 -37.46 203.70
CA HIS A 926 48.67 -34.53 202.15
CA MET A 927 47.57 -32.57 205.22
CA SER A 928 45.97 -29.45 203.71
CA ASP A 929 43.95 -26.61 205.29
CA SER A 930 41.05 -26.28 202.81
CA TYR A 931 38.80 -29.32 202.27
CA GLN A 932 35.32 -28.56 200.87
CA TYR A 933 33.58 -31.00 198.45
CA GLY A 934 34.98 -33.07 195.57
CA GLU A 935 38.36 -33.78 197.17
CA GLU A 936 40.43 -36.90 197.84
CA VAL A 937 43.07 -37.65 200.51
CA THR A 938 45.98 -40.08 201.00
CA TYR A 939 44.95 -42.60 203.68
CA LYS A 940 48.31 -44.41 203.96
CA CYS A 941 49.15 -47.03 206.65
CA PHE A 942 52.26 -47.07 208.88
CA GLU A 943 55.31 -49.38 208.83
CA GLY A 944 54.49 -52.64 210.63
CA PHE A 945 50.92 -52.80 209.23
CA GLY A 946 50.19 -54.75 206.05
CA ILE A 947 47.96 -52.81 203.71
CA ASP A 948 45.01 -54.25 201.84
CA GLY A 949 42.75 -52.14 199.61
CA PRO A 950 43.57 -48.71 198.14
CA ALA A 951 45.25 -46.05 200.34
CA ILE A 952 42.92 -43.04 199.74
CA ALA A 953 39.60 -41.58 200.87
CA LYS A 954 37.07 -39.15 199.33
CA CYS A 955 34.91 -36.28 200.73
CA LEU A 956 31.19 -37.08 201.06
CA GLY A 957 29.88 -33.82 202.49
CA GLU A 958 30.53 -34.34 206.20
CA LYS A 959 31.95 -37.88 206.28
CA TRP A 960 34.81 -39.38 204.29
CA SER A 961 34.66 -42.40 201.94
CA HIS A 962 36.79 -45.65 201.58
CA PRO A 963 38.84 -46.27 204.67
CA PRO A 964 41.76 -48.79 204.14
CA SER A 965 42.40 -52.15 205.68
CA CYS A 966 45.73 -51.87 207.50
CA ILE A 967 44.38 -55.16 209.57
CA LYS A 968 44.48 -57.94 206.90
CA THR A 969 43.45 -61.57 208.19
CA ASP A 970 41.63 -64.48 206.24
CA CYS A 971 39.31 -67.08 207.64
CA LEU A 972 36.80 -68.37 210.15
CA SER A 973 37.00 -68.97 213.83
CA LEU A 974 39.83 -71.38 214.45
CA PRO A 975 39.16 -74.80 215.73
CA SER A 976 40.22 -75.51 219.25
CA PHE A 977 43.11 -77.84 219.32
CA GLU A 978 43.71 -80.83 221.48
CA ASN A 979 44.25 -79.69 225.05
CA ALA A 980 44.22 -76.06 224.15
CA ILE A 981 42.00 -73.01 223.87
CA PRO A 982 41.92 -70.54 221.05
CA MET A 983 42.26 -66.91 221.88
CA GLY A 984 41.58 -63.85 219.82
CA GLU A 985 42.17 -60.28 220.82
CA LYS A 986 39.37 -59.13 218.65
CA LYS A 987 36.69 -61.10 216.93
CA ASP A 988 37.10 -64.67 215.93
CA VAL A 989 36.99 -63.74 212.31
CA TYR A 990 40.46 -62.66 211.38
CA LYS A 991 39.69 -61.45 207.94
CA ALA A 992 42.72 -62.35 205.88
CA GLY A 993 46.36 -63.02 206.40
CA GLU A 994 46.50 -62.35 210.11
CA GLN A 995 48.30 -63.94 212.98
CA VAL A 996 46.23 -65.98 215.33
CA THR A 997 47.68 -67.08 218.58
CA TYR A 998 46.38 -70.12 220.42
CA THR A 999 46.45 -70.77 224.11
CA CYS A 1000 47.08 -73.80 226.28
CA ALA A 1001 45.99 -74.96 229.71
CA THR A 1002 47.94 -74.18 232.86
CA TYR A 1003 50.49 -76.92 232.49
CA TYR A 1004 51.05 -77.01 228.73
CA LYS A 1005 53.25 -75.26 226.20
CA MET A 1006 52.58 -74.23 222.59
CA ASP A 1007 54.84 -75.50 219.86
CA GLY A 1008 54.68 -73.13 216.97
CA ALA A 1009 56.32 -70.30 215.09
CA SER A 1010 54.76 -67.50 217.06
CA ASN A 1011 51.28 -67.33 215.63
CA VAL A 1012 49.30 -69.23 213.07
CA THR A 1013 49.05 -67.62 209.68
CA CYS A 1014 45.88 -68.11 207.75
CA ILE A 1015 45.92 -67.05 204.17
CA ASN A 1016 42.88 -67.89 202.16
CA SER A 1017 41.57 -70.66 204.42
CA ARG A 1018 44.84 -72.37 205.15
CA TRP A 1019 46.37 -72.45 208.60
CA THR A 1020 50.08 -72.81 208.23
CA GLY A 1021 51.52 -73.68 211.60
CA ARG A 1022 49.45 -75.51 214.12
CA PRO A 1023 50.29 -74.94 217.68
CA THR A 1024 50.34 -78.04 219.78
CA CYS A 1025 50.08 -78.18 223.51
CA ARG A 1026 49.02 -80.16 226.31
CA ASP A 1027 45.09 -80.97 226.02
CA THR A 1028 43.42 -84.27 227.01
CA SER A 1029 39.96 -83.56 228.49
CA CYS A 1030 37.02 -85.41 230.08
CA VAL A 1031 35.55 -88.86 229.82
CA ASN A 1032 32.44 -90.34 228.32
CA PRO A 1033 29.56 -88.91 230.17
CA PRO A 1034 27.37 -90.88 232.43
CA THR A 1035 23.73 -91.59 231.79
CA VAL A 1036 21.15 -89.12 233.00
CA GLN A 1037 17.88 -89.93 234.78
CA ASN A 1038 15.51 -90.54 231.93
CA ALA A 1039 17.93 -89.88 229.12
CA TYR A 1040 20.82 -91.00 226.95
CA ILE A 1041 24.02 -89.28 225.97
CA VAL A 1042 24.62 -88.35 222.37
CA SER A 1043 27.99 -87.49 221.00
CA ARG A 1044 29.94 -86.44 218.01
CA GLN A 1045 32.63 -88.43 216.35
CA MET A 1046 34.50 -88.58 219.59
CA SER A 1047 33.04 -90.34 222.59
CA LYS A 1048 35.56 -88.77 224.86
CA TYR A 1049 35.47 -85.05 224.68
CA PRO A 1050 38.75 -83.31 225.25
CA SER A 1051 38.61 -80.88 228.15
CA GLY A 1052 36.70 -77.62 227.78
CA GLU A 1053 34.03 -78.83 225.39
CA ARG A 1054 30.28 -78.76 224.96
CA VAL A 1055 28.49 -82.00 225.55
CA ARG A 1056 24.89 -82.39 224.56
CA TYR A 1057 22.62 -84.96 226.16
CA GLN A 1058 19.43 -86.44 224.80
CA CYS A 1059 16.16 -87.71 226.21
CA ARG A 1060 13.50 -90.17 225.20
CA SER A 1061 10.84 -89.07 222.76
CA PRO A 1062 8.52 -88.10 225.58
CA TYR A 1063 10.87 -85.76 227.40
CA GLU A 1064 12.63 -82.42 227.12
CA MET A 1065 16.11 -81.45 228.23
CA PHE A 1066 16.58 -78.48 230.47
CA GLY A 1067 20.02 -77.00 230.33
CA ASP A 1068 21.99 -73.98 229.28
CA GLU A 1069 22.93 -75.27 225.86
CA GLU A 1070 25.30 -78.08 226.61
CA VAL A 1071 27.30 -79.35 229.51
CA MET A 1072 30.71 -77.87 229.99
CA CYS A 1073 33.39 -80.03 231.44
CA LEU A 1074 36.44 -78.16 232.61
CA ASN A 1075 39.13 -80.57 233.76
CA GLY A 1076 36.76 -83.16 235.18
CA ASN A 1077 33.86 -81.00 236.29
CA TRP A 1078 30.52 -81.16 234.52
CA THR A 1079 28.77 -77.96 235.31
CA GLU A 1080 25.27 -78.08 233.86
CA PRO A 1081 23.25 -81.17 234.08
CA PRO A 1082 20.56 -81.61 231.54
CA GLN A 1083 17.46 -83.00 233.10
CA CYS A 1084 14.72 -84.73 231.24
CA LYS A 1085 12.67 -87.83 232.09
CA ASP A 1086 14.42 -89.87 234.91
CA SER A 1087 13.90 -92.87 237.12
CA THR A 1088 14.22 -94.15 240.93
CA GLY A 1089 14.08 -97.39 242.99
CA LYS A 1090 17.01 -99.55 241.80
CA CYS A 1091 19.51 -100.90 244.40
CA GLY A 1092 23.31 -101.34 244.30
CA PRO A 1093 25.19 -104.42 245.43
CA PRO A 1094 23.87 -106.12 248.58
CA PRO A 1095 25.61 -105.50 251.91
CA PRO A 1096 28.13 -107.93 253.43
CA ILE A 1097 27.17 -109.37 256.83
CA ASP A 1098 29.50 -110.86 259.41
CA ASN A 1099 29.92 -114.61 259.20
CA GLY A 1100 27.49 -114.97 256.27
CA ASP A 1101 27.44 -114.66 252.53
CA ILE A 1102 24.89 -114.11 249.73
CA THR A 1103 24.10 -117.19 247.72
CA SER A 1104 24.37 -115.57 244.23
CA PHE A 1105 26.97 -113.56 242.38
CA PRO A 1106 26.63 -109.85 243.20
CA LEU A 1107 25.44 -107.49 240.48
CA SER A 1108 26.14 -103.80 240.05
CA VAL A 1109 22.45 -102.88 239.97
CA TYR A 1110 19.18 -104.51 240.90
CA ALA A 1111 15.65 -103.71 239.80
CA PRO A 1112 13.02 -102.94 242.36
CA ALA A 1113 11.41 -106.13 243.71
CA SER A 1114 14.67 -108.13 243.15
CA SER A 1115 15.79 -110.30 246.02
CA VAL A 1116 18.93 -112.09 247.19
CA GLU A 1117 19.46 -114.58 250.04
CA TYR A 1118 22.09 -115.09 252.70
CA GLN A 1119 23.53 -118.20 254.28
CA CYS A 1120 25.48 -118.18 257.55
CA GLN A 1121 28.81 -120.00 257.87
CA ASN A 1122 28.61 -123.50 259.15
CA LEU A 1123 28.34 -123.28 262.96
CA TYR A 1124 26.49 -119.93 262.84
CA GLN A 1125 22.72 -119.86 263.11
CA LEU A 1126 20.80 -117.50 260.78
CA GLU A 1127 18.36 -115.38 262.78
CA GLY A 1128 15.33 -114.04 260.93
CA ASN A 1129 14.50 -113.97 257.25
CA LYS A 1130 17.37 -115.03 254.94
CA ARG A 1131 15.98 -112.95 252.04
CA ILE A 1132 16.51 -109.27 251.36
CA THR A 1133 14.46 -107.39 248.80
CA CYS A 1134 15.16 -104.19 246.86
CA ARG A 1135 12.44 -101.54 247.21
CA ASN A 1136 12.47 -97.80 246.73
CA GLY A 1137 16.22 -97.72 246.27
CA GLN A 1138 17.10 -99.64 249.46
CA TRP A 1139 17.63 -103.26 250.49
CA SER A 1140 15.55 -104.61 253.36
CA GLU A 1141 17.28 -105.62 256.58
CA PRO A 1142 19.62 -108.61 256.33
CA PRO A 1143 19.48 -111.51 258.86
CA LYS A 1144 22.07 -111.90 261.69
CA CYS A 1145 24.44 -114.87 262.00
CA LEU A 1146 27.72 -115.95 262.27
CA HIS A 1147 31.27 -114.97 263.83
CA PRO A 1148 34.32 -114.27 261.58
CA CYS A 1149 37.62 -116.23 262.58
CA VAL A 1150 38.50 -119.53 260.89
CA ILE A 1151 39.30 -122.62 263.01
CA SER A 1152 42.93 -123.78 262.65
CA ARG A 1153 43.54 -127.54 262.38
CA GLU A 1154 47.25 -127.15 263.18
CA ILE A 1155 46.68 -125.01 266.32
CA MET A 1156 43.98 -127.38 267.58
CA GLU A 1157 46.24 -130.42 266.96
CA ASN A 1158 49.16 -128.62 268.74
CA TYR A 1159 47.00 -127.59 271.73
CA ASN A 1160 45.25 -131.05 272.06
CA ILE A 1161 41.73 -129.66 271.64
CA ALA A 1162 38.73 -130.32 269.38
CA LEU A 1163 35.41 -128.58 268.83
CA ARG A 1164 32.89 -129.59 271.49
CA TRP A 1165 29.84 -129.80 269.24
CA THR A 1166 30.52 -132.03 266.21
CA ALA A 1167 27.00 -131.37 264.86
CA LYS A 1168 27.40 -127.60 265.32
CA GLN A 1169 30.79 -126.76 263.81
CA LYS A 1170 31.44 -123.00 263.67
CA LEU A 1171 34.26 -123.41 261.14
CA TYR A 1172 33.91 -119.65 260.56
CA SER A 1173 32.77 -117.53 263.47
CA ARG A 1174 31.56 -113.93 263.37
CA THR A 1175 33.21 -111.27 265.49
CA GLY A 1176 31.44 -111.53 268.87
CA GLU A 1177 30.47 -115.18 268.47
CA SER A 1178 31.96 -117.82 270.76
CA VAL A 1179 33.45 -121.17 269.89
CA GLU A 1180 33.55 -123.96 272.42
CA PHE A 1181 36.37 -126.46 272.56
CA VAL A 1182 37.06 -129.59 274.60
CA CYS A 1183 40.29 -131.26 275.60
CA LYS A 1184 41.09 -134.34 273.54
CA ARG A 1185 40.88 -137.76 275.23
CA GLY A 1186 43.66 -138.06 277.80
CA TYR A 1187 44.29 -134.34 278.29
CA ARG A 1188 43.33 -131.62 280.74
CA LEU A 1189 43.13 -127.83 280.63
CA SER A 1190 46.62 -126.43 281.29
CA SER A 1191 47.25 -123.90 284.07
CA ARG A 1192 46.99 -120.29 282.80
CA SER A 1193 44.97 -121.61 279.77
CA HIS A 1194 42.21 -119.51 278.28
CA THR A 1195 38.73 -120.81 278.96
CA LEU A 1196 37.48 -123.61 276.66
CA ARG A 1197 34.78 -121.20 275.48
CA THR A 1198 36.40 -118.35 273.58
CA THR A 1199 35.23 -115.34 271.53
CA CYS A 1200 36.11 -114.35 268.03
CA TRP A 1201 37.38 -110.80 267.65
CA ASP A 1202 38.15 -109.43 264.18
CA GLY A 1203 39.89 -112.60 262.95
CA LYS A 1204 41.53 -113.61 266.25
CA LEU A 1205 40.53 -116.50 268.48
CA GLU A 1206 42.56 -117.05 271.68
CA TYR A 1207 42.68 -120.83 271.88
CA PRO A 1208 42.77 -122.85 275.11
CA THR A 1209 45.64 -125.27 275.67
CA CYS A 1210 45.38 -128.79 277.15
CA ALA A 1211 48.20 -130.89 278.60
CA LYS A 1212 48.41 -134.72 278.87
CA ARG A 1213 45.61 -135.34 280.19
CA GLU A 1 -3.24 36.61 83.66
CA ASP A 2 -3.29 33.67 81.24
CA CYS A 3 -6.58 33.60 79.26
CA ASN A 4 -10.09 32.25 78.98
CA GLU A 5 -11.05 29.41 76.75
CA LEU A 6 -9.89 30.30 73.27
CA PRO A 7 -12.11 31.99 70.80
CA PRO A 8 -14.32 30.02 68.52
CA ARG A 9 -14.48 30.40 64.76
CA ARG A 10 -17.33 29.37 62.50
CA ASN A 11 -17.48 25.64 61.86
CA THR A 12 -13.98 25.35 63.21
CA GLU A 13 -12.64 24.66 66.66
CA ILE A 14 -9.45 24.81 68.71
CA LEU A 15 -7.50 21.57 68.82
CA THR A 16 -6.15 21.58 72.32
CA GLY A 17 -7.91 18.59 73.77
CA SER A 18 -11.34 20.08 74.09
CA TRP A 19 -12.47 20.85 77.58
CA SER A 20 -9.68 20.37 80.05
CA ASP A 21 -8.41 23.35 81.94
CA GLN A 22 -10.65 26.42 81.97
CA THR A 23 -7.91 28.97 81.79
CA TYR A 24 -4.48 29.10 80.23
CA PRO A 25 -1.40 31.04 81.04
CA GLU A 26 0.14 33.89 79.07
CA GLY A 27 2.52 32.83 76.35
CA THR A 28 0.37 29.86 75.52
CA GLN A 29 0.18 29.05 71.86
CA ALA A 30 -2.67 26.97 70.55
CA ILE A 31 -3.41 25.67 67.11
CA TYR A 32 -6.74 25.67 65.28
CA LYS A 33 -8.27 23.16 62.93
CA CYS A 34 -11.28 22.98 60.67
CA ARG A 35 -13.69 20.10 60.25
CA PRO A 36 -12.67 17.62 57.64
CA GLY A 37 -13.50 19.08 54.28
CA TYR A 38 -12.55 22.62 55.18
CA ARG A 39 -9.26 24.31 54.56
CA SER A 40 -7.68 26.53 57.15
CA LEU A 41 -6.53 29.72 55.55
CA GLY A 42 -4.99 32.09 57.99
CA ASN A 43 -3.29 31.96 61.33
CA VAL A 44 -3.46 28.31 62.11
CA ILE A 45 -2.14 29.23 65.50
CA MET A 46 -3.34 31.80 68.02
CA VAL A 47 -1.26 32.93 70.95
CA CYS A 48 -2.43 34.48 74.13
CA ARG A 49 -1.11 37.68 75.56
CA LYS A 50 -2.23 39.73 78.51
CA GLY A 51 -4.90 37.19 79.32
CA GLU A 52 -6.40 37.68 75.93
CA TRP A 53 -5.97 35.83 72.71
CA VAL A 54 -3.71 38.05 70.76
CA ALA A 55 -5.02 40.64 68.38
CA LEU A 56 -1.94 39.48 66.61
CA ASN A 57 -2.58 36.05 65.29
CA PRO A 58 -6.15 37.07 65.00
CA LEU A 59 -8.23 33.94 65.01
CA ARG A 60 -8.40 32.75 61.43
CA LYS A 61 -11.48 31.29 59.85
CA CYS A 62 -12.05 28.26 57.74
CA GLN A 63 -13.78 27.09 54.32
CA LYS A 64 -15.01 23.40 54.27
CA ARG A 65 -16.91 21.52 51.39
CA PRO A 66 -17.77 22.77 47.60
CA CYS A 67 -19.72 20.28 45.50
CA GLY A 68 -22.15 23.10 45.59
CA HIS A 69 -25.64 22.04 46.01
CA PRO A 70 -27.25 19.16 44.13
CA GLY A 71 -30.60 20.72 43.90
CA ASP A 72 -33.74 20.71 45.82
CA THR A 73 -36.98 19.22 44.97
CA PRO A 74 -40.34 21.09 45.35
CA PHE A 75 -41.91 17.67 45.31
CA GLY A 76 -40.15 16.55 48.37
CA THR A 77 -37.09 17.05 50.39
CA PHE A 78 -33.52 15.91 50.34
CA THR A 79 -31.17 15.03 53.08
CA LEU A 80 -27.42 14.92 53.23
CA THR A 81 -25.82 11.79 54.46
CA GLY A 82 -22.19 11.43 55.32
CA GLY A 83 -21.28 15.00 55.93
CA ASN A 84 -24.71 16.73 56.29
CA VAL A 85 -23.46 19.38 53.83
CA PHE A 86 -22.35 19.63 50.22
CA GLU A 87 -18.83 18.45 50.90
CA TYR A 88 -16.91 15.76 49.12
CA GLY A 89 -18.12 12.28 49.76
CA VAL A 90 -21.57 13.33 50.92
CA LYS A 91 -24.64 11.69 49.54
CA ALA A 92 -27.62 13.88 48.87
CA VAL A 93 -30.40 11.45 49.40
CA TYR A 94 -33.69 12.69 48.20
CA THR A 95 -36.89 11.76 49.92
CA CYS A 96 -40.35 12.64 48.76
CA ASN A 97 -43.01 14.30 50.89
CA GLU A 98 -46.41 13.28 51.98
CA GLY A 99 -48.08 13.03 48.70
CA TYR A 100 -45.14 12.22 46.53
CA GLN A 101 -43.20 9.12 45.77
CA LEU A 102 -39.93 8.42 44.21
CA LEU A 103 -39.79 7.39 40.65
CA GLY A 104 -36.87 5.29 39.64
CA GLU A 105 -34.26 3.51 41.70
CA ILE A 106 -31.91 6.43 42.07
CA ASN A 107 -32.77 8.50 45.14
CA TYR A 108 -29.46 10.02 45.93
CA ARG A 109 -26.57 11.96 44.48
CA GLU A 110 -23.13 11.28 45.71
CA CYS A 111 -20.43 13.86 45.64
CA ASP A 112 -17.28 12.45 44.25
CA THR A 113 -14.18 14.38 43.27
CA ASP A 114 -15.83 15.10 39.94
CA GLY A 115 -18.76 16.60 41.76
CA TRP A 116 -22.22 15.17 42.26
CA THR A 117 -22.32 11.79 40.47
CA ASN A 118 -25.99 11.30 39.75
CA ASP A 119 -28.63 13.86 38.99
CA ILE A 120 -31.77 14.93 40.81
CA PRO A 121 -33.93 11.79 40.98
CA ILE A 122 -37.48 11.74 39.85
CA CYS A 123 -40.07 12.27 42.44
CA GLU A 124 -41.57 14.00 38.99
CA VAL A 125 -43.54 11.48 36.53
CA VAL A 126 -42.64 10.27 32.88
CA LYS A 127 -44.45 10.81 29.40
CA CYS A 128 -42.77 11.27 25.83
CA LEU A 129 -43.84 13.11 22.72
CA PRO A 130 -44.32 11.11 19.55
CA VAL A 131 -41.08 11.52 17.65
CA THR A 132 -41.56 12.02 13.92
CA ALA A 133 -38.48 10.34 12.40
CA PRO A 134 -34.93 11.28 11.43
CA GLU A 135 -34.37 12.89 8.02
CA ASN A 136 -33.32 9.81 6.04
CA GLY A 137 -34.58 7.26 8.44
CA LYS A 138 -37.68 5.95 10.12
CA ILE A 139 -38.89 4.60 13.41
CA VAL A 140 -38.49 0.95 14.32
CA SER A 141 -40.70 1.15 17.42
CA SER A 142 -43.73 2.19 15.37
CA ALA A 143 -45.86 -0.68 16.65
CA MET A 144 -46.27 -2.36 20.07
CA GLU A 145 -49.85 -1.45 20.81
CA PRO A 146 -52.76 -0.23 18.63
CA ASP A 147 -52.88 2.65 21.11
CA ARG A 148 -49.16 3.26 21.24
CA GLU A 149 -48.39 6.19 23.42
CA TYR A 150 -44.78 6.51 24.20
CA HIS A 151 -44.72 5.69 27.88
CA PHE A 152 -41.70 5.62 30.20
CA GLY A 153 -39.49 2.61 29.52
CA GLN A 154 -40.24 2.53 25.84
CA ALA A 155 -37.32 2.50 23.53
CA VAL A 156 -37.84 4.16 20.26
CA ARG A 157 -35.40 2.67 17.95
CA PHE A 158 -34.73 4.08 14.52
CA VAL A 159 -33.48 2.76 11.26
CA CYS A 160 -31.90 4.50 8.37
CA ASN A 161 -33.05 4.02 4.81
CA SER A 162 -31.11 2.44 2.02
CA GLY A 163 -27.63 3.86 2.00
CA TYR A 164 -27.84 5.84 5.17
CA LYS A 165 -26.03 5.27 8.35
CA ILE A 166 -27.07 6.44 11.74
CA GLU A 167 -25.16 9.34 13.17
CA GLY A 168 -26.13 8.97 16.77
CA ASP A 169 -27.39 5.89 18.50
CA GLU A 170 -30.33 3.87 17.22
CA GLU A 171 -32.36 3.76 20.41
CA MET A 172 -34.01 6.41 22.50
CA HIS A 173 -35.77 5.75 25.77
CA CYS A 174 -38.55 7.67 27.42
CA SER A 175 -37.42 8.79 30.85
CA ASP A 176 -39.45 10.14 33.85
CA ASP A 177 -38.58 13.67 32.74
CA GLY A 178 -41.12 13.28 29.95
CA PHE A 179 -38.29 13.81 27.67
CA TRP A 180 -36.43 11.53 25.38
CA SER A 181 -33.26 10.03 26.80
CA LYS A 182 -31.41 9.86 23.51
CA GLU A 183 -31.23 12.67 21.05
CA LYS A 184 -32.88 12.22 17.68
CA PRO A 185 -30.14 10.60 15.65
CA LYS A 186 -29.49 11.42 12.07
CA CYS A 187 -29.29 9.25 9.06
CA VAL A 188 -26.79 9.67 6.48
CA GLU A 189 -27.49 6.82 3.93
CA ILE A 190 -25.10 5.55 1.20
CA SER A 191 -24.98 5.24 -2.62
CA CYS A 192 -23.81 4.09 -5.94
CA LYS A 193 -21.34 4.96 -8.62
CA SER A 194 -21.61 7.71 -11.14
CA PRO A 195 -25.13 7.73 -12.28
CA ASP A 196 -25.47 6.75 -15.88
CA VAL A 197 -26.74 8.91 -18.66
CA ILE A 198 -30.46 9.35 -19.03
CA ASN A 199 -32.53 9.16 -22.15
CA GLY A 200 -31.97 12.23 -24.24
CA SER A 201 -31.09 14.03 -21.09
CA PRO A 202 -28.24 15.56 -19.26
CA ILE A 203 -27.30 15.76 -15.60
CA SER A 204 -27.14 19.28 -14.28
CA GLN A 205 -25.20 18.46 -11.19
CA LYS A 206 -22.31 16.09 -11.10
CA ILE A 207 -21.17 15.33 -7.61
CA ILE A 208 -19.78 12.42 -5.66
CA TYR A 209 -22.47 9.89 -5.00
CA LYS A 210 -22.96 7.63 -2.06
CA GLU A 211 -26.21 6.26 -0.75
CA ASN A 212 -29.38 8.26 -0.18
CA GLU A 213 -28.98 10.86 -2.86
CA ARG A 214 -31.17 12.33 -5.57
CA PHE A 215 -30.10 13.47 -8.96
CA GLN A 216 -31.48 15.77 -11.55
CA TYR A 217 -32.26 13.93 -14.70
CA LYS A 218 -33.25 16.75 -16.97
CA CYS A 219 -34.13 16.47 -20.63
CA ASN A 220 -32.71 18.69 -23.30
CA MET A 221 -34.24 20.72 -26.09
CA GLY A 222 -36.02 18.82 -28.80
CA TYR A 223 -37.49 16.31 -26.40
CA GLU A 224 -40.87 16.45 -24.75
CA TYR A 225 -40.58 16.09 -21.02
CA SER A 226 -43.14 13.95 -19.29
CA GLU A 227 -42.96 12.94 -15.66
CA ARG A 228 -40.56 14.29 -13.09
CA GLY A 229 -36.95 14.62 -13.98
CA ASP A 230 -34.95 13.31 -11.12
CA ALA A 231 -33.67 9.91 -10.14
CA VAL A 232 -32.61 8.47 -6.81
CA CYS A 233 -29.82 6.12 -5.75
CA THR A 234 -30.80 2.63 -4.77
CA GLU A 235 -27.30 1.71 -3.68
CA SER A 236 -26.51 0.31 -7.09
CA GLY A 237 -29.13 0.97 -9.65
CA TRP A 238 -30.96 4.24 -9.95
CA ARG A 239 -34.62 5.02 -9.46
CA PRO A 240 -37.00 6.27 -12.13
CA LEU A 241 -35.86 7.70 -15.39
CA PRO A 242 -37.97 10.26 -17.07
CA SER A 243 -39.95 9.95 -20.24
CA CYS A 244 -38.03 12.07 -22.63
CA GLU A 245 -40.75 12.86 -24.51
CA GLU A 246 -44.21 12.71 -26.73
CA LYS A 247 -46.05 10.43 -28.35
CA SER A 248 -47.09 7.27 -30.61
CA CYS A 249 -48.78 5.98 -33.68
CA ASP A 250 -50.01 2.53 -34.19
CA ASN A 251 -48.64 0.59 -37.09
CA PRO A 252 -51.50 0.22 -39.52
CA TYR A 253 -52.14 -3.00 -41.23
CA ILE A 254 -53.11 -2.86 -44.70
CA PRO A 255 -53.35 -6.26 -46.24
CA ASN A 256 -53.39 -5.38 -49.66
CA GLY A 257 -53.36 -1.58 -49.83
CA ASP A 258 -50.60 0.94 -50.34
CA TYR A 259 -50.09 4.19 -48.43
CA SER A 260 -47.76 7.22 -48.42
CA PRO A 261 -45.46 8.36 -47.11
CA LEU A 262 -43.77 5.15 -46.02
CA ARG A 263 -41.88 5.12 -42.81
CA ILE A 264 -40.73 2.80 -40.23
CA LYS A 265 -41.50 4.41 -37.07
CA HIS A 266 -44.47 6.68 -36.83
CA ARG A 267 -44.97 9.72 -34.63
CA THR A 268 -48.13 11.41 -33.39
CA GLY A 269 -50.14 13.40 -35.96
CA ASP A 270 -49.29 11.76 -39.29
CA GLU A 271 -52.02 11.40 -41.89
CA ILE A 272 -51.35 9.11 -44.85
CA THR A 273 -53.26 8.45 -48.04
CA TYR A 274 -54.05 4.78 -48.59
CA GLN A 275 -55.27 3.38 -51.87
CA CYS A 276 -56.27 -0.13 -52.87
CA ARG A 277 -55.31 -0.21 -56.39
CA ASN A 278 -54.18 -3.53 -57.08
CA GLY A 279 -56.14 -5.30 -54.44
CA PHE A 280 -59.79 -4.40 -54.03
CA TYR A 281 -61.69 -1.14 -53.78
CA PRO A 282 -61.06 1.16 -50.71
CA ALA A 283 -63.29 0.71 -47.65
CA THR A 284 -64.11 4.27 -46.78
CA ARG A 285 -65.37 7.13 -48.85
CA GLY A 286 -62.08 8.89 -48.54
CA ASN A 287 -58.65 7.38 -48.86
CA THR A 288 -56.72 8.20 -45.67
CA ALA A 289 -55.91 7.53 -42.04
CA LYS A 290 -54.32 9.84 -39.46
CA CYS A 291 -51.75 8.72 -37.00
CA THR A 292 -52.71 9.51 -33.44
CA SER A 293 -51.00 7.68 -30.55
CA THR A 294 -52.65 4.23 -30.55
CA GLY A 295 -53.95 3.76 -34.06
CA TRP A 296 -55.09 5.44 -37.27
CA ILE A 297 -58.21 7.38 -38.42
CA PRO A 298 -60.34 7.37 -40.36
CA ALA A 299 -59.33 4.11 -41.96
CA PRO A 300 -56.97 2.29 -44.28
CA ARG A 301 -58.82 -0.78 -45.46
CA CYS A 302 -58.92 -2.42 -48.83
CA THR A 303 -59.68 -5.91 -48.13
CA LEU A 304 -61.07 -9.01 -46.17
CA LYS A 305 -58.69 -11.93 -47.06
CA PRO A 306 -60.30 -15.59 -46.67
CA CYS A 307 -59.29 -19.30 -46.31
CA ASP A 308 -60.49 -22.08 -48.73
CA TYR A 309 -63.12 -24.82 -48.12
CA PRO A 310 -62.06 -26.86 -45.11
CA ASP A 311 -61.45 -30.43 -46.22
CA ILE A 312 -62.37 -31.92 -42.85
CA LYS A 313 -60.94 -35.41 -42.41
CA HIS A 314 -63.34 -37.67 -40.48
CA GLY A 315 -65.91 -34.89 -40.31
CA GLY A 316 -67.78 -32.24 -42.27
CA LEU A 317 -69.36 -28.80 -42.27
CA TYR A 318 -73.02 -28.33 -41.32
CA HIS A 319 -75.22 -26.58 -43.90
CA GLU A 320 -72.80 -27.72 -46.61
CA ASN A 321 -75.13 -26.60 -49.43
CA MET A 322 -75.54 -23.05 -48.06
CA ARG A 323 -71.88 -22.31 -47.27
CA ARG A 324 -70.58 -23.61 -50.55
CA PRO A 325 -69.64 -21.45 -52.54
CA TYR A 326 -69.00 -18.30 -50.29
CA PHE A 327 -65.39 -19.74 -50.35
CA PRO A 328 -62.67 -18.48 -50.37
CA VAL A 329 -63.80 -17.24 -46.95
CA ALA A 330 -62.49 -14.10 -45.24
CA VAL A 331 -60.46 -14.29 -42.01
CA GLY A 332 -62.54 -14.24 -38.82
CA LYS A 333 -65.34 -16.26 -40.43
CA TYR A 334 -66.01 -19.51 -38.56
CA TYR A 335 -68.29 -22.45 -39.30
CA SER A 336 -69.97 -25.14 -37.26
CA TYR A 337 -68.80 -28.63 -38.18
CA TYR A 338 -69.39 -32.21 -36.99
CA CYS A 339 -67.18 -35.29 -36.59
CA ASP A 340 -68.06 -38.76 -37.84
CA GLU A 341 -68.79 -41.78 -35.63
CA HIS A 342 -65.67 -42.89 -33.69
CA PHE A 343 -64.31 -39.33 -33.85
CA GLU A 344 -64.53 -36.24 -31.65
CA THR A 345 -63.77 -32.51 -31.65
CA PRO A 346 -60.91 -31.04 -29.55
CA SER A 347 -63.61 -29.91 -27.04
CA GLY A 348 -64.68 -33.56 -26.66
CA SER A 349 -68.04 -33.26 -28.42
CA TYR A 350 -69.39 -34.43 -31.80
CA TRP A 351 -69.58 -30.82 -33.07
CA ASP A 352 -67.67 -27.54 -32.79
CA HIS A 353 -66.56 -24.44 -34.73
CA ILE A 354 -63.64 -24.19 -37.19
CA HIS A 355 -62.08 -20.74 -37.59
CA CYS A 356 -60.34 -19.17 -40.56
CA THR A 357 -57.06 -17.92 -39.09
CA GLN A 358 -54.32 -15.92 -40.83
CA ASP A 359 -52.35 -19.19 -40.74
CA GLY A 360 -55.23 -21.33 -42.07
CA TRP A 361 -58.10 -23.24 -40.44
CA SER A 362 -58.21 -23.58 -36.64
CA PRO A 363 -58.26 -26.15 -35.10
CA ALA A 364 -55.76 -27.76 -37.51
CA VAL A 365 -57.09 -31.23 -36.60
CA PRO A 366 -60.85 -30.66 -36.12
CA CYS A 367 -61.72 -34.33 -35.67
CA LEU A 368 -60.60 -36.52 -38.25
CA ARG A 369 -57.60 -35.46 -40.51
CA LYS A 370 -57.02 -36.84 -44.01
CA CYS A 371 -54.51 -36.80 -47.02
CA TYR A 372 -54.16 -33.57 -49.01
CA PHE A 373 -52.60 -33.88 -52.44
CA PRO A 374 -49.83 -31.29 -52.85
CA TYR A 375 -48.62 -29.37 -55.87
CA LEU A 376 -46.15 -31.24 -58.15
CA GLU A 377 -43.60 -28.78 -59.56
CA ASN A 378 -42.01 -31.50 -61.73
CA GLY A 379 -45.21 -33.43 -62.58
CA TYR A 380 -48.65 -33.18 -64.17
CA ASN A 381 -51.22 -31.73 -61.75
CA GLN A 382 -54.83 -32.92 -61.55
CA ASN A 383 -55.41 -33.49 -57.80
CA HIS A 384 -53.73 -30.48 -56.12
CA GLY A 385 -56.14 -29.69 -53.25
CA ARG A 386 -58.12 -32.96 -53.26
CA LYS A 387 -58.65 -34.87 -50.04
CA PHE A 388 -58.36 -38.63 -49.76
CA VAL A 389 -59.19 -41.03 -46.94
CA GLN A 390 -56.66 -43.52 -45.56
CA GLY A 391 -56.20 -46.62 -47.71
CA LYS A 392 -56.69 -44.68 -50.97
CA SER A 393 -54.19 -44.93 -53.83
CA ILE A 394 -53.76 -42.12 -56.37
CA ASP A 395 -51.96 -42.19 -59.73
CA VAL A 396 -49.02 -39.79 -60.06
CA ALA A 397 -47.84 -38.54 -63.45
CA CYS A 398 -44.35 -37.03 -63.30
CA HIS A 399 -42.76 -35.07 -66.15
CA PRO A 400 -40.53 -37.00 -68.56
CA GLY A 401 -37.20 -37.60 -66.79
CA TYR A 402 -38.71 -37.38 -63.29
CA ALA A 403 -40.14 -40.20 -61.18
CA LEU A 404 -41.55 -40.98 -57.76
CA PRO A 405 -39.04 -42.38 -55.28
CA LYS A 406 -38.40 -45.02 -56.35
CA ALA A 407 -40.23 -45.62 -58.48
CA GLN A 408 -43.88 -46.26 -57.66
CA THR A 409 -46.52 -44.89 -60.01
CA THR A 410 -48.97 -44.15 -57.18
CA VAL A 411 -49.00 -42.67 -53.67
CA THR A 412 -51.15 -44.29 -50.94
CA CYS A 413 -52.66 -42.50 -47.95
CA MET A 414 -51.47 -44.22 -44.78
CA GLU A 415 -52.21 -43.37 -41.14
CA ASN A 416 -48.89 -41.46 -41.13
CA GLY A 417 -49.54 -39.65 -44.44
CA TRP A 418 -48.77 -40.25 -48.12
CA SER A 419 -46.59 -43.25 -48.97
CA PRO A 420 -44.32 -42.41 -50.58
CA THR A 421 -44.23 -38.60 -50.44
CA PRO A 422 -45.93 -37.13 -53.57
CA ARG A 423 -42.94 -35.50 -55.29
CA CYS A 424 -41.16 -36.15 -58.58
CA ILE A 425 -39.97 -32.45 -59.14
CA ARG A 426 -39.29 -29.32 -57.23
CA VAL A 427 -36.71 -26.70 -58.60
CA LYS A 428 -36.70 -23.01 -57.41
CA THR A 429 -34.38 -19.67 -57.65
CA CYS A 430 -35.84 -16.18 -56.47
CA SER A 431 -39.02 -14.17 -56.87
CA LYS A 432 -39.21 -10.38 -56.72
CA SER A 433 -42.65 -10.85 -55.06
CA SER A 434 -40.92 -12.38 -52.03
CA ILE A 435 -38.67 -9.30 -51.58
CA ASP A 436 -39.63 -6.72 -48.95
CA ILE A 437 -38.17 -3.22 -48.60
CA GLU A 438 -39.38 -0.17 -46.67
CA ASN A 439 -38.14 3.34 -47.60
CA GLY A 440 -36.85 2.18 -50.97
CA PHE A 441 -37.90 0.16 -53.99
CA ILE A 442 -36.57 -2.54 -56.32
CA SER A 443 -35.12 -0.57 -59.23
CA GLU A 444 -34.84 -3.37 -61.77
CA SER A 445 -37.52 -4.51 -62.38
CA GLN A 446 -37.83 -8.21 -63.37
CA TYR A 447 -40.08 -10.79 -61.69
CA THR A 448 -37.74 -13.76 -61.68
CA TYR A 449 -34.04 -13.80 -60.82
CA ALA A 450 -31.78 -16.76 -61.56
CA LEU A 451 -29.39 -18.16 -58.95
CA LYS A 452 -26.46 -15.74 -58.33
CA GLU A 453 -28.36 -12.96 -60.15
CA LYS A 454 -28.71 -9.74 -58.14
CA ALA A 455 -31.82 -7.69 -57.37
CA LYS A 456 -31.14 -3.93 -57.44
CA TYR A 457 -32.82 -1.54 -54.96
CA GLN A 458 -32.74 2.23 -54.42
CA CYS A 459 -33.55 4.01 -51.15
CA LYS A 460 -35.92 6.95 -50.79
CA LEU A 461 -34.51 10.51 -50.70
CA GLY A 462 -32.59 10.87 -47.44
CA TYR A 463 -32.43 7.15 -46.66
CA VAL A 464 -29.33 4.92 -46.83
CA THR A 465 -28.44 1.24 -46.99
CA ALA A 466 -26.25 -0.80 -44.60
CA ASP A 467 -22.98 0.21 -46.34
CA GLY A 468 -24.13 3.02 -46.02
CA GLU A 469 -24.93 4.08 -49.56
CA THR A 470 -28.06 5.47 -51.21
CA SER A 471 -28.55 2.21 -53.15
CA GLY A 472 -27.53 -1.44 -53.02
CA SER A 473 -28.50 -4.94 -54.10
CA ILE A 474 -29.33 -8.46 -52.86
CA THR A 475 -28.32 -11.85 -54.27
CA CYS A 476 -30.42 -14.86 -55.23
CA GLY A 477 -29.17 -18.08 -53.65
CA LYS A 478 -30.19 -21.72 -53.29
CA ASP A 479 -31.89 -20.71 -50.03
CA GLY A 480 -33.54 -17.57 -51.41
CA TRP A 481 -32.44 -13.94 -51.17
CA SER A 482 -29.11 -13.04 -49.56
CA ALA A 483 -31.05 -10.79 -47.18
CA GLN A 484 -33.66 -8.07 -46.91
CA PRO A 485 -32.88 -4.62 -48.33
CA THR A 486 -32.37 -2.06 -45.56
CA CYS A 487 -33.08 1.64 -46.21
CA ILE A 488 -34.13 5.15 -44.81
CA LYS A 489 -37.01 7.14 -46.64
CA SER A 490 -35.67 10.34 -48.12
CA CYS A 491 -37.74 12.54 -50.56
CA ASP A 492 -37.52 15.62 -52.66
CA ILE A 493 -40.28 18.11 -52.49
CA PRO A 494 -42.58 17.73 -55.37
CA VAL A 495 -43.61 20.76 -57.29
CA PHE A 496 -47.10 20.51 -58.54
CA MET A 497 -47.80 23.16 -61.10
CA ASN A 498 -51.49 22.99 -60.62
CA ALA A 499 -52.51 20.06 -58.58
CA ARG A 500 -53.26 19.04 -55.06
CA THR A 501 -51.96 16.02 -53.27
CA LYS A 502 -53.01 14.19 -50.18
CA ASN A 503 -50.88 13.75 -47.15
CA ASP A 504 -49.80 17.36 -47.07
CA PHE A 505 -46.61 17.66 -45.04
CA THR A 506 -43.70 19.89 -44.40
CA TRP A 507 -40.95 17.33 -44.07
CA PHE A 508 -40.77 14.47 -46.47
CA LYS A 509 -39.38 11.13 -45.51
CA LEU A 510 -38.63 7.96 -47.45
CA ASN A 511 -41.37 5.94 -49.13
CA ASP A 512 -44.30 8.25 -48.72
CA THR A 513 -46.79 7.83 -51.52
CA LEU A 514 -49.61 10.27 -51.90
CA ASP A 515 -52.39 10.77 -54.38
CA TYR A 516 -52.29 13.82 -56.55
CA GLU A 517 -55.29 15.02 -58.44
CA CYS A 518 -55.63 17.85 -60.85
CA HIS A 519 -58.99 19.08 -59.70
CA ASP A 520 -59.50 22.46 -61.18
CA GLY A 521 -56.54 23.19 -63.36
CA TYR A 522 -58.80 23.07 -66.36
CA GLU A 523 -55.79 23.35 -68.55
CA SER A 524 -54.15 20.78 -66.35
CA ASN A 525 -54.93 17.12 -66.79
CA THR A 526 -53.93 14.28 -64.57
CA GLY A 527 -51.10 13.41 -66.90
CA SER A 528 -50.97 9.92 -65.54
CA THR A 529 -53.26 6.96 -65.87
CA THR A 530 -53.36 6.78 -62.13
CA GLY A 531 -52.41 9.70 -60.02
CA SER A 532 -50.04 9.07 -57.23
CA ILE A 533 -46.42 9.74 -56.54
CA VAL A 534 -44.26 7.88 -54.11
CA CYS A 535 -41.49 9.44 -52.12
CA GLY A 536 -38.10 7.95 -52.61
CA TYR A 537 -34.65 9.26 -51.82
CA ASN A 538 -34.75 11.78 -54.63
CA GLY A 539 -38.01 12.78 -56.25
CA TRP A 540 -41.29 10.93 -56.53
CA SER A 541 -42.76 8.41 -58.92
CA ASP A 542 -44.56 7.66 -61.00
CA LEU A 543 -45.51 11.26 -61.32
CA PRO A 544 -46.92 14.28 -59.69
CA ILE A 545 -47.49 16.38 -62.74
CA CYS A 546 -50.64 17.88 -64.16
CA TYR A 547 -51.29 15.12 -66.46
CA GLU A 548 -54.28 16.17 -68.85
CA ARG A 549 -56.52 13.04 -69.82
CA GLU A 550 -56.58 12.04 -73.56
CA CYS A 551 -58.22 9.60 -75.82
CA GLU A 552 -57.01 6.95 -78.21
CA LEU A 553 -57.91 3.38 -78.97
CA PRO A 554 -59.52 1.92 -75.94
CA LYS A 555 -57.25 -1.09 -75.55
CA ILE A 556 -58.35 -4.41 -74.09
CA ASP A 557 -59.60 -4.79 -70.56
CA VAL A 558 -59.00 -7.70 -68.23
CA HIS A 559 -60.35 -10.89 -69.76
CA LEU A 560 -62.78 -8.59 -71.42
CA VAL A 561 -63.73 -7.46 -74.86
CA PRO A 562 -65.32 -4.41 -76.31
CA ASP A 563 -68.80 -4.83 -77.67
CA ARG A 564 -68.53 -1.90 -79.93
CA LYS A 565 -65.20 -1.18 -81.45
CA LYS A 566 -65.30 2.20 -83.07
CA ASP A 567 -62.76 4.01 -85.22
CA GLN A 568 -62.44 7.27 -83.43
CA TYR A 569 -62.62 8.11 -79.75
CA LYS A 570 -61.76 11.68 -78.82
CA VAL A 571 -63.35 12.31 -75.42
CA GLY A 572 -66.81 12.14 -73.95
CA GLU A 573 -67.14 8.60 -75.09
CA VAL A 574 -68.18 5.52 -73.22
CA LEU A 575 -67.51 1.92 -74.08
CA LYS A 576 -68.85 -1.48 -73.14
CA PHE A 577 -66.20 -3.25 -71.14
CA SER A 578 -67.68 -6.65 -70.80
CA CYS A 579 -66.10 -9.84 -69.50
CA LYS A 580 -65.51 -13.00 -71.45
CA PRO A 581 -67.15 -16.30 -70.70
CA GLY A 582 -65.72 -18.21 -67.80
CA PHE A 583 -64.89 -15.16 -65.74
CA THR A 584 -66.73 -13.74 -62.75
CA ILE A 585 -67.72 -10.17 -63.34
CA VAL A 586 -68.07 -7.73 -60.50
CA GLY A 587 -68.79 -4.06 -60.75
CA PRO A 588 -70.14 -2.29 -63.73
CA ASN A 589 -69.05 -3.36 -67.19
CA SER A 590 -68.56 -0.03 -68.89
CA VAL A 591 -65.77 2.50 -69.05
CA GLN A 592 -65.34 6.16 -69.93
CA CYS A 593 -62.43 7.89 -71.59
CA TYR A 594 -60.58 10.41 -69.51
CA HIS A 595 -59.05 12.76 -72.05
CA PHE A 596 -56.42 10.20 -72.71
CA GLY A 597 -55.74 6.61 -73.35
CA LEU A 598 -56.46 6.29 -69.69
CA SER A 599 -59.98 4.98 -69.26
CA PRO A 600 -62.07 5.20 -66.22
CA ASP A 601 -64.01 2.42 -64.52
CA LEU A 602 -62.21 -0.76 -65.49
CA PRO A 603 -64.11 -3.80 -64.41
CA ILE A 604 -62.97 -6.65 -62.23
CA CYS A 605 -63.28 -9.86 -64.12
CA LYS A 606 -61.08 -12.10 -66.23
CA GLU A 607 -58.37 -11.63 -69.20
CA GLN A 608 -57.90 -14.84 -71.36
CA VAL A 609 -56.28 -13.93 -74.89
CA GLN A 610 -53.30 -15.41 -76.91
CA SER A 611 -53.81 -18.95 -78.56
CA CYS A 612 -52.45 -20.10 -82.13
CA GLY A 613 -52.42 -20.46 -85.87
CA PRO A 614 -50.40 -22.84 -87.86
CA PRO A 615 -47.12 -23.35 -86.12
CA PRO A 616 -44.08 -21.71 -87.56
CA GLU A 617 -41.17 -23.62 -88.94
CA LEU A 618 -38.38 -24.63 -86.58
CA LEU A 619 -34.64 -24.27 -86.86
CA ASN A 620 -33.25 -26.77 -89.32
CA GLY A 621 -36.31 -28.84 -88.79
CA ASN A 622 -39.84 -29.65 -89.81
CA VAL A 623 -43.02 -30.93 -88.27
CA LYS A 624 -43.59 -34.58 -88.86
CA GLU A 625 -47.22 -34.47 -88.10
CA LYS A 626 -49.49 -31.81 -89.34
CA THR A 627 -51.62 -33.17 -86.58
CA LYS A 628 -54.39 -30.77 -87.06
CA GLU A 629 -55.48 -28.20 -89.54
CA GLU A 630 -56.07 -25.56 -86.94
CA TYR A 631 -54.50 -25.11 -83.56
CA GLY A 632 -56.56 -23.15 -81.11
CA HIS A 633 -54.65 -23.85 -77.94
CA SER A 634 -53.73 -26.65 -75.60
CA GLU A 635 -51.87 -28.40 -78.34
CA VAL A 636 -48.34 -29.48 -78.99
CA VAL A 637 -46.59 -30.56 -82.10
CA GLU A 638 -43.50 -32.46 -83.03
CA TYR A 639 -40.57 -30.26 -83.80
CA TYR A 640 -38.01 -32.63 -85.24
CA CYS A 641 -34.85 -31.60 -86.94
CA ASN A 642 -33.46 -32.92 -90.18
CA PRO A 643 -30.53 -35.10 -90.88
CA ARG A 644 -26.97 -33.99 -90.23
CA PHE A 645 -28.17 -31.70 -87.51
CA LEU A 646 -27.52 -32.78 -83.98
CA MET A 647 -30.52 -32.49 -81.76
CA LYS A 648 -30.36 -31.23 -78.21
CA GLY A 649 -33.37 -31.05 -75.96
CA PRO A 650 -36.74 -32.42 -76.72
CA ASN A 651 -38.21 -32.22 -80.18
CA LYS A 652 -41.63 -30.82 -79.34
CA ILE A 653 -43.33 -27.44 -79.15
CA GLN A 654 -46.31 -26.15 -77.20
CA CYS A 655 -48.94 -23.53 -78.02
CA VAL A 656 -49.00 -20.48 -75.83
CA ASP A 657 -51.66 -18.22 -77.22
CA GLY A 658 -49.95 -16.48 -80.12
CA GLU A 659 -46.45 -17.90 -79.60
CA TRP A 660 -45.09 -21.39 -79.41
CA THR A 661 -42.86 -22.69 -76.68
CA THR A 662 -39.89 -24.99 -76.42
CA LEU A 663 -37.94 -24.49 -79.61
CA PRO A 664 -35.39 -27.21 -80.06
CA VAL A 665 -31.68 -26.80 -80.33
CA CYS A 666 -30.45 -28.32 -83.53
CA ILE A 667 -30.74 -27.51 -87.05
CA VAL A 668 -32.09 -24.04 -88.27
CA GLU A 669 -34.67 -23.56 -91.21
CA GLU A 670 -35.54 -20.15 -93.06
CA SER A 671 -37.51 -21.29 -96.23
CA THR A 672 -39.66 -18.62 -97.96
CA CYS A 673 -40.83 -15.77 -100.35
CA GLY A 674 -40.03 -12.56 -102.14
CA ASP A 675 -42.04 -9.53 -103.07
CA ILE A 676 -45.78 -9.64 -102.60
CA PRO A 677 -47.78 -9.37 -105.76
CA GLU A 678 -50.44 -6.75 -106.31
CA LEU A 679 -53.89 -7.55 -105.08
CA GLU A 680 -57.24 -7.39 -106.76
CA HIS A 681 -58.13 -3.76 -107.27
CA GLY A 682 -56.18 -2.87 -104.20
CA TRP A 683 -52.76 -1.90 -102.98
CA ALA A 684 -50.48 -2.48 -100.04
CA GLN A 685 -49.89 0.07 -97.33
CA LEU A 686 -46.58 -1.32 -96.24
CA SER A 687 -44.23 -2.12 -98.99
CA SER A 688 -40.99 -3.46 -97.62
CA PRO A 689 -38.20 -4.92 -99.55
CA PRO A 690 -37.43 -7.96 -97.46
CA TYR A 691 -39.85 -10.80 -96.82
CA TYR A 692 -38.30 -14.07 -95.84
CA TYR A 693 -41.02 -15.89 -93.96
CA GLY A 694 -43.51 -15.46 -91.18
CA ASP A 695 -44.79 -12.12 -92.31
CA SER A 696 -48.11 -10.64 -93.27
CA VAL A 697 -49.06 -7.77 -95.50
CA GLU A 698 -51.89 -5.26 -95.68
CA PHE A 699 -54.10 -6.05 -98.63
CA ASN A 700 -56.32 -3.05 -98.75
CA CYS A 701 -58.82 -2.25 -101.46
CA SER A 702 -59.11 1.03 -103.31
CA GLU A 703 -61.88 3.56 -103.54
CA SER A 704 -65.08 2.66 -105.36
CA PHE A 705 -64.47 -0.99 -104.69
CA THR A 706 -66.54 -2.73 -102.07
CA MET A 707 -64.51 -4.84 -99.74
CA ILE A 708 -65.59 -8.12 -98.29
CA GLY A 709 -63.44 -10.26 -96.05
CA HIS A 710 -60.30 -9.27 -94.22
CA ARG A 711 -57.76 -7.03 -95.88
CA SER A 712 -54.52 -8.90 -95.19
CA ILE A 713 -52.36 -11.69 -96.59
CA THR A 714 -49.58 -13.87 -95.25
CA CYS A 715 -46.45 -15.44 -96.69
CA ILE A 716 -46.66 -19.10 -97.47
CA HIS A 717 -43.12 -19.91 -98.56
CA GLY A 718 -43.35 -17.85 -101.71
CA VAL A 719 -47.03 -18.05 -102.32
CA TRP A 720 -49.10 -15.49 -100.53
CA THR A 721 -52.36 -16.38 -98.97
CA GLN A 722 -55.75 -14.89 -98.19
CA LEU A 723 -56.51 -12.51 -101.01
CA PRO A 724 -59.40 -10.20 -100.36
CA GLN A 725 -62.58 -9.88 -102.30
CA CYS A 726 -62.77 -6.40 -103.74
CA VAL A 727 -60.89 -5.64 -107.15
CA ALA A 728 -59.37 -8.01 -109.89
CA ILE A 729 -58.19 -8.35 -113.62
CA ASP A 730 -59.00 -9.52 -117.27
CA LYS A 731 -56.44 -9.83 -120.11
CA LEU A 732 -56.71 -11.19 -123.87
CA LYS A 733 -53.65 -9.61 -125.67
CA LYS A 734 -52.82 -11.74 -129.07
CA CYS A 735 -49.51 -12.71 -131.38
CA LYS A 736 -46.99 -10.30 -132.75
CA SER A 737 -44.39 -10.55 -135.44
CA SER A 738 -42.73 -13.89 -135.08
CA ASN A 739 -39.30 -14.08 -133.57
CA LEU A 740 -36.28 -15.10 -135.54
CA ILE A 741 -35.38 -18.73 -135.89
CA ILE A 742 -32.02 -20.25 -135.33
CA LEU A 743 -29.83 -20.26 -138.40
CA GLU A 744 -32.60 -19.21 -140.63
CA GLU A 745 -35.38 -16.91 -141.68
CA HIS A 746 -39.06 -16.84 -142.42
CA LEU A 747 -40.09 -17.11 -146.04
CA LYS A 748 -43.30 -15.27 -145.85
CA ASN A 749 -43.41 -12.39 -143.50
CA LYS A 750 -46.96 -11.31 -143.03
CA LYS A 751 -47.92 -7.97 -141.63
CA GLU A 752 -50.64 -9.08 -139.31
CA PHE A 753 -50.53 -12.18 -137.17
CA ASP A 754 -53.22 -12.17 -134.54
CA HIS A 755 -53.49 -15.85 -133.84
CA ASN A 756 -54.34 -19.22 -135.29
CA SER A 757 -51.65 -18.80 -137.88
CA ASN A 758 -48.56 -20.70 -138.97
CA ILE A 759 -45.09 -19.50 -139.88
CA ARG A 760 -42.62 -21.05 -142.22
CA TYR A 761 -39.39 -21.34 -140.40
CA ARG A 762 -37.01 -22.22 -143.12
CA CYS A 763 -33.61 -23.31 -141.97
CA ARG A 764 -30.10 -22.85 -143.23
CA GLY A 765 -30.15 -26.58 -143.76
CA LYS A 766 -33.47 -28.31 -143.77
CA GLU A 767 -34.13 -30.87 -141.08
CA GLY A 768 -37.21 -31.58 -139.04
CA TRP A 769 -40.37 -29.64 -139.71
CA ILE A 770 -40.02 -26.21 -141.20
CA HIS A 771 -42.69 -24.25 -139.44
CA THR A 772 -43.99 -22.78 -136.22
CA VAL A 773 -47.44 -21.98 -134.89
CA CYS A 774 -48.61 -19.05 -132.86
CA ILE A 775 -49.63 -19.54 -129.28
CA ASN A 776 -50.84 -16.16 -128.12
CA GLY A 777 -47.49 -14.60 -128.78
CA ARG A 778 -45.25 -17.50 -128.04
CA TRP A 779 -44.46 -19.60 -131.05
CA ASP A 780 -44.58 -23.34 -131.26
CA PRO A 781 -42.55 -25.86 -133.26
CA GLU A 782 -39.12 -24.06 -133.58
CA VAL A 783 -37.01 -26.05 -136.09
CA ASN A 784 -33.70 -27.46 -135.05
CA CYS A 785 -30.95 -26.11 -137.23
CA SER A 786 -27.23 -27.93 -137.30
CA MET A 787 -26.04 -31.51 -138.69
CA ALA A 788 -22.60 -32.74 -140.47
CA GLN A 789 -21.71 -36.32 -141.56
CA ILE A 790 -19.30 -38.83 -139.72
CA GLN A 791 -17.47 -42.28 -139.84
CA LEU A 792 -14.23 -43.45 -138.14
CA CYS A 793 -14.28 -47.39 -138.65
CA PRO A 794 -14.38 -47.53 -142.36
CA PRO A 795 -14.34 -50.63 -144.45
CA PRO A 796 -11.11 -52.33 -143.81
CA PRO A 797 -8.39 -52.11 -146.28
CA GLN A 798 -7.27 -55.26 -147.92
CA ILE A 799 -4.56 -57.35 -146.39
CA PRO A 800 -1.54 -58.19 -148.39
CA ASN A 801 -2.78 -61.54 -149.52
CA SER A 802 -6.36 -61.50 -148.47
CA HIS A 803 -9.89 -60.20 -148.52
CA ASN A 804 -12.01 -59.06 -145.65
CA MET A 805 -15.47 -60.39 -145.00
CA THR A 806 -18.11 -59.17 -142.66
CA THR A 807 -21.76 -58.77 -141.78
CA THR A 808 -21.61 -55.05 -142.50
CA LEU A 809 -19.13 -52.87 -144.33
CA ASN A 810 -18.62 -49.95 -141.93
CA TYR A 811 -18.55 -51.46 -138.39
CA ARG A 812 -19.09 -48.07 -136.82
CA ASP A 813 -17.27 -48.17 -133.49
CA GLY A 814 -15.50 -50.77 -131.49
CA GLU A 815 -16.20 -53.99 -133.25
CA LYS A 816 -14.61 -57.34 -133.98
CA VAL A 817 -13.65 -57.62 -137.61
CA SER A 818 -12.59 -60.92 -139.09
CA VAL A 819 -10.59 -61.15 -142.28
CA LEU A 820 -10.14 -64.03 -144.68
CA CYS A 821 -7.44 -65.08 -147.09
CA GLN A 822 -7.23 -66.86 -150.41
CA GLU A 823 -6.66 -70.54 -150.77
CA ASN A 824 -3.25 -71.71 -149.63
CA TYR A 825 -2.92 -68.98 -147.03
CA LEU A 826 -3.50 -68.84 -143.32
CA ILE A 827 -4.45 -65.91 -141.13
CA GLN A 828 -2.58 -65.18 -137.96
CA GLU A 829 -4.45 -62.95 -135.57
CA GLY A 830 -5.88 -62.90 -132.11
CA GLU A 831 -9.31 -63.68 -133.47
CA GLU A 832 -10.38 -60.44 -134.97
CA ILE A 833 -9.28 -56.91 -135.51
CA THR A 834 -10.39 -54.39 -132.99
CA CYS A 835 -11.14 -50.96 -134.38
CA LYS A 836 -11.43 -48.49 -131.61
CA ASP A 837 -11.63 -44.89 -132.66
CA GLY A 838 -9.97 -45.39 -136.04
CA ARG A 839 -7.17 -47.79 -135.23
CA TRP A 840 -6.91 -51.38 -136.37
CA GLN A 841 -5.14 -53.04 -133.55
CA SER A 842 -4.31 -56.48 -134.90
CA ILE A 843 -3.45 -57.23 -138.45
CA PRO A 844 -4.32 -60.58 -139.78
CA LEU A 845 -1.53 -61.79 -142.00
CA CYS A 846 -1.99 -64.33 -144.68
CA VAL A 847 -0.67 -64.19 -147.96
CA GLU A 848 -1.85 -65.84 -151.36
CA LYS A 849 -0.24 -65.39 -154.88
CA ILE A 850 -1.55 -64.54 -158.55
CA PRO A 851 1.50 -63.66 -161.38
CA CYS A 852 -0.04 -61.72 -164.53
CA SER A 853 -2.38 -59.29 -166.33
CA GLN A 854 -4.87 -59.86 -169.19
CA PRO A 855 -3.65 -62.93 -171.25
CA PRO A 856 -2.03 -62.29 -174.69
CA GLN A 857 -4.00 -62.19 -177.99
CA ILE A 858 -3.55 -64.43 -181.08
CA GLU A 859 -4.97 -63.29 -184.50
CA HIS A 860 -8.57 -64.60 -185.12
CA GLY A 861 -8.75 -66.49 -181.80
CA THR A 862 -8.92 -65.34 -178.18
CA ILE A 863 -8.70 -66.77 -174.65
CA ASN A 864 -11.69 -68.82 -173.34
CA SER A 865 -11.69 -67.96 -169.61
CA SER A 866 -14.93 -65.85 -169.55
CA ARG A 867 -13.63 -62.59 -171.11
CA SER A 868 -13.87 -60.15 -168.14
CA SER A 869 -13.88 -61.71 -164.69
CA GLN A 870 -10.62 -60.36 -163.27
CA GLU A 871 -7.94 -58.01 -164.61
CA SER A 872 -4.95 -59.82 -163.16
CA TYR A 873 -4.35 -63.56 -162.49
CA ALA A 874 -1.84 -65.32 -160.20
CA HIS A 875 1.40 -67.15 -160.97
CA GLY A 876 0.82 -70.77 -162.01
CA THR A 877 -2.54 -70.03 -163.71
CA LYS A 878 -3.18 -72.19 -166.82
CA LEU A 879 -5.83 -70.81 -169.20
CA SER A 880 -6.87 -72.51 -172.47
CA TYR A 881 -7.41 -70.95 -175.91
CA THR A 882 -10.17 -71.01 -178.59
CA CYS A 883 -10.40 -70.10 -182.30
CA GLU A 884 -13.37 -69.02 -184.48
CA GLY A 885 -16.01 -71.49 -185.72
CA GLY A 886 -14.00 -73.20 -188.47
CA PHE A 887 -10.32 -72.74 -187.45
CA ARG A 888 -7.95 -75.45 -186.20
CA ILE A 889 -5.48 -74.67 -183.39
CA SER A 890 -1.90 -75.95 -183.19
CA GLU A 891 -1.05 -78.68 -180.60
CA GLU A 892 -2.33 -78.24 -176.98
CA ASN A 893 -4.50 -75.09 -176.81
CA GLU A 894 -3.20 -73.74 -173.48
CA THR A 895 -1.15 -70.84 -172.11
CA THR A 896 0.47 -70.69 -168.64
CA CYS A 897 1.78 -67.84 -166.48
CA TYR A 898 5.26 -67.54 -164.96
CA MET A 899 6.40 -64.41 -163.02
CA GLY A 900 3.51 -62.18 -164.23
CA LYS A 901 4.15 -63.07 -167.90
CA TRP A 902 2.38 -65.71 -170.06
CA SER A 903 3.89 -68.36 -172.37
CA SER A 904 4.10 -68.41 -176.20
CA PRO A 905 0.35 -68.90 -176.88
CA PRO A 906 -0.82 -71.35 -179.62
CA GLN A 907 -2.07 -69.94 -182.95
CA CYS A 908 -5.13 -70.57 -185.12
CA GLU A 909 -6.30 -67.75 -187.48
CA GLY A 910 -7.21 -64.19 -186.97
CA LEU A 911 -10.04 -62.09 -188.59
CA PRO A 912 -8.54 -59.03 -190.88
CA CYS A 913 -9.77 -56.12 -192.98
CA LYS A 914 -9.25 -54.04 -196.13
CA SER A 915 -11.19 -50.98 -197.33
CA PRO A 916 -14.77 -51.07 -195.89
CA PRO A 917 -17.56 -51.62 -198.51
CA GLU A 918 -20.30 -49.09 -199.27
CA ILE A 919 -23.39 -48.92 -197.03
CA SER A 920 -27.18 -48.75 -197.59
CA HIS A 921 -27.96 -45.41 -199.33
CA GLY A 922 -25.03 -43.97 -197.39
CA VAL A 923 -21.33 -43.15 -197.50
CA VAL A 924 -18.33 -42.96 -195.24
CA ALA A 925 -16.91 -39.68 -193.90
CA HIS A 926 -13.61 -41.12 -192.64
CA MET A 927 -12.17 -42.73 -195.77
CA SER A 928 -8.71 -43.88 -194.62
CA ASP A 929 -6.07 -46.06 -196.34
CA SER A 930 -5.06 -48.39 -193.48
CA TYR A 931 -7.77 -50.61 -191.95
CA GLN A 932 -6.51 -53.72 -190.10
CA TYR A 933 -8.32 -55.04 -186.98
CA GLY A 934 -9.91 -53.18 -184.05
CA GLU A 935 -11.17 -50.21 -186.07
CA GLU A 936 -14.51 -48.45 -186.49
CA VAL A 937 -15.93 -46.41 -189.41
CA THR A 938 -18.63 -43.75 -189.94
CA TYR A 939 -21.51 -45.38 -191.83
CA LYS A 940 -23.60 -42.22 -192.38
CA CYS A 941 -26.73 -42.03 -194.60
CA PHE A 942 -27.41 -39.41 -197.32
CA GLU A 943 -29.90 -36.52 -197.38
CA GLY A 944 -33.36 -37.80 -198.33
CA PHE A 945 -32.99 -41.02 -196.28
CA GLY A 946 -34.26 -41.20 -192.71
CA ILE A 947 -31.74 -42.84 -190.41
CA ASP A 948 -32.59 -45.42 -187.79
CA GLY A 949 -29.94 -47.11 -185.64
CA PRO A 950 -26.36 -45.89 -185.04
CA ALA A 951 -24.29 -44.57 -188.00
CA ILE A 952 -21.06 -46.62 -187.58
CA ALA A 953 -19.59 -50.03 -188.33
CA LYS A 954 -16.72 -52.11 -186.87
CA CYS A 955 -14.00 -54.40 -188.38
CA LEU A 956 -14.57 -58.13 -187.85
CA GLY A 957 -11.54 -59.57 -189.62
CA GLU A 958 -12.79 -59.69 -193.22
CA LYS A 959 -16.39 -58.45 -192.86
CA TRP A 960 -17.70 -55.31 -191.18
CA SER A 961 -20.21 -55.11 -188.29
CA HIS A 962 -23.50 -53.08 -187.71
CA PRO A 963 -24.84 -51.70 -190.93
CA PRO A 964 -27.43 -48.84 -190.47
CA SER A 965 -31.05 -48.66 -191.41
CA CYS A 966 -31.36 -45.73 -193.83
CA ILE A 967 -31.39 -45.32 -197.55
CA LYS A 968 -29.44 -46.42 -200.92
CA THR A 969 -30.39 -46.14 -204.66
CA ASP A 970 -27.40 -46.33 -206.14
CA CYS A 971 -25.62 -43.93 -208.86
CA LEU A 972 -24.78 -43.94 -212.55
CA SER A 973 -21.54 -44.28 -214.39
CA LEU A 974 -19.26 -41.52 -213.21
CA PRO A 975 -18.23 -38.81 -215.52
CA SER A 976 -14.65 -38.80 -216.62
CA PHE A 977 -12.79 -35.97 -215.10
CA GLU A 978 -10.38 -33.58 -216.67
CA ASN A 979 -7.23 -35.45 -217.61
CA ALA A 980 -8.34 -38.63 -215.98
CA ILE A 981 -10.06 -41.93 -216.62
CA PRO A 982 -12.70 -43.54 -214.48
CA MET A 983 -12.17 -47.08 -213.41
CA GLY A 984 -14.55 -49.58 -211.94
CA GLU A 985 -13.75 -53.05 -210.76
CA LYS A 986 -17.19 -54.21 -211.57
CA LYS A 987 -19.89 -52.54 -213.55
CA ASP A 988 -20.16 -48.84 -213.92
CA VAL A 989 -23.30 -48.80 -211.92
CA TYR A 990 -22.29 -48.77 -208.31
CA LYS A 991 -25.71 -49.21 -206.83
CA ALA A 992 -25.67 -47.13 -203.69
CA GLY A 993 -23.19 -45.80 -201.24
CA GLU A 994 -20.09 -47.35 -202.70
CA GLN A 995 -16.56 -46.19 -203.19
CA VAL A 996 -15.55 -45.35 -206.69
CA THR A 997 -11.93 -44.83 -207.49
CA TYR A 998 -10.83 -42.76 -210.44
CA THR A 999 -7.66 -43.07 -212.40
CA CYS A 1000 -5.21 -40.65 -213.97
CA ALA A 1001 -2.85 -40.70 -216.92
CA THR A 1002 0.76 -41.79 -216.63
CA TYR A 1003 2.11 -38.54 -215.30
CA TYR A 1004 -0.70 -37.37 -213.03
CA LYS A 1005 -1.78 -37.84 -209.45
CA MET A 1006 -5.24 -38.03 -207.87
CA ASP A 1007 -6.17 -35.61 -205.14
CA GLY A 1008 -8.88 -37.12 -203.06
CA ALA A 1009 -9.83 -38.93 -199.88
CA SER A 1010 -9.31 -42.42 -201.17
CA ASN A 1011 -12.42 -43.01 -203.22
CA VAL A 1012 -15.45 -41.02 -204.18
CA THR A 1013 -18.54 -41.71 -202.19
CA CYS A 1014 -21.83 -41.48 -203.97
CA ILE A 1015 -24.90 -41.53 -201.83
CA ASN A 1016 -28.16 -40.92 -203.57
CA SER A 1017 -26.73 -39.22 -206.66
CA ARG A 1018 -24.17 -37.05 -204.95
CA TRP A 1019 -20.45 -37.52 -205.43
CA THR A 1020 -18.70 -36.24 -202.38
CA GLY A 1021 -15.02 -35.95 -203.16
CA ARG A 1022 -13.89 -35.36 -206.66
CA PRO A 1023 -10.52 -36.63 -207.55
CA THR A 1024 -8.44 -34.24 -209.57
CA CYS A 1025 -5.47 -35.14 -211.64
CA ARG A 1026 -2.45 -33.21 -213.11
CA ASP A 1027 -1.45 -32.87 -217.02
CA THR A 1028 1.91 -32.56 -219.13
CA SER A 1029 5.06 -30.15 -219.26
CA CYS A 1030 8.62 -32.20 -219.36
CA VAL A 1031 11.27 -34.29 -221.00
CA ASN A 1032 12.92 -37.59 -220.25
CA PRO A 1033 14.77 -37.19 -217.05
CA PRO A 1034 18.47 -37.22 -216.80
CA THR A 1035 20.46 -39.87 -215.02
CA VAL A 1036 21.13 -39.47 -211.34
CA GLN A 1037 24.46 -40.06 -209.55
CA ASN A 1038 24.37 -43.74 -208.83
CA ALA A 1039 20.99 -44.47 -210.30
CA TYR A 1040 18.77 -45.00 -213.31
CA ILE A 1041 15.43 -43.53 -214.26
CA VAL A 1042 12.38 -45.75 -214.44
CA SER A 1043 9.25 -44.78 -216.20
CA ARG A 1044 5.76 -45.75 -217.10
CA GLN A 1045 4.46 -46.27 -220.55
CA MET A 1046 5.51 -42.79 -221.46
CA SER A 1047 9.13 -41.78 -221.42
CA LYS A 1048 8.22 -38.16 -221.60
CA TYR A 1049 5.99 -37.15 -218.80
CA PRO A 1050 3.54 -34.40 -219.57
CA SER A 1051 3.95 -31.40 -217.29
CA GLY A 1052 2.85 -31.66 -213.67
CA GLU A 1053 3.56 -35.33 -213.13
CA ARG A 1054 5.28 -37.62 -210.68
CA VAL A 1055 8.50 -39.16 -211.84
CA ARG A 1056 10.09 -41.94 -209.90
CA TYR A 1057 13.78 -42.73 -210.11
CA GLN A 1058 15.56 -45.95 -209.31
CA CYS A 1059 18.91 -46.98 -207.92
CA ARG A 1060 21.18 -49.97 -208.14
CA SER A 1061 20.52 -52.93 -205.91
CA PRO A 1062 22.90 -51.62 -203.29
CA TYR A 1063 21.35 -48.20 -202.85
CA GLU A 1064 18.29 -46.41 -201.55
CA MET A 1065 16.51 -43.38 -202.96
CA PHE A 1066 15.87 -40.42 -200.76
CA GLY A 1067 13.06 -38.24 -201.93
CA ASP A 1068 9.59 -37.04 -201.12
CA GLU A 1069 7.76 -39.66 -203.15
CA GLU A 1070 8.58 -38.72 -206.69
CA VAL A 1071 10.00 -35.80 -208.56
CA MET A 1072 7.59 -33.15 -209.63
CA CYS A 1073 8.26 -31.30 -212.81
CA LEU A 1074 6.23 -28.16 -213.26
CA ASN A 1075 6.88 -26.64 -216.66
CA GLY A 1076 10.53 -27.61 -216.85
CA ASN A 1077 11.51 -27.56 -213.20
CA TRP A 1078 12.35 -30.75 -211.35
CA THR A 1079 11.90 -30.04 -207.72
CA GLU A 1080 12.98 -33.04 -205.71
CA PRO A 1081 16.02 -34.94 -206.66
CA PRO A 1082 16.18 -38.50 -205.56
CA GLN A 1083 19.62 -39.36 -204.35
CA CYS A 1084 21.00 -42.82 -204.09
CA LYS A 1085 23.87 -45.19 -202.97
CA ASP A 1086 24.69 -47.35 -206.14
CA SER A 1087 27.06 -50.04 -204.93
CA THR A 1088 30.52 -50.99 -205.82
CA GLY A 1089 32.33 -53.74 -207.45
CA LYS A 1090 34.47 -51.22 -209.39
CA CYS A 1091 38.13 -52.09 -210.18
CA GLY A 1092 41.33 -50.00 -210.22
CA PRO A 1093 43.94 -50.02 -212.95
CA PRO A 1094 44.75 -53.43 -214.46
CA PRO A 1095 47.87 -55.29 -213.32
CA PRO A 1096 51.14 -55.28 -215.29
CA ILE A 1097 52.33 -58.70 -216.48
CA ASP A 1098 55.85 -59.66 -217.44
CA ASN A 1099 56.65 -59.36 -221.13
CA GLY A 1100 53.12 -58.21 -222.04
CA ASP A 1101 51.05 -55.07 -222.11
CA ILE A 1102 47.37 -54.06 -222.14
CA THR A 1103 46.08 -52.88 -225.46
CA SER A 1104 44.23 -49.76 -224.18
CA PHE A 1105 45.14 -46.73 -222.10
CA PRO A 1106 44.75 -47.52 -218.39
CA LEU A 1107 41.98 -45.79 -216.46
CA SER A 1108 41.80 -44.95 -212.77
CA VAL A 1109 38.54 -46.84 -212.27
CA TYR A 1110 36.53 -49.44 -214.15
CA ALA A 1111 32.88 -50.38 -213.85
CA PRO A 1112 31.92 -53.92 -213.11
CA ALA A 1113 31.76 -56.02 -216.31
CA SER A 1114 34.47 -53.85 -217.98
CA SER A 1115 37.23 -55.72 -219.72
CA VAL A 1116 40.74 -55.08 -221.04
CA GLU A 1117 43.06 -57.26 -223.15
CA TYR A 1118 46.73 -58.10 -223.10
CA GLN A 1119 49.23 -58.75 -225.85
CA CYS A 1120 52.57 -60.45 -225.30
CA GLN A 1121 55.81 -58.98 -226.71
CA ASN A 1122 56.81 -60.27 -230.07
CA LEU A 1123 58.57 -63.63 -229.49
CA TYR A 1124 56.47 -64.42 -226.39
CA GLN A 1125 53.46 -66.67 -226.70
CA LEU A 1126 50.28 -65.67 -224.81
CA GLU A 1127 48.98 -68.61 -222.78
CA GLY A 1128 45.27 -68.64 -221.96
CA ASN A 1129 42.62 -66.00 -222.36
CA LYS A 1130 43.96 -62.53 -223.32
CA ARG A 1131 40.96 -60.77 -221.71
CA ILE A 1132 40.51 -59.81 -218.08
CA THR A 1133 37.17 -58.70 -216.70
CA CYS A 1134 36.27 -56.60 -213.67
CA ARG A 1135 33.79 -58.28 -211.30
CA ASN A 1136 33.03 -57.77 -207.63
CA GLY A 1137 35.90 -55.36 -207.21
CA GLN A 1138 38.60 -57.63 -208.69
CA TRP A 1139 40.12 -58.31 -212.11
CA SER A 1140 40.08 -61.88 -213.37
CA GLU A 1141 43.39 -63.70 -213.87
CA PRO A 1142 45.64 -62.31 -216.60
CA PRO A 1143 47.28 -64.60 -219.22
CA LYS A 1144 51.00 -65.61 -219.04
CA CYS A 1145 53.58 -64.68 -221.69
CA LEU A 1146 54.99 -68.11 -221.60
CA HIS A 1147 56.38 -70.73 -224.04
CA PRO A 1148 55.75 -74.57 -225.29
CA CYS A 1149 55.98 -78.19 -223.81
CA VAL A 1150 58.57 -80.98 -223.45
CA ILE A 1151 57.96 -84.38 -225.09
CA SER A 1152 57.52 -87.21 -222.55
CA ARG A 1153 59.24 -90.52 -223.32
CA GLU A 1154 57.11 -92.40 -220.76
CA ILE A 1155 53.75 -91.04 -222.09
CA MET A 1156 54.76 -91.78 -225.69
CA GLU A 1157 55.86 -95.34 -224.75
CA ASN A 1158 52.57 -95.84 -222.81
CA TYR A 1159 50.40 -94.51 -225.68
CA ASN A 1160 52.33 -96.44 -228.44
CA ILE A 1161 53.28 -93.30 -230.40
CA ALA A 1162 56.48 -91.72 -231.74
CA LEU A 1163 57.31 -88.39 -233.34
CA ARG A 1164 56.47 -88.43 -237.04
CA TRP A 1165 59.48 -86.43 -238.26
CA THR A 1166 62.73 -87.95 -236.94
CA ALA A 1167 64.78 -85.21 -238.66
CA LYS A 1168 62.54 -82.46 -237.22
CA GLN A 1169 62.19 -83.29 -233.53
CA LYS A 1170 60.36 -80.57 -231.57
CA LEU A 1171 61.63 -81.88 -228.23
CA TYR A 1172 60.50 -78.51 -226.82
CA SER A 1173 57.56 -76.82 -228.46
CA ARG A 1174 56.42 -73.22 -228.01
CA THR A 1175 52.89 -72.41 -226.91
CA GLY A 1176 50.87 -72.41 -230.15
CA GLU A 1177 53.22 -74.76 -232.02
CA SER A 1178 52.02 -78.21 -233.07
CA VAL A 1179 53.73 -81.55 -232.69
CA GLU A 1180 52.91 -84.42 -234.97
CA PHE A 1181 52.94 -88.01 -233.82
CA VAL A 1182 52.46 -91.36 -235.53
CA CYS A 1183 51.29 -94.69 -234.20
CA LYS A 1184 54.08 -97.17 -233.62
CA ARG A 1185 54.33 -100.20 -235.93
CA GLY A 1186 51.39 -102.52 -235.29
CA TYR A 1187 49.08 -99.95 -233.70
CA ARG A 1188 46.18 -97.76 -234.75
CA LEU A 1189 44.60 -94.56 -233.46
CA SER A 1190 42.19 -95.46 -230.63
CA SER A 1191 38.54 -94.35 -230.71
CA ARG A 1192 38.03 -91.03 -228.90
CA SER A 1193 41.81 -90.32 -229.32
CA HIS A 1194 43.04 -86.80 -229.86
CA THR A 1195 44.31 -86.12 -233.36
CA LEU A 1196 47.90 -87.20 -234.12
CA ARG A 1197 48.71 -83.52 -234.66
CA THR A 1198 48.40 -81.67 -231.38
CA THR A 1199 49.11 -78.14 -230.07
CA CYS A 1200 51.21 -77.03 -227.17
CA TRP A 1201 49.45 -74.76 -224.71
CA ASP A 1202 51.38 -73.31 -221.78
CA GLY A 1203 53.23 -76.56 -220.95
CA LYS A 1204 50.43 -78.99 -221.81
CA LEU A 1205 50.27 -81.30 -224.83
CA GLU A 1206 47.18 -83.53 -225.18
CA TYR A 1207 48.71 -86.70 -226.59
CA PRO A 1208 46.96 -89.11 -228.98
CA THR A 1209 46.59 -92.74 -227.97
CA CYS A 1210 47.08 -95.79 -230.25
CA ALA A 1211 45.88 -99.33 -229.63
CA LYS A 1212 47.32 -102.62 -231.00
CA ARG A 1213 47.81 -102.77 -233.98
CA GLU A 1 -1.21 32.86 82.23
CA ASP A 2 -3.33 34.68 79.50
CA CYS A 3 -6.72 33.70 79.30
CA ASN A 4 -10.23 32.34 78.99
CA GLU A 5 -11.16 29.50 76.77
CA LEU A 6 -9.96 30.35 73.30
CA PRO A 7 -12.16 32.03 70.79
CA PRO A 8 -14.36 30.04 68.51
CA ARG A 9 -14.49 30.41 64.75
CA ARG A 10 -17.32 29.35 62.47
CA ASN A 11 -17.43 25.62 61.84
CA THR A 12 -13.95 25.34 63.23
CA GLU A 13 -12.65 24.67 66.69
CA ILE A 14 -9.48 24.84 68.77
CA LEU A 15 -7.51 21.62 68.91
CA THR A 16 -6.18 21.64 72.43
CA GLY A 17 -7.95 18.67 73.87
CA SER A 18 -11.40 20.13 74.17
CA TRP A 19 -12.56 20.91 77.63
CA SER A 20 -9.77 20.47 80.12
CA ASP A 21 -8.54 23.46 82.02
CA GLN A 22 -10.78 26.52 82.01
CA THR A 23 -8.05 29.09 81.83
CA TYR A 24 -4.61 29.21 80.31
CA PRO A 25 -1.54 31.17 81.13
CA GLU A 26 0.01 34.00 79.16
CA GLY A 27 2.41 32.95 76.46
CA THR A 28 0.28 29.95 75.64
CA GLN A 29 0.11 29.13 71.98
CA ALA A 30 -2.72 27.03 70.66
CA ILE A 31 -3.42 25.72 67.21
CA TYR A 32 -6.72 25.69 65.36
CA LYS A 33 -8.23 23.16 63.01
CA CYS A 34 -11.23 22.97 60.72
CA ARG A 35 -13.62 20.08 60.29
CA PRO A 36 -12.57 17.59 57.71
CA GLY A 37 -13.37 19.03 54.33
CA TYR A 38 -12.44 22.57 55.23
CA ARG A 39 -9.15 24.27 54.63
CA SER A 40 -7.61 26.52 57.21
CA LEU A 41 -6.45 29.69 55.61
CA GLY A 42 -4.94 32.10 58.05
CA ASN A 43 -3.27 31.99 61.41
CA VAL A 44 -3.44 28.32 62.20
CA ILE A 45 -2.15 29.28 65.59
CA MET A 46 -3.38 31.86 68.10
CA VAL A 47 -1.32 33.01 71.03
CA CYS A 48 -2.52 34.58 74.20
CA ARG A 49 -1.21 37.79 75.62
CA LYS A 50 -2.38 39.84 78.55
CA GLY A 51 -5.05 37.31 79.35
CA GLU A 52 -6.51 37.77 75.94
CA TRP A 53 -6.05 35.90 72.74
CA VAL A 54 -3.79 38.12 70.80
CA ALA A 55 -5.07 40.68 68.40
CA LEU A 56 -1.98 39.54 66.65
CA ASN A 57 -2.60 36.09 65.34
CA PRO A 58 -6.17 37.10 65.03
CA LEU A 59 -8.24 33.95 65.02
CA ARG A 60 -8.37 32.76 61.46
CA LYS A 61 -11.44 31.28 59.86
CA CYS A 62 -11.98 28.23 57.76
CA GLN A 63 -15.29 26.40 57.61
CA LYS A 64 -18.40 26.23 60.04
CA ARG A 65 -21.51 24.06 59.41
CA PRO A 66 -24.92 23.95 61.34
CA CYS A 67 -27.04 21.97 58.92
CA GLY A 68 -26.28 23.65 55.69
CA HIS A 69 -29.25 24.31 53.63
CA PRO A 70 -32.05 21.82 53.03
CA GLY A 71 -32.76 22.89 49.56
CA ASP A 72 -35.02 25.25 47.86
CA THR A 73 -37.90 24.55 45.71
CA PRO A 74 -38.51 26.30 42.31
CA PHE A 75 -42.08 25.23 42.74
CA GLY A 76 -42.57 27.18 45.84
CA THR A 77 -40.80 28.58 48.78
CA PHE A 78 -39.58 27.37 52.11
CA THR A 79 -39.46 29.00 55.45
CA LEU A 80 -37.37 28.35 58.50
CA THR A 81 -39.14 27.90 61.75
CA GLY A 82 -37.46 27.80 65.11
CA GLY A 83 -34.27 29.57 64.31
CA ASN A 84 -35.01 31.26 60.93
CA VAL A 85 -31.69 29.84 59.67
CA PHE A 86 -30.08 26.49 59.00
CA GLU A 87 -29.08 25.92 62.60
CA TYR A 88 -29.67 22.87 64.72
CA GLY A 89 -33.24 22.32 65.72
CA VAL A 90 -34.68 24.47 62.95
CA LYS A 91 -37.48 23.20 60.80
CA ALA A 92 -37.39 24.06 57.16
CA VAL A 93 -41.03 24.14 56.35
CA TYR A 94 -41.75 24.22 52.71
CA THR A 95 -44.71 26.04 51.33
CA CYS A 96 -45.83 26.05 47.75
CA ASN A 97 -46.54 29.13 45.67
CA GLU A 98 -49.57 30.40 43.94
CA GLY A 99 -50.05 27.70 41.47
CA TYR A 100 -48.51 24.83 43.33
CA GLN A 101 -49.62 22.54 46.06
CA LEU A 102 -47.91 20.21 48.35
CA LEU A 103 -47.88 16.59 47.58
CA GLY A 104 -47.60 14.27 50.48
CA GLU A 105 -47.88 14.89 54.21
CA ILE A 106 -44.29 15.90 54.77
CA ASN A 107 -43.84 19.63 54.28
CA TYR A 108 -40.86 20.28 56.44
CA ARG A 109 -37.35 19.15 57.20
CA GLU A 110 -36.11 19.32 60.71
CA CYS A 111 -32.50 19.71 61.54
CA ASP A 112 -31.46 17.28 64.15
CA THR A 113 -27.92 16.55 65.26
CA ASP A 114 -27.63 14.16 62.32
CA GLY A 115 -28.56 16.97 60.01
CA TRP A 116 -31.81 17.55 58.20
CA THR A 117 -34.13 14.64 59.07
CA ASN A 118 -36.53 14.54 56.13
CA ASP A 119 -35.91 15.39 52.53
CA ILE A 120 -37.31 18.08 50.27
CA PRO A 121 -41.07 17.43 50.16
CA ILE A 122 -42.96 17.11 46.96
CA CYS A 123 -44.62 20.17 45.68
CA GLU A 124 -46.03 18.06 42.55
CA VAL A 125 -49.03 16.22 40.63
CA VAL A 126 -48.40 12.41 40.89
CA LYS A 127 -49.26 9.50 38.82
CA CYS A 128 -50.87 5.90 39.04
CA LEU A 129 -49.44 2.55 39.95
CA PRO A 130 -47.53 0.65 37.29
CA VAL A 131 -50.04 -1.77 35.83
CA THR A 132 -48.62 -5.21 35.16
CA ALA A 133 -50.56 -6.38 32.07
CA PRO A 134 -53.78 -8.25 31.28
CA GLU A 135 -53.68 -12.06 31.29
CA ASN A 136 -53.27 -12.69 27.57
CA GLY A 137 -52.16 -9.25 26.63
CA LYS A 138 -49.47 -6.69 27.19
CA ILE A 139 -48.99 -2.99 27.58
CA VAL A 140 -48.69 -0.68 24.58
CA SER A 141 -47.63 2.35 26.63
CA SER A 142 -44.52 0.61 27.89
CA ALA A 143 -42.19 3.32 26.60
CA MET A 144 -42.41 7.14 26.48
CA GLU A 145 -39.57 8.02 28.80
CA PRO A 146 -36.56 6.07 30.14
CA ASP A 147 -37.94 7.07 33.54
CA ARG A 148 -41.55 6.30 32.79
CA GLU A 149 -43.67 6.87 35.82
CA TYR A 150 -47.31 6.82 35.07
CA HIS A 151 -48.25 10.42 35.61
CA PHE A 152 -51.69 12.01 35.26
CA GLY A 153 -52.73 12.30 31.64
CA GLN A 154 -50.93 9.19 30.55
CA ALA A 155 -52.92 6.64 28.69
CA VAL A 156 -51.89 3.12 29.18
CA ARG A 157 -53.05 1.29 26.22
CA PHE A 158 -53.02 -2.48 26.02
CA VAL A 159 -52.85 -5.04 23.30
CA CYS A 160 -53.89 -8.61 23.25
CA ASN A 161 -51.64 -11.37 22.02
CA SER A 162 -52.18 -13.52 18.98
CA GLY A 163 -55.74 -14.73 18.97
CA TYR A 164 -57.00 -12.71 21.86
CA LYS A 165 -59.47 -9.96 21.82
CA ILE A 166 -59.82 -7.25 24.38
CA GLU A 167 -62.76 -7.53 26.71
CA GLY A 168 -62.85 -4.01 27.97
CA ASP A 169 -61.41 -0.94 26.35
CA GLU A 170 -57.81 -0.74 25.20
CA GLU A 171 -56.87 2.49 26.93
CA MET A 172 -56.66 3.50 30.55
CA HIS A 173 -55.85 6.99 31.73
CA CYS A 174 -54.30 8.13 34.96
CA SER A 175 -56.64 10.50 36.70
CA ASP A 176 -56.02 12.96 39.64
CA ASP A 177 -57.41 10.33 42.01
CA GLY A 178 -54.14 8.44 41.62
CA PHE A 179 -56.20 5.70 40.28
CA TRP A 180 -56.63 4.32 36.84
CA SER A 181 -59.57 5.68 34.90
CA LYS A 182 -60.23 2.51 32.95
CA GLU A 183 -60.41 -0.90 34.48
CA LYS A 184 -57.78 -3.43 33.52
CA PRO A 185 -59.27 -5.01 30.43
CA LYS A 186 -59.00 -8.66 29.68
CA CYS A 187 -57.72 -10.45 26.68
CA VAL A 188 -59.81 -13.83 25.91
CA GLU A 189 -57.79 -17.26 25.41
CA ILE A 190 -58.32 -20.11 28.33
CA SER A 191 -58.63 -23.91 26.94
CA CYS A 192 -57.65 -27.06 29.04
CA LYS A 193 -58.22 -30.47 30.52
CA SER A 194 -55.94 -32.35 32.80
CA PRO A 195 -52.51 -31.85 31.49
CA ASP A 196 -51.00 -35.02 30.18
CA VAL A 197 -47.97 -36.76 31.54
CA ILE A 198 -44.59 -35.45 30.60
CA ASN A 199 -41.57 -37.36 29.47
CA GLY A 200 -40.06 -39.20 32.37
CA SER A 201 -41.53 -36.60 34.59
CA PRO A 202 -44.15 -36.04 37.16
CA ILE A 203 -46.46 -33.15 37.96
CA SER A 204 -45.94 -31.71 41.39
CA GLN A 205 -49.18 -29.85 41.54
CA LYS A 206 -52.44 -31.26 40.38
CA ILE A 207 -55.17 -28.67 40.33
CA ILE A 208 -58.20 -27.80 38.25
CA TYR A 209 -57.14 -26.26 35.00
CA LYS A 210 -58.80 -23.63 32.93
CA GLU A 211 -57.15 -21.18 30.60
CA ASN A 212 -54.07 -19.11 31.38
CA GLU A 213 -52.33 -21.45 33.77
CA ARG A 214 -48.83 -22.79 34.15
CA PHE A 215 -47.83 -26.19 35.34
CA GLN A 216 -44.76 -27.71 36.80
CA TYR A 217 -43.37 -30.37 34.57
CA LYS A 218 -40.58 -31.71 36.68
CA CYS A 219 -38.35 -34.64 35.84
CA ASN A 220 -37.59 -37.45 38.20
CA MET A 221 -34.40 -39.11 39.34
CA GLY A 222 -32.41 -40.95 36.74
CA TYR A 223 -33.10 -38.38 34.06
CA GLU A 224 -30.97 -35.43 33.13
CA TYR A 225 -32.97 -32.24 33.18
CA SER A 226 -32.36 -29.77 30.40
CA GLU A 227 -34.43 -26.68 29.81
CA ARG A 228 -37.06 -25.29 32.10
CA GLY A 229 -39.55 -27.63 33.61
CA ASP A 230 -42.92 -26.05 33.32
CA ALA A 231 -45.59 -26.02 30.67
CA VAL A 232 -48.43 -23.64 29.95
CA CYS A 233 -52.03 -24.11 28.83
CA THR A 234 -52.85 -23.13 25.30
CA GLU A 235 -56.57 -23.75 25.75
CA SER A 236 -56.22 -27.27 24.47
CA GLY A 237 -52.70 -28.38 23.97
CA TRP A 238 -49.90 -27.55 26.35
CA ARG A 239 -46.80 -25.46 25.83
CA PRO A 240 -43.24 -26.71 25.94
CA LEU A 241 -42.27 -29.99 27.44
CA PRO A 242 -38.88 -30.36 28.96
CA SER A 243 -35.98 -32.37 27.73
CA CYS A 244 -35.78 -35.15 30.21
CA GLU A 245 -32.54 -37.33 30.21
CA GLU A 246 -29.98 -39.85 31.79
CA LYS A 247 -26.27 -39.53 32.98
CA SER A 248 -24.53 -42.90 33.10
CA CYS A 249 -23.70 -45.99 35.68
CA ASP A 250 -25.59 -48.43 37.71
CA ASN A 251 -25.78 -47.86 41.40
CA PRO A 252 -23.72 -50.60 42.98
CA TYR A 253 -24.93 -52.40 45.99
CA ILE A 254 -22.48 -53.18 48.54
CA PRO A 255 -24.04 -54.66 51.57
CA ASN A 256 -21.38 -54.30 53.86
CA GLY A 257 -18.45 -52.81 51.94
CA ASP A 258 -17.17 -49.29 51.57
CA TYR A 259 -16.01 -47.60 48.36
CA SER A 260 -14.52 -44.30 47.19
CA PRO A 261 -15.16 -41.77 45.98
CA LEU A 262 -18.74 -41.45 47.19
CA ARG A 263 -21.25 -39.78 45.00
CA ILE A 264 -24.85 -39.65 44.41
CA LYS A 265 -25.25 -39.81 40.81
CA HIS A 266 -22.73 -41.68 38.75
CA ARG A 267 -21.59 -41.02 35.21
CA THR A 268 -20.03 -43.31 32.62
CA GLY A 269 -16.41 -44.35 33.20
CA ASP A 270 -15.97 -44.14 36.98
CA GLU A 271 -13.83 -46.74 38.70
CA ILE A 272 -14.03 -46.95 42.51
CA THR A 273 -12.05 -48.91 45.05
CA TYR A 274 -14.21 -51.03 47.32
CA GLN A 275 -12.95 -52.63 50.50
CA CYS A 276 -14.67 -54.88 53.00
CA ARG A 277 -12.97 -53.97 56.12
CA ASN A 278 -15.42 -54.19 58.72
CA GLY A 279 -17.64 -56.74 57.13
CA PHE A 280 -16.03 -59.76 55.54
CA TYR A 281 -13.15 -60.26 53.15
CA PRO A 282 -13.43 -58.86 49.55
CA ALA A 283 -14.82 -61.14 46.84
CA THR A 284 -12.41 -60.55 44.02
CA ARG A 285 -8.66 -60.59 43.88
CA GLY A 286 -8.59 -56.87 43.36
CA ASN A 287 -10.63 -54.28 45.17
CA THR A 288 -12.51 -52.24 42.54
CA ALA A 289 -15.38 -51.82 40.12
CA LYS A 290 -15.68 -49.51 37.10
CA CYS A 291 -18.76 -47.61 36.25
CA THR A 292 -19.95 -48.26 32.74
CA SER A 293 -23.56 -47.44 31.74
CA THR A 294 -25.59 -50.29 33.26
CA GLY A 295 -23.48 -51.61 36.10
CA TRP A 296 -19.99 -51.95 37.56
CA ILE A 297 -16.86 -54.08 36.78
CA PRO A 298 -15.06 -56.00 37.91
CA ALA A 299 -16.89 -56.29 41.19
CA PRO A 300 -17.64 -54.76 44.57
CA ARG A 301 -18.65 -57.64 46.82
CA CYS A 302 -17.87 -58.29 50.42
CA THR A 303 -16.17 -61.66 50.68
CA LEU A 304 -16.74 -64.52 53.32
CA LYS A 305 -15.98 -68.38 52.96
CA PRO A 306 -16.12 -69.47 56.92
CA CYS A 307 -14.46 -72.96 56.95
CA ASP A 308 -13.88 -75.69 59.64
CA TYR A 309 -10.69 -76.41 61.67
CA PRO A 310 -7.88 -77.15 59.26
CA ASP A 311 -6.71 -80.71 59.81
CA ILE A 312 -3.14 -79.98 58.69
CA LYS A 313 -1.31 -83.15 57.68
CA HIS A 314 2.38 -83.02 58.67
CA GLY A 315 1.87 -79.64 60.31
CA GLY A 316 -0.28 -77.61 62.67
CA LEU A 317 -1.72 -74.22 63.56
CA TYR A 318 0.17 -71.84 65.86
CA HIS A 319 -1.71 -70.64 68.97
CA GLU A 320 -3.84 -73.78 68.77
CA ASN A 321 -5.44 -73.14 72.19
CA MET A 322 -6.52 -69.58 71.31
CA ARG A 323 -7.98 -70.24 67.85
CA ARG A 324 -9.94 -73.28 68.91
CA PRO A 325 -12.97 -72.88 69.13
CA TYR A 326 -13.67 -69.71 66.94
CA PHE A 327 -14.35 -72.44 64.26
CA PRO A 328 -16.27 -72.64 61.98
CA VAL A 329 -14.26 -69.67 60.69
CA ALA A 330 -15.58 -67.01 58.29
CA VAL A 331 -14.16 -66.64 54.77
CA GLY A 332 -11.18 -64.28 54.52
CA LYS A 333 -9.85 -65.35 57.92
CA TYR A 334 -6.33 -66.77 57.69
CA TYR A 335 -4.07 -68.40 60.26
CA SER A 336 -0.35 -68.88 60.66
CA TYR A 337 0.69 -72.54 60.65
CA TYR A 338 3.90 -74.55 60.81
CA CYS A 339 5.15 -77.76 59.13
CA ASP A 340 6.80 -80.65 60.97
CA GLU A 341 10.44 -81.72 60.54
CA HIS A 342 11.11 -83.10 57.03
CA PHE A 343 8.24 -80.97 55.66
CA GLU A 344 7.93 -77.48 54.18
CA THR A 345 5.31 -74.89 53.19
CA PRO A 346 4.62 -74.06 49.50
CA SER A 347 6.76 -70.89 50.03
CA GLY A 348 9.69 -73.12 51.04
CA SER A 349 9.73 -72.19 54.74
CA TYR A 350 8.75 -74.00 57.95
CA TRP A 351 5.77 -71.66 58.47
CA ASP A 352 3.15 -69.79 56.44
CA HIS A 353 -0.51 -68.72 56.38
CA ILE A 354 -3.54 -70.87 55.49
CA HIS A 355 -6.58 -69.03 54.12
CA CYS A 356 -10.26 -69.87 54.34
CA THR A 357 -11.42 -69.67 50.72
CA GLN A 358 -14.95 -70.07 49.37
CA ASP A 359 -13.73 -73.47 48.10
CA GLY A 360 -12.08 -74.47 51.41
CA TRP A 361 -8.62 -73.98 52.92
CA SER A 362 -5.82 -72.52 50.78
CA PRO A 363 -3.19 -73.85 50.18
CA ALA A 364 -4.88 -77.25 49.79
CA VAL A 365 -1.59 -78.98 50.68
CA PRO A 366 -0.03 -76.70 53.33
CA CYS A 367 2.88 -78.99 54.15
CA LEU A 368 5.43 -81.24 52.07
CA ARG A 369 8.15 -84.16 52.38
CA LYS A 370 10.07 -85.96 49.28
CA CYS A 371 11.86 -89.29 50.26
CA TYR A 372 11.75 -91.95 52.99
CA PHE A 373 15.08 -93.41 54.02
CA PRO A 374 14.89 -97.22 54.02
CA TYR A 375 16.58 -99.81 56.18
CA LEU A 376 20.15 -100.77 55.16
CA GLU A 377 20.74 -104.47 55.83
CA ASN A 378 24.41 -104.20 54.79
CA GLY A 379 25.08 -100.70 56.16
CA TYR A 380 25.06 -98.52 59.29
CA ASN A 381 21.57 -97.20 60.07
CA GLN A 382 20.91 -93.71 61.43
CA ASN A 383 18.11 -92.36 59.16
CA HIS A 384 15.72 -95.32 58.74
CA GLY A 385 12.29 -93.62 58.80
CA ARG A 386 13.44 -90.03 58.24
CA LYS A 387 11.80 -87.91 55.56
CA PHE A 388 13.73 -85.63 53.23
CA VAL A 389 12.58 -83.05 50.71
CA GLN A 390 13.66 -83.09 47.06
CA GLY A 391 17.17 -81.74 46.47
CA LYS A 392 18.49 -83.10 49.79
CA SER A 393 21.65 -85.23 49.96
CA ILE A 394 22.24 -87.75 52.75
CA ASP A 395 25.45 -89.55 53.72
CA VAL A 396 25.35 -93.34 53.48
CA ALA A 397 27.69 -95.52 55.53
CA CYS A 398 27.88 -99.09 54.20
CA HIS A 399 29.52 -101.97 56.05
CA PRO A 400 33.16 -102.72 55.21
CA GLY A 401 33.20 -104.54 51.85
CA TYR A 402 29.87 -103.05 50.71
CA ALA A 403 29.30 -99.85 48.76
CA LEU A 404 26.62 -97.80 47.07
CA PRO A 405 26.26 -98.37 43.33
CA LYS A 406 28.74 -97.29 42.21
CA ALA A 407 30.13 -95.85 44.29
CA GLN A 408 28.66 -92.61 45.56
CA THR A 409 28.90 -91.87 49.28
CA THR A 410 25.50 -90.10 49.36
CA VAL A 411 21.97 -90.54 48.01
CA THR A 412 20.04 -87.49 46.74
CA CYS A 413 16.26 -87.09 46.73
CA MET A 414 15.14 -86.39 43.18
CA GLU A 415 11.60 -85.85 41.83
CA ASN A 416 11.62 -89.56 40.89
CA GLY A 417 12.99 -90.75 44.26
CA TRP A 418 16.42 -91.48 45.76
CA SER A 419 19.41 -91.27 43.40
CA PRO A 420 20.94 -93.73 43.51
CA THR A 421 18.80 -96.26 45.40
CA PRO A 422 19.87 -96.42 49.09
CA ARG A 423 21.29 -99.96 49.27
CA CYS A 424 24.76 -101.35 49.90
CA ILE A 425 22.61 -104.92 49.98
CA ARG A 426 21.09 -107.59 47.64
CA VAL A 427 18.02 -109.96 48.25
CA LYS A 428 17.72 -113.43 46.43
CA THR A 429 14.42 -115.38 46.31
CA CYS A 430 13.97 -119.02 45.11
CA SER A 431 16.01 -122.12 44.35
CA LYS A 432 16.10 -123.89 40.97
CA SER A 433 16.44 -127.15 42.95
CA SER A 434 12.89 -126.65 44.28
CA ILE A 435 11.45 -126.36 40.73
CA ASP A 436 9.77 -129.43 39.19
CA ILE A 437 8.82 -129.87 35.53
CA GLU A 438 7.90 -132.98 33.54
CA ASN A 439 8.17 -132.98 29.72
CA GLY A 440 10.35 -129.88 29.70
CA PHE A 441 13.43 -128.43 31.36
CA ILE A 442 14.64 -125.19 32.93
CA SER A 443 16.46 -123.45 30.07
CA GLU A 444 18.41 -120.88 32.07
CA SER A 445 20.26 -122.20 33.96
CA GLN A 446 21.15 -120.48 37.28
CA TYR A 447 20.79 -122.00 40.75
CA THR A 448 19.49 -118.98 42.62
CA TYR A 449 16.86 -116.50 41.49
CA ALA A 450 16.22 -113.18 43.24
CA LEU A 451 12.71 -112.03 44.12
CA LYS A 452 10.75 -111.02 40.97
CA GLU A 453 13.37 -112.74 38.78
CA LYS A 454 11.94 -115.29 36.32
CA ALA A 455 12.95 -118.90 35.71
CA LYS A 456 12.77 -119.87 32.03
CA TYR A 457 11.59 -123.32 30.91
CA GLN A 458 11.20 -125.05 27.52
CA CYS A 459 8.88 -127.98 26.78
CA LYS A 460 9.88 -131.18 25.02
CA LEU A 461 9.20 -131.56 21.29
CA GLY A 462 5.43 -131.78 20.85
CA TYR A 463 4.55 -130.52 24.34
CA VAL A 464 3.02 -127.14 25.22
CA THR A 465 2.60 -124.88 28.25
CA ALA A 466 -0.65 -123.50 29.73
CA ASP A 467 -0.79 -120.53 27.31
CA GLY A 468 -0.39 -122.72 25.22
CA GLU A 469 3.08 -122.07 23.90
CA THR A 470 6.16 -124.26 23.46
CA SER A 471 7.97 -122.39 26.26
CA GLY A 472 7.21 -120.19 29.26
CA SER A 473 8.52 -119.00 32.60
CA ILE A 474 7.77 -118.83 36.35
CA THR A 475 8.35 -115.98 38.83
CA CYS A 476 10.15 -115.94 42.16
CA GLY A 477 8.06 -114.43 44.94
CA LYS A 478 8.16 -113.93 48.71
CA ASP A 479 6.27 -117.23 48.99
CA GLY A 480 8.40 -119.12 46.46
CA TRP A 481 7.75 -119.84 42.79
CA SER A 482 4.68 -118.39 41.06
CA ALA A 483 3.71 -121.96 40.14
CA GLN A 484 4.91 -125.23 38.64
CA PRO A 485 5.84 -125.32 34.95
CA THR A 486 3.29 -127.30 32.93
CA CYS A 487 4.32 -129.02 29.70
CA ILE A 488 5.76 -132.40 30.26
CA LYS A 489 3.46 -134.65 32.45
CA SER A 490 3.94 -138.46 31.52
CA CYS A 491 5.73 -141.72 32.35
CA ASP A 492 6.04 -145.10 30.80
CA ILE A 493 3.92 -147.88 32.12
CA PRO A 494 5.88 -150.05 34.42
CA VAL A 495 5.70 -153.75 33.99
CA PHE A 496 5.92 -155.54 37.24
CA MET A 497 6.56 -159.20 36.73
CA ASN A 498 5.24 -160.16 40.07
CA ALA A 499 4.70 -157.21 42.26
CA ARG A 500 2.08 -154.77 43.32
CA THR A 501 2.41 -151.04 43.49
CA LYS A 502 0.46 -148.34 45.18
CA ASN A 503 -1.27 -145.54 43.41
CA ASP A 504 -2.79 -147.79 40.80
CA PHE A 505 -3.75 -145.71 37.79
CA THR A 506 -4.58 -145.95 34.16
CA TRP A 507 -2.86 -142.84 32.88
CA PHE A 508 0.56 -141.99 34.08
CA LYS A 509 1.78 -138.45 34.33
CA LEU A 510 5.14 -136.91 35.16
CA ASN A 511 6.77 -137.34 38.56
CA ASP A 512 4.52 -139.91 40.10
CA THR A 513 6.36 -142.08 42.57
CA LEU A 514 4.73 -145.13 44.00
CA ASP A 515 5.78 -147.91 46.29
CA TYR A 516 6.11 -151.35 44.85
CA GLU A 517 6.29 -154.39 47.04
CA CYS A 518 6.82 -157.97 46.10
CA HIS A 519 4.34 -159.48 48.49
CA ASP A 520 3.79 -163.01 47.46
CA GLY A 521 6.05 -163.68 44.54
CA TYR A 522 7.97 -166.10 46.67
CA GLU A 523 10.48 -166.43 43.93
CA SER A 524 10.35 -162.68 43.59
CA ASN A 525 12.29 -160.49 45.95
CA THR A 526 12.10 -156.77 46.31
CA GLY A 527 15.23 -156.38 44.24
CA SER A 528 15.83 -152.98 45.69
CA THR A 529 16.94 -151.80 49.08
CA THR A 530 13.88 -149.60 49.16
CA GLY A 531 10.97 -150.26 46.93
CA SER A 532 9.61 -147.37 45.04
CA ILE A 533 9.70 -146.16 41.50
CA VAL A 534 9.17 -142.62 40.37
CA CYS A 535 7.50 -141.66 37.15
CA GLY A 536 9.57 -139.59 34.82
CA TYR A 537 9.22 -138.86 31.14
CA ASN A 538 10.29 -142.33 30.15
CA GLY A 539 10.26 -145.18 32.62
CA TRP A 540 10.49 -145.16 36.39
CA SER A 541 13.31 -145.15 38.92
CA ASP A 542 14.91 -146.41 40.90
CA LEU A 543 13.17 -149.62 40.13
CA PRO A 544 9.96 -151.47 39.94
CA ILE A 545 11.30 -154.95 39.58
CA CYS A 546 10.91 -158.01 41.73
CA TYR A 547 13.76 -159.18 39.43
CA GLU A 548 17.25 -157.89 38.92
CA ARG A 549 19.76 -161.02 39.03
CA GLU A 550 23.72 -161.32 39.68
CA CYS A 551 25.83 -163.24 36.92
CA GLU A 552 28.36 -165.95 36.29
CA LEU A 553 30.16 -167.31 33.28
CA PRO A 554 28.11 -166.57 30.26
CA LYS A 555 27.85 -170.10 28.92
CA ILE A 556 27.58 -170.95 25.24
CA ASP A 557 24.70 -169.85 23.07
CA VAL A 558 23.06 -171.77 20.28
CA HIS A 559 25.60 -172.64 17.62
CA LEU A 560 27.26 -169.49 18.76
CA VAL A 561 30.47 -168.38 20.37
CA PRO A 562 31.51 -165.48 22.45
CA ASP A 563 33.83 -163.00 20.80
CA ARG A 564 35.17 -161.75 24.04
CA LYS A 565 35.52 -164.21 26.83
CA LYS A 566 36.27 -162.34 29.99
CA ASP A 567 37.16 -163.58 33.47
CA GLN A 568 34.62 -161.80 35.57
CA TYR A 569 31.03 -160.86 34.87
CA LYS A 570 29.10 -159.44 37.78
CA VAL A 571 26.20 -157.46 36.30
CA GLY A 572 25.80 -154.61 33.89
CA GLU A 573 27.79 -156.44 31.32
CA VAL A 574 27.05 -157.19 27.73
CA LEU A 575 28.54 -159.88 25.53
CA LYS A 576 28.82 -160.63 21.84
CA PHE A 577 26.65 -163.62 21.12
CA SER A 578 27.55 -164.33 17.57
CA CYS A 579 26.66 -167.32 15.41
CA LYS A 580 29.07 -169.78 13.90
CA PRO A 581 29.60 -170.25 10.22
CA GLY A 582 26.95 -172.26 8.44
CA PHE A 583 24.09 -171.00 10.55
CA THR A 584 21.45 -168.43 9.68
CA ILE A 585 21.43 -165.63 12.18
CA VAL A 586 18.28 -163.70 12.95
CA GLY A 587 17.85 -161.03 15.54
CA PRO A 588 20.57 -159.19 17.29
CA ASN A 589 23.77 -161.00 18.20
CA SER A 590 24.43 -159.66 21.66
CA VAL A 591 23.23 -160.51 25.13
CA GLN A 592 23.07 -158.85 28.53
CA CYS A 593 23.42 -160.38 31.96
CA TYR A 594 20.38 -160.28 34.16
CA HIS A 595 21.79 -160.41 37.68
CA PHE A 596 22.30 -164.08 37.23
CA GLY A 597 23.56 -166.74 34.98
CA LEU A 598 20.42 -166.00 33.10
CA SER A 599 21.28 -163.84 30.11
CA PRO A 600 18.96 -161.72 28.17
CA ASP A 601 18.55 -161.58 24.39
CA LEU A 602 19.72 -164.95 23.15
CA PRO A 603 19.94 -165.03 19.41
CA ILE A 604 18.27 -167.39 17.00
CA CYS A 605 20.88 -169.15 14.98
CA LYS A 606 23.20 -171.61 13.91
CA GLU A 607 25.87 -173.05 16.38
CA GLN A 608 29.11 -174.97 14.93
CA VAL A 609 31.39 -177.38 15.70
CA GLN A 610 31.73 -180.63 18.03
CA SER A 611 34.77 -182.46 19.54
CA CYS A 612 35.55 -186.30 19.73
CA GLY A 613 38.08 -189.08 19.77
CA PRO A 614 37.91 -192.27 17.90
CA PRO A 615 34.33 -193.31 17.66
CA PRO A 616 33.14 -196.12 19.83
CA GLU A 617 31.91 -199.39 18.47
CA LEU A 618 28.23 -199.73 17.61
CA LEU A 619 25.72 -202.39 18.49
CA ASN A 620 26.32 -205.51 16.47
CA GLY A 621 28.13 -203.42 13.97
CA ASN A 622 31.38 -201.93 12.81
CA VAL A 623 32.62 -198.90 10.97
CA LYS A 624 33.35 -199.56 7.35
CA GLU A 625 35.47 -196.55 6.90
CA LYS A 626 38.05 -195.46 9.34
CA THR A 627 37.68 -192.28 7.43
CA LYS A 628 40.07 -190.35 9.48
CA GLU A 629 42.63 -190.98 12.13
CA GLU A 630 41.34 -188.26 14.37
CA TYR A 631 37.90 -186.81 14.66
CA GLY A 632 37.77 -183.32 16.06
CA HIS A 633 34.19 -182.44 15.29
CA SER A 634 31.84 -181.84 12.41
CA GLU A 635 32.33 -185.36 11.22
CA VAL A 636 30.18 -188.38 10.69
CA VAL A 637 31.01 -191.98 10.19
CA GLU A 638 29.35 -195.06 8.84
CA TYR A 639 27.78 -197.21 11.47
CA TYR A 640 26.85 -200.36 9.62
CA CYS A 641 25.73 -203.53 11.24
CA ASN A 642 26.91 -207.04 10.47
CA PRO A 643 25.21 -209.87 8.79
CA ARG A 644 22.19 -211.61 10.28
CA PHE A 645 21.26 -208.45 12.09
CA LEU A 646 18.34 -206.52 10.74
CA MET A 647 19.01 -202.86 10.40
CA LYS A 648 16.50 -200.21 11.29
CA GLY A 649 17.15 -196.52 10.82
CA PRO A 650 20.10 -195.04 9.10
CA ASN A 651 23.55 -196.51 9.48
CA LYS A 652 25.49 -193.36 10.31
CA ILE A 653 26.69 -191.52 13.39
CA GLN A 654 27.56 -187.89 14.05
CA CYS A 655 30.08 -186.28 16.38
CA VAL A 656 28.72 -184.15 19.14
CA ASP A 657 31.66 -182.99 21.17
CA GLY A 658 32.43 -185.92 23.41
CA GLU A 659 29.51 -188.14 22.43
CA TRP A 660 28.29 -189.52 19.14
CA THR A 661 24.77 -189.26 17.88
CA THR A 662 22.37 -191.45 15.97
CA LEU A 663 23.15 -194.99 17.06
CA PRO A 664 21.53 -197.47 14.76
CA VAL A 665 19.02 -200.09 15.68
CA CYS A 666 20.27 -203.48 14.70
CA ILE A 667 20.09 -205.17 18.39
CA VAL A 668 17.62 -206.21 21.38
CA GLU A 669 17.29 -205.06 25.13
CA GLU A 670 14.52 -207.82 25.90
CA SER A 671 12.30 -206.69 28.86
CA THR A 672 8.64 -208.02 30.18
CA CYS A 673 7.44 -207.98 33.94
CA GLY A 674 6.88 -209.62 37.28
CA ASP A 675 3.87 -210.09 39.48
CA ILE A 676 0.69 -208.28 38.58
CA PRO A 677 -0.44 -205.72 41.09
CA GLU A 678 -3.87 -205.78 42.67
CA LEU A 679 -6.62 -204.04 40.79
CA GLU A 680 -9.16 -201.50 41.87
CA HIS A 681 -11.61 -203.17 44.18
CA GLY A 682 -11.07 -206.41 42.38
CA TRP A 683 -8.97 -209.52 42.32
CA ALA A 684 -7.38 -211.88 39.85
CA GLN A 685 -8.74 -215.30 39.09
CA LEU A 686 -5.51 -216.71 37.82
CA SER A 687 -2.55 -215.98 39.94
CA SER A 688 0.54 -217.53 38.47
CA PRO A 689 4.04 -217.03 39.59
CA PRO A 690 5.76 -216.51 36.28
CA TYR A 691 5.02 -213.66 33.89
CA TYR A 692 7.75 -212.82 31.46
CA TYR A 693 5.98 -211.15 28.57
CA GLY A 694 3.09 -211.58 26.22
CA ASP A 695 0.59 -212.52 28.84
CA SER A 696 -2.74 -211.24 30.04
CA VAL A 697 -4.50 -211.48 33.37
CA GLU A 698 -8.09 -211.56 34.54
CA PHE A 699 -8.92 -208.30 36.28
CA ASN A 700 -12.27 -209.07 37.76
CA CYS A 701 -14.19 -206.85 40.13
CA SER A 702 -15.68 -207.92 43.44
CA GLU A 703 -19.23 -208.02 44.68
CA SER A 704 -21.08 -204.76 45.30
CA PHE A 705 -18.88 -202.99 42.80
CA THR A 706 -20.29 -202.12 39.43
CA MET A 707 -18.02 -203.01 36.60
CA ILE A 708 -17.59 -201.01 33.46
CA GLY A 709 -15.20 -201.89 30.70
CA HIS A 710 -13.44 -205.18 30.12
CA ARG A 711 -12.08 -207.15 33.01
CA SER A 712 -8.58 -207.99 31.81
CA ILE A 713 -5.07 -206.54 31.69
CA THR A 714 -1.93 -207.28 29.71
CA CYS A 715 1.79 -207.13 30.41
CA ILE A 716 3.62 -204.18 29.02
CA HIS A 717 7.22 -204.95 29.91
CA GLY A 718 6.66 -204.56 33.60
CA VAL A 719 3.81 -202.16 33.56
CA TRP A 720 0.40 -203.68 33.24
CA THR A 721 -2.21 -202.18 31.07
CA GLN A 722 -5.96 -201.78 30.83
CA LEU A 723 -7.19 -201.48 34.38
CA PRO A 724 -10.91 -201.82 34.77
CA GLN A 725 -13.33 -199.33 36.17
CA CYS A 726 -14.93 -200.80 39.25
CA VAL A 727 -12.85 -198.70 41.90
CA ALA A 728 -14.44 -195.41 43.45
CA ILE A 729 -14.07 -195.00 47.33
CA ASP A 730 -13.40 -191.29 49.17
CA LYS A 731 -12.85 -189.13 52.46
CA LEU A 732 -12.75 -185.20 52.79
CA LYS A 733 -12.83 -183.12 56.02
CA LYS A 734 -12.42 -179.08 55.58
CA CYS A 735 -11.19 -177.41 58.89
CA LYS A 736 -10.53 -177.02 62.56
CA SER A 737 -10.27 -174.05 64.82
CA SER A 738 -8.31 -171.41 63.00
CA ASN A 739 -4.73 -170.80 63.95
CA LEU A 740 -3.58 -167.62 65.56
CA ILE A 741 -2.61 -164.68 63.42
CA ILE A 742 0.49 -162.63 63.76
CA LEU A 743 0.16 -159.74 66.15
CA GLU A 744 -3.51 -160.16 66.49
CA GLU A 745 -6.61 -162.16 67.24
CA HIS A 746 -9.87 -163.29 65.75
CA LEU A 747 -12.93 -161.25 66.56
CA LYS A 748 -15.49 -163.91 66.24
CA ASN A 749 -14.45 -167.31 67.35
CA LYS A 750 -16.98 -169.81 66.16
CA LYS A 751 -17.27 -173.26 67.60
CA GLU A 752 -17.66 -175.17 64.40
CA PHE A 753 -15.77 -174.49 61.23
CA ASP A 754 -16.09 -177.31 58.76
CA HIS A 755 -15.31 -175.50 55.56
CA ASN A 756 -16.41 -172.76 53.21
CA SER A 757 -16.11 -170.24 55.98
CA ASN A 758 -14.22 -167.02 56.58
CA ILE A 759 -12.37 -165.74 59.62
CA ARG A 760 -11.80 -162.22 60.70
CA TYR A 761 -8.16 -161.81 61.35
CA ARG A 762 -8.00 -158.51 63.04
CA CYS A 763 -4.56 -157.10 63.46
CA ARG A 764 -2.78 -155.11 66.11
CA GLY A 765 -2.63 -152.39 63.51
CA LYS A 766 -4.88 -152.68 60.53
CA GLU A 767 -3.28 -153.02 57.14
CA GLY A 768 -4.18 -155.16 54.18
CA TRP A 769 -7.26 -157.33 54.31
CA ILE A 770 -8.45 -158.44 57.71
CA HIS A 771 -9.61 -161.95 57.07
CA THR A 772 -8.72 -165.51 56.17
CA VAL A 773 -10.57 -168.33 54.47
CA CYS A 774 -10.57 -172.00 55.21
CA ILE A 775 -8.95 -174.39 52.81
CA ASN A 776 -9.58 -177.83 54.24
CA GLY A 777 -7.72 -176.99 57.38
CA ARG A 778 -5.15 -174.65 56.03
CA TRP A 779 -6.18 -171.04 56.14
CA ASP A 780 -5.88 -168.56 53.35
CA PRO A 781 -5.29 -164.80 53.32
CA GLU A 782 -3.17 -164.30 56.56
CA VAL A 783 -2.92 -160.52 57.19
CA ASN A 784 0.44 -158.87 57.36
CA CYS A 785 0.92 -157.18 60.69
CA SER A 786 4.99 -157.47 60.22
CA MET A 787 7.08 -156.02 57.44
CA ALA A 788 9.85 -153.62 58.78
CA GLN A 789 13.41 -153.77 57.00
CA ILE A 790 16.45 -151.43 55.81
CA GLN A 791 20.18 -152.16 55.33
CA LEU A 792 23.09 -150.22 53.65
CA CYS A 793 26.45 -152.40 53.64
CA PRO A 794 29.35 -151.08 51.72
CA PRO A 795 32.54 -152.91 51.02
CA PRO A 796 34.16 -153.58 54.29
CA PRO A 797 37.01 -151.53 55.41
CA GLN A 798 40.28 -153.23 55.86
CA ILE A 799 41.20 -154.74 59.17
CA PRO A 800 44.34 -153.70 60.87
CA ASN A 801 46.41 -156.52 59.56
CA SER A 802 44.21 -158.06 56.98
CA HIS A 803 42.23 -158.07 53.79
CA ASN A 804 38.62 -158.91 53.26
CA MET A 805 37.45 -161.44 50.72
CA THR A 806 34.01 -162.17 49.47
CA THR A 807 31.72 -163.36 46.72
CA THR A 808 30.46 -159.83 46.13
CA LEU A 809 31.73 -156.42 47.16
CA ASN A 810 28.60 -154.72 48.51
CA TYR A 811 26.66 -157.39 50.47
CA ARG A 812 23.53 -155.28 50.45
CA ASP A 813 21.71 -156.10 53.67
CA GLY A 814 22.15 -158.55 56.45
CA GLU A 815 24.86 -160.85 55.27
CA LYS A 816 27.73 -162.91 56.61
CA VAL A 817 31.05 -161.42 55.67
CA SER A 818 34.25 -163.30 56.19
CA VAL A 819 37.61 -161.60 56.35
CA LEU A 820 41.09 -162.97 55.83
CA CYS A 821 44.53 -162.03 57.09
CA GLN A 822 48.07 -162.17 55.79
CA GLU A 823 50.41 -165.01 56.47
CA ASN A 824 51.44 -165.38 60.08
CA TYR A 825 48.19 -163.95 61.38
CA LEU A 826 45.01 -165.50 62.70
CA ILE A 827 41.49 -164.15 62.69
CA GLN A 828 39.39 -164.19 65.79
CA GLU A 829 35.70 -163.83 65.15
CA GLY A 830 32.44 -165.62 65.61
CA GLU A 831 32.57 -166.86 62.05
CA GLU A 832 31.67 -163.81 60.07
CA ILE A 833 30.76 -160.22 60.41
CA THR A 834 27.10 -159.42 60.46
CA CYS A 835 26.16 -156.16 58.79
CA LYS A 836 22.66 -155.24 59.68
CA ASP A 837 21.58 -151.79 58.64
CA GLY A 838 25.10 -150.34 58.45
CA ARG A 839 26.76 -151.82 61.50
CA TRP A 840 29.55 -154.37 61.50
CA GLN A 841 28.88 -156.34 64.59
CA SER A 842 31.98 -158.49 64.98
CA ILE A 843 35.44 -157.43 64.04
CA PRO A 844 37.81 -160.07 62.96
CA LEU A 845 41.20 -159.33 64.38
CA CYS A 846 44.38 -160.59 62.90
CA VAL A 847 46.35 -162.37 65.61
CA GLU A 848 49.76 -164.04 66.08
CA LYS A 849 50.90 -167.55 67.47
CA ILE A 850 52.82 -168.87 70.80
CA PRO A 851 56.65 -170.19 70.74
CA CYS A 852 58.24 -173.34 70.91
CA SER A 853 57.88 -175.39 67.70
CA GLN A 854 58.42 -179.14 67.04
CA PRO A 855 60.94 -180.47 69.67
CA PRO A 856 64.56 -181.21 68.51
CA GLN A 857 65.70 -184.63 67.22
CA ILE A 858 68.46 -186.90 68.64
CA GLU A 859 70.00 -189.68 66.44
CA HIS A 860 68.16 -193.08 66.83
CA GLY A 861 65.68 -191.76 69.42
CA THR A 862 62.79 -189.29 69.20
CA ILE A 863 60.39 -187.41 71.48
CA ASN A 864 57.56 -189.41 73.17
CA SER A 865 54.71 -186.85 73.29
CA SER A 866 52.40 -188.50 70.68
CA ARG A 867 54.22 -187.51 67.45
CA SER A 868 51.69 -185.10 65.83
CA SER A 869 49.19 -183.47 68.17
CA GLN A 870 50.21 -179.81 67.88
CA GLU A 871 52.84 -177.96 65.83
CA SER A 872 53.85 -175.47 68.50
CA TYR A 873 53.97 -175.79 72.33
CA ALA A 874 54.03 -173.10 75.06
CA HIS A 875 56.87 -171.80 77.23
CA GLY A 876 57.48 -173.99 80.29
CA THR A 877 56.49 -177.23 78.51
CA LYS A 878 58.53 -180.27 79.66
CA LEU A 879 58.46 -183.24 77.24
CA SER A 880 60.33 -186.53 77.83
CA TYR A 881 62.44 -188.55 75.38
CA THR A 882 62.63 -192.21 74.24
CA CYS A 883 65.18 -194.39 72.39
CA GLU A 884 64.79 -197.54 70.25
CA GLY A 885 64.12 -200.99 71.76
CA GLY A 886 67.62 -201.76 73.09
CA PHE A 887 69.26 -198.32 73.62
CA ARG A 888 70.07 -196.67 76.96
CA ILE A 889 69.54 -192.91 77.41
CA SER A 890 71.84 -190.60 79.37
CA GLU A 891 70.64 -189.23 82.77
CA GLU A 892 67.06 -187.79 83.01
CA ASN A 893 65.29 -188.28 79.64
CA GLU A 894 63.58 -184.87 79.46
CA THR A 895 63.74 -181.64 77.45
CA THR A 896 62.21 -178.28 78.47
CA CYS A 897 61.29 -175.12 76.58
CA TYR A 898 62.43 -171.57 77.35
CA MET A 899 61.53 -168.58 75.09
CA GLY A 900 60.39 -170.73 72.11
CA LYS A 901 63.61 -172.81 72.16
CA TRP A 902 64.22 -176.23 73.78
CA SER A 903 67.11 -177.38 76.00
CA SER A 904 70.12 -179.59 75.13
CA PRO A 905 68.16 -182.90 74.71
CA PRO A 906 69.60 -186.19 76.11
CA GLN A 907 71.17 -188.69 73.69
CA CYS A 908 70.81 -192.45 73.15
CA GLU A 909 71.97 -195.05 70.78
CA GLY A 910 73.67 -194.01 67.26
CA LEU A 911 76.36 -196.70 66.33
CA PRO A 912 79.35 -197.37 63.80
CA CYS A 913 78.75 -198.65 60.09
CA LYS A 914 80.42 -200.65 57.34
CA SER A 915 78.82 -202.49 54.40
CA PRO A 916 75.19 -203.48 55.30
CA PRO A 917 74.57 -207.27 55.66
CA GLU A 918 72.21 -209.27 53.44
CA ILE A 919 68.47 -209.30 54.19
CA SER A 920 65.73 -211.97 54.43
CA HIS A 921 65.29 -213.52 50.95
CA GLY A 922 66.19 -210.09 49.56
CA VAL A 923 68.98 -207.92 48.22
CA VAL A 924 70.06 -204.32 48.10
CA ALA A 925 69.65 -202.10 45.01
CA HIS A 926 71.92 -199.27 46.22
CA MET A 927 75.19 -201.07 46.89
CA SER A 928 77.58 -198.21 47.76
CA ASP A 929 81.15 -198.23 49.12
CA SER A 930 80.91 -195.55 51.86
CA TYR A 931 78.44 -196.13 54.71
CA GLN A 932 79.15 -194.19 57.93
CA TYR A 933 76.28 -192.88 60.14
CA GLY A 934 72.93 -191.30 59.20
CA GLU A 935 72.35 -193.40 56.07
CA GLU A 936 69.51 -195.55 54.73
CA VAL A 937 69.52 -198.54 52.34
CA THR A 938 67.04 -200.31 50.04
CA TYR A 939 66.20 -203.69 51.61
CA LYS A 940 64.10 -205.07 48.74
CA CYS A 941 62.81 -208.69 48.51
CA PHE A 942 63.16 -211.03 45.50
CA GLU A 943 60.53 -212.29 43.04
CA GLY A 944 58.61 -215.20 44.57
CA PHE A 945 58.55 -213.66 48.07
CA GLY A 946 55.58 -211.56 49.18
CA ILE A 947 56.69 -208.38 50.91
CA ASP A 948 55.16 -207.02 54.09
CA GLY A 949 56.47 -203.88 55.81
CA PRO A 950 58.68 -201.18 54.25
CA ALA A 951 61.66 -202.20 52.05
CA ILE A 952 64.48 -200.14 53.66
CA ALA A 953 66.89 -200.18 56.59
CA LYS A 954 68.85 -197.49 58.52
CA CYS A 955 72.40 -197.31 60.02
CA LEU A 956 72.55 -197.57 63.82
CA GLY A 957 76.28 -197.32 64.40
CA GLU A 958 77.33 -200.95 63.91
CA LYS A 959 73.99 -202.68 63.30
CA TRP A 960 71.25 -201.82 60.82
CA SER A 961 67.60 -200.98 61.60
CA HIS A 962 64.18 -202.27 60.23
CA PRO A 963 64.59 -205.52 58.39
CA PRO A 964 61.58 -206.43 56.09
CA SER A 965 59.20 -209.31 56.21
CA CYS A 966 59.60 -211.16 52.91
CA ILE A 967 57.31 -214.23 51.77
CA LYS A 968 58.54 -217.85 50.78
CA THR A 969 55.38 -220.32 49.85
CA ASP A 970 52.22 -221.70 51.89
CA CYS A 971 50.80 -225.42 51.69
CA LEU A 972 48.68 -227.17 54.29
CA SER A 973 48.51 -230.73 55.43
CA LEU A 974 47.72 -232.85 52.40
CA PRO A 975 44.47 -234.64 52.15
CA SER A 976 44.59 -238.37 52.46
CA PHE A 977 43.87 -239.99 49.20
CA GLU A 978 41.65 -242.91 48.44
CA ASN A 979 43.16 -246.04 49.93
CA ALA A 980 46.29 -244.31 50.98
CA ILE A 981 47.96 -242.54 53.90
CA PRO A 982 49.91 -239.33 53.76
CA MET A 983 53.33 -239.29 55.25
CA GLY A 984 55.58 -236.44 56.15
CA GLU A 985 59.09 -236.64 57.48
CA LYS A 986 58.66 -233.44 59.34
CA LYS A 987 55.56 -231.48 60.06
CA ASP A 988 52.52 -231.60 57.90
CA VAL A 989 53.04 -228.04 56.85
CA TYR A 990 55.52 -228.11 54.04
CA LYS A 991 55.99 -224.41 53.72
CA ALA A 992 56.43 -223.81 50.02
CA GLY A 993 57.54 -225.68 46.99
CA GLU A 994 58.48 -228.92 48.66
CA GLN A 995 58.09 -232.54 47.75
CA VAL A 996 55.50 -234.47 49.63
CA THR A 997 55.44 -238.18 49.36
CA TYR A 998 52.29 -240.17 49.99
CA THR A 999 52.00 -243.71 51.21
CA CYS A 1000 49.76 -246.64 50.42
CA ALA A 1001 48.48 -249.67 52.28
CA THR A 1002 50.31 -253.00 52.28
CA TYR A 1003 49.02 -254.21 48.97
CA TYR A 1004 48.93 -251.01 46.92
CA LYS A 1005 51.30 -249.02 44.75
CA MET A 1006 51.65 -245.27 44.20
CA ASP A 1007 51.36 -243.87 40.72
CA GLY A 1008 53.17 -240.61 40.57
CA ALA A 1009 56.30 -238.75 39.56
CA SER A 1010 58.20 -239.31 42.76
CA ASN A 1011 56.66 -236.78 45.08
CA VAL A 1012 53.89 -234.26 44.90
CA THR A 1013 54.96 -230.71 44.33
CA CYS A 1014 52.91 -228.02 45.95
CA ILE A 1015 53.61 -224.52 44.84
CA ASN A 1016 51.33 -221.86 46.17
CA SER A 1017 48.43 -224.16 47.11
CA ARG A 1018 48.48 -226.36 44.05
CA TRP A 1019 49.36 -230.03 44.19
CA THR A 1020 50.72 -231.04 40.86
CA GLY A 1021 50.85 -234.80 40.71
CA ARG A 1022 48.46 -236.84 42.75
CA PRO A 1023 49.62 -240.21 43.76
CA THR A 1024 47.04 -242.91 43.38
CA CYS A 1025 47.07 -246.23 45.09
CA ARG A 1026 45.73 -249.29 42.89
CA ASP A 1027 47.52 -252.79 42.55
CA THR A 1028 51.27 -254.67 42.34
CA SER A 1029 53.75 -256.49 39.88
CA CYS A 1030 55.30 -259.93 40.24
CA VAL A 1031 58.57 -261.49 39.25
CA ASN A 1032 59.99 -264.97 39.26
CA PRO A 1033 60.20 -266.03 42.81
CA PRO A 1034 63.40 -266.55 44.62
CA THR A 1035 64.62 -269.88 45.88
CA VAL A 1036 63.57 -271.03 49.31
CA GLN A 1037 65.81 -272.60 51.97
CA ASN A 1038 65.73 -276.25 51.06
CA ALA A 1039 63.40 -275.98 48.11
CA TYR A 1040 62.79 -275.06 44.49
CA ILE A 1041 60.10 -273.00 42.85
CA VAL A 1042 57.64 -274.63 40.51
CA SER A 1043 55.52 -272.72 38.11
CA ARG A 1044 52.88 -272.90 35.48
CA GLN A 1045 53.29 -271.90 31.91
CA MET A 1046 54.34 -268.47 33.00
CA SER A 1047 57.47 -267.94 35.02
CA LYS A 1048 56.43 -264.47 35.92
CA TYR A 1049 53.11 -264.40 37.60
CA PRO A 1050 51.03 -261.33 37.00
CA SER A 1051 50.14 -259.51 40.19
CA GLY A 1052 47.58 -261.04 42.55
CA GLU A 1053 48.29 -264.68 41.85
CA ARG A 1054 48.95 -267.92 43.68
CA VAL A 1055 52.47 -269.21 43.54
CA ARG A 1056 53.27 -272.68 44.69
CA TYR A 1057 56.73 -273.71 45.81
CA GLN A 1058 58.23 -277.15 45.97
CA CYS A 1059 60.71 -278.99 48.14
CA ARG A 1060 63.10 -281.88 47.77
CA SER A 1061 61.77 -285.40 48.11
CA PRO A 1062 62.64 -285.47 51.78
CA TYR A 1063 60.77 -282.34 52.83
CA GLU A 1064 57.31 -280.88 53.25
CA MET A 1065 56.08 -277.38 52.53
CA PHE A 1066 54.29 -275.46 55.20
CA GLY A 1067 52.11 -272.71 53.89
CA ASP A 1068 48.55 -271.58 53.51
CA GLU A 1069 48.03 -272.98 50.04
CA GLU A 1070 50.24 -270.83 47.90
CA VAL A 1071 52.09 -267.58 48.15
CA MET A 1072 50.17 -264.48 47.28
CA CYS A 1073 52.02 -261.62 45.75
CA LEU A 1074 50.12 -258.37 45.73
CA ASN A 1075 52.08 -255.71 43.87
CA GLY A 1076 55.50 -256.90 44.92
CA ASN A 1077 54.76 -258.39 48.32
CA TRP A 1078 54.98 -262.12 48.91
CA THR A 1079 52.92 -262.83 51.95
CA GLU A 1080 53.25 -266.48 52.86
CA PRO A 1081 56.55 -268.16 52.67
CA PRO A 1082 56.52 -271.87 52.21
CA GLN A 1083 59.13 -273.49 54.35
CA CYS A 1084 60.54 -276.89 53.79
CA LYS A 1085 62.84 -275.85 57.13
CA ASP A 1086 64.19 -277.80 60.27
CA SER A 1087 65.58 -276.25 63.72
CA THR A 1088 68.56 -274.12 64.55
CA GLY A 1089 71.21 -276.59 66.68
CA LYS A 1090 73.69 -273.73 66.09
CA CYS A 1091 76.52 -273.16 68.62
CA GLY A 1092 78.11 -269.97 70.03
CA PRO A 1093 81.82 -269.34 70.39
CA PRO A 1094 83.92 -272.31 71.53
CA PRO A 1095 84.99 -272.55 75.18
CA PRO A 1096 88.44 -271.51 76.41
CA ILE A 1097 90.50 -274.29 78.01
CA ASP A 1098 93.40 -273.87 80.40
CA ASN A 1099 96.82 -273.81 78.78
CA GLY A 1100 95.43 -274.34 75.26
CA ASP A 1101 93.94 -272.36 72.44
CA ILE A 1102 91.74 -272.95 69.37
CA THR A 1103 93.57 -272.89 66.09
CA SER A 1104 91.10 -270.63 64.19
CA PHE A 1105 89.55 -267.23 64.76
CA PRO A 1106 86.40 -267.55 66.89
CA LEU A 1107 83.05 -266.83 65.27
CA SER A 1108 79.84 -265.60 66.86
CA VAL A 1109 77.82 -268.55 65.58
CA TYR A 1110 78.52 -271.99 64.16
CA ALA A 1111 76.33 -274.26 62.10
CA PRO A 1112 75.61 -277.75 63.28
CA ALA A 1113 78.38 -280.17 62.24
CA SER A 1114 81.03 -277.37 62.35
CA SER A 1115 84.23 -278.19 64.14
CA VAL A 1116 87.21 -276.39 65.65
CA GLU A 1117 90.50 -277.72 67.02
CA TYR A 1118 92.65 -276.99 70.03
CA GLN A 1119 96.40 -276.96 70.54
CA CYS A 1120 98.05 -277.07 73.96
CA GLN A 1121 100.84 -274.64 74.89
CA ASN A 1122 104.31 -275.89 74.25
CA LEU A 1123 105.25 -278.11 77.22
CA TYR A 1124 101.63 -279.23 77.79
CA GLN A 1125 100.44 -282.52 76.38
CA LEU A 1126 96.98 -282.64 74.74
CA GLU A 1127 94.95 -285.51 76.18
CA GLY A 1128 92.20 -286.93 73.98
CA ASN A 1129 90.69 -285.66 70.77
CA LYS A 1130 91.81 -282.14 69.75
CA ARG A 1131 88.58 -281.54 67.78
CA ILE A 1132 85.25 -280.31 69.10
CA THR A 1133 82.09 -280.46 67.01
CA CYS A 1134 78.86 -278.49 67.20
CA ARG A 1135 75.73 -280.67 67.44
CA ASN A 1136 72.25 -279.97 68.74
CA GLY A 1137 73.23 -276.57 70.05
CA GLN A 1138 76.25 -277.74 72.09
CA TRP A 1139 79.98 -278.25 71.54
CA SER A 1140 81.42 -281.66 72.28
CA GLU A 1141 83.92 -282.04 75.12
CA PRO A 1142 87.26 -280.28 74.64
CA PRO A 1143 90.60 -282.07 75.29
CA LYS A 1144 92.69 -281.43 78.48
CA CYS A 1145 96.20 -279.94 78.46
CA LEU A 1146 97.19 -277.30 80.58
CA HIS A 1147 96.54 -275.99 84.28
CA PRO A 1148 98.25 -272.48 85.07
CA CYS A 1149 99.82 -271.92 88.80
CA VAL A 1150 99.76 -269.06 91.34
CA ILE A 1151 102.89 -268.24 93.37
CA SER A 1152 102.47 -268.90 97.13
CA ARG A 1153 103.90 -266.30 99.52
CA GLU A 1154 103.74 -268.71 102.47
CA ILE A 1155 105.55 -271.58 100.64
CA MET A 1156 108.24 -269.20 99.36
CA GLU A 1157 108.72 -267.72 102.86
CA ASN A 1158 108.90 -271.27 104.35
CA TYR A 1159 111.40 -272.51 101.72
CA ASN A 1160 113.62 -269.33 101.88
CA ILE A 1161 113.22 -268.49 98.17
CA ALA A 1162 112.13 -265.48 96.10
CA LEU A 1163 111.42 -264.93 92.43
CA ARG A 1164 114.65 -264.34 90.50
CA TRP A 1165 113.35 -261.65 88.16
CA THR A 1166 111.66 -258.83 90.12
CA ALA A 1167 110.81 -257.01 86.85
CA LYS A 1168 109.36 -260.17 85.31
CA GLN A 1169 107.06 -261.62 87.97
CA LYS A 1170 105.05 -264.61 86.70
CA LEU A 1171 102.55 -264.38 89.56
CA TYR A 1172 100.35 -266.68 87.46
CA SER A 1173 102.07 -269.13 85.17
CA ARG A 1174 100.50 -271.16 82.36
CA THR A 1175 100.79 -274.93 82.28
CA GLY A 1176 104.14 -275.59 80.59
CA GLU A 1177 105.69 -272.26 81.58
CA SER A 1178 108.65 -272.16 83.96
CA VAL A 1179 109.21 -269.97 86.98
CA GLU A 1180 112.68 -269.23 88.23
CA PHE A 1181 113.48 -268.79 91.89
CA VAL A 1182 116.58 -267.83 93.83
CA CYS A 1183 117.66 -268.61 97.36
CA LYS A 1184 117.19 -265.71 99.76
CA ARG A 1185 120.29 -263.94 101.11
CA GLY A 1186 122.16 -266.30 103.44
CA TYR A 1187 120.71 -269.55 102.12
CA ARG A 1188 121.73 -272.31 99.72
CA LEU A 1189 119.89 -274.95 97.70
CA SER A 1190 119.17 -277.92 99.98
CA SER A 1191 120.25 -281.45 99.02
CA ARG A 1192 117.51 -283.34 97.14
CA SER A 1193 115.89 -279.93 96.31
CA HIS A 1194 114.10 -279.45 93.01
CA THR A 1195 115.93 -277.19 90.58
CA LEU A 1196 115.49 -273.43 91.07
CA ARG A 1197 113.81 -273.34 87.65
CA THR A 1198 110.54 -275.24 87.82
CA THR A 1199 107.56 -275.89 85.51
CA CYS A 1200 103.91 -275.29 86.09
CA TRP A 1201 101.69 -278.30 85.47
CA ASP A 1202 97.91 -277.94 85.78
CA GLY A 1203 98.02 -275.82 88.95
CA LYS A 1204 101.04 -277.47 90.58
CA LEU A 1205 104.52 -276.00 90.95
CA GLU A 1206 107.18 -278.13 92.68
CA TYR A 1207 109.11 -275.53 94.62
CA PRO A 1208 112.84 -275.69 95.41
CA THR A 1209 113.94 -275.53 99.05
CA CYS A 1210 116.93 -273.57 100.42
CA ALA A 1211 118.65 -274.05 103.76
CA LYS A 1212 120.65 -271.49 105.81
CA ARG A 1213 122.69 -270.23 103.74
CA GLU A 1 -0.92 34.09 83.00
CA ASP A 2 -4.69 33.34 82.55
CA CYS A 3 -6.65 33.73 79.22
CA ASN A 4 -10.16 32.38 78.93
CA GLU A 5 -11.11 29.52 76.72
CA LEU A 6 -9.93 30.38 73.25
CA PRO A 7 -12.13 32.05 70.74
CA PRO A 8 -14.34 30.05 68.47
CA ARG A 9 -14.48 30.41 64.71
CA ARG A 10 -17.33 29.35 62.45
CA ASN A 11 -17.45 25.61 61.83
CA THR A 12 -13.96 25.33 63.20
CA GLU A 13 -12.64 24.68 66.68
CA ILE A 14 -9.46 24.84 68.73
CA LEU A 15 -7.51 21.62 68.87
CA THR A 16 -6.16 21.65 72.39
CA GLY A 17 -7.93 18.68 73.85
CA SER A 18 -11.37 20.16 74.15
CA TRP A 19 -12.52 20.95 77.62
CA SER A 20 -9.74 20.51 80.10
CA ASP A 21 -8.48 23.51 81.98
CA GLN A 22 -10.72 26.58 81.97
CA THR A 23 -7.99 29.13 81.77
CA TYR A 24 -4.55 29.25 80.24
CA PRO A 25 -1.47 31.21 81.04
CA GLU A 26 0.07 34.02 79.05
CA GLY A 27 2.47 32.96 76.35
CA THR A 28 0.33 29.97 75.54
CA GLN A 29 0.15 29.13 71.88
CA ALA A 30 -2.69 27.04 70.59
CA ILE A 31 -3.41 25.70 67.14
CA TYR A 32 -6.73 25.68 65.30
CA LYS A 33 -8.25 23.15 62.97
CA CYS A 34 -11.26 22.95 60.69
CA ARG A 35 -13.65 20.06 60.29
CA PRO A 36 -12.63 17.56 57.70
CA GLY A 37 -13.43 18.99 54.32
CA TYR A 38 -12.48 22.53 55.21
CA ARG A 39 -9.21 24.23 54.59
CA SER A 40 -7.64 26.47 57.15
CA LEU A 41 -6.49 29.65 55.54
CA GLY A 42 -4.96 32.05 57.96
CA ASN A 43 -3.28 31.96 61.31
CA VAL A 44 -3.45 28.30 62.12
CA ILE A 45 -2.14 29.26 65.51
CA MET A 46 -3.35 31.85 68.00
CA VAL A 47 -1.30 33.01 70.93
CA CYS A 48 -2.47 34.59 74.09
CA ARG A 49 -1.16 37.80 75.50
CA LYS A 50 -2.30 39.87 78.43
CA GLY A 51 -4.97 37.34 79.25
CA GLU A 52 -6.46 37.79 75.84
CA TRP A 53 -6.01 35.91 72.64
CA VAL A 54 -3.75 38.11 70.69
CA ALA A 55 -5.04 40.68 68.29
CA LEU A 56 -1.96 39.51 66.53
CA ASN A 57 -2.58 36.07 65.24
CA PRO A 58 -6.16 37.08 64.93
CA LEU A 59 -8.23 33.95 64.94
CA ARG A 60 -8.38 32.74 61.38
CA LYS A 61 -11.45 31.26 59.80
CA CYS A 62 -12.01 28.20 57.71
CA GLN A 63 -13.90 30.53 55.17
CA LYS A 64 -13.40 30.74 51.22
CA ARG A 65 -10.08 32.31 49.53
CA PRO A 66 -10.66 34.15 45.91
CA CYS A 67 -7.41 35.32 43.92
CA GLY A 68 -8.16 38.85 44.78
CA HIS A 69 -8.69 41.01 41.86
CA PRO A 70 -6.50 41.00 38.76
CA GLY A 71 -6.79 44.62 38.08
CA ASP A 72 -8.94 46.86 36.08
CA THR A 73 -8.11 48.77 33.08
CA PRO A 74 -9.07 52.48 32.59
CA PHE A 75 -8.59 51.82 28.93
CA GLY A 76 -11.26 49.27 28.77
CA THR A 77 -13.10 46.76 30.78
CA PHE A 78 -12.57 43.23 31.94
CA THR A 79 -14.92 40.38 32.35
CA LEU A 80 -14.75 37.27 34.44
CA THR A 81 -15.31 34.01 32.72
CA GLY A 82 -15.82 30.72 34.48
CA GLY A 83 -16.92 31.91 37.84
CA ASN A 84 -17.84 35.60 37.21
CA VAL A 85 -15.76 36.48 40.30
CA PHE A 86 -12.16 36.32 41.45
CA GLU A 87 -12.36 32.69 42.49
CA TYR A 88 -10.00 29.90 41.59
CA GLY A 89 -10.14 28.81 38.01
CA VAL A 90 -11.74 32.01 36.76
CA LYS A 91 -10.35 33.80 33.77
CA ALA A 92 -10.30 37.54 33.85
CA VAL A 93 -10.66 38.34 30.24
CA TYR A 94 -9.95 41.89 29.42
CA THR A 95 -11.74 43.67 26.66
CA CYS A 96 -11.03 47.16 25.45
CA ASN A 97 -13.61 49.92 25.07
CA GLU A 98 -14.79 51.91 22.16
CA GLY A 99 -11.66 53.65 21.28
CA TYR A 100 -9.16 51.16 22.52
CA GLN A 101 -7.73 47.96 21.22
CA LEU A 102 -5.82 45.17 22.70
CA LEU A 103 -2.14 45.06 22.26
CA GLY A 104 -0.57 41.67 22.34
CA GLU A 105 -2.08 38.21 22.24
CA ILE A 106 -2.74 37.90 25.95
CA ASN A 107 -6.17 39.28 26.84
CA TYR A 108 -6.93 37.32 29.93
CA ARG A 109 -5.59 36.32 33.30
CA GLU A 110 -6.41 32.96 34.65
CA CYS A 111 -6.55 32.24 38.30
CA ASP A 112 -4.70 29.11 39.12
CA THR A 113 -3.80 27.86 42.57
CA ASP A 114 -0.78 30.13 42.48
CA GLY A 115 -3.06 33.06 41.83
CA TRP A 116 -3.58 34.97 38.62
CA THR A 117 -1.29 33.43 36.00
CA ASN A 118 -0.79 36.24 33.52
CA ASP A 119 -0.67 39.96 34.13
CA ILE A 120 -2.89 42.80 33.00
CA PRO A 121 -2.72 42.75 29.18
CA ILE A 122 -1.89 45.78 27.18
CA CYS A 123 -4.73 47.76 25.88
CA GLU A 124 -4.67 51.16 23.91
CA VAL A 125 -7.00 54.27 24.59
CA VAL A 126 -7.32 57.49 22.07
CA LYS A 127 -10.61 59.13 23.08
CA CYS A 128 -12.14 62.55 22.67
CA LEU A 129 -13.39 65.82 24.04
CA PRO A 130 -17.12 66.26 24.47
CA VAL A 131 -18.26 68.08 21.36
CA THR A 132 -20.82 70.78 22.04
CA ALA A 133 -23.01 70.75 18.89
CA PRO A 134 -23.09 72.43 15.48
CA GLU A 135 -24.68 75.86 15.20
CA ASN A 136 -28.14 74.86 13.99
CA GLY A 137 -27.94 71.26 14.92
CA LYS A 138 -27.54 68.91 17.83
CA ILE A 139 -25.89 65.67 18.78
CA VAL A 140 -27.50 62.32 18.03
CA SER A 141 -25.02 60.31 20.11
CA SER A 142 -26.00 62.12 23.31
CA ALA A 143 -26.89 58.91 25.12
CA MET A 144 -25.32 55.42 25.25
CA GLU A 145 -24.25 55.31 28.86
CA PRO A 146 -25.22 57.36 31.95
CA ASP A 147 -21.49 57.99 32.21
CA ARG A 148 -20.91 58.72 28.55
CA GLU A 149 -17.35 59.65 27.94
CA TYR A 150 -16.47 59.74 24.34
CA HIS A 151 -14.14 56.78 24.06
CA PHE A 152 -12.34 55.54 20.95
CA GLY A 153 -14.72 53.87 18.53
CA GLN A 154 -17.64 56.07 19.42
CA ALA A 155 -19.37 57.79 16.60
CA VAL A 156 -20.86 61.08 17.40
CA ARG A 157 -23.53 61.62 14.95
CA PHE A 158 -25.27 64.95 14.54
CA VAL A 159 -28.60 66.12 13.32
CA CYS A 160 -29.69 69.44 12.02
CA ASN A 161 -32.77 71.21 13.28
CA SER A 162 -35.89 71.96 11.33
CA GLY A 163 -34.92 73.38 7.99
CA TYR A 164 -31.22 72.87 8.23
CA LYS A 165 -29.09 70.59 6.25
CA ILE A 166 -25.76 69.23 7.24
CA GLU A 167 -22.77 70.73 5.52
CA GLY A 168 -20.24 68.07 6.31
CA ASP A 169 -20.90 64.48 7.22
CA GLU A 170 -23.23 63.49 10.02
CA GLU A 171 -20.88 61.19 11.90
CA MET A 172 -17.62 61.75 13.68
CA HIS A 173 -15.55 59.01 15.24
CA CYS A 174 -13.11 59.17 18.09
CA SER A 175 -9.74 57.97 16.92
CA ASP A 176 -6.60 56.90 18.93
CA ASP A 177 -5.20 60.39 18.41
CA GLY A 178 -7.66 61.62 21.03
CA PHE A 179 -9.02 63.74 18.36
CA TRP A 180 -12.19 63.61 16.40
CA SER A 181 -11.98 61.86 13.06
CA LYS A 182 -14.60 63.99 11.35
CA GLU A 183 -14.70 67.72 11.51
CA LYS A 184 -17.61 69.36 13.25
CA PRO A 185 -20.15 69.66 10.47
CA LYS A 186 -22.38 72.63 10.05
CA CYS A 187 -26.09 72.88 9.80
CA VAL A 188 -26.98 75.74 7.27
CA GLU A 189 -30.12 77.80 9.03
CA ILE A 190 -31.48 80.76 7.02
CA SER A 191 -31.43 84.71 6.68
CA CYS A 192 -34.70 86.78 6.88
CA LYS A 193 -37.17 89.60 6.62
CA SER A 194 -40.80 89.52 7.49
CA PRO A 195 -42.10 86.28 6.25
CA ASP A 196 -44.55 86.72 3.45
CA VAL A 197 -48.17 85.76 3.51
CA ILE A 198 -49.08 82.16 2.97
CA ASN A 199 -51.75 80.73 0.77
CA GLY A 200 -55.14 81.34 2.29
CA SER A 201 -53.45 81.44 5.61
CA PRO A 202 -52.51 83.74 8.39
CA ILE A 203 -49.51 83.96 10.69
CA SER A 204 -50.38 83.52 14.32
CA GLN A 205 -47.17 84.92 15.66
CA LYS A 206 -45.52 87.98 14.29
CA ILE A 207 -42.09 88.52 15.75
CA ILE A 208 -38.72 89.82 14.64
CA TYR A 209 -37.03 87.32 12.42
CA LYS A 210 -33.40 86.53 12.03
CA GLU A 211 -31.88 83.26 10.99
CA ASN A 212 -32.83 79.85 12.35
CA GLU A 213 -36.45 80.48 13.15
CA ARG A 214 -39.71 78.68 12.51
CA PHE A 215 -43.03 80.24 11.83
CA GLN A 216 -46.59 79.13 12.08
CA TYR A 217 -48.25 79.13 8.72
CA LYS A 218 -51.78 78.30 9.67
CA CYS A 219 -54.73 78.14 7.31
CA ASN A 220 -58.03 79.79 7.97
CA MET A 221 -61.60 78.61 7.88
CA GLY A 222 -62.96 77.56 4.53
CA TYR A 223 -59.73 75.93 3.47
CA GLU A 224 -58.78 72.32 3.84
CA TYR A 225 -55.47 71.95 5.59
CA SER A 226 -53.09 69.35 4.28
CA GLU A 227 -49.52 68.95 5.42
CA ARG A 228 -47.92 70.68 8.35
CA GLY A 229 -48.49 74.35 8.82
CA ASP A 230 -45.21 75.91 9.64
CA ALA A 231 -42.38 77.32 7.60
CA VAL A 232 -38.74 77.89 8.39
CA CYS A 233 -36.28 80.65 7.54
CA THR A 234 -33.63 79.87 5.00
CA GLU A 235 -31.86 83.20 5.47
CA SER A 236 -33.82 84.73 2.65
CA GLY A 237 -36.56 82.57 1.33
CA TRP A 238 -38.80 80.51 3.52
CA ARG A 239 -39.19 76.76 3.76
CA PRO A 240 -42.32 74.81 2.90
CA LEU A 241 -45.70 76.38 2.57
CA PRO A 242 -48.71 74.35 3.39
CA SER A 243 -51.34 73.04 1.07
CA CYS A 244 -54.31 75.14 1.89
CA GLU A 245 -58.06 76.13 1.51
CA GLU A 246 -59.77 79.62 0.33
CA LYS A 247 -62.53 79.10 -1.68
CA SER A 248 -65.82 81.07 -2.92
CA CYS A 249 -69.13 79.93 -4.79
CA ASP A 250 -71.43 81.37 -7.30
CA ASN A 251 -75.06 81.58 -6.44
CA PRO A 252 -76.79 79.08 -8.68
CA TYR A 253 -79.98 79.93 -10.37
CA ILE A 254 -82.50 77.35 -10.55
CA PRO A 255 -85.70 78.59 -11.97
CA ASN A 256 -87.86 75.97 -11.02
CA GLY A 257 -85.72 73.34 -9.30
CA ASP A 258 -85.01 72.62 -5.65
CA TYR A 259 -81.62 71.80 -4.11
CA SER A 260 -80.14 70.86 -0.73
CA PRO A 261 -78.74 71.91 1.55
CA LEU A 262 -80.05 75.46 1.44
CA ARG A 263 -77.82 78.24 2.51
CA ILE A 264 -77.34 81.84 2.06
CA LYS A 265 -73.78 82.29 1.52
CA HIS A 266 -71.79 79.56 -0.13
CA ARG A 267 -68.18 78.61 0.38
CA THR A 268 -65.72 76.78 -1.87
CA GLY A 269 -66.27 73.02 -2.30
CA ASP A 270 -70.01 72.53 -1.69
CA GLU A 271 -71.87 70.00 -3.78
CA ILE A 272 -75.68 70.09 -3.68
CA THR A 273 -78.30 67.77 -5.10
CA TYR A 274 -80.82 69.53 -7.31
CA GLN A 275 -84.08 67.96 -8.42
CA CYS A 276 -86.82 69.27 -10.66
CA ARG A 277 -89.78 67.67 -9.23
CA ASN A 278 -92.47 69.99 -9.58
CA GLY A 279 -91.19 71.84 -12.57
CA PHE A 280 -89.80 69.81 -15.45
CA TYR A 281 -87.36 66.93 -15.72
CA PRO A 282 -83.67 67.51 -14.70
CA ALA A 283 -81.21 68.60 -17.39
CA THR A 284 -78.27 66.37 -16.70
CA ARG A 285 -78.00 62.66 -16.18
CA GLY A 286 -77.16 63.16 -12.56
CA ASN A 287 -78.82 65.54 -10.15
CA THR A 288 -76.11 67.77 -8.66
CA ALA A 289 -73.76 70.71 -8.89
CA LYS A 290 -70.56 71.43 -6.93
CA CYS A 291 -69.66 74.79 -5.60
CA THR A 292 -66.27 75.94 -6.73
CA SER A 293 -65.33 79.65 -6.54
CA THR A 294 -67.15 81.19 -9.52
CA GLY A 295 -70.01 78.84 -10.25
CA TRP A 296 -71.37 75.30 -9.94
CA ILE A 297 -70.67 71.91 -11.63
CA PRO A 298 -71.90 69.81 -13.15
CA ALA A 299 -75.25 71.49 -13.43
CA PRO A 300 -78.51 72.40 -11.73
CA ARG A 301 -81.02 72.91 -14.52
CA CYS A 302 -84.65 71.97 -14.73
CA THR A 303 -84.70 69.75 -17.81
CA LEU A 304 -86.75 67.13 -19.83
CA LYS A 305 -84.45 67.91 -22.95
CA PRO A 306 -85.21 66.07 -26.54
CA CYS A 307 -83.07 64.97 -29.50
CA ASP A 308 -84.22 65.86 -33.09
CA TYR A 309 -83.52 63.98 -36.37
CA PRO A 310 -79.77 63.75 -36.85
CA ASP A 311 -78.82 65.63 -39.99
CA ILE A 312 -75.79 63.44 -40.69
CA LYS A 313 -73.32 65.18 -43.01
CA HIS A 314 -71.66 62.70 -45.40
CA GLY A 315 -73.77 59.87 -44.00
CA GLY A 316 -77.26 58.75 -43.04
CA LEU A 317 -79.41 56.68 -40.72
CA TYR A 318 -80.27 53.07 -41.56
CA HIS A 319 -83.98 52.19 -41.68
CA GLU A 320 -84.72 55.84 -42.45
CA ASN A 321 -88.39 55.15 -43.24
CA MET A 322 -89.04 53.31 -39.96
CA ARG A 323 -87.34 55.75 -37.57
CA ARG A 324 -88.89 58.82 -39.10
CA PRO A 325 -91.10 60.14 -37.41
CA TYR A 326 -90.47 58.81 -33.80
CA PHE A 327 -88.48 62.14 -33.55
CA PRO A 328 -88.01 64.10 -31.35
CA VAL A 329 -86.25 61.13 -29.76
CA ALA A 330 -85.78 60.62 -26.02
CA VAL A 331 -82.31 60.67 -24.42
CA GLY A 332 -80.56 57.29 -24.34
CA LYS A 333 -82.03 56.26 -27.69
CA TYR A 334 -79.32 55.46 -30.25
CA TYR A 335 -79.48 54.61 -33.94
CA SER A 336 -77.26 52.77 -36.38
CA TYR A 337 -75.97 54.99 -39.17
CA TYR A 338 -73.65 54.68 -42.16
CA CYS A 339 -71.07 56.98 -43.81
CA ASP A 340 -70.86 57.68 -47.53
CA GLU A 341 -68.01 56.61 -49.81
CA HIS A 342 -64.74 58.42 -48.94
CA PHE A 343 -65.95 58.83 -45.34
CA GLU A 344 -65.65 56.81 -42.13
CA THR A 345 -67.05 56.61 -38.59
CA PRO A 346 -64.92 57.56 -35.53
CA SER A 347 -64.43 53.78 -34.96
CA GLY A 348 -62.88 53.52 -38.44
CA SER A 349 -65.75 51.58 -40.08
CA TYR A 350 -68.46 52.48 -42.61
CA TRP A 351 -71.18 52.19 -39.93
CA ASP A 352 -71.71 52.88 -36.22
CA HIS A 353 -74.22 54.12 -33.65
CA ILE A 354 -75.19 57.74 -32.92
CA HIS A 355 -76.48 58.47 -29.41
CA CYS A 356 -78.91 61.10 -28.18
CA THR A 357 -77.02 62.76 -25.33
CA GLN A 358 -78.26 65.49 -22.96
CA ASP A 359 -75.96 67.80 -24.95
CA GLY A 360 -77.17 66.58 -28.38
CA TRP A 361 -76.11 63.79 -30.74
CA SER A 362 -72.94 61.80 -30.00
CA PRO A 363 -70.56 61.54 -31.80
CA ALA A 364 -70.81 65.21 -32.84
CA VAL A 365 -69.02 64.41 -36.12
CA PRO A 366 -70.35 60.93 -37.07
CA CYS A 367 -68.68 60.80 -40.46
CA LEU A 368 -69.33 63.55 -42.63
CA ARG A 369 -70.47 66.95 -41.13
CA LYS A 370 -72.45 69.57 -43.08
CA CYS A 371 -73.92 73.20 -42.87
CA TYR A 372 -76.84 73.79 -40.50
CA PHE A 373 -78.87 76.93 -41.09
CA PRO A 374 -79.30 78.85 -37.84
CA TYR A 375 -82.13 80.99 -36.54
CA LEU A 376 -82.18 84.62 -37.78
CA GLU A 377 -83.43 86.92 -35.01
CA ASN A 378 -83.35 89.95 -37.33
CA GLY A 379 -84.39 88.18 -40.55
CA TYR A 380 -87.11 86.12 -42.22
CA ASN A 381 -86.80 82.41 -41.33
CA GLN A 382 -87.50 79.59 -43.81
CA ASN A 383 -84.44 77.30 -43.45
CA HIS A 384 -83.80 77.14 -39.68
CA GLY A 385 -82.77 73.49 -39.17
CA ARG A 386 -82.08 72.60 -42.82
CA LYS A 387 -78.82 70.91 -43.77
CA PHE A 388 -76.80 71.85 -46.84
CA VAL A 389 -73.76 70.23 -48.43
CA GLN A 390 -70.54 72.15 -49.15
CA GLY A 391 -70.72 74.34 -52.26
CA LYS A 392 -74.40 75.19 -51.71
CA SER A 393 -75.63 78.80 -51.70
CA ILE A 394 -78.78 79.84 -49.84
CA ASP A 395 -80.76 83.09 -50.10
CA VAL A 396 -80.97 85.16 -46.91
CA ALA A 397 -83.81 87.60 -46.33
CA CYS A 398 -83.03 90.08 -43.52
CA HIS A 399 -85.59 92.43 -41.99
CA PRO A 400 -85.81 95.94 -43.43
CA GLY A 401 -82.82 97.90 -42.07
CA TYR A 402 -80.69 94.80 -41.50
CA ALA A 403 -78.27 93.15 -43.92
CA LEU A 404 -75.71 90.39 -44.19
CA PRO A 405 -72.11 91.47 -43.67
CA LYS A 406 -71.53 93.16 -45.99
CA ALA A 407 -73.70 92.88 -47.87
CA GLN A 408 -74.14 89.59 -49.70
CA THR A 409 -77.67 88.33 -50.28
CA THR A 410 -76.66 84.66 -49.85
CA VAL A 411 -74.52 82.49 -47.57
CA THR A 412 -72.42 79.66 -49.07
CA CYS A 413 -71.39 76.47 -47.29
CA MET A 414 -67.62 76.19 -47.39
CA GLU A 415 -65.34 73.49 -45.92
CA ASN A 416 -64.92 75.81 -42.90
CA GLY A 417 -68.64 76.58 -42.54
CA TRP A 418 -71.05 79.27 -43.79
CA SER A 419 -69.54 82.17 -45.73
CA PRO A 420 -70.34 84.70 -44.53
CA THR A 421 -71.92 83.86 -41.16
CA PRO A 422 -75.75 83.75 -41.49
CA ARG A 423 -76.72 86.74 -39.33
CA CYS A 424 -78.40 90.07 -40.09
CA ILE A 425 -80.79 92.30 -38.55
CA ARG A 426 -84.80 91.01 -38.06
CA VAL A 427 -87.59 92.59 -35.98
CA LYS A 428 -91.30 92.08 -34.86
CA THR A 429 -93.48 92.63 -31.51
CA CYS A 430 -97.37 92.53 -32.09
CA SER A 431 -98.37 91.16 -35.47
CA LYS A 432 -100.54 93.02 -38.00
CA SER A 433 -101.99 89.58 -38.93
CA SER A 434 -103.58 89.38 -35.47
CA ILE A 435 -105.39 92.73 -35.94
CA ASP A 436 -109.06 92.69 -36.96
CA ILE A 437 -111.09 95.65 -38.23
CA GLU A 438 -114.44 95.83 -40.03
CA ASN A 439 -115.40 98.94 -42.03
CA GLY A 440 -111.83 100.22 -42.10
CA PHE A 441 -108.30 99.06 -42.85
CA ILE A 442 -104.79 99.26 -41.38
CA SER A 443 -103.25 102.22 -43.19
CA GLU A 444 -99.59 101.58 -42.40
CA SER A 445 -98.71 98.98 -43.52
CA GLN A 446 -95.96 96.98 -41.74
CA TYR A 447 -96.21 93.36 -40.59
CA THR A 448 -94.42 93.64 -37.26
CA TYR A 449 -94.80 96.37 -34.66
CA ALA A 450 -92.41 96.77 -31.73
CA LEU A 451 -93.67 97.28 -28.17
CA LYS A 452 -95.21 100.77 -27.73
CA GLU A 453 -95.31 101.22 -31.53
CA LYS A 454 -98.74 102.16 -32.91
CA ALA A 455 -100.76 100.58 -35.71
CA LYS A 456 -102.63 103.15 -37.81
CA TYR A 457 -106.12 102.47 -39.18
CA GLN A 458 -108.58 104.43 -41.35
CA CYS A 459 -112.36 103.91 -41.45
CA LYS A 460 -114.42 103.50 -44.60
CA LEU A 461 -116.25 106.52 -46.05
CA GLY A 462 -119.03 107.44 -43.63
CA TYR A 463 -117.70 105.35 -40.72
CA VAL A 464 -116.11 106.69 -37.52
CA THR A 465 -113.94 105.45 -34.66
CA ALA A 466 -114.68 105.52 -30.91
CA ASP A 467 -113.46 109.13 -30.46
CA GLY A 468 -115.32 109.64 -32.83
CA GLU A 469 -112.97 110.46 -35.67
CA THR A 470 -112.58 109.11 -39.21
CA SER A 471 -109.26 107.45 -38.28
CA GLY A 472 -107.36 106.28 -35.22
CA SER A 473 -104.68 103.89 -34.00
CA ILE A 474 -103.93 101.00 -31.60
CA THR A 475 -100.85 100.34 -29.46
CA CYS A 476 -98.65 97.29 -29.17
CA GLY A 477 -98.16 96.15 -25.58
CA LYS A 478 -96.62 93.28 -23.62
CA ASP A 479 -100.05 91.63 -23.74
CA GLY A 480 -100.71 92.35 -27.43
CA TRP A 481 -102.73 95.13 -29.05
CA SER A 482 -104.28 97.88 -26.91
CA ALA A 483 -107.65 96.92 -28.41
CA GLN A 484 -109.55 96.23 -31.61
CA PRO A 485 -110.10 99.08 -34.08
CA THR A 486 -113.75 100.16 -34.14
CA CYS A 487 -115.21 101.75 -37.28
CA ILE A 488 -117.15 101.99 -40.42
CA LYS A 489 -116.02 100.23 -43.81
CA SER A 490 -118.53 101.71 -46.49
CA CYS A 491 -120.57 99.33 -48.88
CA ASP A 492 -122.55 100.19 -51.92
CA ILE A 493 -125.95 101.68 -51.48
CA PRO A 494 -128.58 99.10 -51.89
CA VAL A 495 -131.52 99.87 -54.09
CA PHE A 496 -134.64 98.30 -52.83
CA MET A 497 -137.34 98.39 -55.43
CA ASN A 498 -140.08 98.02 -52.97
CA ALA A 499 -138.83 97.10 -49.60
CA ARG A 500 -137.79 98.60 -46.33
CA THR A 501 -134.68 97.81 -44.39
CA LYS A 502 -133.62 98.41 -40.85
CA ASN A 503 -130.69 100.45 -39.83
CA ASP A 504 -131.51 103.29 -42.15
CA PHE A 505 -128.40 105.35 -42.75
CA THR A 506 -126.90 107.86 -45.06
CA TRP A 507 -123.32 106.66 -45.12
CA PHE A 508 -122.60 103.01 -45.41
CA LYS A 509 -119.54 101.44 -43.91
CA LEU A 510 -118.05 97.96 -44.06
CA ASN A 511 -119.87 94.95 -42.64
CA ASP A 512 -123.20 96.43 -41.86
CA THR A 513 -125.96 93.86 -42.12
CA LEU A 514 -129.55 94.93 -41.96
CA ASP A 515 -132.87 93.20 -42.30
CA TYR A 516 -134.98 93.97 -45.30
CA GLU A 517 -138.61 93.11 -45.45
CA CYS A 518 -141.05 93.49 -48.25
CA HIS A 519 -143.99 94.63 -46.21
CA ASP A 520 -146.52 96.01 -48.56
CA GLY A 521 -145.18 95.52 -52.03
CA TYR A 522 -147.96 93.08 -52.70
CA GLU A 523 -146.38 92.28 -55.97
CA SER A 524 -143.08 92.14 -54.18
CA ASN A 525 -142.10 89.09 -52.24
CA THR A 526 -139.18 88.67 -49.91
CA GLY A 527 -137.24 86.92 -52.62
CA SER A 528 -135.01 85.32 -50.07
CA THR A 529 -135.55 82.59 -47.55
CA THR A 530 -134.30 84.97 -44.92
CA GLY A 531 -134.24 88.64 -45.49
CA SER A 532 -131.08 90.42 -44.66
CA ILE A 533 -128.25 91.93 -46.58
CA VAL A 534 -124.79 92.55 -45.26
CA CYS A 535 -122.64 95.46 -46.27
CA GLY A 536 -119.33 94.57 -47.78
CA TYR A 537 -116.91 96.59 -49.84
CA ASN A 538 -119.12 96.52 -52.88
CA GLY A 539 -122.79 95.65 -52.62
CA TRP A 540 -124.65 93.61 -50.04
CA SER A 541 -125.42 89.94 -49.55
CA ASP A 542 -127.21 87.74 -49.55
CA LEU A 543 -129.82 89.97 -51.01
CA PRO A 544 -131.87 93.04 -50.63
CA ILE A 545 -134.37 92.43 -53.36
CA CYS A 546 -138.11 92.07 -53.27
CA TYR A 547 -137.73 90.57 -57.06
CA GLU A 548 -135.06 89.88 -59.83
CA ARG A 549 -135.74 91.25 -63.29
CA GLU A 550 -135.16 89.99 -66.86
CA CYS A 551 -134.78 92.57 -69.65
CA GLU A 552 -136.74 93.32 -72.78
CA LEU A 553 -137.03 96.21 -75.15
CA PRO A 554 -136.08 99.33 -73.32
CA LYS A 555 -139.21 101.32 -74.02
CA ILE A 556 -139.30 105.09 -74.33
CA ASP A 557 -138.34 107.42 -71.53
CA VAL A 558 -139.92 110.74 -70.67
CA HIS A 559 -139.66 113.10 -73.62
CA LEU A 560 -136.57 111.16 -74.39
CA VAL A 561 -135.22 108.90 -77.06
CA PRO A 562 -132.67 106.18 -77.21
CA ASP A 563 -129.49 106.97 -79.06
CA ARG A 564 -128.72 103.39 -79.72
CA LYS A 565 -131.60 101.09 -80.32
CA LYS A 566 -130.34 97.54 -80.29
CA ASP A 567 -132.09 94.28 -81.06
CA GLN A 568 -131.37 92.28 -77.97
CA TYR A 569 -131.03 93.33 -74.37
CA LYS A 570 -130.69 90.53 -71.86
CA VAL A 571 -129.06 92.05 -68.76
CA GLY A 572 -125.89 93.91 -67.99
CA GLU A 573 -126.70 96.44 -70.60
CA VAL A 574 -126.79 100.19 -70.44
CA LEU A 575 -128.58 102.59 -72.71
CA LYS A 576 -128.45 106.26 -73.56
CA PHE A 577 -131.58 107.86 -72.22
CA SER A 578 -131.32 111.30 -73.62
CA CYS A 579 -133.89 114.09 -73.68
CA LYS A 580 -135.44 115.65 -76.72
CA PRO A 581 -134.98 119.24 -77.73
CA GLY A 582 -137.04 121.74 -75.81
CA PHE A 583 -136.89 119.89 -72.54
CA THR A 584 -134.76 120.64 -69.50
CA ILE A 585 -132.62 117.69 -68.57
CA VAL A 586 -131.58 117.07 -65.01
CA GLY A 587 -129.68 114.11 -63.71
CA PRO A 588 -127.74 111.67 -65.74
CA ASN A 589 -129.03 110.63 -69.14
CA SER A 590 -128.37 106.93 -69.11
CA VAL A 591 -130.16 103.90 -67.76
CA GLN A 592 -129.35 100.31 -66.87
CA CYS A 593 -131.47 97.23 -67.20
CA TYR A 594 -132.45 95.52 -63.99
CA HIS A 595 -133.06 91.93 -65.01
CA PHE A 596 -136.37 92.97 -66.39
CA GLY A 597 -138.17 95.45 -68.46
CA LEU A 598 -137.69 97.62 -65.44
CA SER A 599 -134.81 99.98 -66.10
CA PRO A 600 -132.84 101.83 -63.59
CA ASP A 601 -131.96 105.52 -63.55
CA LEU A 602 -134.68 107.18 -65.59
CA PRO A 603 -133.92 110.79 -66.22
CA ILE A 604 -135.97 113.82 -65.40
CA CYS A 605 -136.71 115.72 -68.55
CA LYS A 606 -138.02 119.34 -67.67
CA GLU A 607 -140.13 120.92 -70.49
CA GLN A 608 -140.27 124.23 -72.62
CA VAL A 609 -142.41 127.48 -71.85
CA GLN A 610 -144.35 130.29 -73.93
CA SER A 611 -144.83 134.14 -72.94
CA CYS A 612 -146.81 137.60 -73.75
CA GLY A 613 -149.17 139.69 -75.79
CA PRO A 614 -148.37 142.79 -77.64
CA PRO A 615 -145.74 144.66 -75.75
CA PRO A 616 -146.74 147.71 -73.85
CA GLU A 617 -145.51 151.15 -74.65
CA LEU A 618 -142.29 152.35 -73.06
CA LEU A 619 -141.45 155.55 -71.27
CA ASN A 620 -141.11 158.40 -73.71
CA GLY A 621 -140.47 155.88 -76.39
CA ASN A 622 -141.87 153.62 -79.06
CA VAL A 623 -141.06 150.35 -80.72
CA LYS A 624 -139.36 150.74 -84.02
CA GLU A 625 -140.12 147.31 -85.20
CA LYS A 626 -143.44 145.68 -84.77
CA THR A 627 -141.37 142.63 -85.44
CA LYS A 628 -144.16 140.24 -85.07
CA GLU A 629 -147.88 140.28 -84.77
CA GLU A 630 -147.93 138.00 -81.80
CA TYR A 631 -145.33 137.41 -79.16
CA GLY A 632 -145.54 134.10 -77.41
CA HIS A 633 -142.25 134.09 -75.59
CA SER A 634 -138.54 134.02 -76.21
CA GLU A 635 -138.72 137.29 -78.02
CA VAL A 636 -137.29 140.72 -77.58
CA VAL A 637 -138.19 144.01 -79.11
CA GLU A 638 -136.60 147.37 -79.61
CA TYR A 639 -137.53 149.88 -77.00
CA TYR A 640 -136.18 153.12 -78.35
CA CYS A 641 -136.94 156.51 -76.98
CA ASN A 642 -137.90 159.61 -78.89
CA PRO A 643 -136.02 162.74 -79.58
CA ARG A 644 -135.06 165.18 -76.85
CA PHE A 645 -135.02 162.37 -74.36
CA LEU A 646 -131.65 161.18 -73.21
CA MET A 647 -131.30 157.46 -73.27
CA LYS A 648 -129.58 155.50 -70.56
CA GLY A 649 -129.13 151.75 -70.69
CA PRO A 650 -129.93 149.58 -73.60
CA ASN A 651 -132.98 150.19 -75.73
CA LYS A 652 -134.42 146.68 -75.78
CA ILE A 653 -137.01 144.66 -73.87
CA GLN A 654 -137.46 140.95 -73.31
CA CYS A 655 -140.57 138.82 -72.85
CA VAL A 656 -141.00 137.14 -69.53
CA ASP A 657 -144.30 135.34 -69.64
CA GLY A 658 -146.83 138.06 -68.93
CA GLU A 659 -144.40 140.89 -68.23
CA TRP A 660 -141.60 142.45 -70.19
CA THR A 661 -138.12 143.02 -68.88
CA THR A 662 -135.48 145.69 -69.19
CA LEU A 663 -137.36 148.95 -69.46
CA PRO A 664 -135.09 151.71 -70.62
CA VAL A 665 -134.29 154.87 -68.79
CA CYS A 666 -135.14 157.84 -70.91
CA ILE A 667 -136.91 160.54 -72.74
CA VAL A 668 -139.34 159.14 -75.32
CA GLU A 669 -139.90 161.16 -78.68
CA GLU A 670 -143.63 162.01 -79.36
CA SER A 671 -144.51 164.90 -81.46
CA THR A 672 -146.46 167.74 -83.00
CA CYS A 673 -148.59 168.25 -86.30
CA GLY A 674 -149.56 169.70 -89.63
CA ASP A 675 -152.63 169.45 -91.78
CA ILE A 676 -155.28 166.95 -90.84
CA PRO A 677 -155.83 164.21 -93.33
CA GLU A 678 -159.21 163.46 -94.85
CA LEU A 679 -161.46 161.14 -92.93
CA GLU A 680 -163.35 158.06 -93.98
CA HIS A 681 -166.15 159.12 -96.25
CA GLY A 682 -166.35 162.40 -94.45
CA TRP A 683 -165.03 165.91 -94.42
CA ALA A 684 -163.99 168.58 -91.97
CA GLN A 685 -166.10 171.61 -91.19
CA LEU A 686 -163.26 173.73 -89.97
CA SER A 687 -160.24 173.70 -92.14
CA SER A 688 -157.57 175.93 -90.71
CA PRO A 689 -154.07 176.24 -91.89
CA PRO A 690 -152.23 176.14 -88.61
CA TYR A 691 -152.27 173.21 -86.21
CA TYR A 692 -149.36 173.04 -83.82
CA TYR A 693 -150.65 171.01 -80.91
CA GLY A 694 -153.53 170.76 -78.51
CA ASP A 695 -156.23 171.09 -81.09
CA SER A 696 -159.19 169.07 -82.24
CA VAL A 697 -161.01 168.89 -85.53
CA GLU A 698 -164.54 168.13 -86.66
CA PHE A 699 -164.61 164.76 -88.38
CA ASN A 700 -168.07 164.73 -89.82
CA CYS A 701 -169.44 162.12 -92.16
CA SER A 702 -171.19 162.79 -95.45
CA GLU A 703 -174.70 162.06 -96.63
CA SER A 704 -175.74 158.46 -97.22
CA PHE A 705 -173.15 157.27 -94.77
CA THR A 706 -174.27 156.10 -91.38
CA MET A 707 -172.24 157.50 -88.57
CA ILE A 708 -171.31 155.66 -85.44
CA GLY A 709 -169.14 157.09 -82.71
CA HIS A 710 -168.19 160.69 -82.16
CA ARG A 711 -167.37 162.92 -85.07
CA SER A 712 -164.13 164.54 -83.92
CA ILE A 713 -160.39 163.96 -83.85
CA THR A 714 -157.47 165.41 -81.92
CA CYS A 715 -153.83 166.13 -82.69
CA ILE A 716 -151.35 163.68 -81.32
CA HIS A 717 -148.03 165.26 -82.26
CA GLY A 718 -148.54 164.74 -85.96
CA VAL A 719 -150.76 161.74 -85.86
CA TRP A 720 -154.43 162.44 -85.50
CA THR A 721 -156.59 160.38 -83.27
CA GLN A 722 -160.13 159.12 -82.98
CA LEU A 723 -161.32 158.53 -86.52
CA PRO A 724 -165.02 158.00 -86.84
CA GLN A 725 -166.81 155.01 -88.21
CA CYS A 726 -168.75 156.05 -91.27
CA VAL A 727 -169.87 152.61 -92.68
CA ALA A 728 -173.47 151.18 -92.61
CA ILE A 729 -175.22 148.78 -95.17
CA ASP A 730 -178.30 146.41 -95.69
CA LYS A 731 -179.04 142.55 -94.23
CA LEU A 732 -180.88 139.13 -95.15
CA LYS A 733 -180.45 136.04 -92.77
CA LYS A 734 -181.87 133.39 -95.51
CA CYS A 735 -183.11 129.69 -95.62
CA LYS A 736 -181.30 127.43 -98.00
CA SER A 737 -181.20 123.70 -98.43
CA SER A 738 -180.99 122.20 -95.00
CA ASN A 739 -177.70 120.84 -93.78
CA LEU A 740 -177.12 117.19 -93.18
CA ILE A 741 -177.98 115.67 -89.86
CA ILE A 742 -175.81 113.44 -87.80
CA LEU A 743 -176.13 109.78 -88.65
CA GLU A 744 -179.08 110.33 -90.82
CA GLU A 745 -180.89 111.95 -93.71
CA HIS A 746 -183.92 113.99 -94.56
CA LEU A 747 -186.95 112.13 -95.79
CA LYS A 748 -188.46 114.82 -97.86
CA ASN A 749 -186.08 117.06 -99.62
CA LYS A 750 -187.92 120.05 -100.93
CA LYS A 751 -186.56 122.30 -103.60
CA GLU A 752 -187.46 125.60 -102.07
CA PHE A 753 -187.19 126.45 -98.42
CA ASP A 754 -187.47 130.15 -97.81
CA HIS A 755 -188.54 130.16 -94.21
CA ASN A 756 -191.24 129.12 -91.78
CA SER A 757 -190.75 125.52 -92.76
CA ASN A 758 -189.91 122.28 -91.01
CA ILE A 759 -187.58 119.46 -91.97
CA ARG A 760 -187.80 115.84 -91.09
CA TYR A 761 -184.52 114.81 -89.71
CA ARG A 762 -184.80 111.11 -89.59
CA CYS A 763 -182.08 109.36 -87.71
CA ARG A 764 -180.19 106.12 -88.12
CA GLY A 765 -181.88 105.11 -84.91
CA LYS A 766 -184.85 107.10 -83.78
CA GLU A 767 -184.58 108.96 -80.51
CA GLY A 768 -185.76 112.38 -79.51
CA TRP A 769 -187.73 114.47 -81.97
CA ILE A 770 -187.18 113.80 -85.63
CA HIS A 771 -187.30 117.24 -87.13
CA THR A 772 -185.72 120.67 -87.45
CA VAL A 773 -187.07 124.12 -88.16
CA CYS A 774 -185.64 126.88 -90.23
CA ILE A 775 -184.33 129.99 -88.59
CA ASN A 776 -183.28 132.26 -91.42
CA GLY A 777 -180.76 129.76 -92.64
CA ARG A 778 -179.76 128.20 -89.39
CA TRP A 779 -181.77 125.17 -88.50
CA ASP A 780 -183.31 124.43 -85.16
CA PRO A 781 -184.00 121.16 -83.32
CA GLU A 782 -181.12 118.89 -84.62
CA VAL A 783 -181.87 115.32 -83.45
CA ASN A 784 -179.39 113.49 -81.31
CA CYS A 785 -178.29 110.31 -82.99
CA SER A 786 -175.66 109.11 -85.14
CA MET A 787 -172.53 111.40 -86.05
CA ALA A 788 -171.27 112.53 -89.72
CA GLN A 789 -168.14 113.66 -92.09
CA ILE A 790 -167.00 114.65 -95.70
CA GLN A 791 -164.05 113.01 -97.74
CA LEU A 792 -162.85 114.22 -101.15
CA CYS A 793 -161.07 111.97 -103.56
CA PRO A 794 -161.01 109.09 -105.92
CA PRO A 795 -157.97 107.64 -107.54
CA PRO A 796 -156.51 110.30 -109.69
CA PRO A 797 -157.00 110.20 -113.34
CA GLN A 798 -153.99 109.79 -115.48
CA ILE A 799 -152.11 112.80 -116.69
CA PRO A 800 -151.54 113.29 -120.33
CA ASN A 801 -148.14 111.75 -120.38
CA SER A 802 -147.87 110.20 -117.00
CA HIS A 803 -148.87 107.81 -114.28
CA ASN A 804 -149.78 108.55 -110.73
CA MET A 805 -148.15 106.83 -107.79
CA THR A 806 -149.11 106.85 -104.17
CA THR A 807 -149.18 105.11 -100.82
CA THR A 808 -152.93 104.53 -101.12
CA LEU A 809 -155.35 104.69 -104.03
CA ASN A 810 -158.24 106.74 -102.61
CA TYR A 811 -156.66 109.51 -100.48
CA ARG A 812 -159.96 110.23 -98.79
CA ASP A 813 -159.93 113.93 -97.99
CA GLY A 814 -157.44 116.71 -98.21
CA GLU A 815 -154.21 115.02 -99.08
CA LYS A 816 -151.02 115.62 -101.01
CA VAL A 817 -150.89 113.52 -104.13
CA SER A 818 -147.74 113.21 -106.13
CA VAL A 819 -147.72 112.10 -109.75
CA LEU A 820 -144.95 110.69 -111.86
CA CYS A 821 -144.18 110.66 -115.56
CA GLN A 822 -142.50 108.35 -118.02
CA GLU A 823 -138.88 108.59 -118.97
CA ASN A 824 -137.96 111.71 -120.87
CA TYR A 825 -140.64 113.78 -119.22
CA LEU A 826 -140.65 116.22 -116.34
CA ILE A 827 -143.46 117.15 -113.98
CA GLN A 828 -144.26 120.74 -113.26
CA GLU A 829 -146.27 121.25 -110.13
CA GLY A 830 -146.14 122.94 -106.78
CA GLU A 831 -145.11 119.69 -105.15
CA GLU A 832 -148.30 117.75 -105.07
CA ILE A 833 -151.91 117.93 -106.00
CA THR A 834 -154.27 119.03 -103.32
CA CYS A 835 -157.66 117.37 -103.40
CA LYS A 836 -160.04 119.19 -101.18
CA ASP A 837 -163.63 118.14 -101.44
CA GLY A 838 -163.34 116.67 -104.94
CA ARG A 839 -161.16 119.20 -106.71
CA TRP A 840 -157.63 118.63 -107.92
CA GLN A 841 -156.05 121.98 -107.53
CA SER A 842 -152.72 121.63 -109.30
CA ILE A 843 -152.13 119.53 -112.33
CA PRO A 844 -148.74 118.08 -112.80
CA LEU A 845 -147.82 118.26 -116.43
CA CYS A 846 -145.30 116.02 -118.03
CA VAL A 847 -143.51 119.05 -119.81
CA GLU A 848 -141.37 119.34 -123.21
CA LYS A 849 -140.87 121.63 -126.41
CA ILE A 850 -139.92 120.86 -130.20
CA PRO A 851 -136.03 122.01 -130.75
CA CYS A 852 -136.57 123.73 -134.13
CA SER A 853 -138.52 126.90 -135.01
CA GLN A 854 -141.04 127.59 -137.83
CA PRO A 855 -140.25 125.18 -140.77
CA PRO A 856 -138.51 126.64 -143.89
CA GLN A 857 -140.42 128.02 -146.92
CA ILE A 858 -140.25 126.82 -150.58
CA GLU A 859 -141.48 129.15 -153.42
CA HIS A 860 -145.21 128.60 -154.29
CA GLY A 861 -145.69 125.82 -151.72
CA THR A 862 -145.73 125.80 -147.91
CA ILE A 863 -145.75 123.32 -145.01
CA ASN A 864 -149.02 121.39 -144.31
CA SER A 865 -148.93 121.04 -140.50
CA SER A 866 -151.83 123.44 -139.67
CA ARG A 867 -150.08 126.82 -140.18
CA SER A 868 -150.01 128.22 -136.60
CA SER A 869 -150.27 125.67 -133.80
CA GLN A 870 -146.87 126.06 -132.15
CA GLU A 871 -143.87 128.33 -132.79
CA SER A 872 -141.18 125.75 -132.07
CA TYR A 873 -141.12 121.96 -132.62
CA ALA A 874 -138.90 119.24 -131.06
CA HIS A 875 -135.94 117.33 -132.48
CA GLY A 876 -137.01 114.33 -134.58
CA THR A 877 -140.21 116.00 -135.85
CA LYS A 878 -141.11 115.03 -139.44
CA LEU A 879 -143.53 117.43 -141.19
CA SER A 880 -144.77 116.99 -144.78
CA TYR A 881 -145.04 119.60 -147.55
CA THR A 882 -147.75 120.76 -150.02
CA CYS A 883 -147.83 122.81 -153.25
CA GLU A 884 -150.60 124.89 -154.89
CA GLY A 885 -153.55 123.33 -156.75
CA GLY A 886 -151.77 122.30 -159.96
CA PHE A 887 -148.07 121.92 -158.98
CA ARG A 888 -146.11 118.66 -158.71
CA ILE A 889 -143.57 118.18 -155.87
CA SER A 890 -140.23 116.41 -156.21
CA GLU A 891 -139.78 112.93 -154.61
CA GLU A 892 -141.02 112.39 -151.01
CA ASN A 893 -142.74 115.60 -149.78
CA GLU A 894 -141.29 115.65 -146.25
CA THR A 895 -138.86 117.66 -144.12
CA THR A 896 -137.27 116.52 -140.83
CA CYS A 897 -135.59 118.34 -137.95
CA TYR A 898 -132.13 117.67 -136.53
CA MET A 899 -130.59 119.86 -133.75
CA GLY A 900 -133.12 122.71 -134.11
CA LYS A 901 -132.57 122.94 -137.90
CA TRP A 902 -134.68 121.38 -140.71
CA SER A 903 -133.53 119.40 -143.78
CA SER A 904 -133.28 120.52 -147.43
CA PRO A 905 -137.08 120.77 -148.10
CA PRO A 906 -138.54 119.48 -151.44
CA GLN A 907 -139.55 122.02 -154.10
CA CYS A 908 -142.64 122.52 -156.27
CA GLU A 909 -144.19 124.87 -158.68
CA GLY A 910 -146.70 127.05 -156.58
CA LEU A 911 -147.53 130.03 -154.27
CA PRO A 912 -151.43 130.65 -155.04
CA CYS A 913 -154.34 133.38 -154.79
CA LYS A 914 -157.27 135.06 -153.04
CA SER A 915 -160.11 137.13 -154.57
CA PRO A 916 -158.93 138.69 -157.90
CA PRO A 917 -158.61 142.54 -157.85
CA GLU A 918 -160.68 144.89 -160.03
CA ILE A 919 -159.62 145.54 -163.64
CA SER A 920 -159.21 148.63 -165.87
CA HIS A 921 -162.69 150.20 -166.34
CA GLY A 922 -164.06 146.66 -166.15
CA VAL A 923 -165.58 144.04 -163.86
CA VAL A 924 -165.71 140.31 -163.41
CA ALA A 925 -168.69 138.16 -164.44
CA HIS A 926 -167.62 135.01 -162.59
CA MET A 927 -167.25 136.25 -159.01
CA SER A 928 -166.52 133.04 -157.06
CA ASP A 929 -165.45 132.47 -153.43
CA SER A 930 -162.65 129.90 -153.88
CA TYR A 931 -159.61 130.90 -155.97
CA GLN A 932 -156.42 128.90 -155.32
CA TYR A 933 -153.96 128.11 -158.16
CA GLY A 934 -154.58 127.11 -161.80
CA GLU A 935 -157.70 129.24 -162.28
CA GLU A 936 -158.85 131.81 -164.83
CA VAL A 937 -161.30 134.75 -164.53
CA THR A 938 -163.44 136.89 -166.86
CA TYR A 939 -161.87 140.36 -167.00
CA LYS A 940 -164.60 142.05 -169.09
CA CYS A 941 -164.80 145.83 -169.78
CA PHE A 942 -167.88 148.04 -169.30
CA GLU A 943 -170.14 149.71 -171.90
CA GLY A 944 -168.54 152.92 -173.17
CA PHE A 945 -165.01 151.43 -173.19
CA GLY A 946 -163.61 149.86 -176.37
CA ILE A 947 -161.90 146.56 -175.64
CA ASP A 948 -158.59 145.50 -177.10
CA GLY A 949 -156.89 142.20 -176.19
CA PRO A 950 -158.58 139.16 -174.59
CA ALA A 951 -161.04 139.65 -171.68
CA ILE A 952 -159.61 137.17 -169.10
CA ALA A 953 -156.89 136.84 -166.48
CA LYS A 954 -155.06 133.88 -164.84
CA CYS A 955 -153.86 133.12 -161.26
CA LEU A 956 -150.09 133.39 -160.74
CA GLY A 957 -149.81 132.52 -157.06
CA GLU A 958 -150.47 135.93 -155.48
CA LYS A 959 -150.85 138.18 -158.53
CA TRP A 960 -153.07 137.77 -161.57
CA SER A 961 -151.97 137.55 -165.23
CA HIS A 962 -153.10 139.38 -168.51
CA PRO A 963 -155.03 142.50 -167.71
CA PRO A 964 -157.09 143.87 -170.72
CA SER A 965 -156.84 147.11 -172.59
CA CYS A 966 -160.21 148.84 -172.16
CA ILE A 967 -161.08 151.10 -169.33
CA LYS A 968 -159.43 153.23 -166.47
CA THR A 969 -159.67 156.77 -164.91
CA ASP A 970 -157.69 156.96 -161.99
CA CYS A 971 -159.27 157.63 -158.53
CA LEU A 972 -160.32 159.37 -155.34
CA SER A 973 -162.33 158.23 -152.39
CA LEU A 974 -165.71 157.14 -153.67
CA PRO A 975 -168.78 159.04 -152.78
CA SER A 976 -171.16 157.36 -150.43
CA PHE A 977 -174.27 156.36 -152.19
CA GLU A 978 -177.84 156.74 -151.12
CA ASN A 979 -178.50 154.46 -148.18
CA ALA A 980 -175.12 152.86 -148.36
CA ILE A 981 -171.60 153.03 -146.99
CA PRO A 982 -168.41 152.76 -148.97
CA MET A 983 -165.86 150.26 -147.86
CA GLY A 984 -162.26 149.87 -148.78
CA GLU A 985 -159.92 147.16 -147.67
CA LYS A 986 -157.00 149.46 -147.94
CA LYS A 987 -156.89 153.17 -148.35
CA ASP A 988 -159.62 155.12 -149.98
CA VAL A 989 -157.40 155.97 -152.85
CA TYR A 990 -157.53 153.07 -155.22
CA LYS A 991 -154.87 154.22 -157.57
CA ALA A 992 -156.03 153.10 -160.98
CA GLY A 993 -158.25 150.49 -162.46
CA GLU A 994 -159.20 148.71 -159.28
CA GLN A 995 -162.36 147.17 -157.99
CA VAL A 996 -164.13 149.02 -155.28
CA THR A 997 -166.89 147.35 -153.41
CA TYR A 998 -169.61 149.32 -151.68
CA THR A 999 -171.61 148.32 -148.68
CA CYS A 1000 -175.23 148.70 -147.61
CA ALA A 1001 -177.08 148.95 -144.33
CA THR A 1002 -178.45 145.93 -142.51
CA TYR A 1003 -181.60 145.56 -144.54
CA TYR A 1004 -180.42 146.51 -148.03
CA LYS A 1005 -178.87 144.78 -151.01
CA MET A 1006 -176.34 146.00 -153.58
CA ASP A 1007 -177.24 145.93 -157.24
CA GLY A 1008 -174.08 145.79 -159.25
CA ALA A 1009 -171.66 143.67 -161.22
CA SER A 1010 -169.48 142.69 -158.31
CA ASN A 1011 -167.39 145.76 -157.76
CA VAL A 1012 -167.17 149.20 -159.25
CA THR A 1013 -164.42 149.73 -161.75
CA CYS A 1014 -162.81 153.11 -161.88
CA ILE A 1015 -160.56 153.76 -164.79
CA ASN A 1016 -159.24 157.26 -165.11
CA SER A 1017 -161.89 158.95 -162.96
CA ARG A 1018 -164.91 157.10 -164.24
CA TRP A 1019 -166.93 154.76 -162.09
CA THR A 1020 -168.57 152.22 -164.32
CA GLY A 1021 -171.20 150.40 -162.32
CA ARG A 1022 -172.85 152.08 -159.43
CA PRO A 1023 -174.10 149.87 -156.72
CA THR A 1024 -177.52 150.76 -155.45
CA CYS A 1025 -178.97 149.71 -152.17
CA ARG A 1026 -182.83 149.31 -153.42
CA ASP A 1027 -186.66 150.29 -152.05
CA THR A 1028 -187.91 146.46 -151.28
CA SER A 1029 -191.08 146.92 -148.82
CA CYS A 1030 -194.80 145.70 -148.51
CA VAL A 1031 -197.85 144.60 -150.41
CA ASN A 1032 -201.52 145.38 -150.27
CA PRO A 1033 -202.75 144.18 -146.97
CA PRO A 1034 -205.07 141.31 -146.56
CA THR A 1035 -208.59 141.59 -145.25
CA VAL A 1036 -209.17 141.38 -141.53
CA GLN A 1037 -211.89 139.38 -139.76
CA ASN A 1038 -214.80 141.75 -139.79
CA ALA A 1039 -213.10 144.64 -141.50
CA TYR A 1040 -211.77 146.24 -144.65
CA ILE A 1041 -208.46 147.85 -145.45
CA VAL A 1042 -208.29 151.55 -146.19
CA SER A 1043 -205.38 153.17 -147.84
CA ARG A 1044 -203.88 156.37 -149.07
CA GLN A 1045 -203.06 157.17 -152.60
CA MET A 1046 -200.86 154.14 -152.78
CA SER A 1047 -202.30 150.69 -152.37
CA LYS A 1048 -198.91 149.22 -151.88
CA TYR A 1049 -197.11 150.80 -149.04
CA PRO A 1050 -193.36 150.98 -149.36
CA SER A 1051 -191.57 149.23 -146.52
CA GLY A 1052 -191.56 150.80 -143.07
CA GLU A 1053 -194.92 152.51 -143.23
CA ARG A 1054 -198.09 152.89 -141.20
CA VAL A 1055 -201.11 151.09 -142.51
CA ARG A 1056 -204.50 151.79 -141.08
CA TYR A 1057 -207.36 149.31 -141.29
CA GLN A 1058 -211.05 149.96 -141.05
CA CYS A 1059 -214.09 148.13 -139.75
CA ARG A 1060 -217.79 148.08 -140.46
CA SER A 1061 -219.98 150.72 -138.88
CA PRO A 1062 -220.77 148.46 -135.96
CA TYR A 1063 -217.20 147.70 -134.91
CA GLU A 1064 -214.09 149.26 -133.42
CA MET A 1065 -210.46 148.64 -134.29
CA PHE A 1066 -208.04 147.73 -131.59
CA GLY A 1067 -204.46 148.46 -132.43
CA ASP A 1068 -201.52 150.61 -131.54
CA GLU A 1069 -202.17 153.30 -134.12
CA GLU A 1070 -201.48 151.55 -137.37
CA VAL A 1071 -199.84 148.41 -138.58
CA MET A 1072 -196.16 148.57 -139.21
CA CYS A 1073 -194.72 146.45 -141.92
CA LEU A 1074 -190.97 146.12 -141.84
CA ASN A 1075 -189.74 144.18 -144.85
CA GLY A 1076 -192.70 141.84 -145.07
CA ASN A 1077 -193.74 141.61 -141.44
CA TRP A 1078 -196.98 143.13 -140.22
CA THR A 1079 -196.62 143.60 -136.54
CA GLU A 1080 -199.88 144.85 -135.11
CA PRO A 1081 -203.10 143.44 -136.28
CA PRO A 1082 -206.12 145.59 -135.90
CA GLN A 1083 -209.05 143.59 -134.74
CA CYS A 1084 -212.63 144.60 -135.10
CA LYS A 1085 -215.21 142.35 -136.34
CA ASP A 1086 -214.38 138.41 -135.87
CA SER A 1087 -216.92 135.51 -134.98
CA THR A 1088 -215.57 132.01 -136.19
CA GLY A 1089 -215.77 128.32 -135.38
CA LYS A 1090 -213.78 126.78 -138.28
CA CYS A 1091 -213.08 123.01 -138.27
CA GLY A 1092 -210.01 120.96 -139.30
CA PRO A 1093 -210.06 117.83 -141.43
CA PRO A 1094 -212.95 115.42 -140.77
CA PRO A 1095 -212.33 112.31 -138.65
CA PRO A 1096 -211.71 108.86 -140.13
CA ILE A 1097 -214.26 106.19 -139.18
CA ASP A 1098 -213.76 102.45 -139.27
CA ASN A 1099 -214.88 100.76 -142.48
CA GLY A 1100 -216.11 104.03 -144.05
CA ASP A 1101 -214.77 106.98 -145.94
CA ILE A 1102 -215.75 110.60 -146.69
CA THR A 1103 -217.03 111.18 -150.18
CA SER A 1104 -214.97 114.34 -150.93
CA PHE A 1105 -211.31 115.28 -150.81
CA PRO A 1106 -210.34 116.43 -147.30
CA LEU A 1107 -209.46 120.08 -146.78
CA SER A 1108 -207.19 121.64 -144.18
CA VAL A 1109 -209.92 123.97 -142.88
CA TYR A 1110 -213.69 124.21 -143.12
CA ALA A 1111 -215.97 127.17 -142.54
CA PRO A 1112 -218.73 126.93 -140.02
CA ALA A 1113 -221.87 125.35 -141.55
CA SER A 1114 -219.76 123.26 -144.00
CA SER A 1115 -220.66 119.62 -144.28
CA VAL A 1116 -219.13 116.38 -145.54
CA GLU A 1117 -220.66 112.92 -146.00
CA TYR A 1118 -219.54 109.38 -145.31
CA GLN A 1119 -220.12 106.13 -147.13
CA CYS A 1120 -219.57 102.71 -145.56
CA GLN A 1121 -217.60 99.99 -147.38
CA ASN A 1122 -219.65 97.63 -149.43
CA LEU A 1123 -221.07 95.01 -147.00
CA TYR A 1124 -221.21 97.49 -144.08
CA GLN A 1125 -224.46 99.23 -143.26
CA LEU A 1126 -224.33 102.94 -142.40
CA GLU A 1127 -226.19 103.60 -139.15
CA GLY A 1128 -227.60 107.10 -138.64
CA ASN A 1129 -227.04 110.30 -140.56
CA LYS A 1130 -224.26 110.11 -143.20
CA ARG A 1131 -223.61 113.89 -142.97
CA ILE A 1132 -221.41 115.70 -140.50
CA THR A 1133 -221.52 119.48 -140.13
CA CYS A 1134 -218.95 121.94 -138.80
CA ARG A 1135 -220.27 124.21 -136.02
CA ASN A 1136 -218.55 126.16 -133.29
CA GLY A 1137 -215.18 124.64 -134.11
CA GLN A 1138 -216.30 120.98 -133.96
CA TRP A 1139 -217.69 118.39 -136.36
CA SER A 1140 -220.97 116.72 -135.45
CA GLU A 1141 -221.01 112.99 -134.70
CA PRO A 1142 -220.17 110.71 -137.63
CA PRO A 1143 -222.33 107.64 -138.48
CA LYS A 1144 -221.25 104.05 -137.59
CA CYS A 1145 -220.58 101.33 -140.18
CA LEU A 1146 -222.96 98.96 -140.72
CA HIS A 1147 -226.80 97.75 -140.30
CA PRO A 1148 -228.94 94.28 -140.68
CA CYS A 1149 -231.81 93.54 -143.43
CA VAL A 1150 -234.40 90.82 -144.15
CA ILE A 1151 -236.27 90.80 -147.49
CA SER A 1152 -240.02 91.47 -147.11
CA ARG A 1153 -242.39 89.34 -149.21
CA GLU A 1154 -245.30 91.74 -148.64
CA ILE A 1155 -243.33 94.89 -149.64
CA MET A 1156 -241.95 93.17 -152.74
CA GLU A 1157 -245.45 91.95 -153.73
CA ASN A 1158 -246.85 95.49 -153.13
CA TYR A 1159 -244.07 97.19 -155.15
CA ASN A 1160 -244.17 94.61 -158.05
CA ILE A 1161 -240.51 93.60 -157.69
CA ALA A 1162 -238.56 90.35 -157.24
CA LEU A 1163 -234.93 89.54 -156.50
CA ARG A 1164 -232.86 89.66 -159.68
CA TRP A 1165 -230.63 86.67 -158.94
CA THR A 1166 -232.74 83.60 -158.05
CA ALA A 1167 -229.55 81.52 -157.49
CA LYS A 1168 -228.02 84.23 -155.27
CA GLN A 1169 -230.77 85.19 -152.83
CA LYS A 1170 -229.56 87.58 -150.12
CA LEU A 1171 -232.55 86.85 -147.88
CA TYR A 1172 -230.53 88.52 -145.11
CA SER A 1173 -228.11 91.24 -146.10
CA ARG A 1174 -225.35 92.76 -143.97
CA THR A 1175 -225.18 96.49 -143.36
CA GLY A 1176 -223.30 97.85 -146.39
CA GLU A 1177 -224.27 95.01 -148.72
CA SER A 1178 -226.49 95.68 -151.72
CA VAL A 1179 -229.52 93.76 -152.92
CA GLU A 1180 -230.59 93.90 -156.52
CA PHE A 1181 -234.21 93.76 -157.58
CA VAL A 1182 -236.01 93.61 -160.91
CA CYS A 1183 -239.47 94.71 -161.94
CA LYS A 1184 -241.94 91.87 -162.27
CA ARG A 1185 -243.15 90.90 -165.76
CA GLY A 1186 -245.34 93.70 -167.13
CA TYR A 1187 -244.03 96.49 -164.90
CA ARG A 1188 -241.54 99.33 -165.14
CA LEU A 1189 -239.55 101.41 -162.63
CA SER A 1190 -241.81 104.21 -161.35
CA SER A 1191 -240.74 107.86 -161.54
CA ARG A 1192 -238.98 109.00 -158.34
CA SER A 1193 -238.29 105.28 -157.52
CA HIS A 1194 -235.11 104.29 -155.75
CA THR A 1195 -232.63 102.46 -157.93
CA LEU A 1196 -233.21 98.71 -158.40
CA ARG A 1197 -229.89 98.14 -156.63
CA THR A 1198 -230.19 99.23 -153.02
CA THR A 1199 -228.03 99.09 -149.87
CA CYS A 1200 -228.81 97.68 -146.49
CA TRP A 1201 -228.26 100.07 -143.60
CA ASP A 1202 -228.77 98.85 -140.03
CA GLY A 1203 -231.98 96.91 -140.79
CA LYS A 1204 -233.42 99.27 -143.41
CA LEU A 1205 -233.62 98.66 -147.15
CA GLU A 1206 -235.16 101.41 -149.32
CA TYR A 1207 -237.06 99.38 -151.89
CA PRO A 1208 -237.65 100.42 -155.52
CA THR A 1209 -241.21 100.64 -156.79
CA CYS A 1210 -242.46 99.47 -160.22
CA ALA A 1211 -245.70 100.45 -161.94
CA LYS A 1212 -247.69 98.47 -164.57
CA ARG A 1213 -248.32 98.89 -168.17
#